data_6SX4
#
_entry.id   6SX4
#
_cell.length_a   65.150
_cell.length_b   170.480
_cell.length_c   241.850
_cell.angle_alpha   90.000
_cell.angle_beta   90.000
_cell.angle_gamma   90.000
#
_symmetry.space_group_name_H-M   'P 21 21 21'
#
loop_
_entity.id
_entity.type
_entity.pdbx_description
1 polymer 'Protein PS1'
2 non-polymer 'ACETATE ION'
3 water water
#
_entity_poly.entity_id   1
_entity_poly.type   'polypeptide(L)'
_entity_poly.pdbx_seq_one_letter_code
;QSSNLSSDAVIGSIAQGVTDGLTDYLKPRVEELPAGEVTYPEIAGLPDGVRVISAEWATSKHVILTIQSAA(MSE)PERP
IKVQLLLPRDWYSSPNREFPEIWALDGLRAIEEQSGWTIETNIEQYYADKNAIVVLPVGGESSFYSDWEGPNNGKNYQWE
TFLTQELAPILDKGFRSNTDRAITGIS(MSE)GGTAAVNIATHHPD(MSE)FKFVGSFSGYLDTTSAG(MSE)PIAISAA
LADAGGYDANA(MSE)WGPVGSERWQENDPKSNVDKLKGKTIYVSSGNGADDFGKEGSVAIGPANAAGVGLEVISR
(MSE)TSQTFVDRASQAGVEVVASFRPSGVHSWEYWQFE(MSE)TQAFPHIANALG(MSE)STEDRGVECAPVGAIADAV
ADGA(MSE)GTCLTNEYDVTGGKAQDFANGRAYWSANTGAFGLVGRINARYSELGGPASWLGYPTSSELKTPDGRGRFVT
FEHGSIYWTATTGPWEIPGD(MSE)LAAWGTQDYEKGSLGYPTGAAVEYNGGLRQQFEGGYVFRTSNNQSYWVRGEISKK
YAEDGIFAQLGFPTGNEKLINGGAFQEFEKGNIYWSASTGAHVILHGDIFDAWGAKGWEQGEYGFPTSDQTAITAGGQTI
DFQNGTIRQVNGRIEESRHHHHHH
;
_entity_poly.pdbx_strand_id   AAA,BBB,CCC,DDD
#
loop_
_chem_comp.id
_chem_comp.type
_chem_comp.name
_chem_comp.formula
ACT non-polymer 'ACETATE ION' 'C2 H3 O2 -1'
#
# COMPACT_ATOMS: atom_id res chain seq x y z
N SER A 6 3.29 -1.84 1.88
CA SER A 6 4.17 -2.99 1.47
C SER A 6 3.95 -4.16 2.45
N SER A 7 4.25 -3.94 3.74
CA SER A 7 4.04 -4.92 4.84
C SER A 7 2.56 -5.33 4.87
N ASP A 8 1.66 -4.33 4.77
CA ASP A 8 0.19 -4.49 4.80
C ASP A 8 -0.26 -5.19 3.52
N ALA A 9 0.35 -4.89 2.37
CA ALA A 9 -0.06 -5.42 1.04
C ALA A 9 0.08 -6.94 1.01
N VAL A 10 1.20 -7.47 1.53
CA VAL A 10 1.51 -8.93 1.52
C VAL A 10 0.55 -9.65 2.47
N ILE A 11 0.41 -9.17 3.71
CA ILE A 11 -0.56 -9.69 4.72
C ILE A 11 -1.95 -9.72 4.06
N GLY A 12 -2.27 -8.64 3.33
CA GLY A 12 -3.53 -8.47 2.58
C GLY A 12 -3.74 -9.56 1.54
N SER A 13 -2.77 -9.77 0.64
CA SER A 13 -2.80 -10.81 -0.42
C SER A 13 -3.14 -12.17 0.22
N ILE A 14 -2.50 -12.48 1.35
CA ILE A 14 -2.68 -13.76 2.10
C ILE A 14 -4.14 -13.84 2.60
N ALA A 15 -4.63 -12.78 3.24
CA ALA A 15 -6.01 -12.68 3.77
C ALA A 15 -7.04 -12.88 2.63
N GLN A 16 -6.68 -12.51 1.40
CA GLN A 16 -7.56 -12.65 0.21
C GLN A 16 -7.36 -14.03 -0.44
N GLY A 17 -6.64 -14.93 0.24
CA GLY A 17 -6.50 -16.35 -0.15
C GLY A 17 -5.39 -16.59 -1.16
N VAL A 18 -4.50 -15.62 -1.36
CA VAL A 18 -3.28 -15.75 -2.23
C VAL A 18 -2.17 -16.42 -1.40
N THR A 19 -1.87 -17.69 -1.68
CA THR A 19 -0.71 -18.43 -1.09
C THR A 19 0.24 -18.90 -2.20
N ASP A 20 -0.28 -19.41 -3.32
CA ASP A 20 0.50 -20.02 -4.44
C ASP A 20 1.76 -19.19 -4.72
N GLY A 21 2.95 -19.77 -4.53
CA GLY A 21 4.25 -19.16 -4.85
C GLY A 21 4.89 -18.42 -3.67
N LEU A 22 4.26 -18.39 -2.50
CA LEU A 22 4.76 -17.59 -1.34
C LEU A 22 6.12 -18.11 -0.85
N THR A 23 6.41 -19.41 -1.02
CA THR A 23 7.61 -20.10 -0.46
C THR A 23 8.61 -20.52 -1.55
N ASP A 24 8.31 -20.31 -2.85
CA ASP A 24 9.15 -20.76 -3.99
C ASP A 24 10.58 -20.23 -3.88
N TYR A 25 10.77 -19.03 -3.32
CA TYR A 25 12.10 -18.36 -3.23
C TYR A 25 13.02 -19.16 -2.28
N LEU A 26 12.49 -20.14 -1.53
CA LEU A 26 13.30 -20.95 -0.58
C LEU A 26 13.55 -22.37 -1.11
N LYS A 27 12.85 -22.77 -2.17
CA LYS A 27 12.98 -24.12 -2.79
C LYS A 27 14.43 -24.31 -3.25
N PRO A 28 15.17 -25.31 -2.72
CA PRO A 28 16.55 -25.55 -3.15
C PRO A 28 16.57 -26.57 -4.30
N ARG A 29 17.67 -26.60 -5.06
CA ARG A 29 17.99 -27.66 -6.05
C ARG A 29 17.95 -29.02 -5.34
N VAL A 30 17.39 -30.04 -5.98
CA VAL A 30 17.42 -31.44 -5.48
C VAL A 30 18.80 -32.02 -5.80
N GLU A 31 19.71 -31.99 -4.83
CA GLU A 31 21.07 -32.59 -4.95
C GLU A 31 21.24 -33.71 -3.92
N GLU A 32 21.59 -34.90 -4.40
CA GLU A 32 21.90 -36.10 -3.58
C GLU A 32 23.29 -35.92 -2.96
N LEU A 33 23.46 -36.21 -1.66
CA LEU A 33 24.80 -36.15 -1.02
C LEU A 33 25.72 -37.16 -1.71
N PRO A 34 27.04 -36.90 -1.78
CA PRO A 34 27.97 -37.85 -2.41
C PRO A 34 28.13 -39.13 -1.56
N ALA A 35 28.29 -40.27 -2.24
CA ALA A 35 28.52 -41.62 -1.66
C ALA A 35 29.82 -41.61 -0.83
N GLY A 36 29.90 -42.45 0.20
CA GLY A 36 31.09 -42.54 1.06
C GLY A 36 31.22 -43.82 1.84
N GLU A 37 32.39 -44.01 2.48
CA GLU A 37 32.65 -45.12 3.43
C GLU A 37 31.70 -44.98 4.62
N VAL A 38 30.97 -46.06 4.93
CA VAL A 38 30.00 -46.15 6.05
C VAL A 38 30.72 -46.77 7.27
N THR A 39 30.53 -46.22 8.47
CA THR A 39 30.95 -46.85 9.75
C THR A 39 29.71 -46.96 10.64
N TYR A 40 29.79 -47.72 11.74
CA TYR A 40 28.61 -48.07 12.56
C TYR A 40 28.88 -47.72 14.02
N PRO A 41 29.03 -46.42 14.36
CA PRO A 41 29.49 -46.04 15.69
C PRO A 41 28.54 -46.56 16.79
N GLU A 42 29.08 -47.17 17.84
CA GLU A 42 28.29 -47.58 19.02
C GLU A 42 28.51 -46.54 20.13
N ILE A 43 27.43 -45.88 20.52
CA ILE A 43 27.47 -44.81 21.56
C ILE A 43 26.78 -45.34 22.80
N ALA A 44 27.50 -45.39 23.92
CA ALA A 44 26.97 -45.86 25.22
C ALA A 44 26.33 -44.67 25.95
N GLY A 45 25.12 -44.87 26.49
CA GLY A 45 24.45 -43.94 27.43
C GLY A 45 23.34 -43.12 26.79
N LEU A 46 22.88 -43.48 25.58
CA LEU A 46 21.80 -42.78 24.85
C LEU A 46 20.45 -43.19 25.45
N PRO A 47 19.37 -42.40 25.25
CA PRO A 47 18.04 -42.79 25.74
C PRO A 47 17.45 -43.99 24.99
N ASP A 48 16.42 -44.62 25.57
CA ASP A 48 15.72 -45.82 25.02
C ASP A 48 15.22 -45.52 23.59
N GLY A 49 15.52 -46.41 22.65
CA GLY A 49 15.09 -46.31 21.24
C GLY A 49 16.09 -45.57 20.37
N VAL A 50 16.98 -44.76 20.98
CA VAL A 50 17.92 -43.82 20.29
C VAL A 50 19.26 -44.52 20.07
N ARG A 51 19.68 -44.64 18.80
CA ARG A 51 21.04 -45.09 18.43
C ARG A 51 21.39 -44.55 17.03
N VAL A 52 22.67 -44.52 16.70
CA VAL A 52 23.18 -44.12 15.36
C VAL A 52 23.23 -45.37 14.47
N ILE A 53 22.26 -45.51 13.57
CA ILE A 53 22.19 -46.65 12.60
C ILE A 53 23.53 -46.76 11.85
N SER A 54 23.98 -45.69 11.22
CA SER A 54 25.20 -45.66 10.37
C SER A 54 25.74 -44.23 10.23
N ALA A 55 27.05 -44.09 10.05
CA ALA A 55 27.75 -42.82 9.72
C ALA A 55 28.45 -42.97 8.35
N GLU A 56 27.92 -42.31 7.31
CA GLU A 56 28.50 -42.31 5.94
C GLU A 56 29.39 -41.08 5.79
N TRP A 57 30.60 -41.26 5.25
CA TRP A 57 31.63 -40.18 5.13
C TRP A 57 31.75 -39.72 3.66
N ALA A 58 30.89 -38.77 3.27
CA ALA A 58 30.94 -38.05 1.98
C ALA A 58 32.38 -37.59 1.73
N THR A 59 33.00 -36.98 2.74
CA THR A 59 34.45 -36.67 2.82
C THR A 59 34.94 -36.97 4.22
N SER A 60 36.24 -36.87 4.46
CA SER A 60 36.84 -37.13 5.80
C SER A 60 36.35 -36.08 6.80
N LYS A 61 35.73 -34.98 6.34
CA LYS A 61 35.30 -33.85 7.21
C LYS A 61 33.78 -33.60 7.13
N HIS A 62 33.09 -34.24 6.19
CA HIS A 62 31.61 -34.17 6.02
C HIS A 62 31.01 -35.58 6.19
N VAL A 63 30.49 -35.89 7.38
CA VAL A 63 29.91 -37.21 7.75
C VAL A 63 28.38 -37.08 7.90
N ILE A 64 27.62 -38.00 7.30
CA ILE A 64 26.13 -38.05 7.35
C ILE A 64 25.71 -39.12 8.36
N LEU A 65 25.08 -38.72 9.48
CA LEU A 65 24.50 -39.67 10.47
C LEU A 65 23.11 -40.08 10.00
N THR A 66 22.77 -41.37 10.12
CA THR A 66 21.40 -41.92 10.02
C THR A 66 21.00 -42.34 11.45
N ILE A 67 20.01 -41.67 12.05
CA ILE A 67 19.70 -41.86 13.50
C ILE A 67 18.33 -42.53 13.63
N GLN A 68 18.24 -43.49 14.55
CA GLN A 68 16.98 -44.09 15.06
C GLN A 68 16.44 -43.20 16.19
N SER A 69 15.35 -42.48 15.93
CA SER A 69 14.71 -41.54 16.89
C SER A 69 13.65 -42.29 17.70
N ALA A 70 13.63 -42.05 19.02
CA ALA A 70 12.49 -42.39 19.91
C ALA A 70 11.31 -41.52 19.52
N ALA A 71 11.48 -40.19 19.61
CA ALA A 71 10.40 -39.19 19.38
C ALA A 71 9.83 -39.32 17.96
N MSE A 72 10.63 -39.72 16.96
CA MSE A 72 10.16 -39.85 15.56
C MSE A 72 10.62 -41.19 15.00
O MSE A 72 11.57 -41.26 14.22
CB MSE A 72 10.69 -38.68 14.72
CG MSE A 72 9.69 -37.55 14.50
SE MSE A 72 10.55 -35.97 13.68
CE MSE A 72 11.88 -35.42 15.01
H MSE A 72 11.59 -39.94 17.19
HA MSE A 72 9.18 -39.82 15.55
HB2 MSE A 72 10.94 -39.01 13.86
HB3 MSE A 72 11.46 -38.31 15.15
HG2 MSE A 72 9.29 -37.29 15.36
HG3 MSE A 72 8.97 -37.86 13.91
HE1 MSE A 72 12.35 -34.63 14.68
HE2 MSE A 72 12.51 -36.14 15.16
HE3 MSE A 72 11.43 -35.21 15.85
N PRO A 73 9.96 -42.31 15.36
CA PRO A 73 10.47 -43.63 15.05
C PRO A 73 10.13 -44.20 13.66
N GLU A 74 9.08 -43.71 13.02
CA GLU A 74 8.51 -44.28 11.76
C GLU A 74 9.64 -44.62 10.78
N ARG A 75 10.55 -43.66 10.51
CA ARG A 75 11.75 -43.86 9.66
C ARG A 75 12.91 -43.01 10.22
N PRO A 76 14.17 -43.24 9.79
CA PRO A 76 15.32 -42.57 10.40
C PRO A 76 15.43 -41.08 10.03
N ILE A 77 16.31 -40.36 10.74
CA ILE A 77 16.60 -38.92 10.53
C ILE A 77 18.07 -38.75 10.11
N LYS A 78 18.33 -38.16 8.93
CA LYS A 78 19.70 -37.81 8.46
C LYS A 78 20.10 -36.46 9.08
N VAL A 79 21.36 -36.36 9.53
CA VAL A 79 21.96 -35.13 10.12
C VAL A 79 23.41 -35.04 9.62
N GLN A 80 23.73 -34.02 8.81
CA GLN A 80 25.09 -33.73 8.28
C GLN A 80 25.94 -33.08 9.38
N LEU A 81 27.16 -33.56 9.56
CA LEU A 81 28.19 -32.89 10.41
C LEU A 81 29.32 -32.40 9.48
N LEU A 82 29.75 -31.15 9.65
CA LEU A 82 31.02 -30.63 9.09
C LEU A 82 32.01 -30.61 10.26
N LEU A 83 33.05 -31.43 10.19
CA LEU A 83 33.96 -31.69 11.33
C LEU A 83 35.04 -30.62 11.34
N PRO A 84 35.50 -30.19 12.54
CA PRO A 84 36.47 -29.11 12.67
C PRO A 84 37.80 -29.39 11.95
N ARG A 85 38.50 -28.33 11.57
CA ARG A 85 39.84 -28.38 10.95
C ARG A 85 40.69 -29.45 11.66
N ASP A 86 40.91 -29.28 12.98
CA ASP A 86 41.84 -30.12 13.78
C ASP A 86 41.20 -31.44 14.23
N TRP A 87 40.16 -31.94 13.54
CA TRP A 87 39.46 -33.19 13.95
C TRP A 87 40.50 -34.28 14.20
N TYR A 88 41.37 -34.51 13.22
CA TYR A 88 42.35 -35.63 13.22
C TYR A 88 43.63 -35.18 13.93
N SER A 89 44.13 -33.98 13.61
CA SER A 89 45.40 -33.43 14.15
C SER A 89 45.33 -33.26 15.67
N SER A 90 44.16 -33.02 16.25
CA SER A 90 43.92 -33.01 17.73
C SER A 90 42.83 -34.02 18.05
N PRO A 91 43.14 -35.33 18.22
CA PRO A 91 42.11 -36.37 18.30
C PRO A 91 41.54 -36.55 19.73
N ASN A 92 42.07 -35.81 20.71
CA ASN A 92 41.64 -35.83 22.13
C ASN A 92 40.82 -34.58 22.44
N ARG A 93 40.92 -33.56 21.60
CA ARG A 93 40.22 -32.26 21.76
C ARG A 93 38.71 -32.46 21.58
N GLU A 94 37.94 -31.62 22.26
CA GLU A 94 36.46 -31.47 22.08
C GLU A 94 36.19 -30.08 21.49
N PHE A 95 35.10 -29.95 20.74
CA PHE A 95 34.76 -28.73 19.97
C PHE A 95 33.35 -28.25 20.33
N PRO A 96 33.05 -26.96 20.08
CA PRO A 96 31.67 -26.50 20.16
C PRO A 96 30.83 -26.82 18.91
N GLU A 97 29.52 -26.73 19.12
CA GLU A 97 28.46 -27.07 18.13
C GLU A 97 27.94 -25.77 17.53
N ILE A 98 27.76 -25.74 16.23
CA ILE A 98 27.03 -24.65 15.53
C ILE A 98 25.96 -25.31 14.69
N TRP A 99 24.70 -25.05 15.03
CA TRP A 99 23.53 -25.70 14.39
C TRP A 99 23.06 -24.81 13.26
N ALA A 100 22.95 -25.35 12.05
CA ALA A 100 22.44 -24.62 10.87
C ALA A 100 21.13 -25.26 10.41
N LEU A 101 20.01 -24.64 10.81
CA LEU A 101 18.65 -25.16 10.55
C LEU A 101 18.16 -24.62 9.20
N ASP A 102 17.61 -25.50 8.38
CA ASP A 102 17.16 -25.22 6.99
C ASP A 102 15.91 -24.33 7.02
N GLY A 103 15.42 -23.93 5.84
CA GLY A 103 14.22 -23.09 5.69
C GLY A 103 13.01 -23.92 5.37
N LEU A 104 11.85 -23.29 5.24
CA LEU A 104 10.52 -23.91 5.06
C LEU A 104 10.57 -25.10 4.10
N ARG A 105 11.28 -25.01 2.96
CA ARG A 105 11.16 -25.98 1.85
C ARG A 105 12.28 -27.03 1.89
N ALA A 106 12.98 -27.16 3.03
CA ALA A 106 13.92 -28.26 3.33
C ALA A 106 13.45 -29.54 2.64
N ILE A 107 14.32 -30.16 1.86
CA ILE A 107 14.06 -31.48 1.21
C ILE A 107 14.79 -32.57 1.99
N GLU A 108 14.37 -33.82 1.77
CA GLU A 108 14.87 -35.02 2.50
C GLU A 108 16.28 -35.37 2.01
N GLU A 109 16.64 -35.00 0.78
CA GLU A 109 17.90 -35.42 0.09
C GLU A 109 19.14 -34.82 0.73
N GLN A 110 19.09 -33.60 1.30
CA GLN A 110 20.26 -32.87 1.83
C GLN A 110 19.86 -31.50 2.38
N SER A 111 20.63 -30.99 3.37
CA SER A 111 20.50 -29.63 3.95
C SER A 111 20.68 -28.60 2.85
N GLY A 112 19.78 -27.63 2.75
CA GLY A 112 19.83 -26.53 1.78
C GLY A 112 21.16 -25.79 1.83
N TRP A 113 21.66 -25.53 3.05
CA TRP A 113 22.96 -24.86 3.32
C TRP A 113 24.06 -25.44 2.41
N THR A 114 24.26 -26.76 2.41
CA THR A 114 25.36 -27.42 1.65
C THR A 114 24.96 -27.57 0.17
N ILE A 115 23.67 -27.53 -0.18
CA ILE A 115 23.24 -27.55 -1.61
C ILE A 115 23.55 -26.19 -2.26
N GLU A 116 23.24 -25.09 -1.57
CA GLU A 116 23.12 -23.76 -2.24
C GLU A 116 24.23 -22.82 -1.81
N THR A 117 25.10 -23.19 -0.86
CA THR A 117 26.14 -22.26 -0.32
C THR A 117 27.50 -22.94 -0.23
N ASN A 118 28.53 -22.15 0.02
CA ASN A 118 29.93 -22.60 0.21
C ASN A 118 30.24 -22.75 1.71
N ILE A 119 29.26 -23.18 2.52
CA ILE A 119 29.43 -23.27 4.00
C ILE A 119 30.46 -24.36 4.31
N GLU A 120 30.48 -25.42 3.48
CA GLU A 120 31.49 -26.51 3.53
C GLU A 120 32.89 -25.89 3.51
N GLN A 121 33.14 -24.99 2.56
CA GLN A 121 34.47 -24.33 2.35
C GLN A 121 34.71 -23.36 3.51
N TYR A 122 33.68 -22.62 3.93
CA TYR A 122 33.84 -21.53 4.92
C TYR A 122 34.37 -22.10 6.24
N TYR A 123 33.80 -23.23 6.69
CA TYR A 123 34.04 -23.82 8.03
C TYR A 123 35.23 -24.79 8.00
N ALA A 124 35.70 -25.18 6.81
CA ALA A 124 36.85 -26.10 6.62
C ALA A 124 38.03 -25.73 7.52
N ASP A 125 38.30 -24.43 7.71
CA ASP A 125 39.51 -23.94 8.42
C ASP A 125 39.18 -23.60 9.88
N LYS A 126 38.01 -24.02 10.40
CA LYS A 126 37.53 -23.58 11.74
C LYS A 126 37.33 -24.79 12.66
N ASN A 127 37.62 -24.62 13.95
CA ASN A 127 37.52 -25.69 14.98
C ASN A 127 36.13 -25.64 15.63
N ALA A 128 35.10 -26.09 14.91
CA ALA A 128 33.72 -26.23 15.42
C ALA A 128 32.96 -27.29 14.62
N ILE A 129 32.09 -28.05 15.29
CA ILE A 129 31.22 -29.07 14.62
C ILE A 129 29.97 -28.36 14.15
N VAL A 130 29.77 -28.29 12.83
CA VAL A 130 28.55 -27.69 12.22
C VAL A 130 27.52 -28.81 12.07
N VAL A 131 26.37 -28.64 12.69
CA VAL A 131 25.27 -29.66 12.68
C VAL A 131 24.21 -29.15 11.71
N LEU A 132 23.86 -29.93 10.69
CA LEU A 132 22.89 -29.50 9.65
C LEU A 132 21.82 -30.58 9.48
N PRO A 133 20.72 -30.51 10.27
CA PRO A 133 19.67 -31.51 10.22
C PRO A 133 18.94 -31.47 8.87
N VAL A 134 18.64 -32.63 8.32
CA VAL A 134 18.12 -32.78 6.93
C VAL A 134 16.60 -32.97 6.99
N GLY A 135 15.88 -32.43 6.00
CA GLY A 135 14.42 -32.63 5.86
C GLY A 135 13.60 -31.87 6.90
N GLY A 136 12.32 -32.20 6.99
CA GLY A 136 11.35 -31.63 7.94
C GLY A 136 10.61 -30.43 7.36
N GLU A 137 10.19 -30.51 6.08
CA GLU A 137 9.47 -29.42 5.38
C GLU A 137 8.36 -28.87 6.30
N SER A 138 8.40 -27.56 6.59
CA SER A 138 7.38 -26.83 7.37
C SER A 138 7.46 -27.14 8.88
N SER A 139 8.32 -28.06 9.30
CA SER A 139 8.38 -28.56 10.70
C SER A 139 8.49 -27.41 11.71
N PHE A 140 9.06 -26.28 11.32
CA PHE A 140 9.48 -25.19 12.23
C PHE A 140 10.29 -25.78 13.39
N TYR A 141 10.86 -26.97 13.16
CA TYR A 141 11.71 -27.73 14.11
C TYR A 141 11.06 -27.76 15.51
N SER A 142 9.74 -28.01 15.54
CA SER A 142 8.90 -27.99 16.77
C SER A 142 8.26 -29.36 17.03
N ASP A 143 7.71 -29.54 18.23
CA ASP A 143 6.87 -30.70 18.61
C ASP A 143 5.41 -30.35 18.29
N TRP A 144 4.90 -30.88 17.17
CA TRP A 144 3.52 -30.64 16.68
C TRP A 144 2.51 -31.21 17.69
N GLU A 145 1.37 -30.51 17.89
CA GLU A 145 0.29 -30.98 18.79
C GLU A 145 -0.12 -32.40 18.37
N GLY A 146 -0.24 -32.63 17.07
CA GLY A 146 -0.59 -33.96 16.51
C GLY A 146 0.04 -34.18 15.14
N PRO A 147 -0.10 -35.39 14.54
CA PRO A 147 0.34 -35.64 13.18
C PRO A 147 -0.46 -34.83 12.16
N ASN A 148 0.07 -34.69 10.93
CA ASN A 148 -0.56 -33.93 9.83
C ASN A 148 0.19 -34.18 8.52
N ASN A 149 -0.57 -34.32 7.43
CA ASN A 149 -0.06 -34.35 6.03
C ASN A 149 0.91 -35.53 5.87
N GLY A 150 0.63 -36.63 6.55
CA GLY A 150 1.42 -37.88 6.48
C GLY A 150 2.76 -37.76 7.19
N LYS A 151 2.95 -36.80 8.09
CA LYS A 151 4.20 -36.67 8.89
C LYS A 151 3.85 -36.43 10.36
N ASN A 152 4.74 -36.83 11.27
CA ASN A 152 4.57 -36.59 12.72
C ASN A 152 5.87 -35.97 13.25
N TYR A 153 5.83 -34.66 13.55
CA TYR A 153 7.05 -33.87 13.84
C TYR A 153 7.22 -33.71 15.36
N GLN A 154 8.28 -34.32 15.91
CA GLN A 154 8.74 -34.07 17.30
C GLN A 154 10.21 -33.60 17.23
N TRP A 155 10.46 -32.64 16.34
CA TRP A 155 11.81 -32.14 16.02
C TRP A 155 12.46 -31.50 17.25
N GLU A 156 11.72 -30.71 18.05
CA GLU A 156 12.36 -30.00 19.18
C GLU A 156 12.93 -31.05 20.15
N THR A 157 12.17 -32.10 20.44
CA THR A 157 12.61 -33.23 21.30
C THR A 157 13.81 -33.92 20.63
N PHE A 158 13.68 -34.29 19.36
CA PHE A 158 14.74 -35.02 18.62
C PHE A 158 16.05 -34.24 18.78
N LEU A 159 15.99 -32.92 18.59
CA LEU A 159 17.19 -32.07 18.55
C LEU A 159 17.78 -31.97 19.96
N THR A 160 16.97 -31.63 20.96
CA THR A 160 17.46 -31.28 22.32
C THR A 160 17.76 -32.55 23.12
N GLN A 161 17.00 -33.63 22.91
CA GLN A 161 16.96 -34.79 23.83
C GLN A 161 17.69 -36.00 23.25
N GLU A 162 17.91 -36.06 21.93
CA GLU A 162 18.45 -37.27 21.24
C GLU A 162 19.74 -36.91 20.49
N LEU A 163 19.65 -36.00 19.52
CA LEU A 163 20.83 -35.55 18.74
C LEU A 163 21.87 -34.95 19.69
N ALA A 164 21.49 -34.05 20.60
CA ALA A 164 22.44 -33.34 21.49
C ALA A 164 23.31 -34.34 22.26
N PRO A 165 22.73 -35.36 22.91
CA PRO A 165 23.52 -36.42 23.56
C PRO A 165 24.45 -37.16 22.59
N ILE A 166 23.93 -37.63 21.45
CA ILE A 166 24.75 -38.31 20.40
C ILE A 166 26.04 -37.52 20.21
N LEU A 167 25.95 -36.24 19.88
CA LEU A 167 27.14 -35.39 19.59
C LEU A 167 28.01 -35.31 20.85
N ASP A 168 27.40 -35.15 22.04
CA ASP A 168 28.14 -34.99 23.31
C ASP A 168 28.95 -36.25 23.57
N LYS A 169 28.33 -37.42 23.39
CA LYS A 169 28.94 -38.74 23.67
C LYS A 169 29.81 -39.19 22.49
N GLY A 170 29.20 -39.35 21.31
CA GLY A 170 29.81 -39.90 20.10
C GLY A 170 30.77 -38.97 19.38
N PHE A 171 30.53 -37.65 19.32
CA PHE A 171 31.25 -36.80 18.31
C PHE A 171 32.19 -35.70 18.82
N ARG A 172 32.83 -35.87 20.00
CA ARG A 172 33.82 -35.03 20.73
C ARG A 172 33.33 -33.58 20.87
N SER A 173 32.09 -33.42 21.28
CA SER A 173 31.49 -32.08 21.48
C SER A 173 31.59 -31.68 22.95
N ASN A 174 32.00 -30.45 23.25
CA ASN A 174 31.73 -29.82 24.56
C ASN A 174 30.28 -29.33 24.51
N THR A 175 29.62 -29.11 25.64
CA THR A 175 28.19 -28.75 25.63
C THR A 175 27.96 -27.38 24.93
N ASP A 176 29.00 -26.59 24.67
CA ASP A 176 28.89 -25.19 24.16
C ASP A 176 28.28 -25.19 22.75
N ARG A 177 27.16 -24.48 22.59
CA ARG A 177 26.36 -24.52 21.35
C ARG A 177 25.97 -23.11 20.90
N ALA A 178 25.92 -22.94 19.59
CA ALA A 178 25.30 -21.79 18.90
C ALA A 178 24.24 -22.36 17.95
N ILE A 179 23.01 -21.90 18.11
CA ILE A 179 21.88 -22.38 17.28
C ILE A 179 21.49 -21.22 16.37
N THR A 180 21.41 -21.51 15.08
CA THR A 180 21.09 -20.54 14.02
C THR A 180 20.29 -21.26 12.94
N GLY A 181 19.73 -20.49 12.04
CA GLY A 181 18.92 -21.02 10.94
C GLY A 181 18.30 -19.89 10.15
N ILE A 182 17.78 -20.22 8.98
CA ILE A 182 17.14 -19.27 8.04
C ILE A 182 15.67 -19.69 7.90
N SER A 183 14.79 -18.71 7.65
CA SER A 183 13.33 -18.93 7.49
C SER A 183 12.79 -19.61 8.76
N MSE A 184 12.07 -20.71 8.61
CA MSE A 184 11.50 -21.40 9.79
C MSE A 184 12.64 -21.75 10.74
O MSE A 184 12.41 -21.79 11.95
CB MSE A 184 10.76 -22.65 9.35
CG MSE A 184 11.68 -23.80 9.05
SE MSE A 184 10.70 -25.36 8.44
CE MSE A 184 12.11 -26.69 8.14
H MSE A 184 11.90 -21.09 7.68
HA MSE A 184 10.88 -20.79 10.24
HB2 MSE A 184 10.25 -22.45 8.55
HB3 MSE A 184 10.15 -22.92 10.04
HG2 MSE A 184 12.19 -24.03 9.86
HG3 MSE A 184 12.32 -23.53 8.36
HE1 MSE A 184 11.70 -27.51 7.83
HE2 MSE A 184 12.58 -26.85 8.97
HE3 MSE A 184 12.72 -26.36 7.48
N GLY A 185 13.83 -22.02 10.20
CA GLY A 185 15.03 -22.31 11.00
C GLY A 185 15.37 -21.14 11.90
N GLY A 186 15.18 -19.91 11.41
CA GLY A 186 15.47 -18.69 12.17
C GLY A 186 14.49 -18.56 13.32
N THR A 187 13.21 -18.77 13.05
CA THR A 187 12.13 -18.84 14.06
C THR A 187 12.52 -19.89 15.09
N ALA A 188 12.71 -21.13 14.62
CA ALA A 188 13.02 -22.32 15.43
C ALA A 188 14.22 -22.02 16.34
N ALA A 189 15.28 -21.44 15.76
CA ALA A 189 16.52 -21.11 16.50
C ALA A 189 16.16 -20.36 17.78
N VAL A 190 15.28 -19.36 17.68
CA VAL A 190 14.93 -18.49 18.85
C VAL A 190 13.98 -19.26 19.77
N ASN A 191 12.92 -19.85 19.22
CA ASN A 191 11.94 -20.65 19.99
C ASN A 191 12.72 -21.64 20.85
N ILE A 192 13.47 -22.54 20.19
CA ILE A 192 14.26 -23.62 20.85
C ILE A 192 15.17 -23.01 21.91
N ALA A 193 15.81 -21.88 21.67
CA ALA A 193 16.74 -21.25 22.65
C ALA A 193 15.97 -20.81 23.90
N THR A 194 14.76 -20.26 23.74
CA THR A 194 13.91 -19.74 24.85
C THR A 194 13.41 -20.92 25.70
N HIS A 195 13.20 -22.08 25.08
CA HIS A 195 12.74 -23.33 25.73
C HIS A 195 13.88 -23.99 26.49
N HIS A 196 15.13 -23.81 26.06
CA HIS A 196 16.32 -24.50 26.64
C HIS A 196 17.46 -23.50 26.78
N PRO A 197 17.29 -22.42 27.57
CA PRO A 197 18.25 -21.32 27.59
C PRO A 197 19.67 -21.68 28.02
N ASP A 198 19.88 -22.84 28.65
CA ASP A 198 21.22 -23.25 29.13
C ASP A 198 21.95 -24.04 28.05
N MSE A 199 21.22 -24.64 27.12
CA MSE A 199 21.81 -25.49 26.05
C MSE A 199 22.50 -24.62 25.00
O MSE A 199 23.27 -25.17 24.21
CB MSE A 199 20.74 -26.35 25.38
CG MSE A 199 20.13 -27.42 26.25
SE MSE A 199 19.20 -28.68 25.06
CE MSE A 199 20.48 -29.30 23.70
H MSE A 199 20.21 -24.51 27.15
HA MSE A 199 22.48 -26.08 26.46
HB2 MSE A 199 21.12 -26.77 24.62
HB3 MSE A 199 20.02 -25.78 25.09
HG2 MSE A 199 19.51 -27.02 26.89
HG3 MSE A 199 20.84 -27.87 26.75
HE1 MSE A 199 20.03 -29.92 23.10
HE2 MSE A 199 21.22 -29.73 24.13
HE3 MSE A 199 20.80 -28.53 23.19
N PHE A 200 22.27 -23.32 24.97
CA PHE A 200 22.82 -22.44 23.90
C PHE A 200 23.46 -21.19 24.53
N LYS A 201 24.54 -20.71 23.91
CA LYS A 201 25.30 -19.50 24.32
C LYS A 201 25.13 -18.41 23.25
N PHE A 202 24.53 -18.78 22.11
CA PHE A 202 24.34 -17.90 20.92
C PHE A 202 23.10 -18.33 20.13
N VAL A 203 22.34 -17.33 19.65
CA VAL A 203 21.12 -17.55 18.85
C VAL A 203 21.17 -16.66 17.62
N GLY A 204 20.89 -17.24 16.44
CA GLY A 204 21.00 -16.55 15.14
C GLY A 204 19.80 -16.82 14.26
N SER A 205 19.10 -15.75 13.87
CA SER A 205 17.95 -15.81 12.92
C SER A 205 18.31 -15.03 11.67
N PHE A 206 18.45 -15.75 10.55
CA PHE A 206 18.67 -15.17 9.20
C PHE A 206 17.33 -15.22 8.46
N SER A 207 16.69 -14.06 8.30
CA SER A 207 15.47 -13.91 7.48
C SER A 207 14.37 -14.83 8.01
N GLY A 208 14.27 -14.88 9.34
CA GLY A 208 13.30 -15.67 10.11
C GLY A 208 12.07 -14.86 10.47
N TYR A 209 11.03 -15.51 10.99
CA TYR A 209 9.72 -14.91 11.34
C TYR A 209 9.64 -14.88 12.87
N LEU A 210 10.10 -13.79 13.46
CA LEU A 210 10.30 -13.67 14.94
C LEU A 210 9.06 -13.10 15.63
N ASP A 211 7.87 -13.30 15.04
CA ASP A 211 6.55 -12.87 15.60
C ASP A 211 5.44 -13.75 14.99
N THR A 212 4.80 -14.57 15.81
CA THR A 212 3.83 -15.61 15.39
C THR A 212 2.42 -15.27 15.91
N THR A 213 2.31 -14.41 16.94
CA THR A 213 1.05 -14.15 17.66
C THR A 213 0.39 -12.85 17.20
N SER A 214 1.16 -11.84 16.82
CA SER A 214 0.62 -10.49 16.44
C SER A 214 -0.42 -10.63 15.34
N ALA A 215 -1.47 -9.80 15.40
CA ALA A 215 -2.63 -9.87 14.51
C ALA A 215 -2.14 -10.06 13.08
N GLY A 216 -2.62 -11.10 12.39
CA GLY A 216 -2.34 -11.36 10.96
C GLY A 216 -1.13 -12.24 10.77
N MSE A 217 -0.27 -12.35 11.79
CA MSE A 217 0.94 -13.21 11.70
C MSE A 217 0.48 -14.65 11.52
O MSE A 217 0.86 -15.29 10.55
CB MSE A 217 1.88 -13.04 12.91
CG MSE A 217 2.74 -11.80 12.86
SE MSE A 217 3.33 -11.37 11.01
CE MSE A 217 3.91 -13.03 10.16
H MSE A 217 -0.45 -11.84 12.64
HA MSE A 217 1.46 -12.93 10.92
HB2 MSE A 217 2.45 -13.80 12.96
HB3 MSE A 217 1.34 -12.99 13.70
HG2 MSE A 217 3.54 -11.93 13.42
HG3 MSE A 217 2.24 -11.04 13.22
HE1 MSE A 217 4.21 -12.84 9.26
HE2 MSE A 217 3.16 -13.65 10.14
HE3 MSE A 217 4.64 -13.41 10.67
N PRO A 218 -0.41 -15.18 12.39
CA PRO A 218 -0.94 -16.54 12.22
C PRO A 218 -1.46 -16.84 10.81
N ILE A 219 -2.20 -15.92 10.19
CA ILE A 219 -2.84 -16.16 8.85
C ILE A 219 -1.72 -16.39 7.81
N ALA A 220 -0.55 -15.77 8.02
CA ALA A 220 0.66 -15.90 7.18
C ALA A 220 1.35 -17.24 7.44
N ILE A 221 1.64 -17.56 8.70
CA ILE A 221 2.32 -18.83 9.10
C ILE A 221 1.49 -20.01 8.58
N SER A 222 0.17 -19.91 8.56
CA SER A 222 -0.73 -20.94 7.95
C SER A 222 -0.54 -20.96 6.43
N ALA A 223 -0.55 -19.78 5.79
CA ALA A 223 -0.34 -19.63 4.34
C ALA A 223 1.02 -20.23 3.96
N ALA A 224 2.03 -20.06 4.84
CA ALA A 224 3.38 -20.60 4.66
C ALA A 224 3.32 -22.13 4.63
N LEU A 225 2.79 -22.76 5.69
CA LEU A 225 2.68 -24.23 5.80
C LEU A 225 1.76 -24.72 4.67
N ALA A 226 0.80 -23.90 4.25
CA ALA A 226 -0.13 -24.21 3.13
C ALA A 226 0.68 -24.43 1.86
N ASP A 227 1.52 -23.45 1.51
CA ASP A 227 2.28 -23.46 0.24
C ASP A 227 3.44 -24.46 0.33
N ALA A 228 4.09 -24.54 1.49
CA ALA A 228 5.30 -25.37 1.74
C ALA A 228 4.89 -26.82 2.02
N GLY A 229 4.22 -27.46 1.05
CA GLY A 229 3.86 -28.90 1.08
C GLY A 229 2.40 -29.18 1.48
N GLY A 230 1.66 -28.17 1.94
CA GLY A 230 0.21 -28.28 2.25
C GLY A 230 -0.09 -28.71 3.68
N TYR A 231 0.67 -28.22 4.66
CA TYR A 231 0.55 -28.57 6.10
C TYR A 231 -0.45 -27.62 6.77
N ASP A 232 -1.05 -28.03 7.89
CA ASP A 232 -2.06 -27.27 8.67
C ASP A 232 -1.41 -26.80 9.99
N ALA A 233 -1.32 -25.49 10.19
CA ALA A 233 -0.72 -24.84 11.38
C ALA A 233 -1.49 -25.25 12.64
N ASN A 234 -2.79 -25.55 12.52
CA ASN A 234 -3.62 -26.01 13.68
C ASN A 234 -2.97 -27.28 14.24
N ALA A 235 -2.62 -28.22 13.35
CA ALA A 235 -1.91 -29.47 13.69
C ALA A 235 -0.62 -29.16 14.48
N MSE A 236 0.04 -28.04 14.16
CA MSE A 236 1.36 -27.72 14.74
C MSE A 236 1.20 -27.13 16.14
O MSE A 236 1.69 -27.75 17.10
CB MSE A 236 2.12 -26.77 13.81
CG MSE A 236 3.39 -26.25 14.42
SE MSE A 236 4.50 -25.25 13.16
CE MSE A 236 3.68 -23.48 12.98
H MSE A 236 -0.39 -27.40 13.51
HA MSE A 236 1.88 -28.54 14.80
HB2 MSE A 236 1.55 -26.03 13.60
HB3 MSE A 236 2.33 -27.24 13.00
HG2 MSE A 236 3.92 -27.00 14.77
HG3 MSE A 236 3.17 -25.65 15.17
HE1 MSE A 236 4.20 -22.95 12.37
HE2 MSE A 236 3.66 -23.05 13.86
HE3 MSE A 236 2.78 -23.58 12.65
N TRP A 237 0.59 -25.97 16.27
CA TRP A 237 0.52 -25.28 17.58
C TRP A 237 -0.95 -25.14 18.06
N GLY A 238 -1.91 -25.63 17.27
CA GLY A 238 -3.33 -25.73 17.70
C GLY A 238 -4.13 -24.47 17.38
N PRO A 239 -5.19 -24.20 18.16
CA PRO A 239 -6.05 -23.02 17.93
C PRO A 239 -5.26 -21.71 17.86
N VAL A 240 -5.68 -20.81 16.97
CA VAL A 240 -4.85 -19.66 16.46
C VAL A 240 -4.48 -18.69 17.60
N GLY A 241 -4.92 -18.92 18.85
CA GLY A 241 -4.55 -18.08 20.00
C GLY A 241 -3.80 -18.82 21.10
N SER A 242 -3.74 -20.16 21.00
CA SER A 242 -3.48 -21.10 22.14
C SER A 242 -2.12 -20.84 22.79
N GLU A 243 -1.91 -21.48 23.96
CA GLU A 243 -0.69 -21.39 24.79
C GLU A 243 0.53 -21.90 23.99
N ARG A 244 0.29 -22.67 22.92
CA ARG A 244 1.38 -23.20 22.07
C ARG A 244 1.92 -22.09 21.17
N TRP A 245 1.06 -21.21 20.66
CA TRP A 245 1.51 -20.05 19.84
C TRP A 245 2.30 -19.10 20.74
N GLN A 246 1.83 -18.81 21.96
CA GLN A 246 2.51 -17.87 22.89
C GLN A 246 3.87 -18.46 23.26
N GLU A 247 3.96 -19.79 23.36
CA GLU A 247 5.19 -20.56 23.70
C GLU A 247 6.20 -20.43 22.55
N ASN A 248 5.73 -20.36 21.30
CA ASN A 248 6.59 -20.30 20.08
C ASN A 248 6.47 -18.93 19.38
N ASP A 249 6.56 -17.85 20.15
CA ASP A 249 6.51 -16.44 19.65
C ASP A 249 7.74 -15.68 20.12
N PRO A 250 8.81 -15.63 19.29
CA PRO A 250 10.09 -15.06 19.71
C PRO A 250 10.00 -13.68 20.38
N LYS A 251 9.24 -12.76 19.78
CA LYS A 251 9.10 -11.35 20.26
C LYS A 251 8.58 -11.35 21.72
N SER A 252 7.68 -12.27 22.08
CA SER A 252 7.15 -12.42 23.45
C SER A 252 8.25 -12.92 24.41
N ASN A 253 9.00 -13.94 23.98
CA ASN A 253 9.89 -14.77 24.85
C ASN A 253 11.30 -14.17 24.94
N VAL A 254 11.62 -13.13 24.16
CA VAL A 254 12.99 -12.54 24.06
C VAL A 254 13.61 -12.39 25.46
N ASP A 255 12.82 -12.04 26.48
CA ASP A 255 13.30 -11.75 27.86
C ASP A 255 14.03 -12.97 28.46
N LYS A 256 13.74 -14.18 27.96
CA LYS A 256 14.33 -15.46 28.45
C LYS A 256 15.72 -15.69 27.85
N LEU A 257 16.19 -14.84 26.94
CA LEU A 257 17.51 -14.99 26.26
C LEU A 257 18.51 -14.00 26.87
N LYS A 258 18.14 -13.29 27.93
CA LYS A 258 19.09 -12.38 28.66
C LYS A 258 20.39 -13.17 28.86
N GLY A 259 21.54 -12.52 28.60
CA GLY A 259 22.89 -13.09 28.80
C GLY A 259 23.47 -13.72 27.54
N LYS A 260 22.69 -13.87 26.47
CA LYS A 260 23.11 -14.63 25.27
C LYS A 260 23.46 -13.66 24.12
N THR A 261 24.45 -14.03 23.31
CA THR A 261 24.73 -13.36 22.01
C THR A 261 23.62 -13.70 21.01
N ILE A 262 22.98 -12.69 20.44
CA ILE A 262 21.81 -12.87 19.54
C ILE A 262 22.09 -12.13 18.23
N TYR A 263 21.85 -12.79 17.09
CA TYR A 263 22.07 -12.21 15.74
C TYR A 263 20.77 -12.33 14.92
N VAL A 264 20.31 -11.18 14.42
CA VAL A 264 19.04 -11.05 13.66
C VAL A 264 19.35 -10.30 12.36
N SER A 265 19.03 -10.93 11.23
CA SER A 265 19.23 -10.40 9.86
C SER A 265 17.91 -10.49 9.10
N SER A 266 17.65 -9.52 8.21
CA SER A 266 16.52 -9.57 7.26
C SER A 266 16.71 -8.53 6.15
N GLY A 267 15.96 -8.65 5.06
CA GLY A 267 15.99 -7.72 3.91
C GLY A 267 15.83 -8.44 2.59
N ASN A 268 16.77 -9.35 2.27
CA ASN A 268 16.94 -10.00 0.93
C ASN A 268 16.73 -11.51 1.06
N VAL A 289 9.31 -12.38 -2.32
CA VAL A 289 9.35 -10.97 -1.81
C VAL A 289 8.47 -10.89 -0.54
N GLY A 290 7.22 -11.37 -0.66
CA GLY A 290 6.22 -11.38 0.42
C GLY A 290 6.82 -11.77 1.75
N LEU A 291 7.31 -13.00 1.85
CA LEU A 291 7.80 -13.61 3.12
C LEU A 291 9.03 -12.86 3.64
N GLU A 292 9.86 -12.30 2.76
CA GLU A 292 11.03 -11.51 3.19
C GLU A 292 10.52 -10.23 3.88
N VAL A 293 9.45 -9.65 3.33
CA VAL A 293 8.80 -8.44 3.92
C VAL A 293 8.31 -8.80 5.33
N ILE A 294 7.56 -9.89 5.46
CA ILE A 294 7.02 -10.37 6.76
C ILE A 294 8.19 -10.57 7.72
N SER A 295 9.27 -11.21 7.26
CA SER A 295 10.47 -11.47 8.09
C SER A 295 11.08 -10.14 8.57
N ARG A 296 11.16 -9.14 7.70
CA ARG A 296 11.71 -7.80 8.04
C ARG A 296 10.88 -7.20 9.19
N MSE A 297 9.55 -7.32 9.11
CA MSE A 297 8.64 -6.76 10.13
C MSE A 297 8.86 -7.49 11.45
O MSE A 297 9.19 -6.82 12.45
CB MSE A 297 7.18 -6.87 9.70
CG MSE A 297 6.23 -5.92 10.40
SE MSE A 297 4.40 -6.62 10.36
CE MSE A 297 4.20 -7.88 8.86
H MSE A 297 9.16 -7.80 8.31
HA MSE A 297 8.86 -5.80 10.25
HB2 MSE A 297 6.88 -7.77 9.90
HB3 MSE A 297 7.13 -6.72 8.77
HG2 MSE A 297 6.26 -5.05 9.93
HG3 MSE A 297 6.52 -5.78 11.32
HE1 MSE A 297 3.30 -8.22 8.86
HE2 MSE A 297 4.84 -8.61 8.98
HE3 MSE A 297 4.39 -7.41 8.04
N THR A 298 8.72 -8.81 11.42
CA THR A 298 8.85 -9.69 12.62
C THR A 298 10.20 -9.43 13.29
N SER A 299 11.28 -9.36 12.49
CA SER A 299 12.66 -9.16 12.98
C SER A 299 12.74 -7.79 13.67
N GLN A 300 12.13 -6.76 13.05
CA GLN A 300 12.10 -5.40 13.60
C GLN A 300 11.38 -5.41 14.95
N THR A 301 10.16 -5.96 14.96
CA THR A 301 9.33 -6.11 16.16
C THR A 301 10.17 -6.82 17.22
N PHE A 302 10.94 -7.84 16.81
CA PHE A 302 11.74 -8.68 17.73
C PHE A 302 12.83 -7.79 18.37
N VAL A 303 13.55 -7.03 17.55
CA VAL A 303 14.68 -6.20 18.07
C VAL A 303 14.08 -5.16 19.00
N ASP A 304 12.95 -4.57 18.61
CA ASP A 304 12.20 -3.55 19.39
C ASP A 304 11.87 -4.12 20.77
N ARG A 305 11.32 -5.34 20.84
CA ARG A 305 10.91 -5.95 22.12
C ARG A 305 12.14 -6.32 22.97
N ALA A 306 13.26 -6.62 22.31
CA ALA A 306 14.54 -6.97 22.97
C ALA A 306 15.10 -5.73 23.69
N SER A 307 15.22 -4.62 22.95
CA SER A 307 15.64 -3.31 23.50
C SER A 307 14.79 -2.99 24.73
N GLN A 308 13.47 -3.20 24.64
CA GLN A 308 12.53 -2.98 25.77
C GLN A 308 12.90 -3.90 26.94
N ALA A 309 13.12 -5.18 26.68
CA ALA A 309 13.52 -6.18 27.70
C ALA A 309 14.94 -5.89 28.21
N GLY A 310 15.70 -5.01 27.57
CA GLY A 310 17.10 -4.72 27.93
C GLY A 310 18.02 -5.86 27.55
N VAL A 311 17.72 -6.55 26.45
CA VAL A 311 18.50 -7.69 25.89
C VAL A 311 19.20 -7.20 24.62
N GLU A 312 20.53 -7.10 24.67
CA GLU A 312 21.35 -6.62 23.53
C GLU A 312 21.23 -7.61 22.37
N VAL A 313 20.97 -7.10 21.16
CA VAL A 313 20.85 -7.89 19.91
C VAL A 313 21.67 -7.19 18.82
N VAL A 314 22.36 -7.98 17.99
CA VAL A 314 23.07 -7.48 16.77
C VAL A 314 22.10 -7.64 15.60
N ALA A 315 21.72 -6.52 14.98
CA ALA A 315 20.72 -6.43 13.90
C ALA A 315 21.44 -6.23 12.57
N SER A 316 20.95 -6.84 11.48
CA SER A 316 21.47 -6.57 10.11
C SER A 316 20.31 -6.43 9.14
N PHE A 317 19.90 -5.19 8.87
CA PHE A 317 18.81 -4.85 7.91
C PHE A 317 19.38 -4.13 6.70
N ARG A 318 20.71 -4.07 6.62
CA ARG A 318 21.53 -3.44 5.56
C ARG A 318 21.09 -4.00 4.20
N PRO A 319 21.18 -3.20 3.11
CA PRO A 319 21.00 -3.71 1.76
C PRO A 319 22.24 -4.47 1.28
N SER A 320 22.09 -5.35 0.28
CA SER A 320 23.19 -6.16 -0.27
C SER A 320 22.94 -6.44 -1.75
N GLY A 321 24.03 -6.57 -2.52
CA GLY A 321 23.99 -6.90 -3.96
C GLY A 321 23.78 -8.38 -4.18
N VAL A 322 23.75 -9.15 -3.10
CA VAL A 322 23.58 -10.63 -3.12
C VAL A 322 22.22 -10.94 -2.47
N HIS A 323 21.53 -11.95 -3.00
CA HIS A 323 20.17 -12.35 -2.54
C HIS A 323 20.15 -13.82 -2.17
N SER A 324 19.08 -14.21 -1.46
CA SER A 324 18.76 -15.61 -1.06
C SER A 324 20.03 -16.29 -0.52
N TRP A 325 20.35 -17.47 -1.06
CA TRP A 325 21.29 -18.44 -0.44
C TRP A 325 22.65 -17.78 -0.19
N GLU A 326 23.21 -17.12 -1.21
CA GLU A 326 24.52 -16.45 -1.11
C GLU A 326 24.44 -15.39 -0.01
N TYR A 327 23.30 -14.70 0.10
CA TYR A 327 23.05 -13.64 1.11
C TYR A 327 23.06 -14.29 2.50
N TRP A 328 22.37 -15.42 2.66
CA TRP A 328 22.23 -16.12 3.95
C TRP A 328 23.60 -16.59 4.44
N GLN A 329 24.38 -17.20 3.55
CA GLN A 329 25.76 -17.63 3.86
C GLN A 329 26.59 -16.40 4.24
N PHE A 330 26.39 -15.28 3.54
CA PHE A 330 27.07 -14.00 3.87
C PHE A 330 26.77 -13.64 5.35
N GLU A 331 25.49 -13.68 5.73
CA GLU A 331 25.05 -13.33 7.10
C GLU A 331 25.69 -14.32 8.07
N MSE A 332 25.81 -15.60 7.69
CA MSE A 332 26.50 -16.60 8.53
C MSE A 332 27.89 -16.07 8.89
O MSE A 332 28.23 -16.04 10.10
CB MSE A 332 26.57 -17.96 7.84
CG MSE A 332 27.36 -19.04 8.60
SE MSE A 332 26.68 -19.55 10.40
CE MSE A 332 25.24 -20.73 9.79
H MSE A 332 25.44 -15.88 6.79
HA MSE A 332 25.98 -16.72 9.36
HB2 MSE A 332 26.98 -17.85 6.99
HB3 MSE A 332 25.68 -18.29 7.72
HG2 MSE A 332 28.27 -18.74 8.73
HG3 MSE A 332 27.38 -19.87 8.07
HE1 MSE A 332 24.77 -21.09 10.57
HE2 MSE A 332 25.61 -21.46 9.27
HE3 MSE A 332 24.61 -20.23 9.25
N THR A 333 28.65 -15.65 7.87
CA THR A 333 30.05 -15.21 8.03
C THR A 333 30.08 -13.90 8.83
N GLN A 334 29.02 -13.08 8.71
CA GLN A 334 28.86 -11.83 9.49
C GLN A 334 28.68 -12.16 10.97
N ALA A 335 27.95 -13.24 11.25
CA ALA A 335 27.58 -13.67 12.61
C ALA A 335 28.76 -14.41 13.26
N PHE A 336 29.54 -15.14 12.45
CA PHE A 336 30.55 -16.10 12.96
C PHE A 336 31.44 -15.45 14.01
N PRO A 337 32.02 -14.26 13.79
CA PRO A 337 32.86 -13.63 14.81
C PRO A 337 32.17 -13.54 16.18
N HIS A 338 30.85 -13.28 16.18
CA HIS A 338 30.02 -13.20 17.41
C HIS A 338 29.78 -14.61 17.98
N ILE A 339 29.59 -15.61 17.11
CA ILE A 339 29.48 -17.05 17.47
C ILE A 339 30.77 -17.41 18.21
N ALA A 340 31.92 -17.20 17.55
CA ALA A 340 33.26 -17.51 18.08
C ALA A 340 33.44 -16.87 19.46
N ASN A 341 32.98 -15.62 19.62
CA ASN A 341 33.07 -14.89 20.90
C ASN A 341 32.24 -15.63 21.95
N ALA A 342 30.97 -15.92 21.64
CA ALA A 342 29.99 -16.56 22.54
C ALA A 342 30.49 -17.94 22.98
N LEU A 343 31.15 -18.67 22.08
CA LEU A 343 31.62 -20.07 22.32
C LEU A 343 33.05 -20.06 22.87
N GLY A 344 33.67 -18.87 22.97
CA GLY A 344 35.02 -18.68 23.53
C GLY A 344 36.11 -19.37 22.70
N MSE A 345 35.95 -19.43 21.38
CA MSE A 345 36.98 -20.04 20.49
C MSE A 345 38.17 -19.09 20.41
O MSE A 345 37.96 -17.85 20.33
CB MSE A 345 36.46 -20.29 19.08
CG MSE A 345 35.05 -20.77 19.00
SE MSE A 345 34.81 -21.25 17.11
CE MSE A 345 32.90 -21.16 16.84
H MSE A 345 35.11 -19.03 20.96
HA MSE A 345 37.27 -20.88 20.89
HB2 MSE A 345 37.01 -20.94 18.66
HB3 MSE A 345 36.50 -19.47 18.59
HG2 MSE A 345 34.44 -20.06 19.28
HG3 MSE A 345 34.94 -21.54 19.60
HE1 MSE A 345 32.70 -21.39 15.91
HE2 MSE A 345 32.59 -20.26 17.03
HE3 MSE A 345 32.47 -21.79 17.43
N SER A 346 39.38 -19.65 20.36
CA SER A 346 40.65 -18.88 20.29
C SER A 346 40.79 -18.26 18.89
N THR A 347 41.73 -17.34 18.73
CA THR A 347 42.06 -16.69 17.43
C THR A 347 42.47 -17.78 16.44
N GLU A 348 43.33 -18.71 16.87
CA GLU A 348 43.90 -19.79 16.02
C GLU A 348 42.80 -20.77 15.63
N ASP A 349 41.66 -20.74 16.32
CA ASP A 349 40.50 -21.64 16.06
C ASP A 349 39.64 -21.08 14.94
N ARG A 350 39.65 -19.75 14.77
CA ARG A 350 38.64 -19.00 13.98
C ARG A 350 38.99 -19.05 12.49
N GLY A 351 40.27 -19.19 12.15
CA GLY A 351 40.77 -19.22 10.76
C GLY A 351 40.50 -17.91 10.07
N VAL A 352 40.14 -17.95 8.79
CA VAL A 352 39.78 -16.73 8.02
C VAL A 352 38.29 -16.45 8.21
N GLU A 353 37.95 -15.45 9.02
CA GLU A 353 36.55 -15.14 9.45
C GLU A 353 35.72 -14.56 8.30
N CYS A 354 36.33 -13.78 7.41
CA CYS A 354 35.66 -13.00 6.33
C CYS A 354 35.76 -13.73 4.98
N ALA A 355 34.87 -13.41 4.03
CA ALA A 355 34.77 -14.12 2.74
C ALA A 355 34.07 -13.26 1.69
N PRO A 356 34.73 -13.03 0.53
CA PRO A 356 34.14 -12.24 -0.55
C PRO A 356 32.96 -12.95 -1.23
N VAL A 357 31.98 -12.16 -1.65
CA VAL A 357 30.71 -12.64 -2.28
C VAL A 357 30.39 -11.78 -3.50
N GLY A 358 29.55 -12.32 -4.38
CA GLY A 358 28.97 -11.62 -5.54
C GLY A 358 30.06 -11.04 -6.45
N ALA A 359 29.91 -9.76 -6.79
CA ALA A 359 30.70 -9.08 -7.84
C ALA A 359 32.15 -8.87 -7.37
N ILE A 360 32.35 -8.46 -6.10
CA ILE A 360 33.70 -8.28 -5.49
C ILE A 360 34.46 -9.60 -5.51
N ALA A 361 33.77 -10.71 -5.24
CA ALA A 361 34.36 -12.07 -5.25
C ALA A 361 34.87 -12.41 -6.66
N ASP A 362 34.09 -12.09 -7.70
CA ASP A 362 34.44 -12.38 -9.12
C ASP A 362 35.68 -11.57 -9.53
N ALA A 363 35.77 -10.31 -9.09
CA ALA A 363 36.85 -9.38 -9.44
C ALA A 363 38.12 -9.70 -8.63
N VAL A 364 37.99 -10.41 -7.52
CA VAL A 364 39.14 -10.73 -6.63
C VAL A 364 39.67 -12.14 -6.92
N ALA A 365 39.03 -12.86 -7.86
CA ALA A 365 39.34 -14.25 -8.29
C ALA A 365 40.81 -14.43 -8.70
N ASP A 366 41.45 -13.41 -9.29
CA ASP A 366 42.90 -13.40 -9.64
C ASP A 366 43.70 -13.95 -8.47
N GLY A 367 43.43 -13.43 -7.26
CA GLY A 367 44.19 -13.73 -6.03
C GLY A 367 45.10 -12.58 -5.67
N ALA A 368 45.23 -11.62 -6.59
CA ALA A 368 46.09 -10.41 -6.53
C ALA A 368 45.93 -9.69 -5.17
N MSE A 369 44.70 -9.59 -4.69
CA MSE A 369 44.36 -8.71 -3.54
C MSE A 369 44.87 -9.30 -2.23
O MSE A 369 45.05 -8.54 -1.26
CB MSE A 369 42.84 -8.52 -3.50
CG MSE A 369 42.25 -7.98 -4.78
SE MSE A 369 42.76 -6.10 -5.00
CE MSE A 369 42.65 -5.15 -3.27
H MSE A 369 43.98 -10.13 -5.13
HA MSE A 369 44.79 -7.83 -3.68
HB2 MSE A 369 42.64 -7.91 -2.80
HB3 MSE A 369 42.44 -9.36 -3.33
HG2 MSE A 369 41.27 -8.06 -4.75
HG3 MSE A 369 42.57 -8.50 -5.55
HE1 MSE A 369 42.91 -4.23 -3.40
HE2 MSE A 369 43.25 -5.57 -2.63
HE3 MSE A 369 41.74 -5.19 -2.94
N GLY A 370 45.04 -10.62 -2.19
CA GLY A 370 45.45 -11.35 -0.98
C GLY A 370 44.27 -11.81 -0.15
N THR A 371 44.57 -12.20 1.09
CA THR A 371 43.64 -12.68 2.13
C THR A 371 42.77 -11.48 2.57
N CYS A 372 41.43 -11.60 2.50
CA CYS A 372 40.49 -10.51 2.92
C CYS A 372 40.65 -10.24 4.41
N LEU A 373 40.62 -8.97 4.82
CA LEU A 373 40.77 -8.53 6.24
C LEU A 373 39.39 -8.25 6.85
N THR A 374 38.38 -8.02 6.01
CA THR A 374 36.97 -7.74 6.40
C THR A 374 36.03 -8.22 5.29
N ASN A 375 34.73 -8.26 5.61
CA ASN A 375 33.68 -8.57 4.61
C ASN A 375 33.30 -7.29 3.90
N GLU A 376 32.49 -7.39 2.83
CA GLU A 376 31.72 -6.25 2.27
C GLU A 376 31.16 -5.43 3.43
N TYR A 377 31.40 -4.11 3.45
CA TYR A 377 30.75 -3.14 4.36
C TYR A 377 30.19 -2.01 3.52
N ASP A 378 29.10 -1.39 3.97
CA ASP A 378 28.42 -0.29 3.24
C ASP A 378 29.33 0.95 3.22
N VAL A 379 29.52 1.51 2.02
CA VAL A 379 30.05 2.87 1.76
C VAL A 379 29.01 3.55 0.87
N THR A 380 29.08 4.86 0.67
CA THR A 380 27.95 5.70 0.19
C THR A 380 27.16 5.01 -0.94
N GLY A 381 27.74 4.79 -2.12
CA GLY A 381 26.95 4.39 -3.29
C GLY A 381 26.80 2.88 -3.41
N GLY A 382 27.43 2.12 -2.50
CA GLY A 382 27.61 0.67 -2.65
C GLY A 382 28.50 0.08 -1.57
N LYS A 383 29.46 -0.79 -1.92
CA LYS A 383 30.21 -1.58 -0.91
C LYS A 383 31.72 -1.55 -1.17
N ALA A 384 32.47 -1.68 -0.08
CA ALA A 384 33.96 -1.76 -0.05
C ALA A 384 34.37 -2.91 0.87
N GLN A 385 35.47 -3.58 0.52
CA GLN A 385 36.00 -4.76 1.24
C GLN A 385 37.52 -4.61 1.39
N ASP A 386 38.07 -4.71 2.60
CA ASP A 386 39.53 -4.59 2.84
C ASP A 386 40.24 -5.91 2.51
N PHE A 387 41.47 -5.83 2.01
CA PHE A 387 42.37 -7.00 1.73
C PHE A 387 43.80 -6.65 2.16
N ALA A 388 44.68 -7.65 2.17
CA ALA A 388 46.10 -7.50 2.57
C ALA A 388 46.76 -6.46 1.67
N ASN A 389 46.54 -6.58 0.37
CA ASN A 389 47.28 -5.86 -0.70
C ASN A 389 46.55 -4.56 -1.11
N GLY A 390 45.28 -4.40 -0.75
CA GLY A 390 44.52 -3.15 -1.00
C GLY A 390 43.06 -3.27 -0.63
N ARG A 391 42.21 -2.47 -1.27
CA ARG A 391 40.74 -2.41 -1.03
C ARG A 391 40.01 -2.66 -2.35
N ALA A 392 38.85 -3.30 -2.28
CA ALA A 392 37.95 -3.50 -3.44
C ALA A 392 36.75 -2.57 -3.27
N TYR A 393 36.13 -2.17 -4.38
CA TYR A 393 34.98 -1.24 -4.41
C TYR A 393 33.98 -1.76 -5.44
N TRP A 394 32.69 -1.56 -5.16
CA TRP A 394 31.56 -1.99 -6.02
C TRP A 394 30.35 -1.09 -5.85
N SER A 395 29.67 -0.79 -6.96
CA SER A 395 28.33 -0.14 -7.04
C SER A 395 27.56 -0.78 -8.20
N ALA A 396 26.24 -0.93 -8.06
CA ALA A 396 25.38 -1.58 -9.07
C ALA A 396 25.68 -1.02 -10.46
N ASN A 397 25.97 0.29 -10.54
CA ASN A 397 26.28 1.07 -11.77
C ASN A 397 27.65 0.64 -12.34
N THR A 398 28.73 0.79 -11.55
CA THR A 398 30.15 0.71 -12.01
C THR A 398 30.60 -0.75 -12.12
N GLY A 399 30.16 -1.61 -11.21
CA GLY A 399 30.72 -2.96 -11.01
C GLY A 399 31.85 -2.95 -9.98
N ALA A 400 32.59 -4.06 -9.92
CA ALA A 400 33.57 -4.35 -8.85
C ALA A 400 34.99 -4.31 -9.42
N PHE A 401 35.92 -3.70 -8.66
CA PHE A 401 37.34 -3.50 -9.02
C PHE A 401 38.19 -3.47 -7.74
N GLY A 402 39.30 -4.21 -7.74
CA GLY A 402 40.29 -4.22 -6.64
C GLY A 402 41.39 -3.23 -6.95
N LEU A 403 41.65 -2.28 -6.03
CA LEU A 403 42.70 -1.24 -6.21
C LEU A 403 43.83 -1.54 -5.22
N VAL A 404 45.08 -1.35 -5.63
CA VAL A 404 46.25 -1.66 -4.77
C VAL A 404 47.19 -0.47 -4.69
N GLY A 405 48.14 -0.57 -3.76
CA GLY A 405 49.31 0.30 -3.60
C GLY A 405 48.92 1.75 -3.43
N ARG A 406 49.71 2.63 -4.03
CA ARG A 406 49.71 4.09 -3.74
C ARG A 406 48.50 4.77 -4.35
N ILE A 407 48.06 4.35 -5.54
CA ILE A 407 46.77 4.84 -6.14
C ILE A 407 45.66 4.64 -5.10
N ASN A 408 45.49 3.39 -4.64
CA ASN A 408 44.44 3.02 -3.68
C ASN A 408 44.64 3.82 -2.39
N ALA A 409 45.88 3.96 -1.93
CA ALA A 409 46.23 4.72 -0.70
C ALA A 409 45.71 6.16 -0.81
N ARG A 410 45.81 6.76 -2.01
CA ARG A 410 45.31 8.13 -2.27
C ARG A 410 43.79 8.11 -2.34
N TYR A 411 43.20 7.25 -3.19
CA TYR A 411 41.73 7.14 -3.34
C TYR A 411 41.08 7.05 -1.96
N SER A 412 41.69 6.34 -1.01
CA SER A 412 41.23 6.22 0.39
C SER A 412 41.40 7.55 1.13
N GLU A 413 42.59 8.13 1.08
CA GLU A 413 42.90 9.46 1.67
C GLU A 413 41.76 10.44 1.32
N LEU A 414 41.18 10.31 0.12
CA LEU A 414 40.14 11.22 -0.41
C LEU A 414 38.75 10.87 0.14
N GLY A 415 38.54 9.62 0.57
CA GLY A 415 37.24 9.12 1.08
C GLY A 415 36.61 8.07 0.17
N GLY A 416 37.41 7.45 -0.70
CA GLY A 416 36.92 6.44 -1.66
C GLY A 416 35.69 6.97 -2.40
N PRO A 417 34.62 6.17 -2.57
CA PRO A 417 33.46 6.61 -3.35
C PRO A 417 32.65 7.77 -2.73
N ALA A 418 32.93 8.13 -1.46
CA ALA A 418 32.39 9.34 -0.80
C ALA A 418 32.96 10.59 -1.47
N SER A 419 34.25 10.59 -1.83
CA SER A 419 34.92 11.69 -2.56
C SER A 419 34.31 11.87 -3.96
N TRP A 420 34.53 13.04 -4.54
CA TRP A 420 33.90 13.51 -5.80
C TRP A 420 34.20 12.58 -6.98
N LEU A 421 35.23 11.73 -6.85
CA LEU A 421 35.72 10.83 -7.94
C LEU A 421 34.62 9.85 -8.34
N GLY A 422 33.84 9.39 -7.34
CA GLY A 422 32.84 8.32 -7.48
C GLY A 422 33.50 6.95 -7.44
N TYR A 423 32.90 5.96 -8.09
CA TYR A 423 33.39 4.55 -8.03
C TYR A 423 34.46 4.33 -9.09
N PRO A 424 35.44 3.45 -8.82
CA PRO A 424 36.39 3.01 -9.84
C PRO A 424 35.68 2.31 -11.00
N THR A 425 36.12 2.60 -12.22
CA THR A 425 35.59 2.06 -13.51
C THR A 425 36.62 1.10 -14.13
N SER A 426 37.75 0.87 -13.42
CA SER A 426 38.88 -0.02 -13.83
C SER A 426 39.71 -0.46 -12.61
N SER A 427 40.58 -1.47 -12.81
CA SER A 427 41.71 -1.84 -11.89
C SER A 427 42.94 -1.01 -12.27
N GLU A 428 44.08 -1.22 -11.61
CA GLU A 428 45.33 -0.44 -11.85
C GLU A 428 45.84 -0.79 -13.25
N LEU A 429 45.95 0.18 -14.15
CA LEU A 429 46.37 -0.01 -15.57
C LEU A 429 47.75 0.62 -15.80
N LYS A 430 48.46 0.12 -16.82
CA LYS A 430 49.84 0.53 -17.18
C LYS A 430 49.76 1.52 -18.35
N THR A 431 50.57 2.57 -18.32
CA THR A 431 50.73 3.56 -19.43
C THR A 431 51.73 2.99 -20.43
N PRO A 432 51.61 3.30 -21.75
CA PRO A 432 52.52 2.74 -22.76
C PRO A 432 54.01 3.06 -22.59
N ASP A 433 54.36 4.11 -21.85
CA ASP A 433 55.78 4.42 -21.51
C ASP A 433 56.30 3.48 -20.42
N GLY A 434 55.40 2.74 -19.76
CA GLY A 434 55.74 1.67 -18.81
C GLY A 434 56.32 2.19 -17.50
N ARG A 435 56.24 3.50 -17.23
CA ARG A 435 56.68 4.09 -15.95
C ARG A 435 55.44 4.59 -15.17
N GLY A 436 54.30 4.70 -15.84
CA GLY A 436 53.05 5.20 -15.25
C GLY A 436 52.07 4.08 -14.97
N ARG A 437 51.27 4.27 -13.92
CA ARG A 437 50.06 3.47 -13.59
C ARG A 437 48.91 4.45 -13.35
N PHE A 438 47.70 4.07 -13.76
CA PHE A 438 46.48 4.87 -13.50
C PHE A 438 45.25 3.98 -13.27
N VAL A 439 44.30 4.53 -12.52
CA VAL A 439 42.94 3.96 -12.31
C VAL A 439 41.92 5.01 -12.78
N THR A 440 40.91 4.55 -13.53
CA THR A 440 39.80 5.40 -14.01
C THR A 440 38.66 5.31 -12.98
N PHE A 441 37.96 6.42 -12.80
CA PHE A 441 36.78 6.57 -11.90
C PHE A 441 35.65 7.23 -12.72
N GLU A 442 34.48 7.34 -12.10
CA GLU A 442 33.26 7.93 -12.70
C GLU A 442 33.51 9.39 -13.09
N HIS A 443 34.20 10.15 -12.22
CA HIS A 443 34.32 11.63 -12.31
C HIS A 443 35.81 12.05 -12.31
N GLY A 444 36.69 11.19 -12.80
CA GLY A 444 38.12 11.52 -12.96
C GLY A 444 38.99 10.28 -13.12
N SER A 445 40.30 10.46 -12.87
CA SER A 445 41.33 9.40 -12.86
C SER A 445 42.37 9.72 -11.77
N ILE A 446 43.08 8.70 -11.30
CA ILE A 446 44.32 8.86 -10.49
C ILE A 446 45.48 8.30 -11.31
N TYR A 447 46.55 9.09 -11.47
CA TYR A 447 47.80 8.70 -12.16
C TYR A 447 48.93 8.66 -11.12
N TRP A 448 49.86 7.73 -11.31
CA TRP A 448 51.03 7.50 -10.41
C TRP A 448 52.27 7.12 -11.21
N THR A 449 53.42 7.67 -10.80
CA THR A 449 54.78 7.17 -11.11
C THR A 449 55.59 7.13 -9.81
N ALA A 450 56.66 6.34 -9.79
CA ALA A 450 57.54 6.20 -8.61
C ALA A 450 57.98 7.60 -8.14
N THR A 451 58.09 8.56 -9.06
CA THR A 451 58.73 9.88 -8.82
C THR A 451 57.68 10.99 -8.67
N THR A 452 56.53 10.94 -9.35
CA THR A 452 55.49 12.01 -9.22
C THR A 452 54.59 11.74 -8.02
N GLY A 453 54.22 10.47 -7.79
CA GLY A 453 53.26 10.08 -6.75
C GLY A 453 51.84 9.88 -7.31
N PRO A 454 50.87 9.57 -6.42
CA PRO A 454 49.48 9.36 -6.81
C PRO A 454 48.66 10.64 -6.72
N TRP A 455 48.06 11.06 -7.84
CA TRP A 455 47.28 12.32 -7.91
C TRP A 455 46.02 12.12 -8.75
N GLU A 456 44.92 12.70 -8.28
CA GLU A 456 43.58 12.64 -8.90
C GLU A 456 43.41 13.89 -9.78
N ILE A 457 42.99 13.68 -11.03
CA ILE A 457 42.67 14.76 -12.00
C ILE A 457 41.17 14.73 -12.25
N PRO A 458 40.43 15.83 -11.97
CA PRO A 458 39.00 15.88 -12.25
C PRO A 458 38.70 15.67 -13.75
N GLY A 459 37.64 14.94 -14.07
CA GLY A 459 37.24 14.48 -15.41
C GLY A 459 37.37 15.52 -16.52
N ASP A 460 36.91 16.75 -16.28
CA ASP A 460 36.94 17.89 -17.25
C ASP A 460 38.41 18.27 -17.52
N MSE A 461 39.18 18.50 -16.45
CA MSE A 461 40.61 18.85 -16.52
C MSE A 461 41.36 17.71 -17.22
O MSE A 461 42.28 17.98 -18.01
CB MSE A 461 41.14 19.15 -15.12
CG MSE A 461 40.35 20.24 -14.42
SE MSE A 461 41.08 20.68 -12.67
CE MSE A 461 42.96 21.07 -12.99
H MSE A 461 38.74 18.43 -15.55
HA MSE A 461 40.71 19.67 -17.06
HB2 MSE A 461 42.05 19.44 -15.19
HB3 MSE A 461 41.10 18.36 -14.60
HG2 MSE A 461 39.42 19.93 -14.31
HG3 MSE A 461 40.34 21.04 -14.98
HE1 MSE A 461 43.39 21.31 -12.16
HE2 MSE A 461 43.02 21.83 -13.62
HE3 MSE A 461 43.39 20.30 -13.38
N LEU A 462 40.93 16.48 -16.97
CA LEU A 462 41.48 15.26 -17.61
C LEU A 462 41.31 15.31 -19.12
N ALA A 463 40.13 15.69 -19.62
CA ALA A 463 39.82 15.75 -21.07
C ALA A 463 40.69 16.82 -21.74
N ALA A 464 40.95 17.93 -21.03
CA ALA A 464 41.78 19.07 -21.48
C ALA A 464 43.23 18.60 -21.63
N TRP A 465 43.77 18.00 -20.56
CA TRP A 465 45.08 17.31 -20.53
C TRP A 465 45.18 16.30 -21.68
N GLY A 466 44.05 15.69 -22.04
CA GLY A 466 43.91 14.76 -23.17
C GLY A 466 44.20 15.41 -24.51
N THR A 467 43.75 16.64 -24.74
CA THR A 467 43.90 17.37 -26.03
C THR A 467 45.40 17.51 -26.39
N GLN A 468 46.28 17.40 -25.40
CA GLN A 468 47.77 17.50 -25.54
C GLN A 468 48.39 16.09 -25.46
N ASP A 469 47.56 15.07 -25.18
CA ASP A 469 47.83 13.60 -25.24
C ASP A 469 48.32 13.09 -23.87
N TYR A 470 47.77 13.64 -22.79
CA TYR A 470 47.87 13.12 -21.40
C TYR A 470 49.35 13.06 -20.98
N GLU A 471 49.86 11.87 -20.68
CA GLU A 471 51.26 11.65 -20.18
C GLU A 471 52.23 11.69 -21.38
N LYS A 472 51.74 11.32 -22.57
CA LYS A 472 52.53 11.27 -23.84
C LYS A 472 52.97 12.69 -24.27
N GLY A 473 52.24 13.74 -23.91
CA GLY A 473 52.59 15.14 -24.22
C GLY A 473 53.53 15.76 -23.19
N SER A 474 54.09 16.94 -23.51
CA SER A 474 55.01 17.76 -22.67
C SER A 474 54.63 17.75 -21.19
N LEU A 475 53.34 17.94 -20.89
CA LEU A 475 52.76 18.12 -19.52
C LEU A 475 53.13 16.95 -18.61
N GLY A 476 53.16 15.74 -19.16
CA GLY A 476 53.52 14.51 -18.43
C GLY A 476 52.50 14.16 -17.36
N TYR A 477 52.97 13.89 -16.14
CA TYR A 477 52.14 13.35 -15.03
C TYR A 477 51.84 14.45 -14.03
N PRO A 478 50.68 14.39 -13.35
CA PRO A 478 50.37 15.32 -12.26
C PRO A 478 51.38 15.15 -11.11
N THR A 479 51.77 16.26 -10.49
CA THR A 479 52.79 16.33 -9.39
C THR A 479 52.14 16.87 -8.11
N GLY A 480 50.85 17.21 -8.15
CA GLY A 480 50.04 17.72 -7.02
C GLY A 480 48.56 17.71 -7.35
N ALA A 481 47.73 18.18 -6.42
CA ALA A 481 46.26 18.15 -6.51
C ALA A 481 45.78 19.46 -7.13
N ALA A 482 44.63 19.45 -7.81
CA ALA A 482 43.91 20.67 -8.23
C ALA A 482 43.57 21.47 -6.95
N VAL A 483 44.04 22.71 -6.85
CA VAL A 483 43.89 23.57 -5.64
C VAL A 483 43.14 24.86 -6.03
N GLU A 484 42.55 25.56 -5.05
CA GLU A 484 41.97 26.91 -5.22
C GLU A 484 43.01 27.77 -5.94
N TYR A 485 42.61 28.38 -7.06
CA TYR A 485 43.40 29.39 -7.81
C TYR A 485 42.43 30.47 -8.31
N ASN A 486 42.43 31.64 -7.65
CA ASN A 486 41.67 32.86 -8.06
C ASN A 486 40.28 32.45 -8.57
N GLY A 487 39.45 31.84 -7.70
CA GLY A 487 38.09 31.40 -8.04
C GLY A 487 38.07 30.42 -9.21
N GLY A 488 39.11 29.58 -9.29
CA GLY A 488 39.23 28.47 -10.26
C GLY A 488 40.12 27.38 -9.69
N LEU A 489 40.57 26.45 -10.51
CA LEU A 489 41.47 25.36 -10.05
C LEU A 489 42.72 25.34 -10.91
N ARG A 490 43.87 25.11 -10.27
CA ARG A 490 45.20 24.92 -10.91
C ARG A 490 45.90 23.69 -10.33
N GLN A 491 46.05 22.64 -11.14
CA GLN A 491 46.79 21.40 -10.81
C GLN A 491 48.13 21.40 -11.56
N GLN A 492 49.22 21.27 -10.81
CA GLN A 492 50.59 21.25 -11.38
C GLN A 492 50.84 19.90 -12.06
N PHE A 493 51.67 19.91 -13.10
CA PHE A 493 52.12 18.70 -13.83
C PHE A 493 53.63 18.81 -14.04
N GLU A 494 54.23 17.78 -14.62
CA GLU A 494 55.67 17.79 -14.94
C GLU A 494 55.93 18.97 -15.88
N GLY A 495 55.15 19.03 -16.97
CA GLY A 495 55.43 19.87 -18.15
C GLY A 495 54.72 21.22 -18.13
N GLY A 496 53.78 21.43 -17.20
CA GLY A 496 53.11 22.74 -17.03
C GLY A 496 52.07 22.74 -15.90
N TYR A 497 50.83 23.12 -16.23
CA TYR A 497 49.64 23.19 -15.34
C TYR A 497 48.35 22.99 -16.14
N VAL A 498 47.31 22.40 -15.52
CA VAL A 498 45.93 22.35 -16.07
C VAL A 498 45.02 23.18 -15.17
N PHE A 499 43.99 23.81 -15.75
CA PHE A 499 43.12 24.83 -15.11
C PHE A 499 41.64 24.46 -15.23
N ARG A 500 40.86 24.88 -14.21
CA ARG A 500 39.39 25.02 -14.27
C ARG A 500 39.08 26.51 -14.09
N THR A 501 38.49 27.15 -15.12
CA THR A 501 38.29 28.62 -15.19
C THR A 501 37.10 29.02 -14.30
N SER A 502 37.02 30.30 -13.92
CA SER A 502 35.88 30.81 -13.10
C SER A 502 34.59 30.62 -13.88
N ASN A 503 34.63 30.48 -15.21
CA ASN A 503 33.42 30.21 -16.04
C ASN A 503 33.36 28.73 -16.38
N ASN A 504 33.94 27.88 -15.52
CA ASN A 504 33.89 26.39 -15.56
C ASN A 504 34.23 25.86 -16.96
N GLN A 505 35.45 26.14 -17.42
CA GLN A 505 36.06 25.47 -18.60
C GLN A 505 37.44 24.93 -18.17
N SER A 506 38.06 24.13 -19.02
CA SER A 506 39.39 23.53 -18.74
C SER A 506 40.35 23.77 -19.90
N TYR A 507 41.47 24.44 -19.59
CA TYR A 507 42.60 24.66 -20.51
C TYR A 507 43.89 24.42 -19.74
N TRP A 508 44.95 24.00 -20.45
CA TRP A 508 46.31 23.74 -19.91
C TRP A 508 47.29 24.79 -20.45
N VAL A 509 48.40 24.95 -19.76
CA VAL A 509 49.48 25.94 -20.05
C VAL A 509 50.80 25.17 -19.89
N ARG A 510 51.73 25.30 -20.85
CA ARG A 510 52.93 24.42 -20.91
C ARG A 510 54.21 25.23 -21.17
N GLY A 511 55.36 24.63 -20.87
CA GLY A 511 56.71 25.10 -21.24
C GLY A 511 56.93 26.56 -20.84
N GLU A 512 57.46 27.36 -21.78
CA GLU A 512 57.98 28.72 -21.49
C GLU A 512 56.81 29.68 -21.25
N ILE A 513 55.70 29.51 -21.97
CA ILE A 513 54.46 30.32 -21.77
C ILE A 513 54.00 30.13 -20.32
N SER A 514 53.96 28.86 -19.87
CA SER A 514 53.57 28.44 -18.50
C SER A 514 54.45 29.11 -17.45
N LYS A 515 55.77 29.13 -17.67
CA LYS A 515 56.74 29.72 -16.70
C LYS A 515 56.34 31.18 -16.47
N LYS A 516 56.01 31.87 -17.56
CA LYS A 516 55.59 33.30 -17.56
C LYS A 516 54.26 33.43 -16.81
N TYR A 517 53.20 32.78 -17.30
CA TYR A 517 51.82 32.90 -16.80
C TYR A 517 51.81 32.82 -15.26
N ALA A 518 52.68 32.00 -14.69
CA ALA A 518 52.74 31.70 -13.24
C ALA A 518 53.61 32.74 -12.51
N GLU A 519 54.29 33.61 -13.23
CA GLU A 519 55.20 34.61 -12.62
C GLU A 519 54.36 35.65 -11.88
N ASP A 520 54.98 36.25 -10.86
CA ASP A 520 54.41 37.24 -9.92
C ASP A 520 53.62 38.32 -10.69
N GLY A 521 52.30 38.36 -10.54
CA GLY A 521 51.44 39.48 -11.00
C GLY A 521 50.96 39.33 -12.43
N ILE A 522 51.34 38.25 -13.13
CA ILE A 522 50.97 38.05 -14.58
C ILE A 522 49.49 37.67 -14.72
N PHE A 523 48.94 36.88 -13.80
CA PHE A 523 47.52 36.43 -13.86
C PHE A 523 46.60 37.66 -13.72
N ALA A 524 46.96 38.55 -12.79
CA ALA A 524 46.32 39.87 -12.57
C ALA A 524 46.01 40.53 -13.93
N GLN A 525 46.91 40.41 -14.90
CA GLN A 525 46.83 41.12 -16.21
C GLN A 525 46.02 40.36 -17.26
N LEU A 526 46.05 39.02 -17.25
CA LEU A 526 45.52 38.20 -18.37
C LEU A 526 44.20 37.50 -18.00
N GLY A 527 44.03 37.18 -16.70
CA GLY A 527 42.94 36.30 -16.22
C GLY A 527 43.16 34.87 -16.67
N PHE A 528 42.10 34.07 -16.70
CA PHE A 528 42.17 32.63 -17.06
C PHE A 528 42.41 32.50 -18.56
N PRO A 529 43.04 31.40 -19.01
CA PRO A 529 43.09 31.09 -20.44
C PRO A 529 41.70 30.95 -21.07
N THR A 530 41.60 31.27 -22.36
CA THR A 530 40.37 31.12 -23.18
C THR A 530 40.57 30.02 -24.22
N GLY A 531 41.77 29.41 -24.23
CA GLY A 531 42.18 28.33 -25.14
C GLY A 531 43.54 27.75 -24.72
N ASN A 532 43.97 26.67 -25.36
CA ASN A 532 45.27 26.00 -25.07
C ASN A 532 46.34 26.64 -25.96
N GLU A 533 47.61 26.34 -25.74
CA GLU A 533 48.77 26.84 -26.55
C GLU A 533 48.52 26.41 -28.00
N LYS A 534 48.81 27.30 -28.97
CA LYS A 534 48.68 27.03 -30.42
C LYS A 534 50.05 27.26 -31.06
N LEU A 535 50.56 26.24 -31.76
CA LEU A 535 51.87 26.32 -32.47
C LEU A 535 51.65 27.15 -33.75
N ILE A 536 52.44 28.22 -33.90
CA ILE A 536 52.40 29.15 -35.06
C ILE A 536 53.78 29.13 -35.72
N ASN A 537 53.85 29.48 -37.01
CA ASN A 537 55.14 29.71 -37.70
C ASN A 537 56.02 30.59 -36.79
N GLY A 538 57.17 30.06 -36.33
CA GLY A 538 58.20 30.83 -35.59
C GLY A 538 58.18 30.61 -34.08
N GLY A 539 57.09 30.08 -33.54
CA GLY A 539 56.96 29.83 -32.09
C GLY A 539 55.56 29.37 -31.70
N ALA A 540 54.98 29.97 -30.67
CA ALA A 540 53.61 29.66 -30.21
C ALA A 540 53.04 30.84 -29.43
N PHE A 541 51.73 30.80 -29.20
CA PHE A 541 50.97 31.79 -28.39
C PHE A 541 49.76 31.10 -27.76
N GLN A 542 49.30 31.67 -26.66
CA GLN A 542 48.06 31.25 -25.95
C GLN A 542 47.21 32.49 -25.72
N GLU A 543 45.89 32.33 -25.78
CA GLU A 543 44.90 33.42 -25.59
C GLU A 543 44.40 33.39 -24.14
N PHE A 544 44.22 34.56 -23.55
CA PHE A 544 43.69 34.73 -22.18
C PHE A 544 42.51 35.71 -22.23
N GLU A 545 41.82 35.86 -21.10
CA GLU A 545 40.57 36.65 -20.98
C GLU A 545 40.87 38.09 -21.45
N LYS A 546 41.96 38.66 -20.97
CA LYS A 546 42.29 40.09 -21.11
C LYS A 546 43.57 40.30 -21.95
N GLY A 547 44.13 39.25 -22.54
CA GLY A 547 45.35 39.37 -23.38
C GLY A 547 45.85 38.05 -23.96
N ASN A 548 47.07 38.09 -24.50
CA ASN A 548 47.76 36.94 -25.16
C ASN A 548 49.18 36.85 -24.59
N ILE A 549 49.75 35.64 -24.57
CA ILE A 549 51.21 35.43 -24.35
C ILE A 549 51.78 34.86 -25.64
N TYR A 550 52.87 35.46 -26.12
CA TYR A 550 53.61 35.06 -27.33
C TYR A 550 55.01 34.59 -26.90
N TRP A 551 55.50 33.51 -27.52
CA TRP A 551 56.86 32.95 -27.29
C TRP A 551 57.48 32.48 -28.61
N SER A 552 58.78 32.76 -28.77
CA SER A 552 59.67 32.18 -29.80
C SER A 552 61.03 31.87 -29.15
N ALA A 553 61.78 30.94 -29.76
CA ALA A 553 63.16 30.57 -29.38
C ALA A 553 63.96 31.83 -29.02
N SER A 554 63.96 32.83 -29.91
CA SER A 554 64.79 34.07 -29.85
C SER A 554 64.26 35.08 -28.81
N THR A 555 62.95 35.36 -28.82
CA THR A 555 62.32 36.51 -28.09
C THR A 555 62.01 36.13 -26.64
N GLY A 556 61.46 34.93 -26.44
CA GLY A 556 60.97 34.45 -25.14
C GLY A 556 59.46 34.56 -25.06
N ALA A 557 58.89 34.30 -23.88
CA ALA A 557 57.45 34.41 -23.61
C ALA A 557 57.18 35.81 -23.04
N HIS A 558 56.28 36.55 -23.69
CA HIS A 558 55.97 37.96 -23.33
C HIS A 558 54.48 38.22 -23.51
N VAL A 559 53.93 39.06 -22.62
CA VAL A 559 52.50 39.41 -22.48
C VAL A 559 52.20 40.61 -23.37
N ILE A 560 51.12 40.52 -24.17
CA ILE A 560 50.46 41.68 -24.82
C ILE A 560 49.00 41.69 -24.34
N LEU A 561 48.44 42.86 -24.03
CA LEU A 561 47.03 43.00 -23.57
C LEU A 561 46.15 43.34 -24.77
N HIS A 562 44.85 43.03 -24.68
CA HIS A 562 43.79 43.53 -25.60
C HIS A 562 43.79 45.07 -25.53
N GLY A 563 43.59 45.74 -26.65
CA GLY A 563 43.56 47.22 -26.72
C GLY A 563 44.16 47.77 -27.99
N ASP A 564 44.36 49.09 -28.05
CA ASP A 564 44.77 49.83 -29.26
C ASP A 564 46.07 49.22 -29.81
N ILE A 565 47.09 49.02 -28.96
CA ILE A 565 48.43 48.50 -29.36
C ILE A 565 48.26 47.17 -30.10
N PHE A 566 47.41 46.28 -29.56
CA PHE A 566 47.15 44.93 -30.13
C PHE A 566 46.51 45.10 -31.52
N ASP A 567 45.45 45.90 -31.62
CA ASP A 567 44.68 46.11 -32.88
C ASP A 567 45.62 46.62 -33.98
N ALA A 568 46.49 47.58 -33.61
CA ALA A 568 47.48 48.22 -34.52
C ALA A 568 48.46 47.17 -35.02
N TRP A 569 49.07 46.41 -34.10
CA TRP A 569 49.98 45.27 -34.39
C TRP A 569 49.23 44.26 -35.27
N GLY A 570 47.93 44.09 -35.02
CA GLY A 570 47.02 43.27 -35.84
C GLY A 570 46.93 43.75 -37.28
N ALA A 571 46.73 45.05 -37.48
CA ALA A 571 46.66 45.70 -38.81
C ALA A 571 47.89 45.34 -39.65
N LYS A 572 49.01 45.02 -39.02
CA LYS A 572 50.33 44.75 -39.67
C LYS A 572 50.70 43.26 -39.60
N GLY A 573 49.71 42.37 -39.39
CA GLY A 573 49.86 40.90 -39.47
C GLY A 573 50.37 40.26 -38.18
N TRP A 574 50.26 40.97 -37.04
CA TRP A 574 50.75 40.55 -35.70
C TRP A 574 52.19 40.02 -35.84
N GLU A 575 52.49 38.82 -35.32
CA GLU A 575 53.86 38.24 -35.23
C GLU A 575 54.32 37.74 -36.61
N GLN A 576 53.40 37.45 -37.53
CA GLN A 576 53.71 36.96 -38.89
C GLN A 576 54.16 38.13 -39.79
N GLY A 577 53.85 39.37 -39.40
CA GLY A 577 54.08 40.57 -40.22
C GLY A 577 55.31 41.35 -39.81
N GLU A 578 55.36 42.62 -40.22
CA GLU A 578 56.56 43.52 -40.17
C GLU A 578 57.25 43.46 -38.79
N TYR A 579 56.49 43.53 -37.71
CA TYR A 579 57.03 43.75 -36.33
C TYR A 579 57.57 42.44 -35.75
N GLY A 580 56.90 41.31 -36.02
CA GLY A 580 57.27 39.97 -35.52
C GLY A 580 56.76 39.69 -34.11
N PHE A 581 57.55 38.97 -33.32
CA PHE A 581 57.19 38.55 -31.94
C PHE A 581 57.51 39.66 -30.96
N PRO A 582 56.72 39.81 -29.89
CA PRO A 582 57.05 40.71 -28.79
C PRO A 582 58.32 40.28 -28.06
N THR A 583 59.16 41.26 -27.70
CA THR A 583 60.49 41.04 -27.06
C THR A 583 60.49 41.63 -25.64
N SER A 584 59.38 42.25 -25.23
CA SER A 584 59.16 42.76 -23.85
C SER A 584 57.66 42.64 -23.52
N ASP A 585 57.32 42.72 -22.24
CA ASP A 585 55.91 42.71 -21.78
C ASP A 585 55.33 44.11 -22.01
N GLN A 586 54.07 44.21 -22.46
CA GLN A 586 53.33 45.50 -22.52
C GLN A 586 53.35 46.06 -21.09
N THR A 587 53.98 47.21 -20.86
CA THR A 587 54.08 47.83 -19.52
C THR A 587 53.57 49.27 -19.58
N ALA A 588 53.07 49.77 -18.44
CA ALA A 588 52.52 51.14 -18.33
C ALA A 588 53.66 52.12 -18.10
N ILE A 589 53.54 53.34 -18.64
CA ILE A 589 54.58 54.42 -18.55
C ILE A 589 54.00 55.51 -17.65
N THR A 590 53.40 56.56 -18.23
CA THR A 590 52.85 57.73 -17.50
C THR A 590 51.35 57.54 -17.36
N ALA A 591 50.58 58.64 -17.30
CA ALA A 591 49.10 58.65 -17.26
C ALA A 591 48.56 58.09 -18.59
N GLY A 592 48.31 56.77 -18.63
CA GLY A 592 47.75 56.06 -19.80
C GLY A 592 48.84 55.53 -20.72
N GLY A 593 50.10 55.96 -20.54
CA GLY A 593 51.26 55.54 -21.35
C GLY A 593 51.43 54.04 -21.33
N GLN A 594 51.52 53.37 -22.49
CA GLN A 594 51.69 51.90 -22.59
C GLN A 594 52.58 51.56 -23.79
N THR A 595 53.69 50.85 -23.59
CA THR A 595 54.60 50.43 -24.70
C THR A 595 54.75 48.93 -24.73
N ILE A 596 55.27 48.41 -25.84
CA ILE A 596 55.68 46.98 -25.99
C ILE A 596 56.65 46.87 -27.17
N ASP A 597 57.86 46.39 -26.91
CA ASP A 597 58.88 46.18 -27.96
C ASP A 597 58.51 44.93 -28.76
N PHE A 598 58.92 44.91 -30.03
CA PHE A 598 58.83 43.75 -30.95
C PHE A 598 60.25 43.44 -31.45
N GLN A 599 60.38 42.46 -32.35
CA GLN A 599 61.69 42.10 -32.97
C GLN A 599 62.16 43.30 -33.80
N ASN A 600 61.28 43.81 -34.68
CA ASN A 600 61.58 44.86 -35.69
C ASN A 600 60.66 46.07 -35.46
N GLY A 601 60.67 46.65 -34.26
CA GLY A 601 59.95 47.92 -33.97
C GLY A 601 59.42 47.98 -32.55
N THR A 602 58.60 49.00 -32.30
CA THR A 602 57.95 49.35 -30.99
C THR A 602 56.58 49.94 -31.30
N ILE A 603 55.59 49.70 -30.44
CA ILE A 603 54.24 50.34 -30.51
C ILE A 603 53.90 50.89 -29.13
N ARG A 604 53.50 52.15 -29.08
CA ARG A 604 53.07 52.85 -27.86
C ARG A 604 51.62 53.31 -28.05
N GLN A 605 50.99 53.67 -26.93
CA GLN A 605 49.73 54.44 -26.88
C GLN A 605 49.89 55.46 -25.75
N VAL A 606 50.60 56.55 -26.06
CA VAL A 606 50.89 57.68 -25.13
C VAL A 606 49.84 58.78 -25.40
N ASN A 607 49.34 59.39 -24.33
CA ASN A 607 48.32 60.48 -24.31
C ASN A 607 47.19 60.13 -25.28
N GLY A 608 46.73 58.88 -25.28
CA GLY A 608 45.55 58.42 -26.03
C GLY A 608 45.86 58.03 -27.47
N ARG A 609 47.07 58.31 -27.99
CA ARG A 609 47.43 58.10 -29.43
C ARG A 609 48.37 56.92 -29.62
N ILE A 610 48.19 56.16 -30.71
CA ILE A 610 49.05 55.02 -31.17
C ILE A 610 50.29 55.58 -31.88
N GLU A 611 51.49 55.26 -31.39
CA GLU A 611 52.79 55.76 -31.92
C GLU A 611 53.63 54.59 -32.43
N GLU A 612 53.50 54.25 -33.72
CA GLU A 612 54.19 53.08 -34.36
C GLU A 612 55.59 53.46 -34.83
N SER A 613 56.60 53.34 -33.95
CA SER A 613 58.02 53.70 -34.18
C SER A 613 58.85 52.45 -34.49
N ARG A 614 59.51 52.35 -35.65
CA ARG A 614 60.43 51.23 -35.99
C ARG A 614 61.88 51.72 -35.87
N SER B 6 -2.69 -1.35 -2.66
CA SER B 6 -3.59 -0.26 -2.12
C SER B 6 -4.88 -0.89 -1.59
N SER B 7 -5.64 -1.57 -2.46
CA SER B 7 -6.80 -2.43 -2.10
C SER B 7 -6.34 -3.48 -1.06
N ASP B 8 -5.18 -4.09 -1.31
CA ASP B 8 -4.56 -5.14 -0.46
C ASP B 8 -4.10 -4.51 0.86
N ALA B 9 -3.57 -3.29 0.85
CA ALA B 9 -2.99 -2.61 2.05
C ALA B 9 -4.09 -2.38 3.10
N VAL B 10 -5.28 -1.94 2.68
CA VAL B 10 -6.41 -1.63 3.60
C VAL B 10 -6.94 -2.93 4.19
N ILE B 11 -7.23 -3.94 3.35
CA ILE B 11 -7.65 -5.31 3.79
C ILE B 11 -6.63 -5.80 4.81
N GLY B 12 -5.34 -5.58 4.52
CA GLY B 12 -4.19 -5.94 5.37
C GLY B 12 -4.27 -5.28 6.73
N SER B 13 -4.40 -3.95 6.80
CA SER B 13 -4.51 -3.16 8.06
C SER B 13 -5.61 -3.76 8.94
N ILE B 14 -6.75 -4.10 8.33
CA ILE B 14 -7.94 -4.71 9.03
C ILE B 14 -7.53 -6.08 9.61
N ALA B 15 -6.90 -6.93 8.79
CA ALA B 15 -6.42 -8.28 9.18
C ALA B 15 -5.44 -8.17 10.35
N GLN B 16 -4.71 -7.06 10.47
CA GLN B 16 -3.72 -6.82 11.56
C GLN B 16 -4.43 -6.17 12.75
N GLY B 17 -5.76 -6.11 12.74
CA GLY B 17 -6.60 -5.66 13.87
C GLY B 17 -6.75 -4.15 13.94
N VAL B 18 -6.42 -3.42 12.87
CA VAL B 18 -6.66 -1.95 12.73
C VAL B 18 -8.11 -1.74 12.28
N THR B 19 -8.99 -1.30 13.19
CA THR B 19 -10.40 -0.90 12.91
C THR B 19 -10.62 0.56 13.33
N ASP B 20 -10.12 0.99 14.49
CA ASP B 20 -10.36 2.35 15.08
C ASP B 20 -10.29 3.42 13.99
N GLY B 21 -11.40 4.13 13.73
CA GLY B 21 -11.48 5.27 12.79
C GLY B 21 -11.93 4.88 11.38
N LEU B 22 -12.17 3.59 11.11
CA LEU B 22 -12.48 3.09 9.74
C LEU B 22 -13.80 3.68 9.22
N THR B 23 -14.75 4.02 10.09
CA THR B 23 -16.13 4.46 9.72
C THR B 23 -16.39 5.95 10.03
N ASP B 24 -15.44 6.66 10.66
CA ASP B 24 -15.62 8.05 11.15
C ASP B 24 -15.98 8.99 9.98
N TYR B 25 -15.50 8.71 8.77
CA TYR B 25 -15.74 9.55 7.57
C TYR B 25 -17.24 9.55 7.21
N LEU B 26 -18.05 8.66 7.79
CA LEU B 26 -19.51 8.54 7.49
C LEU B 26 -20.36 9.11 8.62
N LYS B 27 -19.77 9.44 9.78
CA LYS B 27 -20.52 10.03 10.91
C LYS B 27 -21.16 11.34 10.44
N PRO B 28 -22.50 11.50 10.48
CA PRO B 28 -23.13 12.79 10.25
C PRO B 28 -23.22 13.59 11.56
N ARG B 29 -23.26 14.92 11.43
CA ARG B 29 -23.50 15.88 12.56
C ARG B 29 -24.79 15.48 13.28
N VAL B 30 -24.79 15.53 14.61
CA VAL B 30 -25.98 15.16 15.42
C VAL B 30 -26.94 16.35 15.43
N GLU B 31 -27.90 16.36 14.51
CA GLU B 31 -28.88 17.45 14.32
C GLU B 31 -30.30 16.89 14.48
N GLU B 32 -31.05 17.45 15.42
CA GLU B 32 -32.47 17.10 15.69
C GLU B 32 -33.35 17.76 14.61
N LEU B 33 -34.31 17.03 14.05
CA LEU B 33 -35.24 17.58 13.02
C LEU B 33 -36.01 18.77 13.62
N PRO B 34 -36.37 19.79 12.81
CA PRO B 34 -37.10 20.94 13.33
C PRO B 34 -38.55 20.57 13.69
N ALA B 35 -39.06 21.21 14.76
CA ALA B 35 -40.41 21.00 15.35
C ALA B 35 -41.50 21.35 14.31
N GLY B 36 -42.66 20.69 14.40
CA GLY B 36 -43.77 20.87 13.44
C GLY B 36 -45.14 20.49 13.99
N GLU B 37 -46.19 20.87 13.23
CA GLU B 37 -47.59 20.39 13.37
C GLU B 37 -47.62 18.86 13.34
N VAL B 38 -48.15 18.21 14.38
CA VAL B 38 -48.35 16.73 14.45
C VAL B 38 -49.77 16.40 13.99
N THR B 39 -49.95 15.40 13.14
CA THR B 39 -51.29 14.81 12.84
C THR B 39 -51.22 13.31 13.18
N TYR B 40 -52.36 12.64 13.23
CA TYR B 40 -52.47 11.22 13.64
C TYR B 40 -53.23 10.48 12.54
N PRO B 41 -52.60 10.29 11.37
CA PRO B 41 -53.28 9.70 10.22
C PRO B 41 -53.86 8.32 10.55
N GLU B 42 -55.10 8.08 10.14
CA GLU B 42 -55.73 6.74 10.23
C GLU B 42 -55.66 6.08 8.85
N ILE B 43 -54.90 5.00 8.76
CA ILE B 43 -54.64 4.27 7.49
C ILE B 43 -55.34 2.92 7.62
N ALA B 44 -56.27 2.63 6.71
CA ALA B 44 -57.04 1.37 6.69
C ALA B 44 -56.25 0.29 5.94
N GLY B 45 -56.16 -0.92 6.52
CA GLY B 45 -55.78 -2.17 5.85
C GLY B 45 -54.35 -2.59 6.10
N LEU B 46 -53.72 -2.07 7.17
CA LEU B 46 -52.29 -2.33 7.51
C LEU B 46 -52.18 -3.71 8.15
N PRO B 47 -50.99 -4.35 8.15
CA PRO B 47 -50.82 -5.65 8.82
C PRO B 47 -50.89 -5.54 10.36
N ASP B 48 -51.11 -6.67 11.05
CA ASP B 48 -51.29 -6.75 12.52
C ASP B 48 -50.05 -6.17 13.22
N GLY B 49 -50.24 -5.26 14.18
CA GLY B 49 -49.17 -4.62 14.95
C GLY B 49 -48.70 -3.31 14.34
N VAL B 50 -48.93 -3.13 13.04
CA VAL B 50 -48.39 -1.99 12.21
C VAL B 50 -49.40 -0.86 12.17
N ARG B 51 -49.02 0.32 12.67
CA ARG B 51 -49.83 1.56 12.57
C ARG B 51 -48.89 2.77 12.62
N VAL B 52 -49.36 3.91 12.11
CA VAL B 52 -48.60 5.19 12.15
C VAL B 52 -49.00 5.92 13.44
N ILE B 53 -48.12 5.88 14.44
CA ILE B 53 -48.31 6.55 15.76
C ILE B 53 -48.65 8.03 15.51
N SER B 54 -47.80 8.76 14.78
CA SER B 54 -47.96 10.22 14.54
C SER B 54 -47.19 10.64 13.29
N ALA B 55 -47.65 11.70 12.61
CA ALA B 55 -46.96 12.36 11.48
C ALA B 55 -46.67 13.81 11.87
N GLU B 56 -45.39 14.14 12.10
CA GLU B 56 -44.93 15.53 12.41
C GLU B 56 -44.48 16.20 11.10
N TRP B 57 -44.94 17.43 10.86
CA TRP B 57 -44.69 18.19 9.60
C TRP B 57 -43.67 19.32 9.86
N ALA B 58 -42.39 18.98 9.77
CA ALA B 58 -41.25 19.93 9.77
C ALA B 58 -41.56 21.07 8.80
N THR B 59 -42.00 20.73 7.59
CA THR B 59 -42.62 21.65 6.59
C THR B 59 -43.82 20.95 5.96
N SER B 60 -44.58 21.63 5.13
CA SER B 60 -45.75 21.06 4.43
C SER B 60 -45.30 19.98 3.44
N LYS B 61 -44.00 19.87 3.15
CA LYS B 61 -43.46 18.91 2.14
C LYS B 61 -42.44 17.94 2.76
N HIS B 62 -42.01 18.18 4.01
CA HIS B 62 -41.12 17.27 4.79
C HIS B 62 -41.85 16.80 6.05
N VAL B 63 -42.44 15.59 6.00
CA VAL B 63 -43.22 14.96 7.11
C VAL B 63 -42.42 13.79 7.70
N ILE B 64 -42.34 13.74 9.04
CA ILE B 64 -41.65 12.65 9.81
C ILE B 64 -42.71 11.68 10.35
N LEU B 65 -42.74 10.44 9.85
CA LEU B 65 -43.63 9.38 10.39
C LEU B 65 -42.95 8.74 11.60
N THR B 66 -43.72 8.48 12.66
CA THR B 66 -43.34 7.60 13.81
C THR B 66 -44.19 6.34 13.66
N ILE B 67 -43.57 5.18 13.39
CA ILE B 67 -44.32 3.94 13.05
C ILE B 67 -44.14 2.93 14.17
N GLN B 68 -45.24 2.25 14.52
CA GLN B 68 -45.26 1.02 15.35
C GLN B 68 -45.02 -0.18 14.42
N SER B 69 -43.84 -0.80 14.53
CA SER B 69 -43.43 -1.98 13.73
C SER B 69 -43.85 -3.27 14.46
N ALA B 70 -44.41 -4.22 13.71
CA ALA B 70 -44.55 -5.64 14.11
C ALA B 70 -43.16 -6.24 14.26
N ALA B 71 -42.39 -6.27 13.17
CA ALA B 71 -41.05 -6.91 13.08
C ALA B 71 -40.10 -6.29 14.11
N MSE B 72 -40.22 -5.01 14.45
CA MSE B 72 -39.32 -4.34 15.43
C MSE B 72 -40.15 -3.56 16.43
O MSE B 72 -40.25 -2.33 16.36
CB MSE B 72 -38.33 -3.43 14.70
CG MSE B 72 -36.97 -4.02 14.46
SE MSE B 72 -35.90 -2.90 13.27
CE MSE B 72 -36.88 -2.94 11.57
H MSE B 72 -40.97 -4.48 14.02
HA MSE B 72 -38.81 -5.04 15.92
HB2 MSE B 72 -38.21 -2.64 15.21
HB3 MSE B 72 -38.69 -3.21 13.84
HG2 MSE B 72 -37.06 -4.93 14.07
HG3 MSE B 72 -36.50 -4.12 15.32
HE1 MSE B 72 -36.40 -2.41 10.92
HE2 MSE B 72 -37.76 -2.59 11.70
HE3 MSE B 72 -36.92 -3.86 11.26
N PRO B 73 -40.78 -4.22 17.42
CA PRO B 73 -41.73 -3.56 18.30
C PRO B 73 -41.15 -2.82 19.52
N GLU B 74 -39.92 -3.16 19.95
CA GLU B 74 -39.27 -2.62 21.18
C GLU B 74 -39.51 -1.11 21.31
N ARG B 75 -39.22 -0.34 20.25
CA ARG B 75 -39.48 1.14 20.20
C ARG B 75 -39.88 1.53 18.77
N PRO B 76 -40.43 2.75 18.53
CA PRO B 76 -40.90 3.12 17.20
C PRO B 76 -39.76 3.39 16.20
N ILE B 77 -40.11 3.46 14.91
CA ILE B 77 -39.17 3.74 13.79
C ILE B 77 -39.58 5.06 13.12
N LYS B 78 -38.68 6.05 13.08
CA LYS B 78 -38.89 7.33 12.34
C LYS B 78 -38.52 7.11 10.87
N VAL B 79 -39.33 7.66 9.96
CA VAL B 79 -39.11 7.62 8.49
C VAL B 79 -39.51 8.99 7.93
N GLN B 80 -38.54 9.74 7.38
CA GLN B 80 -38.74 11.05 6.72
C GLN B 80 -39.33 10.84 5.32
N LEU B 81 -40.37 11.59 4.96
CA LEU B 81 -40.89 11.68 3.58
C LEU B 81 -40.63 13.11 3.06
N LEU B 82 -40.10 13.23 1.84
CA LEU B 82 -40.09 14.51 1.09
C LEU B 82 -41.18 14.36 0.02
N LEU B 83 -42.24 15.17 0.14
CA LEU B 83 -43.48 15.01 -0.67
C LEU B 83 -43.28 15.73 -2.00
N PRO B 84 -43.85 15.18 -3.10
CA PRO B 84 -43.66 15.75 -4.44
C PRO B 84 -44.13 17.20 -4.55
N ARG B 85 -43.56 17.93 -5.49
CA ARG B 85 -43.93 19.33 -5.84
C ARG B 85 -45.47 19.44 -5.84
N ASP B 86 -46.15 18.67 -6.68
CA ASP B 86 -47.62 18.77 -6.91
C ASP B 86 -48.44 18.01 -5.86
N TRP B 87 -47.91 17.76 -4.66
CA TRP B 87 -48.63 17.01 -3.59
C TRP B 87 -50.04 17.58 -3.44
N TYR B 88 -50.13 18.90 -3.23
CA TYR B 88 -51.39 19.60 -2.91
C TYR B 88 -52.09 20.03 -4.20
N SER B 89 -51.34 20.59 -5.16
CA SER B 89 -51.86 21.12 -6.44
C SER B 89 -52.51 20.01 -7.28
N SER B 90 -52.06 18.76 -7.15
CA SER B 90 -52.71 17.56 -7.76
C SER B 90 -53.05 16.57 -6.66
N PRO B 91 -54.20 16.73 -5.96
CA PRO B 91 -54.48 15.98 -4.73
C PRO B 91 -55.04 14.56 -4.95
N ASN B 92 -55.29 14.20 -6.21
CA ASN B 92 -55.86 12.90 -6.63
C ASN B 92 -54.74 12.03 -7.22
N ARG B 93 -53.64 12.65 -7.63
CA ARG B 93 -52.50 12.00 -8.31
C ARG B 93 -51.80 11.06 -7.33
N GLU B 94 -51.18 10.00 -7.85
CA GLU B 94 -50.22 9.11 -7.14
C GLU B 94 -48.83 9.33 -7.77
N PHE B 95 -47.79 9.11 -6.97
CA PHE B 95 -46.37 9.36 -7.32
C PHE B 95 -45.54 8.10 -7.09
N PRO B 96 -44.38 8.01 -7.75
CA PRO B 96 -43.40 6.98 -7.41
C PRO B 96 -42.56 7.31 -6.17
N GLU B 97 -41.95 6.24 -5.65
CA GLU B 97 -41.12 6.23 -4.42
C GLU B 97 -39.64 6.24 -4.84
N ILE B 98 -38.84 7.03 -4.15
CA ILE B 98 -37.36 6.97 -4.25
C ILE B 98 -36.84 6.82 -2.82
N TRP B 99 -36.22 5.69 -2.53
CA TRP B 99 -35.75 5.35 -1.17
C TRP B 99 -34.30 5.80 -1.05
N ALA B 100 -33.97 6.59 -0.03
CA ALA B 100 -32.59 7.04 0.25
C ALA B 100 -32.15 6.46 1.59
N LEU B 101 -31.36 5.38 1.52
CA LEU B 101 -30.90 4.61 2.71
C LEU B 101 -29.57 5.20 3.18
N ASP B 102 -29.47 5.42 4.50
CA ASP B 102 -28.31 6.08 5.17
C ASP B 102 -27.09 5.15 5.13
N GLY B 103 -25.95 5.61 5.61
CA GLY B 103 -24.69 4.83 5.67
C GLY B 103 -24.49 4.25 7.04
N LEU B 104 -23.39 3.49 7.21
CA LEU B 104 -23.07 2.70 8.43
C LEU B 104 -23.39 3.47 9.70
N ARG B 105 -23.08 4.76 9.81
CA ARG B 105 -23.12 5.51 11.11
C ARG B 105 -24.41 6.32 11.27
N ALA B 106 -25.45 5.99 10.49
CA ALA B 106 -26.83 6.48 10.69
C ALA B 106 -27.09 6.70 12.17
N ILE B 107 -27.55 7.89 12.55
CA ILE B 107 -27.95 8.21 13.96
C ILE B 107 -29.49 8.18 14.03
N GLU B 108 -30.01 8.06 15.25
CA GLU B 108 -31.46 7.94 15.55
C GLU B 108 -32.16 9.29 15.32
N GLU B 109 -31.43 10.40 15.43
CA GLU B 109 -31.97 11.80 15.44
C GLU B 109 -32.52 12.21 14.07
N GLN B 110 -31.95 11.72 12.96
CA GLN B 110 -32.33 12.17 11.58
C GLN B 110 -31.49 11.43 10.51
N SER B 111 -32.05 11.27 9.30
CA SER B 111 -31.38 10.71 8.10
C SER B 111 -30.18 11.60 7.76
N GLY B 112 -29.02 10.99 7.56
CA GLY B 112 -27.77 11.68 7.18
C GLY B 112 -27.97 12.56 5.95
N TRP B 113 -28.69 12.04 4.94
CA TRP B 113 -29.03 12.76 3.68
C TRP B 113 -29.51 14.18 3.97
N THR B 114 -30.50 14.38 4.84
CA THR B 114 -31.08 15.72 5.13
C THR B 114 -30.18 16.49 6.13
N ILE B 115 -29.32 15.81 6.89
CA ILE B 115 -28.35 16.52 7.79
C ILE B 115 -27.25 17.16 6.94
N GLU B 116 -26.72 16.41 5.97
CA GLU B 116 -25.40 16.73 5.35
C GLU B 116 -25.55 17.16 3.89
N THR B 117 -26.76 17.16 3.33
CA THR B 117 -27.00 17.34 1.88
C THR B 117 -28.14 18.34 1.65
N ASN B 118 -28.25 18.83 0.41
CA ASN B 118 -29.34 19.73 -0.02
C ASN B 118 -30.42 18.91 -0.74
N ILE B 119 -30.68 17.66 -0.31
CA ILE B 119 -31.58 16.73 -1.05
C ILE B 119 -33.02 17.25 -0.93
N GLU B 120 -33.32 17.87 0.22
CA GLU B 120 -34.61 18.56 0.49
C GLU B 120 -34.88 19.57 -0.64
N GLN B 121 -33.88 20.39 -0.96
CA GLN B 121 -33.98 21.47 -1.98
C GLN B 121 -34.03 20.81 -3.36
N TYR B 122 -33.23 19.77 -3.60
CA TYR B 122 -33.06 19.17 -4.94
C TYR B 122 -34.42 18.62 -5.43
N TYR B 123 -35.13 17.91 -4.54
CA TYR B 123 -36.37 17.14 -4.88
C TYR B 123 -37.62 18.03 -4.75
N ALA B 124 -37.51 19.20 -4.11
CA ALA B 124 -38.60 20.19 -3.95
C ALA B 124 -39.41 20.37 -5.24
N ASP B 125 -38.75 20.40 -6.40
CA ASP B 125 -39.39 20.74 -7.70
C ASP B 125 -39.76 19.47 -8.47
N LYS B 126 -39.73 18.29 -7.84
CA LYS B 126 -39.89 16.99 -8.55
C LYS B 126 -41.10 16.23 -8.01
N ASN B 127 -41.82 15.51 -8.88
CA ASN B 127 -43.05 14.75 -8.54
C ASN B 127 -42.69 13.31 -8.18
N ALA B 128 -42.10 13.10 -6.99
CA ALA B 128 -41.76 11.78 -6.44
C ALA B 128 -41.66 11.85 -4.90
N ILE B 129 -42.08 10.79 -4.21
CA ILE B 129 -42.01 10.68 -2.73
C ILE B 129 -40.65 10.11 -2.38
N VAL B 130 -39.81 10.90 -1.73
CA VAL B 130 -38.47 10.45 -1.25
C VAL B 130 -38.63 9.89 0.15
N VAL B 131 -38.27 8.62 0.33
CA VAL B 131 -38.40 7.90 1.62
C VAL B 131 -37.01 7.82 2.26
N LEU B 132 -36.84 8.33 3.47
CA LEU B 132 -35.50 8.38 4.13
C LEU B 132 -35.61 7.78 5.53
N PRO B 133 -35.41 6.45 5.67
CA PRO B 133 -35.51 5.78 6.95
C PRO B 133 -34.41 6.24 7.91
N VAL B 134 -34.77 6.47 9.17
CA VAL B 134 -33.87 7.07 10.20
C VAL B 134 -33.30 5.97 11.08
N GLY B 135 -32.06 6.12 11.54
CA GLY B 135 -31.42 5.20 12.48
C GLY B 135 -31.03 3.87 11.84
N GLY B 136 -30.65 2.90 12.68
CA GLY B 136 -30.28 1.54 12.27
C GLY B 136 -28.78 1.41 12.05
N GLU B 137 -27.95 2.01 12.92
CA GLU B 137 -26.46 1.97 12.81
C GLU B 137 -26.03 0.52 12.55
N SER B 138 -25.31 0.29 11.45
CA SER B 138 -24.70 -1.03 11.07
C SER B 138 -25.76 -2.02 10.56
N SER B 139 -27.05 -1.68 10.60
CA SER B 139 -28.16 -2.61 10.29
C SER B 139 -27.96 -3.29 8.93
N PHE B 140 -27.26 -2.65 7.99
CA PHE B 140 -27.22 -3.04 6.56
C PHE B 140 -28.64 -3.27 6.04
N TYR B 141 -29.62 -2.66 6.73
CA TYR B 141 -31.07 -2.71 6.42
C TYR B 141 -31.49 -4.16 6.14
N SER B 142 -31.02 -5.09 6.96
CA SER B 142 -31.24 -6.56 6.82
C SER B 142 -31.98 -7.13 8.04
N ASP B 143 -32.46 -8.37 7.88
CA ASP B 143 -33.03 -9.18 8.99
C ASP B 143 -31.88 -9.97 9.62
N TRP B 144 -31.41 -9.52 10.77
CA TRP B 144 -30.29 -10.15 11.52
C TRP B 144 -30.72 -11.55 11.99
N GLU B 145 -29.80 -12.51 11.97
CA GLU B 145 -30.07 -13.89 12.46
C GLU B 145 -30.62 -13.81 13.88
N GLY B 146 -30.04 -12.96 14.73
CA GLY B 146 -30.51 -12.73 16.10
C GLY B 146 -30.24 -11.31 16.58
N PRO B 147 -30.72 -10.93 17.79
CA PRO B 147 -30.38 -9.65 18.42
C PRO B 147 -28.89 -9.54 18.75
N ASN B 148 -28.40 -8.31 18.96
CA ASN B 148 -26.97 -8.00 19.23
C ASN B 148 -26.81 -6.53 19.60
N ASN B 149 -25.95 -6.26 20.59
CA ASN B 149 -25.47 -4.90 20.98
C ASN B 149 -26.67 -4.03 21.38
N GLY B 150 -27.65 -4.64 22.05
CA GLY B 150 -28.83 -3.96 22.59
C GLY B 150 -29.83 -3.58 21.52
N LYS B 151 -29.77 -4.18 20.33
CA LYS B 151 -30.69 -3.87 19.20
C LYS B 151 -31.14 -5.16 18.54
N ASN B 152 -32.33 -5.17 17.95
CA ASN B 152 -32.87 -6.33 17.22
C ASN B 152 -33.34 -5.86 15.83
N TYR B 153 -32.60 -6.18 14.77
CA TYR B 153 -32.80 -5.58 13.44
C TYR B 153 -33.58 -6.53 12.54
N GLN B 154 -34.81 -6.15 12.18
CA GLN B 154 -35.61 -6.82 11.12
C GLN B 154 -35.97 -5.76 10.07
N TRP B 155 -34.97 -4.99 9.64
CA TRP B 155 -35.13 -3.83 8.73
C TRP B 155 -35.66 -4.28 7.37
N GLU B 156 -35.19 -5.38 6.80
CA GLU B 156 -35.63 -5.75 5.44
C GLU B 156 -37.15 -6.01 5.47
N THR B 157 -37.63 -6.71 6.49
CA THR B 157 -39.08 -6.96 6.71
C THR B 157 -39.79 -5.61 6.91
N PHE B 158 -39.30 -4.79 7.83
CA PHE B 158 -39.94 -3.50 8.17
C PHE B 158 -40.14 -2.71 6.87
N LEU B 159 -39.12 -2.67 6.03
CA LEU B 159 -39.12 -1.84 4.81
C LEU B 159 -40.12 -2.42 3.79
N THR B 160 -40.00 -3.72 3.49
CA THR B 160 -40.75 -4.34 2.37
C THR B 160 -42.19 -4.66 2.79
N GLN B 161 -42.42 -5.01 4.06
CA GLN B 161 -43.68 -5.65 4.50
C GLN B 161 -44.56 -4.68 5.30
N GLU B 162 -44.00 -3.59 5.83
CA GLU B 162 -44.73 -2.66 6.75
C GLU B 162 -44.73 -1.23 6.18
N LEU B 163 -43.54 -0.64 6.01
CA LEU B 163 -43.41 0.73 5.44
C LEU B 163 -44.04 0.75 4.03
N ALA B 164 -43.71 -0.21 3.15
CA ALA B 164 -44.18 -0.21 1.73
C ALA B 164 -45.70 -0.12 1.68
N PRO B 165 -46.46 -0.95 2.43
CA PRO B 165 -47.91 -0.83 2.51
C PRO B 165 -48.38 0.54 3.03
N ILE B 166 -47.83 1.01 4.15
CA ILE B 166 -48.16 2.36 4.72
C ILE B 166 -48.18 3.37 3.56
N LEU B 167 -47.08 3.50 2.82
CA LEU B 167 -46.96 4.49 1.71
C LEU B 167 -48.01 4.18 0.65
N ASP B 168 -48.23 2.91 0.31
CA ASP B 168 -49.16 2.49 -0.77
C ASP B 168 -50.57 2.93 -0.39
N LYS B 169 -50.96 2.63 0.85
CA LYS B 169 -52.32 2.87 1.37
C LYS B 169 -52.28 4.17 2.14
N GLY B 170 -51.16 4.46 2.82
CA GLY B 170 -50.99 5.66 3.67
C GLY B 170 -50.94 6.94 2.84
N PHE B 171 -49.85 7.15 2.12
CA PHE B 171 -49.65 8.37 1.30
C PHE B 171 -49.87 8.03 -0.17
N ARG B 172 -50.71 8.79 -0.85
CA ARG B 172 -51.17 8.54 -2.24
C ARG B 172 -49.93 8.31 -3.10
N SER B 173 -49.63 7.06 -3.44
CA SER B 173 -48.46 6.69 -4.27
C SER B 173 -48.70 5.37 -5.00
N ASN B 174 -48.04 5.23 -6.14
CA ASN B 174 -48.14 4.03 -6.99
C ASN B 174 -47.05 3.07 -6.50
N THR B 175 -47.09 1.81 -6.93
CA THR B 175 -46.12 0.79 -6.46
C THR B 175 -44.71 1.09 -7.01
N ASP B 176 -44.55 1.97 -8.01
CA ASP B 176 -43.27 2.16 -8.75
C ASP B 176 -42.20 2.74 -7.82
N ARG B 177 -41.07 2.05 -7.69
CA ARG B 177 -40.03 2.37 -6.69
C ARG B 177 -38.64 2.37 -7.33
N ALA B 178 -37.80 3.27 -6.82
CA ALA B 178 -36.34 3.26 -7.00
C ALA B 178 -35.71 3.21 -5.62
N ILE B 179 -34.86 2.23 -5.39
CA ILE B 179 -34.18 2.04 -4.08
C ILE B 179 -32.71 2.38 -4.31
N THR B 180 -32.19 3.25 -3.46
CA THR B 180 -30.80 3.74 -3.51
C THR B 180 -30.33 3.96 -2.08
N GLY B 181 -29.03 4.18 -1.94
CA GLY B 181 -28.40 4.39 -0.62
C GLY B 181 -26.91 4.46 -0.79
N ILE B 182 -26.25 4.94 0.27
CA ILE B 182 -24.78 5.12 0.33
C ILE B 182 -24.25 4.21 1.45
N SER B 183 -23.01 3.73 1.29
CA SER B 183 -22.35 2.82 2.26
C SER B 183 -23.22 1.57 2.44
N MSE B 184 -23.52 1.20 3.67
CA MSE B 184 -24.33 -0.02 3.91
C MSE B 184 -25.64 0.12 3.14
O MSE B 184 -26.20 -0.90 2.73
CB MSE B 184 -24.58 -0.20 5.40
CG MSE B 184 -25.68 0.70 5.90
SE MSE B 184 -25.91 0.49 7.81
CE MSE B 184 -27.39 1.73 8.20
H MSE B 184 -23.20 1.74 4.46
HA MSE B 184 -23.84 -0.80 3.56
HB2 MSE B 184 -23.78 0.02 5.87
HB3 MSE B 184 -24.83 -1.10 5.56
HG2 MSE B 184 -26.51 0.48 5.45
HG3 MSE B 184 -25.46 1.63 5.70
HE1 MSE B 184 -27.59 1.69 9.15
HE2 MSE B 184 -28.17 1.46 7.69
HE3 MSE B 184 -27.13 2.62 7.95
N GLY B 185 -26.13 1.35 3.00
CA GLY B 185 -27.36 1.64 2.23
C GLY B 185 -27.22 1.21 0.80
N GLY B 186 -26.03 1.38 0.23
CA GLY B 186 -25.73 1.00 -1.17
C GLY B 186 -25.77 -0.50 -1.31
N THR B 187 -25.12 -1.20 -0.39
CA THR B 187 -25.16 -2.68 -0.27
C THR B 187 -26.62 -3.09 -0.18
N ALA B 188 -27.31 -2.59 0.86
CA ALA B 188 -28.71 -2.91 1.20
C ALA B 188 -29.60 -2.69 -0.04
N ALA B 189 -29.42 -1.57 -0.74
CA ALA B 189 -30.21 -1.22 -1.94
C ALA B 189 -30.19 -2.41 -2.91
N VAL B 190 -29.02 -2.99 -3.15
CA VAL B 190 -28.87 -4.09 -4.14
C VAL B 190 -29.41 -5.39 -3.54
N ASN B 191 -28.99 -5.72 -2.31
CA ASN B 191 -29.45 -6.93 -1.59
C ASN B 191 -30.97 -6.94 -1.66
N ILE B 192 -31.62 -5.93 -1.08
CA ILE B 192 -33.10 -5.81 -0.99
C ILE B 192 -33.71 -5.94 -2.39
N ALA B 193 -33.12 -5.35 -3.43
CA ALA B 193 -33.67 -5.42 -4.80
C ALA B 193 -33.65 -6.87 -5.31
N THR B 194 -32.59 -7.63 -5.02
CA THR B 194 -32.41 -9.04 -5.48
C THR B 194 -33.41 -9.95 -4.76
N HIS B 195 -33.76 -9.61 -3.52
CA HIS B 195 -34.72 -10.34 -2.66
C HIS B 195 -36.16 -10.07 -3.10
N HIS B 196 -36.43 -8.89 -3.67
CA HIS B 196 -37.81 -8.45 -4.04
C HIS B 196 -37.77 -7.78 -5.40
N PRO B 197 -37.37 -8.51 -6.47
CA PRO B 197 -37.11 -7.89 -7.77
C PRO B 197 -38.31 -7.19 -8.42
N ASP B 198 -39.53 -7.43 -7.94
CA ASP B 198 -40.76 -6.83 -8.54
C ASP B 198 -41.06 -5.50 -7.85
N MSE B 199 -40.59 -5.33 -6.62
CA MSE B 199 -40.91 -4.12 -5.81
C MSE B 199 -40.10 -2.92 -6.32
O MSE B 199 -40.44 -1.79 -5.94
CB MSE B 199 -40.60 -4.37 -4.33
CG MSE B 199 -41.50 -5.38 -3.65
SE MSE B 199 -41.35 -5.24 -1.67
CE MSE B 199 -41.71 -3.36 -1.27
H MSE B 199 -40.01 -6.04 -6.22
HA MSE B 199 -41.86 -3.92 -5.91
HB2 MSE B 199 -40.69 -3.55 -3.86
HB3 MSE B 199 -39.70 -4.69 -4.25
HG2 MSE B 199 -41.26 -6.29 -3.93
HG3 MSE B 199 -42.44 -5.23 -3.92
HE1 MSE B 199 -41.65 -3.22 -0.32
HE2 MSE B 199 -42.60 -3.13 -1.58
HE3 MSE B 199 -41.05 -2.80 -1.73
N PHE B 200 -39.07 -3.12 -7.14
CA PHE B 200 -38.19 -2.00 -7.56
C PHE B 200 -37.99 -2.04 -9.07
N LYS B 201 -37.88 -0.85 -9.70
CA LYS B 201 -37.65 -0.66 -11.16
C LYS B 201 -36.25 -0.04 -11.37
N PHE B 202 -35.59 0.36 -10.29
CA PHE B 202 -34.27 1.04 -10.27
C PHE B 202 -33.53 0.75 -8.97
N VAL B 203 -32.21 0.52 -9.08
CA VAL B 203 -31.31 0.24 -7.93
C VAL B 203 -30.08 1.12 -8.04
N GLY B 204 -29.71 1.78 -6.94
CA GLY B 204 -28.62 2.77 -6.88
C GLY B 204 -27.72 2.56 -5.68
N SER B 205 -26.44 2.30 -5.91
CA SER B 205 -25.41 2.15 -4.86
C SER B 205 -24.37 3.26 -5.02
N PHE B 206 -24.35 4.18 -4.05
CA PHE B 206 -23.36 5.27 -3.95
C PHE B 206 -22.32 4.88 -2.90
N SER B 207 -21.12 4.49 -3.34
CA SER B 207 -19.96 4.18 -2.47
C SER B 207 -20.36 3.06 -1.49
N GLY B 208 -21.04 2.06 -2.05
CA GLY B 208 -21.51 0.85 -1.34
C GLY B 208 -20.51 -0.29 -1.47
N TYR B 209 -20.71 -1.37 -0.70
CA TYR B 209 -19.82 -2.56 -0.65
C TYR B 209 -20.57 -3.68 -1.34
N LEU B 210 -20.38 -3.83 -2.65
CA LEU B 210 -21.18 -4.73 -3.51
C LEU B 210 -20.52 -6.11 -3.63
N ASP B 211 -19.79 -6.53 -2.59
CA ASP B 211 -19.13 -7.86 -2.47
C ASP B 211 -18.86 -8.15 -0.99
N THR B 212 -19.53 -9.17 -0.44
CA THR B 212 -19.50 -9.52 1.01
C THR B 212 -18.84 -10.88 1.22
N THR B 213 -18.74 -11.71 0.18
CA THR B 213 -18.30 -13.13 0.29
C THR B 213 -16.83 -13.31 -0.11
N SER B 214 -16.32 -12.53 -1.07
CA SER B 214 -14.94 -12.69 -1.61
C SER B 214 -13.91 -12.66 -0.48
N ALA B 215 -12.84 -13.44 -0.61
CA ALA B 215 -11.82 -13.63 0.45
C ALA B 215 -11.45 -12.25 0.99
N GLY B 216 -11.54 -12.05 2.31
CA GLY B 216 -11.12 -10.82 3.01
C GLY B 216 -12.25 -9.81 3.13
N MSE B 217 -13.29 -9.94 2.31
CA MSE B 217 -14.45 -9.03 2.34
C MSE B 217 -15.12 -9.15 3.71
O MSE B 217 -15.25 -8.16 4.41
CB MSE B 217 -15.43 -9.26 1.18
CG MSE B 217 -15.08 -8.45 -0.06
SE MSE B 217 -14.73 -6.69 0.72
CE MSE B 217 -12.96 -6.23 0.04
H MSE B 217 -13.29 -10.71 1.63
HA MSE B 217 -14.12 -8.11 2.23
HB2 MSE B 217 -16.30 -9.01 1.46
HB3 MSE B 217 -15.41 -10.19 0.94
HG2 MSE B 217 -15.84 -8.46 -0.68
HG3 MSE B 217 -14.31 -8.85 -0.51
HE1 MSE B 217 -12.71 -5.35 0.38
HE2 MSE B 217 -13.01 -6.20 -0.93
HE3 MSE B 217 -12.32 -6.89 0.33
N PRO B 218 -15.48 -10.38 4.16
CA PRO B 218 -16.07 -10.58 5.48
C PRO B 218 -15.26 -9.94 6.62
N ILE B 219 -13.93 -10.06 6.61
CA ILE B 219 -13.06 -9.55 7.73
C ILE B 219 -13.24 -8.02 7.83
N ALA B 220 -13.52 -7.37 6.69
CA ALA B 220 -13.80 -5.91 6.56
C ALA B 220 -15.21 -5.58 7.08
N ILE B 221 -16.23 -6.27 6.57
CA ILE B 221 -17.65 -6.07 6.97
C ILE B 221 -17.76 -6.23 8.49
N SER B 222 -17.01 -7.14 9.10
CA SER B 222 -16.99 -7.30 10.59
C SER B 222 -16.25 -6.12 11.22
N ALA B 223 -15.10 -5.72 10.66
CA ALA B 223 -14.34 -4.53 11.13
C ALA B 223 -15.24 -3.30 11.07
N ALA B 224 -16.09 -3.21 10.04
CA ALA B 224 -17.06 -2.11 9.83
C ALA B 224 -18.05 -2.10 11.00
N LEU B 225 -18.77 -3.21 11.22
CA LEU B 225 -19.78 -3.32 12.31
C LEU B 225 -19.04 -3.14 13.66
N ALA B 226 -17.77 -3.56 13.74
CA ALA B 226 -16.94 -3.41 14.95
C ALA B 226 -16.81 -1.93 15.29
N ASP B 227 -16.37 -1.11 14.31
CA ASP B 227 -16.08 0.33 14.54
C ASP B 227 -17.39 1.11 14.64
N ALA B 228 -18.40 0.74 13.83
CA ALA B 228 -19.69 1.46 13.70
C ALA B 228 -20.64 1.03 14.83
N GLY B 229 -20.23 1.27 16.08
CA GLY B 229 -21.04 1.06 17.30
C GLY B 229 -20.72 -0.22 18.05
N GLY B 230 -19.89 -1.13 17.48
CA GLY B 230 -19.41 -2.36 18.16
C GLY B 230 -20.34 -3.56 17.98
N TYR B 231 -20.91 -3.74 16.78
CA TYR B 231 -21.85 -4.83 16.43
C TYR B 231 -21.05 -6.05 15.94
N ASP B 232 -21.63 -7.25 16.07
CA ASP B 232 -21.00 -8.56 15.68
C ASP B 232 -21.68 -9.07 14.41
N ALA B 233 -20.92 -9.19 13.33
CA ALA B 233 -21.39 -9.65 12.00
C ALA B 233 -21.96 -11.07 12.11
N ASN B 234 -21.50 -11.85 13.10
CA ASN B 234 -22.07 -13.19 13.38
C ASN B 234 -23.54 -13.00 13.72
N ALA B 235 -23.90 -12.01 14.53
CA ALA B 235 -25.33 -11.73 14.83
C ALA B 235 -26.09 -11.44 13.52
N MSE B 236 -25.45 -10.80 12.55
CA MSE B 236 -26.12 -10.33 11.31
C MSE B 236 -26.40 -11.53 10.39
O MSE B 236 -27.58 -11.86 10.20
CB MSE B 236 -25.25 -9.30 10.58
CG MSE B 236 -25.88 -8.01 10.30
SE MSE B 236 -25.29 -7.18 8.67
CE MSE B 236 -23.59 -7.98 8.09
H MSE B 236 -24.46 -10.63 12.67
HA MSE B 236 -26.98 -9.92 11.56
HB2 MSE B 236 -24.97 -9.67 9.74
HB3 MSE B 236 -24.47 -9.14 11.11
HG2 MSE B 236 -25.70 -7.39 11.04
HG3 MSE B 236 -26.85 -8.13 10.24
HE1 MSE B 236 -23.31 -7.55 7.26
HE2 MSE B 236 -23.72 -8.93 7.93
HE3 MSE B 236 -22.92 -7.84 8.78
N TRP B 237 -25.38 -12.13 9.78
CA TRP B 237 -25.60 -13.16 8.74
C TRP B 237 -25.02 -14.51 9.16
N GLY B 238 -24.45 -14.61 10.36
CA GLY B 238 -24.02 -15.91 10.95
C GLY B 238 -22.60 -16.29 10.57
N PRO B 239 -22.29 -17.61 10.53
CA PRO B 239 -20.95 -18.09 10.20
C PRO B 239 -20.42 -17.53 8.88
N VAL B 240 -19.12 -17.23 8.82
CA VAL B 240 -18.51 -16.32 7.81
C VAL B 240 -18.64 -16.88 6.38
N GLY B 241 -19.24 -18.07 6.19
CA GLY B 241 -19.47 -18.65 4.85
C GLY B 241 -20.95 -18.88 4.54
N SER B 242 -21.84 -18.72 5.54
CA SER B 242 -23.21 -19.30 5.57
C SER B 242 -24.07 -18.83 4.40
N GLU B 243 -25.25 -19.47 4.24
CA GLU B 243 -26.22 -19.20 3.15
C GLU B 243 -26.73 -17.75 3.27
N ARG B 244 -26.57 -17.13 4.43
CA ARG B 244 -27.01 -15.73 4.68
C ARG B 244 -26.03 -14.77 3.99
N TRP B 245 -24.72 -15.05 4.03
CA TRP B 245 -23.72 -14.21 3.35
C TRP B 245 -23.95 -14.31 1.83
N GLN B 246 -24.16 -15.51 1.29
CA GLN B 246 -24.36 -15.70 -0.17
C GLN B 246 -25.63 -14.97 -0.59
N GLU B 247 -26.64 -14.96 0.28
CA GLU B 247 -27.96 -14.30 0.05
C GLU B 247 -27.77 -12.77 0.00
N ASN B 248 -26.82 -12.22 0.77
CA ASN B 248 -26.56 -10.75 0.87
C ASN B 248 -25.20 -10.38 0.25
N ASP B 249 -24.91 -10.91 -0.95
CA ASP B 249 -23.66 -10.63 -1.72
C ASP B 249 -24.02 -10.13 -3.12
N PRO B 250 -24.07 -8.80 -3.31
CA PRO B 250 -24.54 -8.21 -4.57
C PRO B 250 -23.92 -8.80 -5.84
N LYS B 251 -22.59 -8.96 -5.86
CA LYS B 251 -21.81 -9.45 -7.03
C LYS B 251 -22.31 -10.84 -7.44
N SER B 252 -22.68 -11.69 -6.47
CA SER B 252 -23.25 -13.05 -6.72
C SER B 252 -24.64 -12.92 -7.35
N ASN B 253 -25.50 -12.05 -6.80
CA ASN B 253 -26.96 -12.01 -7.06
C ASN B 253 -27.31 -11.12 -8.25
N VAL B 254 -26.34 -10.39 -8.81
CA VAL B 254 -26.57 -9.38 -9.89
C VAL B 254 -27.52 -9.94 -10.96
N ASP B 255 -27.43 -11.23 -11.28
CA ASP B 255 -28.21 -11.89 -12.39
C ASP B 255 -29.72 -11.75 -12.13
N LYS B 256 -30.14 -11.56 -10.87
CA LYS B 256 -31.56 -11.46 -10.46
C LYS B 256 -32.11 -10.04 -10.69
N LEU B 257 -31.28 -9.11 -11.14
CA LEU B 257 -31.69 -7.70 -11.38
C LEU B 257 -31.88 -7.46 -12.87
N LYS B 258 -31.76 -8.49 -13.71
CA LYS B 258 -32.04 -8.36 -15.17
C LYS B 258 -33.35 -7.59 -15.34
N GLY B 259 -33.38 -6.60 -16.24
CA GLY B 259 -34.56 -5.78 -16.54
C GLY B 259 -34.61 -4.46 -15.78
N LYS B 260 -33.72 -4.25 -14.80
CA LYS B 260 -33.78 -3.06 -13.91
C LYS B 260 -32.68 -2.06 -14.28
N THR B 261 -32.96 -0.76 -14.16
CA THR B 261 -31.96 0.33 -14.24
C THR B 261 -31.09 0.30 -12.98
N ILE B 262 -29.77 0.23 -13.15
CA ILE B 262 -28.81 0.07 -12.02
C ILE B 262 -27.76 1.18 -12.09
N TYR B 263 -27.50 1.85 -10.97
CA TYR B 263 -26.49 2.93 -10.86
C TYR B 263 -25.49 2.61 -9.74
N VAL B 264 -24.21 2.58 -10.11
CA VAL B 264 -23.08 2.24 -9.22
C VAL B 264 -22.04 3.36 -9.31
N SER B 265 -21.73 3.98 -8.17
CA SER B 265 -20.74 5.07 -8.01
C SER B 265 -19.74 4.67 -6.94
N SER B 266 -18.47 5.05 -7.09
CA SER B 266 -17.42 4.92 -6.05
C SER B 266 -16.20 5.78 -6.41
N GLY B 267 -15.32 6.03 -5.43
CA GLY B 267 -13.97 6.56 -5.67
C GLY B 267 -13.56 7.55 -4.59
N ASN B 268 -14.27 8.68 -4.51
CA ASN B 268 -13.96 9.83 -3.62
C ASN B 268 -15.10 10.00 -2.62
N GLY B 269 -14.75 10.33 -1.37
CA GLY B 269 -15.65 10.49 -0.23
C GLY B 269 -14.89 10.93 1.01
N VAL B 289 -10.38 6.75 4.07
CA VAL B 289 -9.81 6.30 2.77
C VAL B 289 -10.12 4.80 2.60
N GLY B 290 -9.76 4.02 3.64
CA GLY B 290 -9.86 2.54 3.64
C GLY B 290 -11.14 2.04 3.01
N LEU B 291 -12.27 2.37 3.62
CA LEU B 291 -13.62 1.87 3.23
C LEU B 291 -13.99 2.31 1.81
N GLU B 292 -13.55 3.51 1.39
CA GLU B 292 -13.83 4.01 0.02
C GLU B 292 -13.07 3.12 -0.96
N VAL B 293 -11.85 2.73 -0.59
CA VAL B 293 -10.99 1.84 -1.43
C VAL B 293 -11.73 0.51 -1.60
N ILE B 294 -12.17 -0.08 -0.50
CA ILE B 294 -12.91 -1.39 -0.48
C ILE B 294 -14.14 -1.24 -1.37
N SER B 295 -14.89 -0.14 -1.22
CA SER B 295 -16.12 0.13 -2.02
C SER B 295 -15.77 0.19 -3.51
N ARG B 296 -14.69 0.88 -3.86
CA ARG B 296 -14.28 1.07 -5.28
C ARG B 296 -13.96 -0.31 -5.86
N MSE B 297 -13.28 -1.14 -5.07
CA MSE B 297 -12.89 -2.51 -5.48
C MSE B 297 -14.15 -3.32 -5.76
O MSE B 297 -14.31 -3.82 -6.89
CB MSE B 297 -12.07 -3.16 -4.35
CG MSE B 297 -11.29 -4.40 -4.74
SE MSE B 297 -11.20 -5.78 -3.32
CE MSE B 297 -12.00 -7.47 -3.97
H MSE B 297 -13.05 -0.82 -4.15
HA MSE B 297 -12.35 -2.45 -6.30
HB2 MSE B 297 -12.67 -3.41 -3.65
HB3 MSE B 297 -11.44 -2.52 -4.03
HG2 MSE B 297 -10.37 -4.16 -4.99
HG3 MSE B 297 -11.70 -4.82 -5.54
HE1 MSE B 297 -11.96 -8.13 -3.26
HE2 MSE B 297 -11.51 -7.77 -4.75
HE3 MSE B 297 -12.93 -7.31 -4.20
N THR B 298 -15.01 -3.43 -4.75
CA THR B 298 -16.19 -4.32 -4.75
C THR B 298 -17.13 -3.85 -5.86
N SER B 299 -17.25 -2.53 -6.05
CA SER B 299 -18.11 -1.92 -7.08
C SER B 299 -17.62 -2.35 -8.46
N GLN B 300 -16.30 -2.38 -8.64
CA GLN B 300 -15.67 -2.85 -9.91
C GLN B 300 -16.03 -4.32 -10.10
N THR B 301 -15.76 -5.14 -9.08
CA THR B 301 -16.15 -6.58 -9.05
C THR B 301 -17.61 -6.69 -9.51
N PHE B 302 -18.49 -5.83 -8.96
CA PHE B 302 -19.95 -5.88 -9.17
C PHE B 302 -20.24 -5.60 -10.65
N VAL B 303 -19.64 -4.54 -11.20
CA VAL B 303 -19.91 -4.13 -12.61
C VAL B 303 -19.41 -5.26 -13.51
N ASP B 304 -18.24 -5.82 -13.18
CA ASP B 304 -17.59 -6.93 -13.93
C ASP B 304 -18.56 -8.12 -13.99
N ARG B 305 -19.14 -8.50 -12.85
CA ARG B 305 -20.04 -9.68 -12.78
C ARG B 305 -21.35 -9.39 -13.53
N ALA B 306 -21.78 -8.11 -13.56
CA ALA B 306 -23.01 -7.67 -14.25
C ALA B 306 -22.82 -7.82 -15.76
N SER B 307 -21.74 -7.26 -16.30
CA SER B 307 -21.37 -7.38 -17.72
C SER B 307 -21.36 -8.87 -18.10
N GLN B 308 -20.80 -9.74 -17.25
CA GLN B 308 -20.79 -11.22 -17.47
C GLN B 308 -22.22 -11.74 -17.53
N ALA B 309 -23.07 -11.35 -16.57
CA ALA B 309 -24.50 -11.75 -16.51
C ALA B 309 -25.29 -11.12 -17.67
N GLY B 310 -24.71 -10.16 -18.40
CA GLY B 310 -25.38 -9.44 -19.51
C GLY B 310 -26.41 -8.46 -18.97
N VAL B 311 -26.13 -7.87 -17.81
CA VAL B 311 -27.01 -6.88 -17.11
C VAL B 311 -26.35 -5.51 -17.24
N GLU B 312 -26.96 -4.60 -18.00
CA GLU B 312 -26.43 -3.23 -18.21
C GLU B 312 -26.44 -2.48 -16.88
N VAL B 313 -25.31 -1.84 -16.56
CA VAL B 313 -25.13 -1.01 -15.33
C VAL B 313 -24.48 0.31 -15.75
N VAL B 314 -24.93 1.41 -15.14
CA VAL B 314 -24.30 2.76 -15.28
C VAL B 314 -23.30 2.91 -14.14
N ALA B 315 -22.02 3.04 -14.48
CA ALA B 315 -20.87 3.10 -13.57
C ALA B 315 -20.41 4.56 -13.44
N SER B 316 -20.00 5.00 -12.25
CA SER B 316 -19.36 6.32 -12.04
C SER B 316 -18.17 6.17 -11.10
N PHE B 317 -16.97 6.03 -11.67
CA PHE B 317 -15.69 5.91 -10.93
C PHE B 317 -14.83 7.15 -11.18
N ARG B 318 -15.40 8.14 -11.86
CA ARG B 318 -14.75 9.42 -12.25
C ARG B 318 -14.22 10.10 -10.98
N PRO B 319 -13.10 10.86 -11.07
CA PRO B 319 -12.67 11.71 -9.95
C PRO B 319 -13.51 13.00 -9.89
N SER B 320 -13.52 13.67 -8.74
CA SER B 320 -14.34 14.88 -8.50
C SER B 320 -13.65 15.74 -7.43
N GLY B 321 -13.87 17.06 -7.49
CA GLY B 321 -13.33 18.03 -6.52
C GLY B 321 -14.16 18.06 -5.25
N VAL B 322 -15.25 17.29 -5.23
CA VAL B 322 -16.19 17.20 -4.08
C VAL B 322 -16.06 15.82 -3.46
N HIS B 323 -16.14 15.76 -2.13
CA HIS B 323 -15.94 14.51 -1.35
C HIS B 323 -17.14 14.26 -0.43
N SER B 324 -17.23 13.03 0.07
CA SER B 324 -18.24 12.52 1.03
C SER B 324 -19.63 13.07 0.67
N TRP B 325 -20.31 13.72 1.63
CA TRP B 325 -21.77 13.98 1.57
C TRP B 325 -22.13 14.74 0.30
N GLU B 326 -21.42 15.84 0.04
CA GLU B 326 -21.65 16.70 -1.15
C GLU B 326 -21.48 15.83 -2.41
N TYR B 327 -20.52 14.91 -2.40
CA TYR B 327 -20.20 13.99 -3.52
C TYR B 327 -21.40 13.05 -3.72
N TRP B 328 -21.90 12.48 -2.61
CA TRP B 328 -23.00 11.48 -2.65
C TRP B 328 -24.26 12.14 -3.22
N GLN B 329 -24.60 13.34 -2.74
CA GLN B 329 -25.75 14.11 -3.27
C GLN B 329 -25.52 14.40 -4.75
N PHE B 330 -24.28 14.71 -5.14
CA PHE B 330 -23.91 14.93 -6.56
C PHE B 330 -24.29 13.68 -7.37
N GLU B 331 -23.89 12.51 -6.89
CA GLU B 331 -24.15 11.22 -7.58
C GLU B 331 -25.66 11.01 -7.64
N MSE B 332 -26.39 11.41 -6.60
CA MSE B 332 -27.88 11.32 -6.60
C MSE B 332 -28.39 12.06 -7.85
O MSE B 332 -29.18 11.45 -8.62
CB MSE B 332 -28.48 11.88 -5.31
CG MSE B 332 -30.01 11.93 -5.29
SE MSE B 332 -30.93 10.17 -5.43
CE MSE B 332 -30.74 9.64 -3.54
H MSE B 332 -25.93 11.78 -5.79
HA MSE B 332 -28.13 10.37 -6.66
HB2 MSE B 332 -28.16 12.77 -5.19
HB3 MSE B 332 -28.19 11.33 -4.58
HG2 MSE B 332 -30.33 12.48 -6.04
HG3 MSE B 332 -30.32 12.34 -4.46
HE1 MSE B 332 -31.16 8.77 -3.42
HE2 MSE B 332 -31.19 10.30 -2.99
HE3 MSE B 332 -29.80 9.60 -3.32
N THR B 333 -27.95 13.30 -8.04
CA THR B 333 -28.42 14.17 -9.14
C THR B 333 -27.96 13.61 -10.49
N GLN B 334 -26.81 12.91 -10.50
CA GLN B 334 -26.27 12.21 -11.69
C GLN B 334 -27.20 11.05 -12.07
N ALA B 335 -27.72 10.37 -11.04
CA ALA B 335 -28.55 9.14 -11.19
C ALA B 335 -29.99 9.54 -11.54
N PHE B 336 -30.45 10.68 -11.03
CA PHE B 336 -31.89 11.05 -11.07
C PHE B 336 -32.46 10.90 -12.48
N PRO B 337 -31.81 11.42 -13.54
CA PRO B 337 -32.35 11.26 -14.89
C PRO B 337 -32.66 9.80 -15.25
N HIS B 338 -31.82 8.86 -14.77
CA HIS B 338 -31.99 7.39 -14.98
C HIS B 338 -33.13 6.87 -14.09
N ILE B 339 -33.24 7.39 -12.86
CA ILE B 339 -34.38 7.08 -11.93
C ILE B 339 -35.67 7.49 -12.66
N ALA B 340 -35.75 8.74 -13.08
CA ALA B 340 -36.93 9.34 -13.76
C ALA B 340 -37.31 8.47 -14.96
N ASN B 341 -36.31 8.00 -15.72
CA ASN B 341 -36.54 7.12 -16.89
C ASN B 341 -37.19 5.81 -16.42
N ALA B 342 -36.59 5.15 -15.43
CA ALA B 342 -37.01 3.84 -14.89
C ALA B 342 -38.44 3.93 -14.33
N LEU B 343 -38.79 5.06 -13.71
CA LEU B 343 -40.10 5.27 -13.03
C LEU B 343 -41.11 5.89 -14.01
N GLY B 344 -40.68 6.21 -15.24
CA GLY B 344 -41.53 6.80 -16.29
C GLY B 344 -42.10 8.16 -15.93
N MSE B 345 -41.35 8.99 -15.22
CA MSE B 345 -41.78 10.38 -14.89
C MSE B 345 -41.68 11.23 -16.17
O MSE B 345 -40.71 11.09 -16.92
CB MSE B 345 -40.92 11.01 -13.79
CG MSE B 345 -40.55 10.03 -12.69
SE MSE B 345 -39.55 10.74 -11.16
CE MSE B 345 -40.01 12.64 -11.06
H MSE B 345 -40.46 8.67 -14.89
HA MSE B 345 -42.71 10.36 -14.59
HB2 MSE B 345 -41.40 11.74 -13.41
HB3 MSE B 345 -40.11 11.33 -14.19
HG2 MSE B 345 -40.00 9.31 -13.05
HG3 MSE B 345 -41.37 9.65 -12.31
HE1 MSE B 345 -39.54 13.04 -10.31
HE2 MSE B 345 -40.97 12.73 -10.94
HE3 MSE B 345 -39.75 13.08 -11.89
N SER B 346 -42.64 12.14 -16.36
CA SER B 346 -42.70 13.06 -17.52
C SER B 346 -41.62 14.14 -17.40
N THR B 347 -41.39 14.89 -18.47
CA THR B 347 -40.43 16.03 -18.49
C THR B 347 -40.85 17.05 -17.43
N GLU B 348 -42.14 17.37 -17.38
CA GLU B 348 -42.69 18.44 -16.49
C GLU B 348 -42.64 17.95 -15.03
N ASP B 349 -42.42 16.65 -14.82
CA ASP B 349 -42.31 16.03 -13.48
C ASP B 349 -40.90 16.19 -12.93
N ARG B 350 -39.91 16.30 -13.82
CA ARG B 350 -38.47 16.14 -13.49
C ARG B 350 -37.90 17.44 -12.91
N GLY B 351 -38.46 18.60 -13.28
CA GLY B 351 -38.00 19.93 -12.85
C GLY B 351 -36.59 20.20 -13.34
N VAL B 352 -35.77 20.86 -12.53
CA VAL B 352 -34.35 21.14 -12.86
C VAL B 352 -33.50 19.94 -12.39
N GLU B 353 -33.04 19.11 -13.34
CA GLU B 353 -32.35 17.82 -13.09
C GLU B 353 -30.93 18.04 -12.54
N CYS B 354 -30.24 19.09 -12.97
CA CYS B 354 -28.81 19.37 -12.68
C CYS B 354 -28.64 20.38 -11.53
N ALA B 355 -27.48 20.38 -10.86
CA ALA B 355 -27.23 21.21 -9.66
C ALA B 355 -25.73 21.42 -9.43
N PRO B 356 -25.29 22.68 -9.31
CA PRO B 356 -23.88 23.00 -9.07
C PRO B 356 -23.41 22.59 -7.67
N VAL B 357 -22.16 22.15 -7.57
CA VAL B 357 -21.53 21.69 -6.31
C VAL B 357 -20.13 22.27 -6.18
N GLY B 358 -19.63 22.31 -4.95
CA GLY B 358 -18.24 22.66 -4.60
C GLY B 358 -17.88 24.04 -5.09
N ALA B 359 -16.73 24.15 -5.78
CA ALA B 359 -16.08 25.43 -6.13
C ALA B 359 -16.93 26.17 -7.19
N ILE B 360 -17.42 25.46 -8.21
CA ILE B 360 -18.30 26.04 -9.28
C ILE B 360 -19.58 26.61 -8.65
N ALA B 361 -20.14 25.92 -7.66
CA ALA B 361 -21.35 26.36 -6.93
C ALA B 361 -21.07 27.69 -6.21
N ASP B 362 -19.91 27.83 -5.58
CA ASP B 362 -19.51 29.04 -4.82
C ASP B 362 -19.34 30.23 -5.77
N ALA B 363 -18.76 29.99 -6.95
CA ALA B 363 -18.49 31.03 -7.98
C ALA B 363 -19.78 31.41 -8.72
N VAL B 364 -20.81 30.56 -8.68
CA VAL B 364 -22.08 30.79 -9.41
C VAL B 364 -23.14 31.38 -8.46
N ALA B 365 -22.80 31.58 -7.19
CA ALA B 365 -23.67 32.06 -6.08
C ALA B 365 -24.35 33.40 -6.43
N ASP B 366 -23.68 34.27 -7.18
CA ASP B 366 -24.21 35.57 -7.68
C ASP B 366 -25.62 35.32 -8.25
N GLY B 367 -25.75 34.31 -9.11
CA GLY B 367 -26.96 34.02 -9.89
C GLY B 367 -26.79 34.47 -11.33
N ALA B 368 -25.70 35.20 -11.61
CA ALA B 368 -25.33 35.79 -12.92
C ALA B 368 -25.46 34.76 -14.05
N MSE B 369 -25.03 33.53 -13.81
CA MSE B 369 -24.86 32.51 -14.87
C MSE B 369 -26.23 31.98 -15.34
O MSE B 369 -26.31 31.47 -16.47
CB MSE B 369 -24.00 31.37 -14.33
CG MSE B 369 -22.63 31.82 -13.86
SE MSE B 369 -21.50 32.35 -15.37
CE MSE B 369 -21.70 31.07 -16.82
H MSE B 369 -24.81 33.30 -12.85
HA MSE B 369 -24.42 32.92 -15.65
HB2 MSE B 369 -23.88 30.72 -15.01
HB3 MSE B 369 -24.45 30.97 -13.59
HG2 MSE B 369 -22.20 31.10 -13.37
HG3 MSE B 369 -22.73 32.58 -13.25
HE1 MSE B 369 -21.14 31.34 -17.57
HE2 MSE B 369 -22.63 31.04 -17.10
HE3 MSE B 369 -21.43 30.19 -16.52
N GLY B 370 -27.23 32.06 -14.47
CA GLY B 370 -28.59 31.55 -14.74
C GLY B 370 -28.77 30.12 -14.28
N THR B 371 -29.85 29.50 -14.76
CA THR B 371 -30.28 28.10 -14.52
C THR B 371 -29.26 27.17 -15.21
N CYS B 372 -28.64 26.23 -14.48
CA CYS B 372 -27.64 25.28 -15.04
C CYS B 372 -28.33 24.38 -16.07
N LEU B 373 -27.65 24.07 -17.18
CA LEU B 373 -28.18 23.21 -18.28
C LEU B 373 -27.63 21.79 -18.14
N THR B 374 -26.52 21.63 -17.41
CA THR B 374 -25.85 20.33 -17.14
C THR B 374 -25.15 20.38 -15.78
N ASN B 375 -24.70 19.23 -15.30
CA ASN B 375 -23.87 19.12 -14.07
C ASN B 375 -22.40 19.34 -14.48
N GLU B 376 -21.51 19.50 -13.48
CA GLU B 376 -20.05 19.35 -13.67
C GLU B 376 -19.81 18.14 -14.57
N TYR B 377 -19.06 18.30 -15.67
CA TYR B 377 -18.59 17.19 -16.53
C TYR B 377 -17.09 17.34 -16.70
N ASP B 378 -16.39 16.21 -16.88
CA ASP B 378 -14.90 16.19 -17.00
C ASP B 378 -14.50 16.84 -18.33
N VAL B 379 -13.57 17.80 -18.27
CA VAL B 379 -12.79 18.37 -19.41
C VAL B 379 -11.33 18.24 -19.02
N THR B 380 -10.42 18.48 -19.97
CA THR B 380 -8.99 18.06 -19.89
C THR B 380 -8.41 18.23 -18.48
N GLY B 381 -8.24 19.44 -17.96
CA GLY B 381 -7.45 19.61 -16.72
C GLY B 381 -8.31 19.56 -15.46
N GLY B 382 -9.63 19.40 -15.62
CA GLY B 382 -10.62 19.62 -14.54
C GLY B 382 -12.04 19.54 -15.04
N LYS B 383 -12.92 20.48 -14.65
CA LYS B 383 -14.38 20.35 -14.87
C LYS B 383 -14.99 21.63 -15.46
N ALA B 384 -16.03 21.46 -16.26
CA ALA B 384 -16.84 22.52 -16.90
C ALA B 384 -18.32 22.21 -16.68
N GLN B 385 -19.14 23.25 -16.52
CA GLN B 385 -20.60 23.16 -16.28
C GLN B 385 -21.30 24.18 -17.17
N ASP B 386 -22.29 23.75 -17.97
CA ASP B 386 -23.06 24.65 -18.86
C ASP B 386 -24.14 25.40 -18.06
N PHE B 387 -24.42 26.64 -18.44
CA PHE B 387 -25.51 27.48 -17.86
C PHE B 387 -26.21 28.23 -19.00
N ALA B 388 -27.34 28.87 -18.69
CA ALA B 388 -28.15 29.65 -19.66
C ALA B 388 -27.27 30.74 -20.26
N ASN B 389 -26.55 31.46 -19.41
CA ASN B 389 -25.85 32.74 -19.73
C ASN B 389 -24.39 32.50 -20.11
N GLY B 390 -23.83 31.32 -19.83
CA GLY B 390 -22.47 30.95 -20.26
C GLY B 390 -22.00 29.62 -19.72
N ARG B 391 -20.68 29.44 -19.61
CA ARG B 391 -20.05 28.20 -19.09
C ARG B 391 -19.16 28.54 -17.89
N ALA B 392 -19.08 27.63 -16.93
CA ALA B 392 -18.15 27.75 -15.77
C ALA B 392 -17.01 26.76 -16.00
N TYR B 393 -15.85 27.06 -15.43
CA TYR B 393 -14.63 26.23 -15.57
C TYR B 393 -13.95 26.17 -14.20
N TRP B 394 -13.33 25.03 -13.89
CA TRP B 394 -12.61 24.77 -12.62
C TRP B 394 -11.47 23.77 -12.82
N SER B 395 -10.35 24.01 -12.16
CA SER B 395 -9.20 23.08 -12.00
C SER B 395 -8.66 23.27 -10.57
N ALA B 396 -8.17 22.20 -9.94
CA ALA B 396 -7.65 22.22 -8.55
C ALA B 396 -6.69 23.40 -8.37
N ASN B 397 -5.88 23.67 -9.41
CA ASN B 397 -4.85 24.75 -9.48
C ASN B 397 -5.50 26.14 -9.49
N THR B 398 -6.35 26.42 -10.49
CA THR B 398 -6.86 27.77 -10.85
C THR B 398 -8.04 28.16 -9.94
N GLY B 399 -8.90 27.21 -9.58
CA GLY B 399 -10.21 27.48 -8.96
C GLY B 399 -11.30 27.63 -10.00
N ALA B 400 -12.47 28.12 -9.58
CA ALA B 400 -13.71 28.13 -10.38
C ALA B 400 -14.09 29.56 -10.76
N PHE B 401 -14.54 29.74 -12.01
CA PHE B 401 -14.92 31.05 -12.61
C PHE B 401 -15.99 30.81 -13.69
N GLY B 402 -17.05 31.62 -13.67
CA GLY B 402 -18.11 31.63 -14.70
C GLY B 402 -17.79 32.64 -15.77
N LEU B 403 -17.75 32.23 -17.04
CA LEU B 403 -17.46 33.14 -18.18
C LEU B 403 -18.75 33.29 -19.00
N VAL B 404 -19.00 34.50 -19.51
CA VAL B 404 -20.26 34.78 -20.26
C VAL B 404 -19.92 35.47 -21.58
N GLY B 405 -20.94 35.55 -22.44
CA GLY B 405 -20.97 36.35 -23.66
C GLY B 405 -19.86 35.97 -24.61
N ARG B 406 -19.32 36.98 -25.30
CA ARG B 406 -18.49 36.81 -26.51
C ARG B 406 -17.08 36.31 -26.14
N ILE B 407 -16.53 36.75 -25.02
CA ILE B 407 -15.25 36.20 -24.47
C ILE B 407 -15.42 34.68 -24.35
N ASN B 408 -16.44 34.24 -23.61
CA ASN B 408 -16.69 32.79 -23.36
C ASN B 408 -16.92 32.10 -24.71
N ALA B 409 -17.67 32.72 -25.62
CA ALA B 409 -17.95 32.19 -26.98
C ALA B 409 -16.63 31.91 -27.71
N ARG B 410 -15.64 32.78 -27.57
CA ARG B 410 -14.30 32.62 -28.19
C ARG B 410 -13.54 31.52 -27.44
N TYR B 411 -13.41 31.64 -26.12
CA TYR B 411 -12.68 30.65 -25.28
C TYR B 411 -13.16 29.23 -25.64
N SER B 412 -14.45 29.05 -25.90
CA SER B 412 -15.05 27.76 -26.35
C SER B 412 -14.59 27.43 -27.77
N GLU B 413 -14.75 28.36 -28.70
CA GLU B 413 -14.28 28.21 -30.12
C GLU B 413 -12.86 27.62 -30.11
N LEU B 414 -12.03 28.00 -29.13
CA LEU B 414 -10.60 27.60 -29.04
C LEU B 414 -10.46 26.19 -28.45
N GLY B 415 -11.45 25.72 -27.67
CA GLY B 415 -11.43 24.40 -27.00
C GLY B 415 -11.38 24.52 -25.48
N GLY B 416 -11.75 25.68 -24.93
CA GLY B 416 -11.70 25.94 -23.48
C GLY B 416 -10.34 25.54 -22.93
N PRO B 417 -10.28 24.83 -21.78
CA PRO B 417 -8.99 24.50 -21.16
C PRO B 417 -8.11 23.52 -21.96
N ALA B 418 -8.67 22.89 -23.00
CA ALA B 418 -7.92 22.07 -23.99
C ALA B 418 -6.97 22.98 -24.81
N SER B 419 -7.42 24.17 -25.18
CA SER B 419 -6.60 25.19 -25.91
C SER B 419 -5.43 25.66 -25.03
N TRP B 420 -4.41 26.25 -25.66
CA TRP B 420 -3.11 26.62 -25.04
C TRP B 420 -3.29 27.61 -23.88
N LEU B 421 -4.45 28.30 -23.81
CA LEU B 421 -4.73 29.36 -22.80
C LEU B 421 -4.70 28.78 -21.38
N GLY B 422 -5.16 27.54 -21.24
CA GLY B 422 -5.35 26.86 -19.94
C GLY B 422 -6.64 27.29 -19.27
N TYR B 423 -6.69 27.26 -17.94
CA TYR B 423 -7.93 27.55 -17.18
C TYR B 423 -8.05 29.06 -16.95
N PRO B 424 -9.28 29.60 -16.91
CA PRO B 424 -9.50 30.98 -16.49
C PRO B 424 -9.04 31.20 -15.04
N THR B 425 -8.40 32.35 -14.81
CA THR B 425 -7.84 32.81 -13.50
C THR B 425 -8.67 33.99 -12.96
N SER B 426 -9.76 34.36 -13.67
CA SER B 426 -10.72 35.45 -13.34
C SER B 426 -12.07 35.24 -14.02
N SER B 427 -13.10 35.99 -13.59
CA SER B 427 -14.40 36.21 -14.31
C SER B 427 -14.23 37.38 -15.29
N GLU B 428 -15.29 37.77 -16.02
CA GLU B 428 -15.24 38.87 -17.01
C GLU B 428 -15.02 40.18 -16.25
N LEU B 429 -13.91 40.89 -16.54
CA LEU B 429 -13.54 42.15 -15.87
C LEU B 429 -13.68 43.33 -16.84
N LYS B 430 -13.89 44.53 -16.28
CA LYS B 430 -14.05 45.80 -17.03
C LYS B 430 -12.70 46.52 -17.04
N THR B 431 -12.37 47.14 -18.18
CA THR B 431 -11.19 48.03 -18.36
C THR B 431 -11.56 49.43 -17.87
N PRO B 432 -10.61 50.22 -17.32
CA PRO B 432 -10.94 51.55 -16.78
C PRO B 432 -11.53 52.57 -17.78
N ASP B 433 -11.34 52.36 -19.09
CA ASP B 433 -11.98 53.20 -20.14
C ASP B 433 -13.47 52.82 -20.30
N GLY B 434 -13.88 51.69 -19.73
CA GLY B 434 -15.30 51.27 -19.65
C GLY B 434 -15.89 50.88 -20.99
N ARG B 435 -15.07 50.67 -22.02
CA ARG B 435 -15.54 50.11 -23.32
C ARG B 435 -15.04 48.67 -23.49
N GLY B 436 -13.99 48.30 -22.73
CA GLY B 436 -13.33 46.99 -22.82
C GLY B 436 -13.79 46.05 -21.73
N ARG B 437 -13.82 44.75 -22.06
CA ARG B 437 -13.96 43.62 -21.11
C ARG B 437 -12.84 42.62 -21.40
N PHE B 438 -12.30 41.98 -20.36
CA PHE B 438 -11.27 40.93 -20.52
C PHE B 438 -11.40 39.86 -19.42
N VAL B 439 -10.94 38.66 -19.77
CA VAL B 439 -10.77 37.50 -18.85
C VAL B 439 -9.29 37.08 -18.89
N THR B 440 -8.72 36.83 -17.71
CA THR B 440 -7.33 36.34 -17.56
C THR B 440 -7.36 34.81 -17.51
N PHE B 441 -6.34 34.18 -18.08
CA PHE B 441 -6.14 32.71 -18.14
C PHE B 441 -4.70 32.41 -17.67
N GLU B 442 -4.39 31.13 -17.54
CA GLU B 442 -3.08 30.62 -17.08
C GLU B 442 -1.97 31.09 -18.03
N HIS B 443 -2.24 31.04 -19.34
CA HIS B 443 -1.22 31.23 -20.42
C HIS B 443 -1.65 32.35 -21.38
N GLY B 444 -2.41 33.34 -20.90
CA GLY B 444 -2.78 34.52 -21.69
C GLY B 444 -3.99 35.27 -21.13
N SER B 445 -4.64 36.06 -21.97
CA SER B 445 -5.90 36.80 -21.70
C SER B 445 -6.75 36.84 -22.98
N ILE B 446 -8.06 37.05 -22.83
CA ILE B 446 -8.97 37.40 -23.95
C ILE B 446 -9.51 38.80 -23.66
N TYR B 447 -9.39 39.72 -24.62
CA TYR B 447 -9.94 41.10 -24.55
C TYR B 447 -11.06 41.23 -25.60
N TRP B 448 -12.07 42.04 -25.26
CA TRP B 448 -13.27 42.29 -26.11
C TRP B 448 -13.72 43.76 -25.98
N THR B 449 -14.11 44.34 -27.11
CA THR B 449 -14.95 45.56 -27.21
C THR B 449 -16.05 45.30 -28.23
N ALA B 450 -17.14 46.05 -28.17
CA ALA B 450 -18.29 45.94 -29.09
C ALA B 450 -17.77 45.96 -30.54
N THR B 451 -16.66 46.67 -30.79
CA THR B 451 -16.17 47.03 -32.16
C THR B 451 -14.96 46.17 -32.55
N THR B 452 -14.08 45.75 -31.63
CA THR B 452 -12.89 44.93 -32.00
C THR B 452 -13.25 43.44 -32.02
N GLY B 453 -14.08 42.98 -31.08
CA GLY B 453 -14.42 41.55 -30.90
C GLY B 453 -13.59 40.87 -29.82
N PRO B 454 -13.79 39.55 -29.63
CA PRO B 454 -13.07 38.78 -28.63
C PRO B 454 -11.81 38.13 -29.22
N TRP B 455 -10.65 38.44 -28.64
CA TRP B 455 -9.34 37.94 -29.13
C TRP B 455 -8.43 37.57 -27.96
N GLU B 456 -7.72 36.45 -28.11
CA GLU B 456 -6.78 35.87 -27.12
C GLU B 456 -5.37 36.35 -27.47
N ILE B 457 -4.66 36.89 -26.47
CA ILE B 457 -3.24 37.33 -26.57
C ILE B 457 -2.40 36.38 -25.74
N PRO B 458 -1.41 35.67 -26.33
CA PRO B 458 -0.52 34.79 -25.56
C PRO B 458 0.25 35.57 -24.48
N GLY B 459 0.43 34.97 -23.30
CA GLY B 459 0.96 35.58 -22.06
C GLY B 459 2.19 36.43 -22.26
N ASP B 460 3.18 35.95 -23.03
CA ASP B 460 4.46 36.66 -23.33
C ASP B 460 4.16 37.93 -24.13
N MSE B 461 3.42 37.80 -25.23
CA MSE B 461 3.01 38.92 -26.10
C MSE B 461 2.19 39.92 -25.28
O MSE B 461 2.34 41.12 -25.46
CB MSE B 461 2.25 38.38 -27.32
CG MSE B 461 3.04 37.35 -28.08
SE MSE B 461 2.10 36.70 -29.66
CE MSE B 461 1.60 38.34 -30.61
H MSE B 461 3.11 36.86 -25.46
HA MSE B 461 3.82 39.36 -26.44
HB2 MSE B 461 2.04 39.11 -27.90
HB3 MSE B 461 1.43 37.97 -27.01
HG2 MSE B 461 3.23 36.58 -27.50
HG3 MSE B 461 3.90 37.74 -28.36
HE1 MSE B 461 1.12 38.11 -31.42
HE2 MSE B 461 2.40 38.83 -30.83
HE3 MSE B 461 1.03 38.87 -30.04
N LEU B 462 1.40 39.40 -24.34
CA LEU B 462 0.60 40.21 -23.41
C LEU B 462 1.49 41.08 -22.53
N ALA B 463 2.59 40.55 -21.99
CA ALA B 463 3.51 41.31 -21.11
C ALA B 463 4.20 42.42 -21.91
N ALA B 464 4.50 42.15 -23.21
CA ALA B 464 5.14 43.11 -24.15
C ALA B 464 4.18 44.27 -24.40
N TRP B 465 2.96 43.94 -24.80
CA TRP B 465 1.80 44.86 -24.95
C TRP B 465 1.64 45.69 -23.67
N GLY B 466 1.94 45.08 -22.52
CA GLY B 466 1.92 45.73 -21.19
C GLY B 466 2.92 46.86 -21.07
N THR B 467 4.13 46.69 -21.60
CA THR B 467 5.24 47.70 -21.50
C THR B 467 4.79 49.05 -22.10
N GLN B 468 3.77 49.04 -22.97
CA GLN B 468 3.21 50.23 -23.66
C GLN B 468 1.86 50.61 -23.00
N ASP B 469 1.40 49.80 -22.04
CA ASP B 469 0.26 50.00 -21.09
C ASP B 469 -1.03 49.43 -21.70
N TYR B 470 -0.93 48.31 -22.41
CA TYR B 470 -2.06 47.44 -22.83
C TYR B 470 -3.04 48.25 -23.68
N GLU B 471 -4.29 48.40 -23.24
CA GLU B 471 -5.39 49.10 -23.97
C GLU B 471 -5.21 50.62 -23.81
N LYS B 472 -4.62 51.07 -22.70
CA LYS B 472 -4.39 52.50 -22.36
C LYS B 472 -3.39 53.14 -23.34
N GLY B 473 -2.47 52.37 -23.93
CA GLY B 473 -1.50 52.88 -24.93
C GLY B 473 -2.05 52.88 -26.36
N SER B 474 -1.33 53.52 -27.28
CA SER B 474 -1.63 53.68 -28.73
C SER B 474 -2.22 52.39 -29.33
N LEU B 475 -1.60 51.25 -29.04
CA LEU B 475 -1.89 49.91 -29.62
C LEU B 475 -3.38 49.54 -29.45
N GLY B 476 -3.97 49.91 -28.30
CA GLY B 476 -5.38 49.67 -27.98
C GLY B 476 -5.69 48.19 -27.84
N TYR B 477 -6.74 47.71 -28.51
CA TYR B 477 -7.30 46.35 -28.34
C TYR B 477 -6.88 45.47 -29.51
N PRO B 478 -6.71 44.15 -29.29
CA PRO B 478 -6.47 43.21 -30.38
C PRO B 478 -7.67 43.17 -31.34
N THR B 479 -7.38 43.06 -32.64
CA THR B 479 -8.38 43.08 -33.74
C THR B 479 -8.36 41.75 -34.51
N GLY B 480 -7.47 40.84 -34.11
CA GLY B 480 -7.30 39.48 -34.70
C GLY B 480 -6.43 38.60 -33.83
N ALA B 481 -6.18 37.38 -34.28
CA ALA B 481 -5.42 36.35 -33.51
C ALA B 481 -3.94 36.43 -33.90
N ALA B 482 -3.04 36.04 -33.00
CA ALA B 482 -1.60 35.81 -33.31
C ALA B 482 -1.54 34.74 -34.41
N VAL B 483 -0.93 35.05 -35.56
CA VAL B 483 -0.87 34.16 -36.76
C VAL B 483 0.60 33.88 -37.10
N GLU B 484 0.87 32.80 -37.86
CA GLU B 484 2.20 32.51 -38.45
C GLU B 484 2.68 33.78 -39.15
N TYR B 485 3.88 34.24 -38.79
CA TYR B 485 4.59 35.35 -39.47
C TYR B 485 6.08 35.00 -39.53
N ASN B 486 6.56 34.58 -40.70
CA ASN B 486 8.00 34.31 -41.00
C ASN B 486 8.65 33.62 -39.79
N GLY B 487 8.18 32.41 -39.44
CA GLY B 487 8.71 31.62 -38.31
C GLY B 487 8.63 32.38 -36.99
N GLY B 488 7.58 33.17 -36.83
CA GLY B 488 7.23 33.90 -35.60
C GLY B 488 5.73 34.15 -35.54
N LEU B 489 5.28 35.00 -34.63
CA LEU B 489 3.84 35.34 -34.51
C LEU B 489 3.66 36.84 -34.62
N ARG B 490 2.61 37.25 -35.34
CA ARG B 490 2.17 38.67 -35.47
C ARG B 490 0.65 38.76 -35.24
N GLN B 491 0.26 39.40 -34.14
CA GLN B 491 -1.16 39.70 -33.78
C GLN B 491 -1.43 41.19 -34.01
N GLN B 492 -2.44 41.50 -34.83
CA GLN B 492 -2.84 42.89 -35.14
C GLN B 492 -3.56 43.51 -33.94
N PHE B 493 -3.42 44.82 -33.79
CA PHE B 493 -4.12 45.62 -32.75
C PHE B 493 -4.67 46.87 -33.43
N GLU B 494 -5.38 47.69 -32.66
CA GLU B 494 -5.91 48.97 -33.16
C GLU B 494 -4.72 49.82 -33.62
N GLY B 495 -3.74 49.99 -32.73
CA GLY B 495 -2.67 51.00 -32.82
C GLY B 495 -1.39 50.48 -33.46
N GLY B 496 -1.27 49.16 -33.66
CA GLY B 496 -0.11 48.57 -34.37
C GLY B 496 -0.17 47.05 -34.50
N TYR B 497 0.87 46.36 -34.00
CA TYR B 497 1.04 44.89 -33.97
C TYR B 497 1.95 44.47 -32.81
N VAL B 498 1.73 43.28 -32.24
CA VAL B 498 2.65 42.63 -31.25
C VAL B 498 3.22 41.36 -31.90
N PHE B 499 4.47 41.00 -31.55
CA PHE B 499 5.27 39.95 -32.22
C PHE B 499 5.82 38.92 -31.21
N ARG B 500 5.96 37.68 -31.69
CA ARG B 500 6.82 36.62 -31.09
C ARG B 500 7.94 36.32 -32.10
N THR B 501 9.20 36.59 -31.74
CA THR B 501 10.37 36.51 -32.66
C THR B 501 10.78 35.04 -32.87
N SER B 502 11.53 34.79 -33.95
CA SER B 502 12.19 33.50 -34.27
C SER B 502 12.90 32.94 -33.04
N ASN B 503 13.49 33.81 -32.22
CA ASN B 503 14.27 33.40 -31.02
C ASN B 503 13.41 33.61 -29.77
N ASN B 504 12.09 33.48 -29.92
CA ASN B 504 11.07 33.46 -28.83
C ASN B 504 11.27 34.65 -27.87
N GLN B 505 11.13 35.87 -28.40
CA GLN B 505 10.98 37.10 -27.59
C GLN B 505 9.72 37.83 -28.06
N SER B 506 9.29 38.83 -27.31
CA SER B 506 8.08 39.61 -27.64
C SER B 506 8.36 41.11 -27.65
N TYR B 507 8.13 41.74 -28.80
CA TYR B 507 8.20 43.21 -29.00
C TYR B 507 7.00 43.63 -29.84
N TRP B 508 6.56 44.89 -29.66
CA TRP B 508 5.43 45.52 -30.39
C TRP B 508 5.97 46.62 -31.30
N VAL B 509 5.15 46.99 -32.29
CA VAL B 509 5.48 47.99 -33.34
C VAL B 509 4.21 48.85 -33.48
N ARG B 510 4.34 50.18 -33.51
CA ARG B 510 3.16 51.10 -33.42
C ARG B 510 3.24 52.24 -34.45
N GLY B 511 2.09 52.86 -34.71
CA GLY B 511 1.96 54.11 -35.47
C GLY B 511 2.64 54.05 -36.82
N GLU B 512 3.42 55.07 -37.16
CA GLU B 512 3.96 55.30 -38.52
C GLU B 512 5.08 54.29 -38.80
N ILE B 513 5.89 53.97 -37.79
CA ILE B 513 6.97 52.94 -37.90
C ILE B 513 6.31 51.61 -38.31
N SER B 514 5.22 51.25 -37.62
CA SER B 514 4.42 50.03 -37.84
C SER B 514 3.91 49.97 -39.28
N LYS B 515 3.37 51.09 -39.80
CA LYS B 515 2.80 51.14 -41.17
C LYS B 515 3.90 50.73 -42.15
N LYS B 516 5.11 51.24 -41.93
CA LYS B 516 6.33 50.97 -42.75
C LYS B 516 6.70 49.50 -42.62
N TYR B 517 7.02 49.05 -41.40
CA TYR B 517 7.54 47.69 -41.12
C TYR B 517 6.69 46.63 -41.85
N ALA B 518 5.39 46.86 -41.97
CA ALA B 518 4.42 45.92 -42.56
C ALA B 518 4.34 46.07 -44.08
N GLU B 519 4.99 47.10 -44.64
CA GLU B 519 4.92 47.37 -46.10
C GLU B 519 5.69 46.27 -46.84
N ASP B 520 5.28 46.06 -48.09
CA ASP B 520 5.79 45.08 -49.08
C ASP B 520 7.33 45.05 -49.04
N GLY B 521 7.92 43.95 -48.57
CA GLY B 521 9.35 43.64 -48.70
C GLY B 521 10.23 44.23 -47.60
N ILE B 522 9.65 44.97 -46.64
CA ILE B 522 10.43 45.67 -45.57
C ILE B 522 10.96 44.68 -44.53
N PHE B 523 10.20 43.62 -44.19
CA PHE B 523 10.62 42.60 -43.20
C PHE B 523 11.87 41.88 -43.71
N ALA B 524 11.84 41.52 -45.01
CA ALA B 524 12.98 40.94 -45.76
C ALA B 524 14.28 41.63 -45.36
N GLN B 525 14.25 42.96 -45.18
CA GLN B 525 15.46 43.82 -44.97
C GLN B 525 15.85 43.92 -43.49
N LEU B 526 14.90 43.89 -42.56
CA LEU B 526 15.16 44.23 -41.13
C LEU B 526 15.13 42.99 -40.24
N GLY B 527 14.33 41.99 -40.61
CA GLY B 527 14.00 40.84 -39.74
C GLY B 527 13.11 41.26 -38.58
N PHE B 528 13.09 40.48 -37.51
CA PHE B 528 12.22 40.74 -36.32
C PHE B 528 12.78 41.93 -35.56
N PRO B 529 11.94 42.68 -34.83
CA PRO B 529 12.43 43.67 -33.87
C PRO B 529 13.34 43.05 -32.80
N THR B 530 14.27 43.86 -32.29
CA THR B 530 15.20 43.50 -31.18
C THR B 530 14.86 44.33 -29.93
N GLY B 531 13.85 45.21 -30.05
CA GLY B 531 13.36 46.11 -28.98
C GLY B 531 12.08 46.80 -29.42
N ASN B 532 11.44 47.54 -28.51
CA ASN B 532 10.19 48.29 -28.79
C ASN B 532 10.58 49.70 -29.28
N GLU B 533 9.61 50.48 -29.77
CA GLU B 533 9.81 51.89 -30.23
C GLU B 533 10.37 52.68 -29.04
N LYS B 534 11.34 53.57 -29.30
CA LYS B 534 11.95 54.47 -28.28
C LYS B 534 11.75 55.91 -28.76
N LEU B 535 11.15 56.75 -27.92
CA LEU B 535 10.91 58.18 -28.22
C LEU B 535 12.25 58.92 -28.05
N ILE B 536 12.68 59.63 -29.09
CA ILE B 536 13.94 60.43 -29.12
C ILE B 536 13.58 61.88 -29.40
N ASN B 537 14.43 62.82 -29.00
CA ASN B 537 14.30 64.25 -29.41
C ASN B 537 14.03 64.28 -30.94
N GLY B 538 12.86 64.79 -31.35
CA GLY B 538 12.53 65.06 -32.77
C GLY B 538 11.61 64.01 -33.38
N GLY B 539 11.52 62.82 -32.79
CA GLY B 539 10.68 61.73 -33.31
C GLY B 539 10.83 60.44 -32.52
N ALA B 540 11.01 59.33 -33.22
CA ALA B 540 11.24 58.01 -32.59
C ALA B 540 11.96 57.07 -33.57
N PHE B 541 12.46 55.96 -33.04
CA PHE B 541 13.13 54.87 -33.80
C PHE B 541 12.92 53.54 -33.08
N GLN B 542 12.99 52.47 -33.85
CA GLN B 542 12.92 51.07 -33.35
C GLN B 542 14.10 50.30 -33.97
N GLU B 543 14.66 49.36 -33.21
CA GLU B 543 15.81 48.53 -33.62
C GLU B 543 15.30 47.18 -34.12
N PHE B 544 15.91 46.67 -35.19
CA PHE B 544 15.58 45.35 -35.80
C PHE B 544 16.88 44.54 -35.94
N GLU B 545 16.73 43.27 -36.31
CA GLU B 545 17.84 42.29 -36.37
C GLU B 545 18.95 42.86 -37.27
N LYS B 546 18.57 43.37 -38.44
CA LYS B 546 19.49 43.74 -39.54
C LYS B 546 19.44 45.24 -39.82
N GLY B 547 18.73 46.04 -39.01
CA GLY B 547 18.67 47.51 -39.20
C GLY B 547 17.78 48.24 -38.20
N ASN B 548 17.48 49.51 -38.49
CA ASN B 548 16.68 50.44 -37.66
C ASN B 548 15.63 51.09 -38.55
N ILE B 549 14.48 51.47 -37.97
CA ILE B 549 13.50 52.39 -38.63
C ILE B 549 13.49 53.69 -37.80
N TYR B 550 13.62 54.82 -38.50
CA TYR B 550 13.60 56.17 -37.94
C TYR B 550 12.36 56.90 -38.49
N TRP B 551 11.66 57.65 -37.62
CA TRP B 551 10.48 58.49 -37.99
C TRP B 551 10.53 59.84 -37.26
N SER B 552 10.15 60.91 -37.99
CA SER B 552 9.83 62.26 -37.48
C SER B 552 8.61 62.80 -38.25
N ALA B 553 7.89 63.74 -37.66
CA ALA B 553 6.74 64.45 -38.28
C ALA B 553 7.06 64.80 -39.75
N SER B 554 8.21 65.44 -39.98
CA SER B 554 8.66 66.03 -41.27
C SER B 554 9.12 64.96 -42.26
N THR B 555 9.97 64.02 -41.82
CA THR B 555 10.72 63.07 -42.70
C THR B 555 9.87 61.85 -43.04
N GLY B 556 9.19 61.30 -42.03
CA GLY B 556 8.43 60.04 -42.15
C GLY B 556 9.21 58.89 -41.54
N ALA B 557 8.71 57.67 -41.70
CA ALA B 557 9.36 56.43 -41.24
C ALA B 557 10.19 55.88 -42.40
N HIS B 558 11.49 55.68 -42.16
CA HIS B 558 12.45 55.25 -43.20
C HIS B 558 13.48 54.28 -42.59
N VAL B 559 13.87 53.29 -43.40
CA VAL B 559 14.76 52.14 -43.04
C VAL B 559 16.21 52.56 -43.27
N ILE B 560 17.07 52.32 -42.28
CA ILE B 560 18.55 52.30 -42.44
C ILE B 560 19.03 50.90 -42.00
N LEU B 561 19.98 50.31 -42.73
CA LEU B 561 20.53 48.96 -42.44
C LEU B 561 21.81 49.12 -41.61
N HIS B 562 22.18 48.07 -40.87
CA HIS B 562 23.52 47.92 -40.23
C HIS B 562 24.57 47.92 -41.35
N GLY B 563 25.72 48.57 -41.12
CA GLY B 563 26.80 48.64 -42.12
C GLY B 563 27.54 49.96 -42.10
N ASP B 564 28.39 50.17 -43.09
CA ASP B 564 29.35 51.31 -43.19
C ASP B 564 28.56 52.62 -43.05
N ILE B 565 27.49 52.80 -43.84
CA ILE B 565 26.67 54.05 -43.89
C ILE B 565 26.17 54.38 -42.48
N PHE B 566 25.70 53.38 -41.74
CA PHE B 566 25.16 53.55 -40.37
C PHE B 566 26.29 54.03 -39.45
N ASP B 567 27.44 53.33 -39.47
CA ASP B 567 28.60 53.62 -38.59
C ASP B 567 29.05 55.08 -38.82
N ALA B 568 29.13 55.49 -40.09
CA ALA B 568 29.56 56.83 -40.54
C ALA B 568 28.59 57.88 -40.00
N TRP B 569 27.29 57.69 -40.24
CA TRP B 569 26.19 58.53 -39.71
C TRP B 569 26.29 58.57 -38.19
N GLY B 570 26.68 57.44 -37.57
CA GLY B 570 26.95 57.31 -36.13
C GLY B 570 28.06 58.25 -35.68
N ALA B 571 29.19 58.25 -36.40
CA ALA B 571 30.36 59.12 -36.13
C ALA B 571 29.94 60.59 -36.01
N LYS B 572 28.82 60.97 -36.65
CA LYS B 572 28.32 62.38 -36.75
C LYS B 572 27.07 62.57 -35.89
N GLY B 573 26.81 61.70 -34.90
CA GLY B 573 25.73 61.83 -33.90
C GLY B 573 24.37 61.32 -34.38
N TRP B 574 24.35 60.47 -35.42
CA TRP B 574 23.13 59.92 -36.06
C TRP B 574 22.12 61.05 -36.30
N GLU B 575 20.86 60.89 -35.87
CA GLU B 575 19.73 61.82 -36.15
C GLU B 575 19.85 63.09 -35.29
N GLN B 576 20.57 63.02 -34.16
CA GLN B 576 20.77 64.18 -33.24
C GLN B 576 21.82 65.15 -33.81
N GLY B 577 22.65 64.68 -34.75
CA GLY B 577 23.80 65.45 -35.27
C GLY B 577 23.53 66.07 -36.62
N GLU B 578 24.62 66.41 -37.32
CA GLU B 578 24.69 67.22 -38.57
C GLU B 578 23.61 66.80 -39.57
N TYR B 579 23.44 65.49 -39.81
CA TYR B 579 22.64 64.97 -40.96
C TYR B 579 21.14 64.97 -40.60
N GLY B 580 20.81 64.64 -39.34
CA GLY B 580 19.43 64.55 -38.84
C GLY B 580 18.77 63.22 -39.14
N PHE B 581 17.47 63.23 -39.41
CA PHE B 581 16.64 62.02 -39.67
C PHE B 581 16.78 61.61 -41.12
N PRO B 582 16.73 60.29 -41.42
CA PRO B 582 16.65 59.81 -42.79
C PRO B 582 15.35 60.23 -43.48
N THR B 583 15.44 60.61 -44.75
CA THR B 583 14.32 61.14 -45.56
C THR B 583 14.00 60.19 -46.72
N SER B 584 14.78 59.11 -46.85
CA SER B 584 14.55 58.01 -47.82
C SER B 584 15.03 56.69 -47.21
N ASP B 585 14.62 55.56 -47.78
CA ASP B 585 15.08 54.21 -47.35
C ASP B 585 16.47 53.98 -47.95
N GLN B 586 17.39 53.38 -47.17
CA GLN B 586 18.70 52.90 -47.69
C GLN B 586 18.39 51.95 -48.85
N THR B 587 18.81 52.29 -50.07
CA THR B 587 18.54 51.47 -51.29
C THR B 587 19.85 51.22 -52.03
N ALA B 588 19.86 50.15 -52.84
CA ALA B 588 21.04 49.68 -53.58
C ALA B 588 21.19 50.52 -54.87
N ILE B 589 22.43 50.67 -55.34
CA ILE B 589 22.74 51.28 -56.68
C ILE B 589 23.17 50.15 -57.63
N THR B 590 24.23 50.29 -58.43
CA THR B 590 24.46 49.44 -59.63
C THR B 590 25.14 48.12 -59.21
N ALA B 591 26.31 48.22 -58.55
CA ALA B 591 27.11 47.05 -58.10
C ALA B 591 27.72 47.32 -56.72
N GLY B 592 27.05 46.88 -55.65
CA GLY B 592 27.54 46.92 -54.26
C GLY B 592 27.18 48.23 -53.55
N GLY B 593 26.72 49.24 -54.31
CA GLY B 593 26.53 50.63 -53.85
C GLY B 593 25.24 50.77 -53.06
N GLN B 594 25.25 51.59 -52.02
CA GLN B 594 24.11 51.78 -51.10
C GLN B 594 24.05 53.25 -50.65
N THR B 595 22.97 53.98 -50.98
CA THR B 595 22.74 55.40 -50.61
C THR B 595 21.58 55.51 -49.62
N ILE B 596 21.49 56.66 -48.94
CA ILE B 596 20.35 57.02 -48.06
C ILE B 596 20.37 58.52 -47.81
N ASP B 597 19.30 59.22 -48.19
CA ASP B 597 19.17 60.68 -47.96
C ASP B 597 18.88 60.94 -46.48
N PHE B 598 19.31 62.10 -45.99
CA PHE B 598 19.00 62.64 -44.65
C PHE B 598 18.34 64.02 -44.83
N GLN B 599 18.04 64.70 -43.73
CA GLN B 599 17.46 66.07 -43.76
C GLN B 599 18.50 67.01 -44.38
N ASN B 600 19.74 66.98 -43.88
CA ASN B 600 20.85 67.90 -44.25
C ASN B 600 22.03 67.10 -44.79
N GLY B 601 21.82 66.30 -45.85
CA GLY B 601 22.92 65.59 -46.54
C GLY B 601 22.53 64.23 -47.09
N THR B 602 23.54 63.49 -47.56
CA THR B 602 23.45 62.13 -48.16
C THR B 602 24.71 61.35 -47.76
N ILE B 603 24.58 60.04 -47.54
CA ILE B 603 25.74 59.12 -47.30
C ILE B 603 25.59 57.93 -48.25
N ARG B 604 26.66 57.62 -48.99
CA ARG B 604 26.76 56.44 -49.86
C ARG B 604 27.92 55.57 -49.39
N GLN B 605 27.93 54.34 -49.89
CA GLN B 605 29.10 53.43 -49.86
C GLN B 605 29.19 52.80 -51.25
N VAL B 606 29.79 53.54 -52.18
CA VAL B 606 30.04 53.12 -53.59
C VAL B 606 31.45 52.53 -53.66
N ASN B 607 31.57 51.41 -54.38
CA ASN B 607 32.82 50.63 -54.61
C ASN B 607 33.61 50.50 -53.30
N GLY B 608 32.93 50.21 -52.19
CA GLY B 608 33.54 49.88 -50.89
C GLY B 608 33.88 51.12 -50.06
N ARG B 609 33.75 52.33 -50.62
CA ARG B 609 34.15 53.61 -49.93
C ARG B 609 32.91 54.40 -49.47
N ILE B 610 33.00 55.02 -48.29
CA ILE B 610 31.97 55.92 -47.69
C ILE B 610 32.10 57.32 -48.30
N GLU B 611 31.02 57.82 -48.93
CA GLU B 611 31.00 59.11 -49.68
C GLU B 611 30.01 60.08 -49.02
N GLU B 612 30.49 60.88 -48.07
CA GLU B 612 29.67 61.81 -47.24
C GLU B 612 29.48 63.16 -47.94
N SER B 613 28.44 63.28 -48.77
CA SER B 613 27.97 64.54 -49.42
C SER B 613 26.99 65.36 -48.52
N ARG B 614 26.97 66.70 -48.63
CA ARG B 614 25.91 67.56 -48.01
C ARG B 614 25.49 68.64 -49.01
N SER C 6 -25.36 -25.19 -12.11
CA SER C 6 -24.52 -26.33 -12.65
C SER C 6 -24.84 -27.60 -11.86
N SER C 7 -24.56 -27.57 -10.54
CA SER C 7 -24.86 -28.67 -9.58
C SER C 7 -26.36 -28.99 -9.65
N ASP C 8 -27.19 -27.95 -9.64
CA ASP C 8 -28.67 -28.03 -9.68
C ASP C 8 -29.12 -28.56 -11.04
N ALA C 9 -28.48 -28.14 -12.13
CA ALA C 9 -28.89 -28.48 -13.51
C ALA C 9 -28.81 -30.00 -13.75
N VAL C 10 -27.73 -30.63 -13.27
CA VAL C 10 -27.47 -32.09 -13.49
C VAL C 10 -28.48 -32.89 -12.66
N ILE C 11 -28.61 -32.56 -11.37
CA ILE C 11 -29.61 -33.19 -10.45
C ILE C 11 -30.99 -33.06 -11.11
N GLY C 12 -31.27 -31.89 -11.69
CA GLY C 12 -32.51 -31.54 -12.39
C GLY C 12 -32.78 -32.47 -13.56
N SER C 13 -31.82 -32.60 -14.49
CA SER C 13 -31.91 -33.48 -15.69
C SER C 13 -32.33 -34.88 -15.23
N ILE C 14 -31.69 -35.39 -14.17
CA ILE C 14 -31.92 -36.74 -13.61
C ILE C 14 -33.37 -36.83 -13.10
N ALA C 15 -33.82 -35.85 -12.30
CA ALA C 15 -35.18 -35.77 -11.73
C ALA C 15 -36.23 -35.80 -12.85
N GLN C 16 -35.89 -35.28 -14.03
CA GLN C 16 -36.80 -35.23 -15.20
C GLN C 16 -36.68 -36.53 -16.02
N GLY C 17 -35.97 -37.52 -15.50
CA GLY C 17 -35.87 -38.87 -16.08
C GLY C 17 -34.80 -38.98 -17.17
N VAL C 18 -33.89 -38.00 -17.25
CA VAL C 18 -32.70 -38.04 -18.16
C VAL C 18 -31.59 -38.85 -17.47
N THR C 19 -31.35 -40.08 -17.94
CA THR C 19 -30.24 -40.96 -17.46
C THR C 19 -29.30 -41.30 -18.62
N ASP C 20 -29.84 -41.62 -19.81
CA ASP C 20 -29.07 -42.06 -21.01
C ASP C 20 -27.78 -41.24 -21.15
N GLY C 21 -26.61 -41.91 -21.05
CA GLY C 21 -25.29 -41.32 -21.27
C GLY C 21 -24.61 -40.84 -19.99
N LEU C 22 -25.25 -40.92 -18.83
CA LEU C 22 -24.74 -40.33 -17.57
C LEU C 22 -23.41 -41.01 -17.15
N THR C 23 -23.21 -42.28 -17.50
CA THR C 23 -22.07 -43.12 -17.03
C THR C 23 -21.06 -43.45 -18.16
N ASP C 24 -21.33 -43.05 -19.40
CA ASP C 24 -20.50 -43.42 -20.58
C ASP C 24 -19.07 -42.90 -20.42
N TYR C 25 -18.84 -41.80 -19.71
CA TYR C 25 -17.49 -41.20 -19.52
C TYR C 25 -16.61 -42.16 -18.69
N LEU C 26 -17.17 -43.20 -18.07
CA LEU C 26 -16.41 -44.17 -17.23
C LEU C 26 -16.23 -45.51 -17.93
N LYS C 27 -16.92 -45.73 -19.07
CA LYS C 27 -16.77 -46.98 -19.87
C LYS C 27 -15.30 -47.14 -20.25
N PRO C 28 -14.62 -48.24 -19.85
CA PRO C 28 -13.29 -48.54 -20.36
C PRO C 28 -13.38 -49.37 -21.64
N ARG C 29 -12.34 -49.31 -22.47
CA ARG C 29 -12.16 -50.16 -23.67
C ARG C 29 -12.27 -51.63 -23.27
N VAL C 30 -12.94 -52.45 -24.07
CA VAL C 30 -13.07 -53.90 -23.79
C VAL C 30 -11.78 -54.59 -24.24
N GLU C 31 -10.84 -54.76 -23.31
CA GLU C 31 -9.51 -55.38 -23.54
C GLU C 31 -9.36 -56.62 -22.66
N GLU C 32 -9.16 -57.78 -23.28
CA GLU C 32 -8.90 -59.08 -22.62
C GLU C 32 -7.45 -59.08 -22.11
N LEU C 33 -7.22 -59.54 -20.88
CA LEU C 33 -5.85 -59.64 -20.31
C LEU C 33 -5.01 -60.59 -21.18
N PRO C 34 -3.69 -60.35 -21.31
CA PRO C 34 -2.86 -61.20 -22.14
C PRO C 34 -2.64 -62.58 -21.51
N ALA C 35 -2.54 -63.61 -22.35
CA ALA C 35 -2.41 -65.04 -21.99
C ALA C 35 -1.13 -65.27 -21.16
N GLY C 36 -1.17 -66.25 -20.24
CA GLY C 36 -0.02 -66.54 -19.35
C GLY C 36 0.01 -67.96 -18.80
N GLU C 37 1.13 -68.30 -18.16
CA GLU C 37 1.32 -69.57 -17.40
C GLU C 37 0.28 -69.59 -16.26
N VAL C 38 -0.51 -70.67 -16.17
CA VAL C 38 -1.49 -70.90 -15.06
C VAL C 38 -0.81 -71.75 -13.98
N THR C 39 -1.00 -71.40 -12.71
CA THR C 39 -0.62 -72.26 -11.55
C THR C 39 -1.89 -72.47 -10.71
N TYR C 40 -1.85 -73.40 -9.75
CA TYR C 40 -3.03 -73.81 -8.96
C TYR C 40 -2.67 -73.72 -7.49
N PRO C 41 -2.45 -72.50 -6.95
CA PRO C 41 -1.92 -72.35 -5.60
C PRO C 41 -2.82 -73.02 -4.55
N GLU C 42 -2.23 -73.80 -3.65
CA GLU C 42 -2.96 -74.46 -2.55
C GLU C 42 -2.69 -73.67 -1.28
N ILE C 43 -3.70 -72.99 -0.75
CA ILE C 43 -3.55 -72.06 0.39
C ILE C 43 -4.34 -72.67 1.55
N ALA C 44 -3.65 -72.98 2.65
CA ALA C 44 -4.27 -73.57 3.85
C ALA C 44 -4.80 -72.46 4.76
N GLY C 45 -6.03 -72.65 5.26
CA GLY C 45 -6.62 -71.82 6.34
C GLY C 45 -7.65 -70.83 5.84
N LEU C 46 -8.16 -71.02 4.60
CA LEU C 46 -9.24 -70.18 4.02
C LEU C 46 -10.59 -70.59 4.61
N PRO C 47 -11.62 -69.72 4.57
CA PRO C 47 -12.95 -70.11 5.04
C PRO C 47 -13.64 -71.15 4.13
N ASP C 48 -14.68 -71.81 4.65
CA ASP C 48 -15.43 -72.90 3.95
C ASP C 48 -15.99 -72.35 2.64
N GLY C 49 -15.77 -73.08 1.53
CA GLY C 49 -16.27 -72.72 0.19
C GLY C 49 -15.26 -71.91 -0.61
N VAL C 50 -14.31 -71.25 0.09
CA VAL C 50 -13.34 -70.27 -0.48
C VAL C 50 -12.04 -70.99 -0.85
N ARG C 51 -11.67 -70.96 -2.12
CA ARG C 51 -10.36 -71.45 -2.61
C ARG C 51 -10.01 -70.72 -3.91
N VAL C 52 -8.72 -70.71 -4.25
CA VAL C 52 -8.21 -70.11 -5.51
C VAL C 52 -8.22 -71.19 -6.58
N ILE C 53 -9.19 -71.14 -7.48
CA ILE C 53 -9.35 -72.09 -8.63
C ILE C 53 -8.03 -72.15 -9.40
N SER C 54 -7.52 -71.00 -9.87
CA SER C 54 -6.30 -70.90 -10.71
C SER C 54 -5.68 -69.49 -10.62
N ALA C 55 -4.36 -69.40 -10.79
CA ALA C 55 -3.61 -68.13 -10.90
C ALA C 55 -2.92 -68.09 -12.28
N GLU C 56 -3.40 -67.21 -13.18
CA GLU C 56 -2.79 -66.98 -14.51
C GLU C 56 -1.81 -65.80 -14.42
N TRP C 57 -0.60 -65.96 -14.97
CA TRP C 57 0.49 -64.95 -14.90
C TRP C 57 0.65 -64.25 -16.25
N ALA C 58 -0.14 -63.19 -16.46
CA ALA C 58 -0.02 -62.23 -17.59
C ALA C 58 1.45 -61.85 -17.76
N THR C 59 2.10 -61.47 -16.66
CA THR C 59 3.58 -61.32 -16.53
C THR C 59 3.99 -61.90 -15.19
N SER C 60 5.29 -61.98 -14.92
CA SER C 60 5.84 -62.48 -13.64
C SER C 60 5.42 -61.58 -12.48
N LYS C 61 4.90 -60.37 -12.75
CA LYS C 61 4.54 -59.38 -11.71
C LYS C 61 3.05 -58.99 -11.76
N HIS C 62 2.33 -59.40 -12.81
CA HIS C 62 0.86 -59.21 -12.96
C HIS C 62 0.17 -60.58 -13.03
N VAL C 63 -0.41 -61.04 -11.91
CA VAL C 63 -1.07 -62.38 -11.77
C VAL C 63 -2.58 -62.19 -11.59
N ILE C 64 -3.39 -62.95 -12.34
CA ILE C 64 -4.88 -62.91 -12.30
C ILE C 64 -5.38 -64.12 -11.51
N LEU C 65 -5.98 -63.90 -10.33
CA LEU C 65 -6.60 -64.98 -9.52
C LEU C 65 -8.03 -65.22 -10.04
N THR C 66 -8.43 -66.49 -10.15
CA THR C 66 -9.86 -66.93 -10.33
C THR C 66 -10.27 -67.56 -9.00
N ILE C 67 -11.22 -66.96 -8.27
CA ILE C 67 -11.55 -67.38 -6.88
C ILE C 67 -12.95 -67.98 -6.85
N GLN C 68 -13.11 -69.08 -6.10
CA GLN C 68 -14.41 -69.67 -5.67
C GLN C 68 -14.84 -68.94 -4.40
N SER C 69 -15.89 -68.12 -4.51
CA SER C 69 -16.48 -67.34 -3.39
C SER C 69 -17.57 -68.15 -2.71
N ALA C 70 -17.58 -68.16 -1.37
CA ALA C 70 -18.72 -68.58 -0.54
C ALA C 70 -19.87 -67.59 -0.78
N ALA C 71 -19.65 -66.32 -0.46
CA ALA C 71 -20.66 -65.24 -0.52
C ALA C 71 -21.24 -65.10 -1.93
N MSE C 72 -20.46 -65.36 -2.98
CA MSE C 72 -20.93 -65.22 -4.38
C MSE C 72 -20.54 -66.45 -5.17
O MSE C 72 -19.60 -66.45 -5.96
CB MSE C 72 -20.34 -63.94 -5.00
CG MSE C 72 -21.29 -62.75 -5.02
SE MSE C 72 -20.36 -61.10 -5.51
CE MSE C 72 -18.94 -60.85 -4.21
H MSE C 72 -19.51 -65.67 -2.81
HA MSE C 72 -21.91 -65.14 -4.38
HB2 MSE C 72 -20.10 -64.13 -5.90
HB3 MSE C 72 -19.57 -63.69 -4.51
HG2 MSE C 72 -21.70 -62.65 -4.13
HG3 MSE C 72 -22.01 -62.92 -5.66
HE1 MSE C 72 -18.46 -60.03 -4.41
HE2 MSE C 72 -18.35 -61.61 -4.25
HE3 MSE C 72 -19.34 -60.78 -3.32
N PRO C 73 -21.26 -67.59 -5.00
CA PRO C 73 -20.83 -68.86 -5.56
C PRO C 73 -21.22 -69.14 -7.02
N GLU C 74 -22.25 -68.48 -7.55
CA GLU C 74 -22.88 -68.79 -8.87
C GLU C 74 -21.78 -69.03 -9.93
N ARG C 75 -20.82 -68.09 -10.05
CA ARG C 75 -19.62 -68.23 -10.94
C ARG C 75 -18.41 -67.54 -10.27
N PRO C 76 -17.16 -67.78 -10.75
CA PRO C 76 -15.97 -67.30 -10.05
C PRO C 76 -15.75 -65.79 -10.15
N ILE C 77 -14.84 -65.25 -9.34
CA ILE C 77 -14.47 -63.81 -9.28
C ILE C 77 -12.99 -63.66 -9.66
N LYS C 78 -12.68 -62.88 -10.71
CA LYS C 78 -11.28 -62.54 -11.11
C LYS C 78 -10.79 -61.36 -10.27
N VAL C 79 -9.55 -61.40 -9.81
CA VAL C 79 -8.87 -60.31 -9.05
C VAL C 79 -7.42 -60.23 -9.54
N GLN C 80 -7.03 -59.11 -10.16
CA GLN C 80 -5.65 -58.81 -10.61
C GLN C 80 -4.77 -58.40 -9.42
N LEU C 81 -3.57 -58.96 -9.33
CA LEU C 81 -2.51 -58.50 -8.40
C LEU C 81 -1.35 -57.92 -9.23
N LEU C 82 -0.84 -56.75 -8.85
CA LEU C 82 0.47 -56.23 -9.32
C LEU C 82 1.45 -56.44 -8.16
N LEU C 83 2.44 -57.31 -8.37
CA LEU C 83 3.32 -57.81 -7.30
C LEU C 83 4.47 -56.82 -7.10
N PRO C 84 4.94 -56.63 -5.84
CA PRO C 84 5.98 -55.65 -5.53
C PRO C 84 7.28 -55.90 -6.30
N ARG C 85 8.06 -54.83 -6.52
CA ARG C 85 9.40 -54.87 -7.14
C ARG C 85 10.17 -56.09 -6.61
N ASP C 86 10.39 -56.16 -5.30
CA ASP C 86 11.26 -57.17 -4.65
C ASP C 86 10.52 -58.51 -4.41
N TRP C 87 9.46 -58.81 -5.16
CA TRP C 87 8.68 -60.07 -4.97
C TRP C 87 9.65 -61.25 -4.92
N TYR C 88 10.51 -61.37 -5.94
CA TYR C 88 11.41 -62.52 -6.12
C TYR C 88 12.72 -62.29 -5.37
N SER C 89 13.30 -61.10 -5.48
CA SER C 89 14.60 -60.73 -4.88
C SER C 89 14.54 -60.82 -3.35
N SER C 90 13.38 -60.60 -2.73
CA SER C 90 13.14 -60.82 -1.27
C SER C 90 11.99 -61.80 -1.09
N PRO C 91 12.23 -63.13 -1.17
CA PRO C 91 11.14 -64.10 -1.26
C PRO C 91 10.53 -64.52 0.09
N ASN C 92 11.08 -64.01 1.20
CA ASN C 92 10.57 -64.25 2.58
C ASN C 92 9.81 -63.03 3.08
N ARG C 93 10.01 -61.88 2.45
CA ARG C 93 9.45 -60.56 2.85
C ARG C 93 7.92 -60.59 2.68
N GLU C 94 7.23 -59.81 3.51
CA GLU C 94 5.78 -59.51 3.38
C GLU C 94 5.62 -58.03 3.03
N PHE C 95 4.54 -57.70 2.31
CA PHE C 95 4.26 -56.35 1.76
C PHE C 95 2.89 -55.86 2.17
N PRO C 96 2.66 -54.54 2.13
CA PRO C 96 1.31 -54.00 2.29
C PRO C 96 0.47 -54.08 1.00
N GLU C 97 -0.84 -53.96 1.22
CA GLU C 97 -1.90 -54.06 0.20
C GLU C 97 -2.33 -52.65 -0.17
N ILE C 98 -2.52 -52.40 -1.46
CA ILE C 98 -3.17 -51.18 -1.97
C ILE C 98 -4.28 -51.65 -2.91
N TRP C 99 -5.53 -51.38 -2.53
CA TRP C 99 -6.72 -51.85 -3.27
C TRP C 99 -7.12 -50.74 -4.24
N ALA C 100 -7.26 -51.06 -5.52
CA ALA C 100 -7.71 -50.11 -6.57
C ALA C 100 -9.05 -50.59 -7.12
N LEU C 101 -10.13 -49.99 -6.62
CA LEU C 101 -11.52 -50.39 -6.95
C LEU C 101 -11.97 -49.62 -8.20
N ASP C 102 -12.58 -50.33 -9.16
CA ASP C 102 -12.98 -49.81 -10.49
C ASP C 102 -14.18 -48.86 -10.30
N GLY C 103 -14.62 -48.23 -11.39
CA GLY C 103 -15.78 -47.33 -11.40
C GLY C 103 -17.03 -48.04 -11.86
N LEU C 104 -18.14 -47.32 -11.89
CA LEU C 104 -19.51 -47.83 -12.18
C LEU C 104 -19.50 -48.85 -13.32
N ARG C 105 -18.77 -48.61 -14.41
CA ARG C 105 -18.91 -49.41 -15.67
C ARG C 105 -17.84 -50.50 -15.78
N ALA C 106 -17.18 -50.85 -14.68
CA ALA C 106 -16.30 -52.03 -14.56
C ALA C 106 -16.83 -53.15 -15.46
N ILE C 107 -15.98 -53.69 -16.33
CA ILE C 107 -16.33 -54.86 -17.19
C ILE C 107 -15.68 -56.11 -16.60
N GLU C 108 -16.17 -57.29 -17.02
CA GLU C 108 -15.77 -58.62 -16.49
C GLU C 108 -14.37 -58.98 -17.01
N GLU C 109 -13.98 -58.43 -18.17
CA GLU C 109 -12.74 -58.78 -18.93
C GLU C 109 -11.47 -58.35 -18.19
N GLN C 110 -11.49 -57.24 -17.43
CA GLN C 110 -10.27 -56.64 -16.81
C GLN C 110 -10.62 -55.36 -16.03
N SER C 111 -9.84 -55.06 -14.98
CA SER C 111 -9.89 -53.81 -14.18
C SER C 111 -9.62 -52.63 -15.10
N GLY C 112 -10.46 -51.61 -15.06
CA GLY C 112 -10.33 -50.35 -15.83
C GLY C 112 -8.96 -49.73 -15.65
N TRP C 113 -8.46 -49.69 -14.40
CA TRP C 113 -7.12 -49.16 -14.04
C TRP C 113 -6.05 -49.65 -15.02
N THR C 114 -5.92 -50.96 -15.24
CA THR C 114 -4.87 -51.56 -16.11
C THR C 114 -5.26 -51.42 -17.60
N ILE C 115 -6.54 -51.25 -17.93
CA ILE C 115 -6.97 -51.02 -19.34
C ILE C 115 -6.56 -49.60 -19.75
N GLU C 116 -6.79 -48.61 -18.90
CA GLU C 116 -6.82 -47.19 -19.33
C GLU C 116 -5.64 -46.39 -18.75
N THR C 117 -4.81 -46.99 -17.91
CA THR C 117 -3.80 -46.26 -17.11
C THR C 117 -2.45 -46.97 -17.21
N ASN C 118 -1.38 -46.27 -16.82
CA ASN C 118 -0.01 -46.83 -16.73
C ASN C 118 0.28 -47.26 -15.28
N ILE C 119 -0.72 -47.76 -14.55
CA ILE C 119 -0.58 -48.07 -13.09
C ILE C 119 0.36 -49.28 -12.96
N GLU C 120 0.32 -50.19 -13.94
CA GLU C 120 1.25 -51.34 -14.06
C GLU C 120 2.69 -50.81 -14.00
N GLN C 121 3.00 -49.80 -14.80
CA GLN C 121 4.37 -49.21 -14.90
C GLN C 121 4.66 -48.43 -13.62
N TYR C 122 3.67 -47.71 -13.08
CA TYR C 122 3.91 -46.78 -11.93
C TYR C 122 4.39 -47.59 -10.72
N TYR C 123 3.74 -48.72 -10.44
CA TYR C 123 3.93 -49.55 -9.22
C TYR C 123 5.07 -50.57 -9.42
N ALA C 124 5.51 -50.80 -10.65
CA ALA C 124 6.61 -51.73 -11.01
C ALA C 124 7.81 -51.57 -10.06
N ASP C 125 8.16 -50.34 -9.67
CA ASP C 125 9.40 -50.08 -8.88
C ASP C 125 9.09 -49.93 -7.39
N LYS C 126 7.90 -50.35 -6.95
CA LYS C 126 7.43 -50.10 -5.55
C LYS C 126 7.13 -51.43 -4.84
N ASN C 127 7.42 -51.49 -3.54
CA ASN C 127 7.23 -52.71 -2.71
C ASN C 127 5.85 -52.69 -2.04
N ALA C 128 4.80 -52.95 -2.83
CA ALA C 128 3.40 -53.08 -2.35
C ALA C 128 2.58 -53.95 -3.31
N ILE C 129 1.65 -54.75 -2.78
CA ILE C 129 0.75 -55.61 -3.60
C ILE C 129 -0.47 -54.76 -3.95
N VAL C 130 -0.66 -54.47 -5.24
CA VAL C 130 -1.84 -53.72 -5.73
C VAL C 130 -2.92 -54.72 -6.07
N VAL C 131 -4.07 -54.60 -5.43
CA VAL C 131 -5.23 -55.52 -5.60
C VAL C 131 -6.26 -54.81 -6.47
N LEU C 132 -6.64 -55.39 -7.60
CA LEU C 132 -7.58 -54.74 -8.55
C LEU C 132 -8.71 -55.71 -8.88
N PRO C 133 -9.81 -55.69 -8.10
CA PRO C 133 -10.93 -56.60 -8.32
C PRO C 133 -11.63 -56.32 -9.65
N VAL C 134 -11.98 -57.36 -10.37
CA VAL C 134 -12.50 -57.27 -11.77
C VAL C 134 -14.01 -57.44 -11.74
N GLY C 135 -14.70 -56.73 -12.63
CA GLY C 135 -16.17 -56.80 -12.80
C GLY C 135 -16.91 -56.17 -11.64
N GLY C 136 -18.22 -56.44 -11.58
CA GLY C 136 -19.13 -55.93 -10.54
C GLY C 136 -19.79 -54.62 -10.94
N GLU C 137 -20.20 -54.48 -12.21
CA GLU C 137 -20.85 -53.26 -12.74
C GLU C 137 -21.93 -52.80 -11.75
N SER C 138 -21.84 -51.56 -11.26
CA SER C 138 -22.83 -50.92 -10.37
C SER C 138 -22.79 -51.48 -8.93
N SER C 139 -21.97 -52.49 -8.65
CA SER C 139 -21.97 -53.22 -7.34
C SER C 139 -21.81 -52.24 -6.17
N PHE C 140 -21.17 -51.09 -6.38
CA PHE C 140 -20.70 -50.18 -5.30
C PHE C 140 -19.94 -50.99 -4.25
N TYR C 141 -19.43 -52.17 -4.65
CA TYR C 141 -18.63 -53.11 -3.84
C TYR C 141 -19.30 -53.33 -2.48
N SER C 142 -20.64 -53.50 -2.48
CA SER C 142 -21.49 -53.62 -1.27
C SER C 142 -22.21 -54.97 -1.23
N ASP C 143 -22.78 -55.31 -0.07
CA ASP C 143 -23.69 -56.47 0.11
C ASP C 143 -25.12 -56.00 -0.17
N TRP C 144 -25.65 -56.32 -1.35
CA TRP C 144 -27.01 -55.94 -1.79
C TRP C 144 -28.06 -56.61 -0.89
N GLU C 145 -29.14 -55.89 -0.58
CA GLU C 145 -30.26 -56.44 0.24
C GLU C 145 -30.74 -57.74 -0.40
N GLY C 146 -30.86 -57.78 -1.72
CA GLY C 146 -31.27 -58.98 -2.48
C GLY C 146 -30.67 -59.02 -3.88
N PRO C 147 -30.92 -60.10 -4.65
CA PRO C 147 -30.49 -60.19 -6.04
C PRO C 147 -31.22 -59.17 -6.92
N ASN C 148 -30.67 -58.89 -8.12
CA ASN C 148 -31.22 -57.91 -9.10
C ASN C 148 -30.44 -57.99 -10.42
N ASN C 149 -31.17 -57.92 -11.53
CA ASN C 149 -30.64 -57.74 -12.91
C ASN C 149 -29.67 -58.88 -13.25
N GLY C 150 -29.97 -60.11 -12.79
CA GLY C 150 -29.18 -61.31 -13.10
C GLY C 150 -27.83 -61.33 -12.39
N LYS C 151 -27.72 -60.60 -11.27
CA LYS C 151 -26.51 -60.60 -10.41
C LYS C 151 -26.96 -60.72 -8.96
N ASN C 152 -26.12 -61.29 -8.11
CA ASN C 152 -26.30 -61.24 -6.64
C ASN C 152 -24.99 -60.76 -6.02
N TYR C 153 -24.95 -59.53 -5.51
CA TYR C 153 -23.69 -58.87 -5.10
C TYR C 153 -23.50 -58.96 -3.58
N GLN C 154 -22.48 -59.70 -3.15
CA GLN C 154 -22.01 -59.71 -1.73
C GLN C 154 -20.52 -59.32 -1.74
N TRP C 155 -20.21 -58.23 -2.45
CA TRP C 155 -18.83 -57.77 -2.68
C TRP C 155 -18.15 -57.38 -1.37
N GLU C 156 -18.85 -56.69 -0.45
CA GLU C 156 -18.16 -56.22 0.78
C GLU C 156 -17.67 -57.43 1.55
N THR C 157 -18.50 -58.48 1.66
CA THR C 157 -18.13 -59.77 2.32
C THR C 157 -16.96 -60.39 1.54
N PHE C 158 -17.11 -60.54 0.23
CA PHE C 158 -16.08 -61.19 -0.62
C PHE C 158 -14.74 -60.52 -0.35
N LEU C 159 -14.72 -59.18 -0.33
CA LEU C 159 -13.47 -58.40 -0.21
C LEU C 159 -12.89 -58.59 1.20
N THR C 160 -13.68 -58.37 2.25
CA THR C 160 -13.18 -58.28 3.64
C THR C 160 -12.97 -59.68 4.22
N GLN C 161 -13.79 -60.66 3.83
CA GLN C 161 -13.91 -61.96 4.55
C GLN C 161 -13.23 -63.09 3.77
N GLU C 162 -13.02 -62.94 2.46
CA GLU C 162 -12.54 -64.04 1.58
C GLU C 162 -11.23 -63.65 0.89
N LEU C 163 -11.26 -62.58 0.08
CA LEU C 163 -10.06 -62.07 -0.62
C LEU C 163 -9.00 -61.69 0.42
N ALA C 164 -9.33 -60.93 1.47
CA ALA C 164 -8.33 -60.42 2.45
C ALA C 164 -7.53 -61.57 3.05
N PRO C 165 -8.19 -62.66 3.54
CA PRO C 165 -7.46 -63.85 3.98
C PRO C 165 -6.58 -64.48 2.89
N ILE C 166 -7.12 -64.73 1.70
CA ILE C 166 -6.34 -65.28 0.54
C ILE C 166 -5.00 -64.53 0.48
N LEU C 167 -5.01 -63.21 0.36
CA LEU C 167 -3.77 -62.40 0.22
C LEU C 167 -2.89 -62.60 1.47
N ASP C 168 -3.50 -62.60 2.66
CA ASP C 168 -2.75 -62.71 3.94
C ASP C 168 -2.02 -64.05 3.98
N LYS C 169 -2.72 -65.11 3.63
CA LYS C 169 -2.23 -66.51 3.70
C LYS C 169 -1.45 -66.87 2.43
N GLY C 170 -2.15 -66.85 1.29
CA GLY C 170 -1.66 -67.32 -0.02
C GLY C 170 -0.62 -66.41 -0.64
N PHE C 171 -0.68 -65.09 -0.45
CA PHE C 171 0.40 -64.20 -0.96
C PHE C 171 1.24 -63.81 0.25
N ARG C 172 2.10 -62.82 0.15
CA ARG C 172 2.92 -62.55 1.36
C ARG C 172 2.55 -61.17 1.81
N SER C 173 1.30 -61.03 2.22
CA SER C 173 0.76 -59.72 2.67
C SER C 173 0.88 -59.59 4.20
N ASN C 174 1.37 -58.45 4.69
CA ASN C 174 1.13 -58.06 6.10
C ASN C 174 -0.28 -57.46 6.14
N THR C 175 -0.88 -57.30 7.31
CA THR C 175 -2.29 -56.85 7.38
C THR C 175 -2.43 -55.39 6.88
N ASP C 176 -1.33 -54.64 6.72
CA ASP C 176 -1.37 -53.18 6.44
C ASP C 176 -1.97 -52.91 5.06
N ARG C 177 -3.05 -52.12 5.02
CA ARG C 177 -3.87 -51.93 3.79
C ARG C 177 -4.18 -50.45 3.57
N ALA C 178 -4.19 -50.07 2.30
CA ALA C 178 -4.75 -48.80 1.80
C ALA C 178 -5.83 -49.16 0.78
N ILE C 179 -7.04 -48.67 1.02
CA ILE C 179 -8.19 -48.94 0.12
C ILE C 179 -8.50 -47.63 -0.58
N THR C 180 -8.58 -47.71 -1.90
CA THR C 180 -8.83 -46.55 -2.80
C THR C 180 -9.65 -47.03 -3.98
N GLY C 181 -10.15 -46.09 -4.76
CA GLY C 181 -11.00 -46.38 -5.91
C GLY C 181 -11.54 -45.11 -6.50
N ILE C 182 -12.07 -45.22 -7.72
CA ILE C 182 -12.65 -44.09 -8.49
C ILE C 182 -14.13 -44.40 -8.70
N SER C 183 -14.95 -43.34 -8.79
CA SER C 183 -16.42 -43.46 -8.98
C SER C 183 -17.00 -44.30 -7.84
N MSE C 184 -17.80 -45.31 -8.17
CA MSE C 184 -18.42 -46.16 -7.11
C MSE C 184 -17.31 -46.71 -6.22
O MSE C 184 -17.57 -46.94 -5.04
CB MSE C 184 -19.23 -47.28 -7.74
CG MSE C 184 -18.39 -48.42 -8.20
SE MSE C 184 -19.49 -49.76 -9.06
CE MSE C 184 -18.14 -51.12 -9.53
H MSE C 184 -17.98 -45.52 -9.14
HA MSE C 184 -19.01 -45.58 -6.57
HB2 MSE C 184 -19.71 -46.93 -8.48
HB3 MSE C 184 -19.85 -47.61 -7.09
HG2 MSE C 184 -17.92 -48.81 -7.44
HG3 MSE C 184 -17.71 -48.08 -8.83
HE1 MSE C 184 -18.58 -51.85 -9.98
HE2 MSE C 184 -17.71 -51.43 -8.73
HE3 MSE C 184 -17.49 -50.72 -10.12
N GLY C 185 -16.14 -46.96 -6.81
CA GLY C 185 -14.96 -47.44 -6.06
C GLY C 185 -14.56 -46.46 -4.98
N GLY C 186 -14.68 -45.16 -5.27
CA GLY C 186 -14.33 -44.09 -4.32
C GLY C 186 -15.30 -44.10 -3.16
N THR C 187 -16.59 -44.18 -3.48
CA THR C 187 -17.69 -44.34 -2.50
C THR C 187 -17.37 -45.57 -1.64
N ALA C 188 -17.26 -46.73 -2.31
CA ALA C 188 -17.03 -48.05 -1.69
C ALA C 188 -15.82 -47.97 -0.76
N ALA C 189 -14.73 -47.37 -1.22
CA ALA C 189 -13.47 -47.24 -0.45
C ALA C 189 -13.80 -46.68 0.94
N VAL C 190 -14.61 -45.63 1.01
CA VAL C 190 -14.92 -44.94 2.30
C VAL C 190 -15.92 -45.79 3.08
N ASN C 191 -17.01 -46.22 2.43
CA ASN C 191 -18.05 -47.08 3.06
C ASN C 191 -17.33 -48.24 3.74
N ILE C 192 -16.64 -49.07 2.96
CA ILE C 192 -15.92 -50.28 3.45
C ILE C 192 -14.99 -49.91 4.60
N ALA C 193 -14.27 -48.79 4.54
CA ALA C 193 -13.33 -48.40 5.62
C ALA C 193 -14.09 -48.13 6.93
N THR C 194 -15.27 -47.48 6.85
CA THR C 194 -16.10 -47.10 8.02
C THR C 194 -16.69 -48.36 8.68
N HIS C 195 -16.95 -49.39 7.86
CA HIS C 195 -17.50 -50.70 8.29
C HIS C 195 -16.40 -51.55 8.95
N HIS C 196 -15.13 -51.38 8.56
CA HIS C 196 -14.00 -52.22 9.04
C HIS C 196 -12.80 -51.33 9.34
N PRO C 197 -12.93 -50.38 10.30
CA PRO C 197 -11.90 -49.35 10.52
C PRO C 197 -10.50 -49.86 10.89
N ASP C 198 -10.38 -51.12 11.30
CA ASP C 198 -9.08 -51.70 11.73
C ASP C 198 -8.37 -52.32 10.53
N MSE C 199 -9.11 -52.71 9.50
CA MSE C 199 -8.55 -53.40 8.31
C MSE C 199 -7.79 -52.40 7.43
O MSE C 199 -7.03 -52.85 6.54
CB MSE C 199 -9.65 -54.08 7.49
CG MSE C 199 -10.34 -55.25 8.17
SE MSE C 199 -11.35 -56.31 6.86
CE MSE C 199 -9.95 -57.52 6.27
H MSE C 199 -10.11 -52.51 9.53
HA MSE C 199 -7.92 -54.09 8.62
HB2 MSE C 199 -9.27 -54.41 6.68
HB3 MSE C 199 -10.32 -53.44 7.29
HG2 MSE C 199 -10.95 -54.91 8.86
HG3 MSE C 199 -9.67 -55.82 8.60
HE1 MSE C 199 -10.31 -58.13 5.59
HE2 MSE C 199 -9.63 -58.04 7.03
HE3 MSE C 199 -9.22 -57.00 5.88
N PHE C 200 -7.96 -51.10 7.61
CA PHE C 200 -7.35 -50.11 6.70
C PHE C 200 -6.62 -49.03 7.50
N LYS C 201 -5.50 -48.53 6.95
CA LYS C 201 -4.65 -47.45 7.54
C LYS C 201 -4.75 -46.19 6.67
N PHE C 202 -5.37 -46.31 5.49
CA PHE C 202 -5.50 -45.26 4.45
C PHE C 202 -6.74 -45.50 3.60
N VAL C 203 -7.45 -44.40 3.28
CA VAL C 203 -8.69 -44.40 2.44
C VAL C 203 -8.56 -43.33 1.38
N GLY C 204 -8.84 -43.68 0.13
CA GLY C 204 -8.68 -42.81 -1.04
C GLY C 204 -9.89 -42.85 -1.96
N SER C 205 -10.51 -41.69 -2.19
CA SER C 205 -11.65 -41.53 -3.12
C SER C 205 -11.23 -40.58 -4.23
N PHE C 206 -11.12 -41.10 -5.45
CA PHE C 206 -10.86 -40.34 -6.69
C PHE C 206 -12.18 -40.18 -7.44
N SER C 207 -12.76 -38.97 -7.40
CA SER C 207 -13.97 -38.60 -8.17
C SER C 207 -15.10 -39.57 -7.81
N GLY C 208 -15.22 -39.81 -6.50
CA GLY C 208 -16.25 -40.67 -5.88
C GLY C 208 -17.43 -39.85 -5.40
N TYR C 209 -18.51 -40.51 -5.01
CA TYR C 209 -19.79 -39.90 -4.58
C TYR C 209 -19.87 -40.11 -3.07
N LEU C 210 -19.35 -39.16 -2.30
CA LEU C 210 -19.17 -39.30 -0.83
C LEU C 210 -20.38 -38.76 -0.07
N ASP C 211 -21.57 -38.82 -0.68
CA ASP C 211 -22.87 -38.42 -0.09
C ASP C 211 -24.00 -39.13 -0.85
N THR C 212 -24.72 -40.02 -0.16
CA THR C 212 -25.76 -40.91 -0.75
C THR C 212 -27.15 -40.56 -0.20
N THR C 213 -27.23 -39.85 0.93
CA THR C 213 -28.48 -39.60 1.68
C THR C 213 -29.03 -38.20 1.42
N SER C 214 -28.18 -37.20 1.21
CA SER C 214 -28.61 -35.78 1.04
C SER C 214 -29.62 -35.65 -0.10
N ALA C 215 -30.53 -34.70 0.05
CA ALA C 215 -31.58 -34.36 -0.91
C ALA C 215 -31.03 -34.49 -2.34
N GLY C 216 -31.64 -35.34 -3.17
CA GLY C 216 -31.34 -35.47 -4.60
C GLY C 216 -30.29 -36.53 -4.87
N MSE C 217 -29.50 -36.88 -3.86
CA MSE C 217 -28.36 -37.81 -4.04
C MSE C 217 -28.92 -39.16 -4.42
O MSE C 217 -28.56 -39.69 -5.47
CB MSE C 217 -27.45 -37.87 -2.81
CG MSE C 217 -26.51 -36.69 -2.68
SE MSE C 217 -25.87 -35.97 -4.40
CE MSE C 217 -25.42 -37.54 -5.52
H MSE C 217 -29.69 -36.51 -2.93
HA MSE C 217 -27.80 -37.47 -4.77
HB2 MSE C 217 -26.92 -38.66 -2.86
HB3 MSE C 217 -28.00 -37.89 -2.02
HG2 MSE C 217 -25.72 -36.96 -2.15
HG3 MSE C 217 -26.95 -35.96 -2.19
HE1 MSE C 217 -25.10 -37.24 -6.38
HE2 MSE C 217 -26.21 -38.09 -5.63
HE3 MSE C 217 -24.72 -38.06 -5.07
N PRO C 218 -29.88 -39.73 -3.65
CA PRO C 218 -30.49 -41.02 -4.00
C PRO C 218 -31.00 -41.08 -5.45
N ILE C 219 -31.67 -40.03 -5.93
CA ILE C 219 -32.30 -40.02 -7.28
C ILE C 219 -31.20 -40.17 -8.34
N ALA C 220 -29.98 -39.69 -8.03
CA ALA C 220 -28.77 -39.77 -8.88
C ALA C 220 -28.18 -41.18 -8.83
N ILE C 221 -27.92 -41.70 -7.64
CA ILE C 221 -27.34 -43.06 -7.45
C ILE C 221 -28.25 -44.09 -8.13
N SER C 222 -29.57 -43.90 -8.13
CA SER C 222 -30.54 -44.74 -8.90
C SER C 222 -30.32 -44.54 -10.40
N ALA C 223 -30.25 -43.29 -10.85
CA ALA C 223 -30.01 -42.93 -12.26
C ALA C 223 -28.69 -43.56 -12.72
N ALA C 224 -27.68 -43.59 -11.83
CA ALA C 224 -26.35 -44.19 -12.09
C ALA C 224 -26.53 -45.70 -12.35
N LEU C 225 -27.11 -46.43 -11.40
CA LEU C 225 -27.33 -47.89 -11.53
C LEU C 225 -28.27 -48.14 -12.72
N ALA C 226 -29.17 -47.20 -13.01
CA ALA C 226 -30.10 -47.27 -14.16
C ALA C 226 -29.29 -47.34 -15.45
N ASP C 227 -28.38 -46.38 -15.65
CA ASP C 227 -27.61 -46.24 -16.91
C ASP C 227 -26.52 -47.31 -16.96
N ALA C 228 -25.88 -47.61 -15.83
CA ALA C 228 -24.73 -48.54 -15.72
C ALA C 228 -25.23 -49.98 -15.66
N GLY C 229 -25.94 -50.43 -16.71
CA GLY C 229 -26.38 -51.82 -16.91
C GLY C 229 -27.85 -52.06 -16.56
N GLY C 230 -28.55 -51.10 -15.94
CA GLY C 230 -29.99 -51.17 -15.66
C GLY C 230 -30.33 -51.80 -14.33
N TYR C 231 -29.56 -51.52 -13.28
CA TYR C 231 -29.73 -52.10 -11.91
C TYR C 231 -30.68 -51.20 -11.10
N ASP C 232 -31.34 -51.77 -10.08
CA ASP C 232 -32.32 -51.08 -9.19
C ASP C 232 -31.69 -50.87 -7.81
N ALA C 233 -31.55 -49.61 -7.41
CA ALA C 233 -30.94 -49.19 -6.12
C ALA C 233 -31.74 -49.75 -4.95
N ASN C 234 -33.05 -49.98 -5.11
CA ASN C 234 -33.90 -50.58 -4.04
C ASN C 234 -33.30 -51.94 -3.68
N ALA C 235 -32.97 -52.74 -4.70
CA ALA C 235 -32.33 -54.06 -4.55
C ALA C 235 -31.03 -53.92 -3.75
N MSE C 236 -30.32 -52.81 -3.87
CA MSE C 236 -28.99 -52.64 -3.25
C MSE C 236 -29.13 -52.27 -1.78
O MSE C 236 -28.69 -53.04 -0.94
CB MSE C 236 -28.19 -51.59 -4.02
CG MSE C 236 -26.89 -51.23 -3.35
SE MSE C 236 -25.77 -50.04 -4.40
CE MSE C 236 -25.27 -50.82 -6.09
H MSE C 236 -30.72 -52.05 -4.41
HA MSE C 236 -28.51 -53.48 -3.31
HB2 MSE C 236 -28.71 -50.80 -4.11
HB3 MSE C 236 -27.99 -51.94 -4.89
HG2 MSE C 236 -26.38 -52.05 -3.16
HG3 MSE C 236 -27.08 -50.79 -2.49
HE1 MSE C 236 -24.72 -50.19 -6.58
HE2 MSE C 236 -26.08 -51.02 -6.60
HE3 MSE C 236 -24.77 -51.64 -5.93
N TRP C 237 -29.67 -51.09 -1.47
CA TRP C 237 -29.72 -50.61 -0.06
C TRP C 237 -31.17 -50.45 0.41
N GLY C 238 -32.17 -50.77 -0.44
CA GLY C 238 -33.59 -50.82 -0.05
C GLY C 238 -34.30 -49.48 -0.17
N PRO C 239 -35.34 -49.23 0.65
CA PRO C 239 -36.11 -47.98 0.60
C PRO C 239 -35.23 -46.73 0.70
N VAL C 240 -35.57 -45.68 -0.05
CA VAL C 240 -34.64 -44.55 -0.39
C VAL C 240 -34.23 -43.77 0.86
N GLY C 241 -34.70 -44.13 2.06
CA GLY C 241 -34.29 -43.48 3.32
C GLY C 241 -33.65 -44.42 4.31
N SER C 242 -33.68 -45.74 4.04
CA SER C 242 -33.51 -46.84 5.03
C SER C 242 -32.15 -46.77 5.74
N GLU C 243 -32.00 -47.57 6.80
CA GLU C 243 -30.78 -47.64 7.65
C GLU C 243 -29.60 -48.16 6.81
N ARG C 244 -29.87 -48.77 5.65
CA ARG C 244 -28.82 -49.24 4.71
C ARG C 244 -28.17 -48.05 3.98
N TRP C 245 -28.97 -47.05 3.60
CA TRP C 245 -28.43 -45.82 2.96
C TRP C 245 -27.59 -45.07 3.98
N GLN C 246 -28.07 -44.92 5.23
CA GLN C 246 -27.32 -44.18 6.28
C GLN C 246 -26.00 -44.92 6.57
N GLU C 247 -26.01 -46.25 6.48
CA GLU C 247 -24.84 -47.15 6.70
C GLU C 247 -23.80 -46.92 5.58
N ASN C 248 -24.25 -46.62 4.35
CA ASN C 248 -23.38 -46.44 3.16
C ASN C 248 -23.40 -44.97 2.68
N ASP C 249 -23.25 -44.02 3.61
CA ASP C 249 -23.21 -42.55 3.33
C ASP C 249 -21.93 -41.97 3.93
N PRO C 250 -20.85 -41.84 3.12
CA PRO C 250 -19.56 -41.42 3.64
C PRO C 250 -19.57 -40.17 4.52
N LYS C 251 -20.27 -39.12 4.09
CA LYS C 251 -20.32 -37.80 4.78
C LYS C 251 -20.87 -37.98 6.21
N SER C 252 -21.83 -38.89 6.40
CA SER C 252 -22.40 -39.24 7.74
C SER C 252 -21.35 -39.94 8.60
N ASN C 253 -20.64 -40.93 8.02
CA ASN C 253 -19.83 -41.93 8.76
C ASN C 253 -18.38 -41.44 8.96
N VAL C 254 -17.99 -40.32 8.36
CA VAL C 254 -16.58 -39.82 8.36
C VAL C 254 -15.98 -39.93 9.76
N ASP C 255 -16.76 -39.68 10.82
CA ASP C 255 -16.29 -39.64 12.24
C ASP C 255 -15.67 -40.99 12.65
N LYS C 256 -16.03 -42.08 11.96
CA LYS C 256 -15.55 -43.47 12.24
C LYS C 256 -14.15 -43.70 11.64
N LEU C 257 -13.60 -42.75 10.89
CA LEU C 257 -12.27 -42.89 10.23
C LEU C 257 -11.22 -42.09 10.99
N LYS C 258 -11.58 -41.50 12.13
CA LYS C 258 -10.61 -40.76 12.98
C LYS C 258 -9.34 -41.61 13.11
N GLY C 259 -8.16 -40.99 12.95
CA GLY C 259 -6.85 -41.63 13.11
C GLY C 259 -6.23 -42.02 11.77
N LYS C 260 -7.01 -42.10 10.68
CA LYS C 260 -6.59 -42.72 9.39
C LYS C 260 -6.31 -41.67 8.32
N THR C 261 -5.33 -41.93 7.46
CA THR C 261 -4.96 -41.04 6.33
C THR C 261 -6.05 -41.14 5.24
N ILE C 262 -6.62 -40.00 4.86
CA ILE C 262 -7.77 -39.94 3.91
C ILE C 262 -7.41 -39.01 2.74
N TYR C 263 -7.66 -39.47 1.51
CA TYR C 263 -7.39 -38.69 0.28
C TYR C 263 -8.67 -38.60 -0.56
N VAL C 264 -9.06 -37.36 -0.86
CA VAL C 264 -10.30 -37.02 -1.61
C VAL C 264 -9.92 -36.10 -2.77
N SER C 265 -10.23 -36.53 -4.00
CA SER C 265 -9.98 -35.80 -5.26
C SER C 265 -11.30 -35.69 -6.02
N SER C 266 -11.50 -34.57 -6.71
CA SER C 266 -12.63 -34.37 -7.66
C SER C 266 -12.38 -33.15 -8.55
N GLY C 267 -13.13 -33.05 -9.66
CA GLY C 267 -13.07 -31.91 -10.60
C GLY C 267 -13.24 -32.38 -12.04
N ASN C 268 -12.34 -33.26 -12.52
CA ASN C 268 -12.16 -33.62 -13.95
C ASN C 268 -12.45 -35.11 -14.17
N VAL C 289 -19.55 -35.20 -17.63
CA VAL C 289 -19.49 -33.90 -16.88
C VAL C 289 -20.45 -33.98 -15.68
N GLY C 290 -21.71 -34.38 -15.93
CA GLY C 290 -22.77 -34.47 -14.90
C GLY C 290 -22.27 -35.10 -13.62
N LEU C 291 -21.86 -36.36 -13.70
CA LEU C 291 -21.46 -37.20 -12.54
C LEU C 291 -20.21 -36.61 -11.86
N GLU C 292 -19.32 -35.97 -12.62
CA GLU C 292 -18.11 -35.32 -12.06
C GLU C 292 -18.57 -34.16 -11.19
N VAL C 293 -19.58 -33.42 -11.64
CA VAL C 293 -20.16 -32.27 -10.90
C VAL C 293 -20.70 -32.80 -9.57
N ILE C 294 -21.52 -33.85 -9.63
CA ILE C 294 -22.14 -34.49 -8.43
C ILE C 294 -21.01 -34.90 -7.48
N SER C 295 -19.97 -35.54 -8.01
CA SER C 295 -18.80 -36.01 -7.21
C SER C 295 -18.12 -34.83 -6.54
N ARG C 296 -17.92 -33.73 -7.27
CA ARG C 296 -17.21 -32.53 -6.75
C ARG C 296 -18.03 -31.97 -5.59
N MSE C 297 -19.36 -31.96 -5.74
CA MSE C 297 -20.29 -31.45 -4.72
C MSE C 297 -20.14 -32.30 -3.45
O MSE C 297 -19.81 -31.76 -2.38
CB MSE C 297 -21.72 -31.47 -5.26
CG MSE C 297 -22.72 -30.65 -4.45
SE MSE C 297 -24.56 -31.10 -4.98
CE MSE C 297 -25.53 -31.92 -3.45
H MSE C 297 -19.73 -32.33 -6.61
HA MSE C 297 -20.03 -30.52 -4.50
HB2 MSE C 297 -22.03 -32.37 -5.27
HB3 MSE C 297 -21.71 -31.13 -6.14
HG2 MSE C 297 -22.56 -29.69 -4.59
HG3 MSE C 297 -22.59 -30.83 -3.49
HE1 MSE C 297 -26.44 -32.13 -3.74
HE2 MSE C 297 -25.55 -31.28 -2.71
HE3 MSE C 297 -25.08 -32.73 -3.19
N THR C 298 -20.39 -33.60 -3.60
CA THR C 298 -20.46 -34.57 -2.49
C THR C 298 -19.12 -34.61 -1.79
N SER C 299 -18.02 -34.53 -2.56
CA SER C 299 -16.64 -34.57 -2.03
C SER C 299 -16.42 -33.35 -1.13
N GLN C 300 -16.95 -32.19 -1.55
CA GLN C 300 -16.87 -30.94 -0.76
C GLN C 300 -17.65 -31.16 0.53
N THR C 301 -18.91 -31.60 0.41
CA THR C 301 -19.77 -31.99 1.56
C THR C 301 -18.94 -32.85 2.51
N PHE C 302 -18.24 -33.85 1.95
CA PHE C 302 -17.50 -34.89 2.73
C PHE C 302 -16.37 -34.19 3.50
N VAL C 303 -15.59 -33.34 2.83
CA VAL C 303 -14.43 -32.67 3.48
C VAL C 303 -14.97 -31.77 4.58
N ASP C 304 -16.07 -31.06 4.28
CA ASP C 304 -16.76 -30.13 5.22
C ASP C 304 -17.14 -30.91 6.49
N ARG C 305 -17.76 -32.08 6.34
CA ARG C 305 -18.24 -32.89 7.49
C ARG C 305 -17.05 -33.45 8.26
N ALA C 306 -15.92 -33.71 7.58
CA ALA C 306 -14.69 -34.25 8.19
C ALA C 306 -14.08 -33.19 9.10
N SER C 307 -13.87 -31.98 8.58
CA SER C 307 -13.37 -30.82 9.35
C SER C 307 -14.24 -30.64 10.61
N GLN C 308 -15.57 -30.76 10.47
CA GLN C 308 -16.52 -30.67 11.62
C GLN C 308 -16.22 -31.80 12.61
N ALA C 309 -16.08 -33.04 12.13
CA ALA C 309 -15.76 -34.22 12.97
C ALA C 309 -14.34 -34.12 13.53
N GLY C 310 -13.51 -33.18 13.06
CA GLY C 310 -12.10 -33.05 13.48
C GLY C 310 -11.24 -34.18 12.92
N VAL C 311 -11.58 -34.63 11.70
CA VAL C 311 -10.87 -35.71 10.96
C VAL C 311 -10.11 -35.08 9.81
N GLU C 312 -8.77 -35.09 9.88
CA GLU C 312 -7.87 -34.51 8.85
C GLU C 312 -8.07 -35.26 7.53
N VAL C 313 -8.27 -34.52 6.44
CA VAL C 313 -8.42 -35.07 5.06
C VAL C 313 -7.54 -34.24 4.12
N VAL C 314 -6.88 -34.92 3.18
CA VAL C 314 -6.11 -34.29 2.07
C VAL C 314 -7.07 -34.17 0.88
N ALA C 315 -7.35 -32.94 0.46
CA ALA C 315 -8.33 -32.61 -0.59
C ALA C 315 -7.58 -32.24 -1.87
N SER C 316 -8.09 -32.65 -3.04
CA SER C 316 -7.53 -32.22 -4.34
C SER C 316 -8.68 -31.86 -5.29
N PHE C 317 -8.98 -30.56 -5.36
CA PHE C 317 -10.02 -30.00 -6.26
C PHE C 317 -9.34 -29.12 -7.31
N ARG C 318 -8.01 -29.09 -7.31
CA ARG C 318 -7.18 -28.25 -8.23
C ARG C 318 -7.53 -28.60 -9.67
N PRO C 319 -7.49 -27.64 -10.62
CA PRO C 319 -7.80 -27.94 -12.03
C PRO C 319 -6.59 -28.56 -12.74
N SER C 320 -6.82 -29.26 -13.85
CA SER C 320 -5.75 -30.05 -14.53
C SER C 320 -6.02 -30.08 -16.03
N GLY C 321 -4.95 -30.16 -16.83
CA GLY C 321 -5.02 -30.23 -18.30
C GLY C 321 -5.33 -31.64 -18.75
N VAL C 322 -5.42 -32.58 -17.81
CA VAL C 322 -5.64 -34.03 -18.06
C VAL C 322 -7.02 -34.37 -17.48
N HIS C 323 -7.77 -35.24 -18.16
CA HIS C 323 -9.13 -35.64 -17.74
C HIS C 323 -9.25 -37.17 -17.63
N SER C 324 -10.34 -37.63 -17.03
CA SER C 324 -10.72 -39.05 -16.84
C SER C 324 -9.50 -39.88 -16.44
N TRP C 325 -9.23 -40.97 -17.17
CA TRP C 325 -8.35 -42.07 -16.73
C TRP C 325 -6.96 -41.53 -16.38
N GLU C 326 -6.36 -40.75 -17.29
CA GLU C 326 -5.01 -40.15 -17.11
C GLU C 326 -5.05 -39.31 -15.82
N TYR C 327 -6.16 -38.60 -15.59
CA TYR C 327 -6.36 -37.71 -14.42
C TYR C 327 -6.38 -38.57 -13.15
N TRP C 328 -7.13 -39.67 -13.18
CA TRP C 328 -7.32 -40.56 -12.00
C TRP C 328 -5.97 -41.16 -11.61
N GLN C 329 -5.22 -41.66 -12.60
CA GLN C 329 -3.87 -42.23 -12.36
C GLN C 329 -2.97 -41.12 -11.78
N PHE C 330 -3.11 -39.89 -12.29
CA PHE C 330 -2.36 -38.72 -11.78
C PHE C 330 -2.64 -38.58 -10.27
N GLU C 331 -3.91 -38.61 -9.89
CA GLU C 331 -4.32 -38.45 -8.47
C GLU C 331 -3.75 -39.62 -7.67
N MSE C 332 -3.70 -40.82 -8.26
CA MSE C 332 -3.09 -42.00 -7.58
C MSE C 332 -1.67 -41.63 -7.16
O MSE C 332 -1.33 -41.80 -5.97
CB MSE C 332 -3.13 -43.24 -8.48
CG MSE C 332 -2.40 -44.46 -7.89
SE MSE C 332 -3.18 -45.19 -6.22
CE MSE C 332 -4.66 -46.21 -6.99
H MSE C 332 -4.08 -40.93 -9.18
HA MSE C 332 -3.62 -42.20 -6.78
HB2 MSE C 332 -2.72 -43.03 -9.31
HB3 MSE C 332 -4.04 -43.49 -8.62
HG2 MSE C 332 -1.47 -44.23 -7.70
HG3 MSE C 332 -2.40 -45.19 -8.55
HE1 MSE C 332 -5.16 -46.65 -6.28
HE2 MSE C 332 -4.30 -46.89 -7.59
HE3 MSE C 332 -5.25 -45.62 -7.48
N THR C 333 -0.89 -41.08 -8.10
CA THR C 333 0.54 -40.74 -7.89
C THR C 333 0.65 -39.59 -6.90
N GLN C 334 -0.35 -38.71 -6.87
CA GLN C 334 -0.44 -37.58 -5.90
C GLN C 334 -0.66 -38.13 -4.49
N ALA C 335 -1.45 -39.20 -4.39
CA ALA C 335 -1.87 -39.84 -3.12
C ALA C 335 -0.74 -40.73 -2.59
N PHE C 336 0.00 -41.37 -3.50
CA PHE C 336 0.93 -42.47 -3.15
C PHE C 336 1.85 -42.07 -2.00
N PRO C 337 2.50 -40.89 -2.00
CA PRO C 337 3.36 -40.51 -0.89
C PRO C 337 2.65 -40.59 0.47
N HIS C 338 1.36 -40.25 0.52
CA HIS C 338 0.50 -40.32 1.73
C HIS C 338 0.18 -41.79 2.06
N ILE C 339 -0.07 -42.60 1.03
CA ILE C 339 -0.26 -44.08 1.16
C ILE C 339 1.00 -44.64 1.83
N ALA C 340 2.16 -44.40 1.23
CA ALA C 340 3.47 -44.90 1.69
C ALA C 340 3.66 -44.50 3.16
N ASN C 341 3.30 -43.27 3.51
CA ASN C 341 3.42 -42.77 4.90
C ASN C 341 2.53 -43.60 5.82
N ALA C 342 1.25 -43.75 5.47
CA ALA C 342 0.21 -44.46 6.25
C ALA C 342 0.61 -45.92 6.45
N LEU C 343 1.23 -46.54 5.44
CA LEU C 343 1.60 -47.99 5.45
C LEU C 343 3.02 -48.17 6.00
N GLY C 344 3.72 -47.06 6.31
CA GLY C 344 5.08 -47.07 6.88
C GLY C 344 6.11 -47.69 5.96
N MSE C 345 5.99 -47.51 4.64
CA MSE C 345 6.99 -48.04 3.67
C MSE C 345 8.27 -47.20 3.76
O MSE C 345 8.16 -45.96 3.91
CB MSE C 345 6.48 -48.00 2.23
CG MSE C 345 5.04 -48.36 2.06
SE MSE C 345 4.78 -48.54 0.13
CE MSE C 345 2.89 -48.24 -0.17
H MSE C 345 5.20 -47.00 4.29
HA MSE C 345 7.20 -48.97 3.92
HB2 MSE C 345 6.99 -48.63 1.72
HB3 MSE C 345 6.59 -47.12 1.89
HG2 MSE C 345 4.48 -47.65 2.44
HG3 MSE C 345 4.85 -49.19 2.54
HE1 MSE C 345 2.70 -48.31 -1.11
HE2 MSE C 345 2.66 -47.35 0.15
HE3 MSE C 345 2.38 -48.90 0.33
N SER C 346 9.42 -47.85 3.62
CA SER C 346 10.75 -47.19 3.67
C SER C 346 10.98 -46.36 2.41
N THR C 347 12.03 -45.53 2.43
CA THR C 347 12.43 -44.69 1.27
C THR C 347 12.74 -45.61 0.09
N GLU C 348 13.51 -46.67 0.35
CA GLU C 348 14.01 -47.62 -0.69
C GLU C 348 12.83 -48.43 -1.23
N ASP C 349 11.69 -48.42 -0.55
CA ASP C 349 10.46 -49.14 -0.96
C ASP C 349 9.68 -48.32 -1.98
N ARG C 350 9.82 -46.99 -1.94
CA ARG C 350 8.87 -46.04 -2.58
C ARG C 350 9.19 -45.87 -4.08
N GLY C 351 10.46 -46.01 -4.47
CA GLY C 351 10.92 -45.83 -5.87
C GLY C 351 10.69 -44.41 -6.35
N VAL C 352 10.32 -44.23 -7.62
CA VAL C 352 10.09 -42.89 -8.22
C VAL C 352 8.62 -42.52 -8.01
N GLU C 353 8.35 -41.60 -7.08
CA GLU C 353 6.98 -41.24 -6.60
C GLU C 353 6.19 -40.47 -7.67
N CYS C 354 6.84 -39.63 -8.48
CA CYS C 354 6.20 -38.66 -9.43
C CYS C 354 6.23 -39.17 -10.88
N ALA C 355 5.38 -38.65 -11.76
CA ALA C 355 5.20 -39.12 -13.15
C ALA C 355 4.57 -38.06 -14.04
N PRO C 356 5.21 -37.70 -15.18
CA PRO C 356 4.69 -36.69 -16.08
C PRO C 356 3.43 -37.13 -16.82
N VAL C 357 2.52 -36.18 -17.07
CA VAL C 357 1.22 -36.41 -17.75
C VAL C 357 0.97 -35.32 -18.79
N GLY C 358 0.08 -35.62 -19.73
CA GLY C 358 -0.45 -34.65 -20.72
C GLY C 358 0.66 -34.03 -21.55
N ALA C 359 0.62 -32.70 -21.67
CA ALA C 359 1.45 -31.92 -22.62
C ALA C 359 2.91 -31.94 -22.18
N ILE C 360 3.19 -31.76 -20.88
CA ILE C 360 4.57 -31.81 -20.31
C ILE C 360 5.18 -33.19 -20.56
N ALA C 361 4.39 -34.26 -20.46
CA ALA C 361 4.85 -35.65 -20.72
C ALA C 361 5.29 -35.78 -22.19
N ASP C 362 4.53 -35.21 -23.12
CA ASP C 362 4.81 -35.28 -24.58
C ASP C 362 6.11 -34.52 -24.90
N ALA C 363 6.34 -33.38 -24.26
CA ALA C 363 7.52 -32.51 -24.48
C ALA C 363 8.75 -33.09 -23.79
N VAL C 364 8.58 -33.98 -22.81
CA VAL C 364 9.70 -34.55 -22.02
C VAL C 364 10.06 -35.95 -22.57
N ALA C 365 9.34 -36.42 -23.60
CA ALA C 365 9.51 -37.74 -24.28
C ALA C 365 10.95 -37.95 -24.77
N ASP C 366 11.65 -36.87 -25.17
CA ASP C 366 13.09 -36.89 -25.57
C ASP C 366 13.88 -37.71 -24.56
N GLY C 367 13.69 -37.44 -23.27
CA GLY C 367 14.45 -38.01 -22.15
C GLY C 367 15.47 -37.01 -21.63
N ALA C 368 15.67 -35.91 -22.37
CA ALA C 368 16.64 -34.82 -22.12
C ALA C 368 16.56 -34.34 -20.66
N MSE C 369 15.36 -34.21 -20.14
CA MSE C 369 15.09 -33.53 -18.86
C MSE C 369 15.56 -34.38 -17.68
O MSE C 369 15.83 -33.81 -16.61
CB MSE C 369 13.59 -33.24 -18.75
CG MSE C 369 13.08 -32.34 -19.86
SE MSE C 369 14.06 -30.68 -19.67
CE MSE C 369 13.70 -29.92 -17.91
H MSE C 369 14.58 -34.60 -20.66
HA MSE C 369 15.60 -32.68 -18.84
HB2 MSE C 369 13.42 -32.81 -17.92
HB3 MSE C 369 13.12 -34.07 -18.79
HG2 MSE C 369 12.12 -32.22 -19.76
HG3 MSE C 369 13.24 -32.77 -20.72
HE1 MSE C 369 14.21 -29.09 -17.81
HE2 MSE C 369 14.00 -30.55 -17.23
HE3 MSE C 369 12.76 -29.75 -17.82
N GLY C 370 15.59 -35.70 -17.87
CA GLY C 370 15.93 -36.67 -16.82
C GLY C 370 14.72 -37.13 -16.04
N THR C 371 15.00 -37.75 -14.89
CA THR C 371 14.01 -38.31 -13.93
C THR C 371 13.29 -37.12 -13.26
N CYS C 372 11.95 -37.07 -13.29
CA CYS C 372 11.14 -36.01 -12.65
C CYS C 372 11.36 -36.01 -11.13
N LEU C 373 11.45 -34.82 -10.53
CA LEU C 373 11.67 -34.64 -9.07
C LEU C 373 10.34 -34.34 -8.38
N THR C 374 9.33 -33.88 -9.14
CA THR C 374 7.96 -33.55 -8.68
C THR C 374 6.95 -33.80 -9.81
N ASN C 375 5.66 -33.77 -9.47
CA ASN C 375 4.56 -33.85 -10.46
C ASN C 375 4.28 -32.42 -10.96
N GLU C 376 3.48 -32.30 -12.01
CA GLU C 376 2.84 -31.02 -12.41
C GLU C 376 2.33 -30.32 -11.15
N TYR C 377 2.70 -29.06 -10.91
CA TYR C 377 2.16 -28.24 -9.80
C TYR C 377 1.70 -26.90 -10.40
N ASP C 378 0.66 -26.33 -9.81
CA ASP C 378 0.02 -25.08 -10.28
C ASP C 378 1.00 -23.91 -10.11
N VAL C 379 1.18 -23.12 -11.19
CA VAL C 379 1.92 -21.83 -11.18
C VAL C 379 1.00 -20.77 -11.78
N THR C 380 1.50 -19.54 -11.95
CA THR C 380 0.65 -18.35 -12.22
C THR C 380 -0.34 -18.59 -13.36
N GLY C 381 0.03 -19.02 -14.57
CA GLY C 381 -0.95 -19.07 -15.67
C GLY C 381 -1.23 -20.48 -16.18
N GLY C 382 -0.56 -21.47 -15.61
CA GLY C 382 -0.56 -22.87 -16.04
C GLY C 382 0.21 -23.73 -15.05
N LYS C 383 1.06 -24.63 -15.53
CA LYS C 383 1.74 -25.62 -14.66
C LYS C 383 3.25 -25.67 -14.93
N ALA C 384 4.01 -26.06 -13.91
CA ALA C 384 5.46 -26.33 -13.96
C ALA C 384 5.75 -27.68 -13.30
N GLN C 385 6.76 -28.38 -13.79
CA GLN C 385 7.21 -29.71 -13.26
C GLN C 385 8.74 -29.69 -13.14
N ASP C 386 9.29 -30.04 -11.97
CA ASP C 386 10.76 -30.10 -11.75
C ASP C 386 11.33 -31.40 -12.32
N PHE C 387 12.56 -31.36 -12.84
CA PHE C 387 13.33 -32.53 -13.34
C PHE C 387 14.79 -32.40 -12.89
N ALA C 388 15.56 -33.46 -13.07
CA ALA C 388 17.00 -33.51 -12.68
C ALA C 388 17.73 -32.39 -13.41
N ASN C 389 17.49 -32.28 -14.71
CA ASN C 389 18.30 -31.47 -15.66
C ASN C 389 17.69 -30.06 -15.85
N GLY C 390 16.45 -29.84 -15.43
CA GLY C 390 15.84 -28.49 -15.43
C GLY C 390 14.37 -28.50 -15.05
N ARG C 391 13.61 -27.50 -15.50
CA ARG C 391 12.16 -27.37 -15.22
C ARG C 391 11.40 -27.33 -16.55
N ALA C 392 10.18 -27.87 -16.56
CA ALA C 392 9.26 -27.78 -17.70
C ALA C 392 8.17 -26.77 -17.34
N TYR C 393 7.58 -26.15 -18.35
CA TYR C 393 6.53 -25.12 -18.20
C TYR C 393 5.46 -25.39 -19.25
N TRP C 394 4.20 -25.10 -18.90
CA TRP C 394 3.03 -25.29 -19.80
C TRP C 394 1.91 -24.31 -19.46
N SER C 395 1.27 -23.77 -20.50
CA SER C 395 0.01 -22.98 -20.44
C SER C 395 -0.84 -23.36 -21.67
N ALA C 396 -2.17 -23.40 -21.53
CA ALA C 396 -3.11 -23.80 -22.60
C ALA C 396 -2.75 -23.06 -23.90
N ASN C 397 -2.34 -21.78 -23.77
CA ASN C 397 -1.95 -20.86 -24.89
C ASN C 397 -0.65 -21.32 -25.54
N THR C 398 0.44 -21.40 -24.77
CA THR C 398 1.84 -21.54 -25.26
C THR C 398 2.16 -23.00 -25.61
N GLY C 399 1.64 -23.94 -24.83
CA GLY C 399 2.06 -25.36 -24.87
C GLY C 399 3.18 -25.63 -23.88
N ALA C 400 3.80 -26.82 -23.99
CA ALA C 400 4.77 -27.36 -23.01
C ALA C 400 6.19 -27.33 -23.61
N PHE C 401 7.16 -26.96 -22.79
CA PHE C 401 8.60 -26.84 -23.16
C PHE C 401 9.45 -27.10 -21.91
N GLY C 402 10.49 -27.93 -22.06
CA GLY C 402 11.51 -28.16 -21.02
C GLY C 402 12.66 -27.20 -21.20
N LEU C 403 13.02 -26.46 -20.16
CA LEU C 403 14.18 -25.51 -20.19
C LEU C 403 15.27 -26.07 -19.29
N VAL C 404 16.54 -25.93 -19.69
CA VAL C 404 17.68 -26.51 -18.94
C VAL C 404 18.74 -25.44 -18.69
N GLY C 405 19.70 -25.79 -17.82
CA GLY C 405 20.94 -25.06 -17.53
C GLY C 405 20.67 -23.62 -17.12
N ARG C 406 21.55 -22.73 -17.57
CA ARG C 406 21.69 -21.36 -17.02
C ARG C 406 20.54 -20.47 -17.50
N ILE C 407 20.06 -20.65 -18.73
CA ILE C 407 18.83 -19.94 -19.22
C ILE C 407 17.71 -20.21 -18.20
N ASN C 408 17.42 -21.49 -17.95
CA ASN C 408 16.33 -21.92 -17.04
C ASN C 408 16.61 -21.36 -15.64
N ALA C 409 17.86 -21.41 -15.19
CA ALA C 409 18.29 -20.90 -13.87
C ALA C 409 17.92 -19.42 -13.74
N ARG C 410 18.09 -18.64 -14.82
CA ARG C 410 17.74 -17.19 -14.86
C ARG C 410 16.21 -17.05 -14.90
N TYR C 411 15.54 -17.69 -15.86
CA TYR C 411 14.07 -17.63 -16.00
C TYR C 411 13.42 -17.87 -14.64
N SER C 412 13.95 -18.79 -13.84
CA SER C 412 13.48 -19.09 -12.46
C SER C 412 13.78 -17.92 -11.53
N GLU C 413 15.04 -17.48 -11.49
CA GLU C 413 15.48 -16.30 -10.70
C GLU C 413 14.46 -15.16 -10.88
N LEU C 414 13.88 -15.02 -12.08
CA LEU C 414 12.94 -13.92 -12.45
C LEU C 414 11.53 -14.20 -11.93
N GLY C 415 11.17 -15.46 -11.69
CA GLY C 415 9.84 -15.90 -11.25
C GLY C 415 9.10 -16.71 -12.30
N GLY C 416 9.81 -17.27 -13.26
CA GLY C 416 9.22 -18.08 -14.34
C GLY C 416 8.05 -17.34 -14.98
N PRO C 417 6.91 -17.99 -15.23
CA PRO C 417 5.79 -17.34 -15.91
C PRO C 417 5.12 -16.21 -15.12
N ALA C 418 5.42 -16.06 -13.83
CA ALA C 418 5.02 -14.90 -12.98
C ALA C 418 5.70 -13.63 -13.48
N SER C 419 6.99 -13.72 -13.86
CA SER C 419 7.78 -12.59 -14.41
C SER C 419 7.19 -12.14 -15.76
N TRP C 420 7.54 -10.92 -16.16
CA TRP C 420 6.96 -10.21 -17.33
C TRP C 420 7.15 -10.98 -18.64
N LEU C 421 8.08 -11.95 -18.67
CA LEU C 421 8.48 -12.70 -19.90
C LEU C 421 7.28 -13.52 -20.40
N GLY C 422 6.47 -14.04 -19.48
CA GLY C 422 5.36 -14.97 -19.76
C GLY C 422 5.85 -16.40 -19.90
N TYR C 423 5.15 -17.23 -20.68
CA TYR C 423 5.49 -18.66 -20.83
C TYR C 423 6.53 -18.82 -21.94
N PRO C 424 7.43 -19.81 -21.83
CA PRO C 424 8.33 -20.18 -22.92
C PRO C 424 7.54 -20.63 -24.16
N THR C 425 7.99 -20.20 -25.34
CA THR C 425 7.40 -20.48 -26.68
C THR C 425 8.33 -21.43 -27.46
N SER C 426 9.43 -21.88 -26.83
CA SER C 426 10.46 -22.80 -27.40
C SER C 426 11.26 -23.51 -26.28
N SER C 427 12.02 -24.55 -26.66
CA SER C 427 13.11 -25.16 -25.87
C SER C 427 14.42 -24.39 -26.10
N GLU C 428 15.53 -24.82 -25.49
CA GLU C 428 16.85 -24.13 -25.64
C GLU C 428 17.31 -24.32 -27.09
N LEU C 429 17.52 -23.21 -27.82
CA LEU C 429 17.93 -23.22 -29.26
C LEU C 429 19.37 -22.71 -29.40
N LYS C 430 20.04 -23.15 -30.47
CA LYS C 430 21.44 -22.78 -30.80
C LYS C 430 21.42 -21.62 -31.80
N THR C 431 22.35 -20.68 -31.63
CA THR C 431 22.62 -19.58 -32.58
C THR C 431 23.53 -20.10 -33.68
N PRO C 432 23.43 -19.61 -34.94
CA PRO C 432 24.26 -20.14 -36.04
C PRO C 432 25.78 -19.99 -35.87
N ASP C 433 26.25 -19.09 -35.00
CA ASP C 433 27.70 -18.99 -34.66
C ASP C 433 28.12 -20.13 -33.72
N GLY C 434 27.15 -20.85 -33.14
CA GLY C 434 27.40 -22.06 -32.35
C GLY C 434 28.06 -21.80 -31.00
N ARG C 435 28.13 -20.54 -30.55
CA ARG C 435 28.60 -20.21 -29.18
C ARG C 435 27.42 -19.78 -28.30
N GLY C 436 26.32 -19.37 -28.93
CA GLY C 436 25.12 -18.84 -28.25
C GLY C 436 24.03 -19.89 -28.13
N ARG C 437 23.26 -19.78 -27.04
CA ARG C 437 21.97 -20.48 -26.82
C ARG C 437 20.93 -19.45 -26.42
N PHE C 438 19.68 -19.62 -26.87
CA PHE C 438 18.55 -18.75 -26.46
C PHE C 438 17.24 -19.54 -26.36
N VAL C 439 16.34 -19.02 -25.51
CA VAL C 439 14.93 -19.49 -25.37
C VAL C 439 14.03 -18.29 -25.65
N THR C 440 12.96 -18.53 -26.43
CA THR C 440 11.94 -17.51 -26.76
C THR C 440 10.80 -17.64 -25.74
N PHE C 441 10.21 -16.51 -25.37
CA PHE C 441 9.07 -16.38 -24.44
C PHE C 441 8.00 -15.52 -25.12
N GLU C 442 6.84 -15.39 -24.47
CA GLU C 442 5.68 -14.61 -24.93
C GLU C 442 6.08 -13.14 -25.12
N HIS C 443 6.86 -12.58 -24.18
CA HIS C 443 7.13 -11.12 -24.06
C HIS C 443 8.65 -10.82 -24.06
N GLY C 444 9.45 -11.70 -24.68
CA GLY C 444 10.90 -11.47 -24.81
C GLY C 444 11.66 -12.75 -25.15
N SER C 445 12.98 -12.74 -24.91
CA SER C 445 13.91 -13.89 -25.08
C SER C 445 14.98 -13.84 -23.99
N ILE C 446 15.57 -14.99 -23.69
CA ILE C 446 16.82 -15.07 -22.87
C ILE C 446 17.92 -15.62 -23.78
N TYR C 447 19.06 -14.93 -23.83
CA TYR C 447 20.27 -15.34 -24.59
C TYR C 447 21.39 -15.66 -23.59
N TRP C 448 22.23 -16.64 -23.92
CA TRP C 448 23.36 -17.13 -23.08
C TRP C 448 24.56 -17.50 -23.96
N THR C 449 25.75 -17.14 -23.48
CA THR C 449 27.06 -17.71 -23.90
C THR C 449 27.86 -18.02 -22.63
N ALA C 450 28.84 -18.91 -22.76
CA ALA C 450 29.74 -19.32 -21.66
C ALA C 450 30.31 -18.07 -20.99
N THR C 451 30.50 -16.97 -21.74
CA THR C 451 31.28 -15.78 -21.30
C THR C 451 30.34 -14.61 -20.95
N THR C 452 29.19 -14.44 -21.61
CA THR C 452 28.26 -13.30 -21.31
C THR C 452 27.33 -13.65 -20.15
N GLY C 453 26.84 -14.90 -20.10
CA GLY C 453 25.84 -15.36 -19.13
C GLY C 453 24.41 -15.32 -19.68
N PRO C 454 23.40 -15.66 -18.84
CA PRO C 454 22.00 -15.67 -19.23
C PRO C 454 21.32 -14.33 -18.95
N TRP C 455 20.77 -13.69 -19.98
CA TRP C 455 20.12 -12.36 -19.86
C TRP C 455 18.86 -12.30 -20.71
N GLU C 456 17.82 -11.70 -20.14
CA GLU C 456 16.48 -11.52 -20.75
C GLU C 456 16.43 -10.14 -21.42
N ILE C 457 16.01 -10.11 -22.68
CA ILE C 457 15.81 -8.87 -23.47
C ILE C 457 14.31 -8.72 -23.72
N PRO C 458 13.68 -7.61 -23.28
CA PRO C 458 12.25 -7.38 -23.53
C PRO C 458 11.97 -7.33 -25.05
N GLY C 459 10.84 -7.92 -25.48
CA GLY C 459 10.45 -8.12 -26.88
C GLY C 459 10.70 -6.90 -27.80
N ASP C 460 10.34 -5.68 -27.36
CA ASP C 460 10.51 -4.41 -28.13
C ASP C 460 12.01 -4.13 -28.36
N MSE C 461 12.79 -4.14 -27.27
CA MSE C 461 14.26 -3.91 -27.31
C MSE C 461 14.89 -5.01 -28.17
O MSE C 461 15.84 -4.71 -28.91
CB MSE C 461 14.80 -3.88 -25.88
CG MSE C 461 14.12 -2.82 -25.03
SE MSE C 461 14.87 -2.75 -23.23
CE MSE C 461 16.78 -2.46 -23.52
H MSE C 461 12.34 -4.32 -26.39
HA MSE C 461 14.42 -3.03 -27.72
HB2 MSE C 461 15.73 -3.69 -25.92
HB3 MSE C 461 14.66 -4.73 -25.48
HG2 MSE C 461 13.16 -3.01 -24.98
HG3 MSE C 461 14.23 -1.94 -25.46
HE1 MSE C 461 17.24 -2.42 -22.66
HE2 MSE C 461 16.91 -1.63 -24.01
HE3 MSE C 461 17.14 -3.21 -24.05
N LEU C 462 14.34 -6.21 -28.11
CA LEU C 462 14.78 -7.36 -28.94
C LEU C 462 14.61 -7.06 -30.43
N ALA C 463 13.48 -6.50 -30.85
CA ALA C 463 13.20 -6.18 -32.28
C ALA C 463 14.19 -5.10 -32.76
N ALA C 464 14.54 -4.15 -31.89
CA ALA C 464 15.50 -3.05 -32.17
C ALA C 464 16.89 -3.64 -32.41
N TRP C 465 17.35 -4.44 -31.45
CA TRP C 465 18.59 -5.27 -31.53
C TRP C 465 18.58 -6.08 -32.82
N GLY C 466 17.40 -6.51 -33.27
CA GLY C 466 17.17 -7.24 -34.53
C GLY C 466 17.56 -6.43 -35.76
N THR C 467 17.23 -5.13 -35.79
CA THR C 467 17.49 -4.23 -36.95
C THR C 467 18.99 -4.21 -37.30
N GLN C 468 19.85 -4.56 -36.33
CA GLN C 468 21.34 -4.60 -36.46
C GLN C 468 21.81 -6.07 -36.59
N ASP C 469 20.87 -7.02 -36.49
CA ASP C 469 20.96 -8.49 -36.77
C ASP C 469 21.38 -9.25 -35.50
N TYR C 470 20.88 -8.82 -34.34
CA TYR C 470 20.90 -9.54 -33.06
C TYR C 470 22.36 -9.83 -32.66
N GLU C 471 22.72 -11.11 -32.54
CA GLU C 471 24.07 -11.57 -32.10
C GLU C 471 25.04 -11.45 -33.28
N LYS C 472 24.55 -11.56 -34.52
CA LYS C 472 25.35 -11.49 -35.78
C LYS C 472 25.95 -10.09 -35.98
N GLY C 473 25.34 -9.03 -35.46
CA GLY C 473 25.86 -7.65 -35.56
C GLY C 473 26.85 -7.30 -34.43
N SER C 474 27.53 -6.16 -34.57
CA SER C 474 28.54 -5.59 -33.63
C SER C 474 28.13 -5.76 -32.17
N LEU C 475 26.87 -5.48 -31.84
CA LEU C 475 26.30 -5.44 -30.46
C LEU C 475 26.53 -6.78 -29.74
N GLY C 476 26.43 -7.89 -30.47
CA GLY C 476 26.63 -9.25 -29.96
C GLY C 476 25.58 -9.64 -28.94
N TYR C 477 26.00 -10.15 -27.79
CA TYR C 477 25.11 -10.76 -26.77
C TYR C 477 24.92 -9.78 -25.62
N PRO C 478 23.75 -9.83 -24.94
CA PRO C 478 23.54 -9.04 -23.71
C PRO C 478 24.51 -9.49 -22.61
N THR C 479 25.01 -8.53 -21.83
CA THR C 479 26.01 -8.73 -20.76
C THR C 479 25.42 -8.35 -19.39
N GLY C 480 24.17 -7.87 -19.39
CA GLY C 480 23.41 -7.46 -18.18
C GLY C 480 21.94 -7.26 -18.50
N ALA C 481 21.16 -6.84 -17.50
CA ALA C 481 19.69 -6.70 -17.60
C ALA C 481 19.36 -5.26 -17.98
N ALA C 482 18.21 -5.03 -18.64
CA ALA C 482 17.63 -3.68 -18.85
C ALA C 482 17.40 -3.06 -17.47
N VAL C 483 18.00 -1.88 -17.21
CA VAL C 483 17.94 -1.18 -15.88
C VAL C 483 17.33 0.22 -16.08
N GLU C 484 16.83 0.82 -15.00
CA GLU C 484 16.38 2.24 -14.96
C GLU C 484 17.49 3.08 -15.57
N TYR C 485 17.15 3.89 -16.58
CA TYR C 485 18.04 4.90 -17.19
C TYR C 485 17.20 6.14 -17.51
N ASN C 486 17.32 7.19 -16.69
CA ASN C 486 16.68 8.52 -16.90
C ASN C 486 15.26 8.33 -17.45
N GLY C 487 14.37 7.69 -16.68
CA GLY C 487 12.96 7.44 -17.08
C GLY C 487 12.86 6.67 -18.38
N GLY C 488 13.80 5.75 -18.60
CA GLY C 488 13.83 4.79 -19.71
C GLY C 488 14.60 3.55 -19.31
N LEU C 489 14.94 2.69 -20.27
CA LEU C 489 15.71 1.46 -19.98
C LEU C 489 16.96 1.42 -20.84
N ARG C 490 18.08 1.00 -20.25
CA ARG C 490 19.38 0.77 -20.92
C ARG C 490 19.94 -0.61 -20.52
N GLN C 491 19.98 -1.55 -21.47
CA GLN C 491 20.59 -2.90 -21.34
C GLN C 491 21.94 -2.93 -22.08
N GLN C 492 23.01 -3.27 -21.37
CA GLN C 492 24.37 -3.36 -21.95
C GLN C 492 24.49 -4.61 -22.82
N PHE C 493 25.33 -4.52 -23.85
CA PHE C 493 25.65 -5.65 -24.76
C PHE C 493 27.16 -5.67 -24.95
N GLU C 494 27.65 -6.66 -25.69
CA GLU C 494 29.09 -6.75 -26.03
C GLU C 494 29.49 -5.48 -26.77
N GLY C 495 28.73 -5.16 -27.83
CA GLY C 495 29.10 -4.18 -28.87
C GLY C 495 28.57 -2.78 -28.61
N GLY C 496 27.65 -2.59 -27.65
CA GLY C 496 27.13 -1.27 -27.27
C GLY C 496 26.08 -1.32 -26.17
N TYR C 497 24.88 -0.78 -26.44
CA TYR C 497 23.68 -0.72 -25.53
C TYR C 497 22.39 -0.68 -26.37
N VAL C 498 21.30 -1.25 -25.84
CA VAL C 498 19.92 -1.07 -26.39
C VAL C 498 19.09 -0.29 -25.37
N PHE C 499 18.13 0.51 -25.85
CA PHE C 499 17.37 1.52 -25.06
C PHE C 499 15.85 1.34 -25.23
N ARG C 500 15.11 1.68 -24.17
CA ARG C 500 13.65 2.00 -24.20
C ARG C 500 13.51 3.47 -23.80
N THR C 501 13.01 4.31 -24.71
CA THR C 501 12.96 5.80 -24.57
C THR C 501 11.81 6.19 -23.63
N SER C 502 11.88 7.41 -23.07
CA SER C 502 10.81 8.06 -22.28
C SER C 502 9.47 7.93 -23.00
N ASN C 503 9.46 7.99 -24.33
CA ASN C 503 8.21 7.94 -25.14
C ASN C 503 8.06 6.53 -25.73
N ASN C 504 8.57 5.53 -25.00
CA ASN C 504 8.38 4.06 -25.25
C ASN C 504 8.69 3.72 -26.72
N GLN C 505 9.94 3.96 -27.14
CA GLN C 505 10.49 3.43 -28.40
C GLN C 505 11.79 2.71 -28.08
N SER C 506 12.32 1.95 -29.03
CA SER C 506 13.57 1.17 -28.85
C SER C 506 14.58 1.48 -29.95
N TYR C 507 15.75 1.97 -29.54
CA TYR C 507 16.92 2.22 -30.42
C TYR C 507 18.17 1.72 -29.70
N TRP C 508 19.19 1.33 -30.47
CA TRP C 508 20.51 0.86 -29.96
C TRP C 508 21.60 1.87 -30.33
N VAL C 509 22.71 1.79 -29.61
CA VAL C 509 23.88 2.70 -29.74
C VAL C 509 25.12 1.79 -29.73
N ARG C 510 26.08 1.98 -30.65
CA ARG C 510 27.20 1.01 -30.83
C ARG C 510 28.55 1.73 -30.97
N GLY C 511 29.62 0.97 -30.74
CA GLY C 511 31.01 1.37 -31.04
C GLY C 511 31.38 2.71 -30.43
N GLU C 512 31.99 3.59 -31.24
CA GLU C 512 32.65 4.83 -30.75
C GLU C 512 31.58 5.87 -30.36
N ILE C 513 30.47 5.92 -31.10
CA ILE C 513 29.32 6.81 -30.78
C ILE C 513 28.82 6.45 -29.38
N SER C 514 28.64 5.15 -29.13
CA SER C 514 28.18 4.56 -27.84
C SER C 514 29.11 4.96 -26.71
N LYS C 515 30.43 4.89 -26.91
CA LYS C 515 31.43 5.20 -25.86
C LYS C 515 31.20 6.64 -25.40
N LYS C 516 30.96 7.53 -26.38
CA LYS C 516 30.70 8.99 -26.16
C LYS C 516 29.38 9.15 -25.41
N TYR C 517 28.28 8.70 -26.01
CA TYR C 517 26.90 8.89 -25.48
C TYR C 517 26.84 8.58 -23.98
N ALA C 518 27.62 7.59 -23.54
CA ALA C 518 27.62 7.09 -22.14
C ALA C 518 28.58 7.89 -21.27
N GLU C 519 29.38 8.79 -21.86
CA GLU C 519 30.37 9.59 -21.11
C GLU C 519 29.63 10.59 -20.22
N ASP C 520 30.30 10.98 -19.14
CA ASP C 520 29.85 11.90 -18.07
C ASP C 520 29.18 13.14 -18.68
N GLY C 521 27.86 13.28 -18.52
CA GLY C 521 27.12 14.53 -18.80
C GLY C 521 26.64 14.64 -20.24
N ILE C 522 26.92 13.65 -21.10
CA ILE C 522 26.55 13.70 -22.55
C ILE C 522 25.04 13.48 -22.75
N PHE C 523 24.40 12.62 -21.95
CA PHE C 523 22.95 12.32 -22.06
C PHE C 523 22.16 13.60 -21.76
N ALA C 524 22.58 14.31 -20.70
CA ALA C 524 22.05 15.62 -20.28
C ALA C 524 21.81 16.50 -21.52
N GLN C 525 22.72 16.45 -22.50
CA GLN C 525 22.75 17.38 -23.67
C GLN C 525 21.88 16.86 -24.83
N LEU C 526 21.77 15.55 -25.03
CA LEU C 526 21.18 14.97 -26.27
C LEU C 526 19.79 14.37 -26.00
N GLY C 527 19.58 13.86 -24.77
CA GLY C 527 18.41 13.04 -24.42
C GLY C 527 18.49 11.68 -25.08
N PHE C 528 17.35 11.00 -25.23
CA PHE C 528 17.29 9.62 -25.80
C PHE C 528 17.54 9.70 -27.30
N PRO C 529 18.08 8.63 -27.91
CA PRO C 529 18.12 8.50 -29.37
C PRO C 529 16.72 8.60 -30.00
N THR C 530 16.66 9.11 -31.23
CA THR C 530 15.43 9.21 -32.07
C THR C 530 15.54 8.25 -33.27
N GLY C 531 16.68 7.54 -33.36
CA GLY C 531 16.99 6.57 -34.43
C GLY C 531 18.26 5.82 -34.09
N ASN C 532 18.60 4.80 -34.89
CA ASN C 532 19.82 3.97 -34.71
C ASN C 532 20.96 4.65 -35.48
N GLU C 533 22.21 4.18 -35.29
CA GLU C 533 23.41 4.68 -36.00
C GLU C 533 23.16 4.50 -37.51
N LYS C 534 23.56 5.48 -38.32
CA LYS C 534 23.46 5.42 -39.81
C LYS C 534 24.87 5.60 -40.37
N LEU C 535 25.31 4.65 -41.19
CA LEU C 535 26.63 4.69 -41.87
C LEU C 535 26.54 5.72 -43.02
N ILE C 536 27.42 6.71 -43.00
CA ILE C 536 27.51 7.80 -44.02
C ILE C 536 28.90 7.72 -44.66
N ASN C 537 29.03 8.22 -45.89
CA ASN C 537 30.36 8.42 -46.53
C ASN C 537 31.29 9.10 -45.51
N GLY C 538 32.37 8.43 -45.10
CA GLY C 538 33.43 9.01 -44.25
C GLY C 538 33.36 8.57 -42.79
N GLY C 539 32.21 8.08 -42.33
CA GLY C 539 32.02 7.65 -40.92
C GLY C 539 30.59 7.26 -40.63
N ALA C 540 30.04 7.76 -39.53
CA ALA C 540 28.63 7.51 -39.14
C ALA C 540 28.15 8.63 -38.22
N PHE C 541 26.82 8.70 -38.04
CA PHE C 541 26.13 9.61 -37.10
C PHE C 541 24.85 8.95 -36.58
N GLN C 542 24.43 9.41 -35.40
CA GLN C 542 23.16 8.99 -34.77
C GLN C 542 22.42 10.27 -34.36
N GLU C 543 21.09 10.24 -34.44
CA GLU C 543 20.21 11.39 -34.10
C GLU C 543 19.68 11.19 -32.68
N PHE C 544 19.60 12.28 -31.92
CA PHE C 544 19.07 12.30 -30.54
C PHE C 544 18.00 13.39 -30.44
N GLU C 545 17.31 13.43 -29.30
CA GLU C 545 16.14 14.33 -29.07
C GLU C 545 16.58 15.77 -29.34
N LYS C 546 17.73 16.16 -28.80
CA LYS C 546 18.19 17.58 -28.74
C LYS C 546 19.46 17.81 -29.57
N GLY C 547 19.94 16.79 -30.31
CA GLY C 547 21.15 16.91 -31.13
C GLY C 547 21.55 15.64 -31.86
N ASN C 548 22.77 15.64 -32.40
CA ASN C 548 23.36 14.54 -33.21
C ASN C 548 24.77 14.24 -32.65
N ILE C 549 25.22 12.99 -32.77
CA ILE C 549 26.65 12.62 -32.58
C ILE C 549 27.19 12.19 -33.95
N TYR C 550 28.33 12.78 -34.32
CA TYR C 550 29.06 12.48 -35.58
C TYR C 550 30.40 11.84 -35.19
N TRP C 551 30.80 10.80 -35.94
CA TRP C 551 32.10 10.10 -35.77
C TRP C 551 32.70 9.77 -37.14
N SER C 552 34.02 9.94 -37.24
CA SER C 552 34.89 9.43 -38.34
C SER C 552 36.20 8.92 -37.73
N ALA C 553 36.89 8.02 -38.44
CA ALA C 553 38.23 7.49 -38.08
C ALA C 553 39.11 8.62 -37.54
N SER C 554 39.23 9.72 -38.30
CA SER C 554 40.15 10.86 -38.08
C SER C 554 39.69 11.77 -36.93
N THR C 555 38.41 12.17 -36.92
CA THR C 555 37.86 13.26 -36.05
C THR C 555 37.49 12.71 -34.67
N GLY C 556 36.84 11.55 -34.63
CA GLY C 556 36.28 10.94 -33.41
C GLY C 556 34.78 11.18 -33.33
N ALA C 557 34.18 10.82 -32.20
CA ALA C 557 32.75 11.03 -31.92
C ALA C 557 32.60 12.37 -31.20
N HIS C 558 31.77 13.26 -31.74
CA HIS C 558 31.58 14.63 -31.22
C HIS C 558 30.09 15.03 -31.36
N VAL C 559 29.62 15.79 -30.37
CA VAL C 559 28.22 16.24 -30.19
C VAL C 559 28.05 17.57 -30.93
N ILE C 560 26.99 17.66 -31.75
CA ILE C 560 26.45 18.94 -32.27
C ILE C 560 24.98 19.01 -31.82
N LEU C 561 24.52 20.19 -31.37
CA LEU C 561 23.13 20.38 -30.89
C LEU C 561 22.28 20.95 -32.03
N HIS C 562 20.97 20.76 -31.96
CA HIS C 562 19.97 21.46 -32.81
C HIS C 562 20.11 22.97 -32.56
N GLY C 563 20.01 23.81 -33.60
CA GLY C 563 20.16 25.27 -33.47
C GLY C 563 20.80 25.92 -34.68
N ASP C 564 21.08 27.22 -34.58
CA ASP C 564 21.56 28.07 -35.71
C ASP C 564 22.81 27.42 -36.33
N ILE C 565 23.81 27.05 -35.51
CA ILE C 565 25.11 26.48 -35.97
C ILE C 565 24.85 25.25 -36.86
N PHE C 566 23.92 24.38 -36.44
CA PHE C 566 23.56 23.14 -37.16
C PHE C 566 22.95 23.53 -38.52
N ASP C 567 21.96 24.42 -38.52
CA ASP C 567 21.22 24.85 -39.74
C ASP C 567 22.21 25.41 -40.77
N ALA C 568 23.15 26.24 -40.30
CA ALA C 568 24.20 26.91 -41.11
C ALA C 568 25.09 25.85 -41.75
N TRP C 569 25.63 24.95 -40.93
CA TRP C 569 26.44 23.78 -41.35
C TRP C 569 25.62 22.95 -42.36
N GLY C 570 24.30 22.85 -42.13
CA GLY C 570 23.33 22.21 -43.04
C GLY C 570 23.31 22.87 -44.40
N ALA C 571 23.22 24.20 -44.45
CA ALA C 571 23.22 25.02 -45.69
C ALA C 571 24.43 24.67 -46.57
N LYS C 572 25.52 24.16 -45.97
CA LYS C 572 26.81 23.87 -46.65
C LYS C 572 27.04 22.35 -46.78
N GLY C 573 25.98 21.53 -46.67
CA GLY C 573 26.01 20.07 -46.92
C GLY C 573 26.46 19.25 -45.72
N TRP C 574 26.40 19.81 -44.50
CA TRP C 574 26.84 19.20 -43.21
C TRP C 574 28.23 18.58 -43.41
N GLU C 575 28.43 17.32 -43.03
CA GLU C 575 29.74 16.61 -43.00
C GLU C 575 30.18 16.25 -44.43
N GLN C 576 29.25 16.14 -45.38
CA GLN C 576 29.55 15.79 -46.80
C GLN C 576 30.10 17.01 -47.54
N GLY C 577 29.89 18.22 -47.01
CA GLY C 577 30.24 19.47 -47.70
C GLY C 577 31.52 20.10 -47.16
N GLU C 578 31.67 21.40 -47.42
CA GLU C 578 32.89 22.21 -47.22
C GLU C 578 33.57 21.93 -45.86
N TYR C 579 32.80 21.88 -44.78
CA TYR C 579 33.35 21.90 -43.39
C TYR C 579 33.82 20.49 -42.98
N GLY C 580 33.06 19.48 -43.39
CA GLY C 580 33.30 18.06 -43.04
C GLY C 580 32.73 17.66 -41.68
N PHE C 581 33.43 16.78 -40.97
CA PHE C 581 33.00 16.22 -39.66
C PHE C 581 33.39 17.20 -38.54
N PRO C 582 32.58 17.28 -37.46
CA PRO C 582 32.97 18.01 -36.26
C PRO C 582 34.19 17.38 -35.58
N THR C 583 35.09 18.23 -35.09
CA THR C 583 36.39 17.83 -34.48
C THR C 583 36.42 18.21 -32.99
N SER C 584 35.35 18.86 -32.52
CA SER C 584 35.15 19.21 -31.08
C SER C 584 33.65 19.17 -30.77
N ASP C 585 33.29 19.13 -29.49
CA ASP C 585 31.88 19.17 -29.04
C ASP C 585 31.42 20.63 -29.08
N GLN C 586 30.19 20.89 -29.55
CA GLN C 586 29.60 22.26 -29.53
C GLN C 586 29.62 22.79 -28.10
N THR C 587 30.69 23.48 -27.73
CA THR C 587 30.87 24.01 -26.35
C THR C 587 30.65 25.53 -26.38
N ALA C 588 29.97 26.05 -25.36
CA ALA C 588 29.56 27.47 -25.20
C ALA C 588 30.76 28.38 -24.98
N ILE C 589 30.63 29.68 -25.27
CA ILE C 589 31.68 30.70 -25.05
C ILE C 589 31.40 31.47 -23.74
N THR C 590 32.46 31.81 -23.01
CA THR C 590 32.38 32.57 -21.73
C THR C 590 31.70 33.92 -21.98
N ALA C 591 32.02 34.58 -23.09
CA ALA C 591 31.33 35.79 -23.61
C ALA C 591 29.86 35.47 -23.92
N GLY C 592 29.56 34.30 -24.49
CA GLY C 592 28.20 33.82 -24.80
C GLY C 592 28.14 33.27 -26.21
N GLY C 593 27.17 32.38 -26.47
CA GLY C 593 26.87 31.84 -27.81
C GLY C 593 27.86 30.79 -28.30
N GLN C 594 27.43 29.54 -28.43
CA GLN C 594 28.30 28.35 -28.60
C GLN C 594 29.04 28.37 -29.95
N THR C 595 30.20 27.70 -29.97
CA THR C 595 31.08 27.41 -31.13
C THR C 595 31.18 25.89 -31.33
N ILE C 596 31.72 25.45 -32.47
CA ILE C 596 32.07 24.01 -32.74
C ILE C 596 33.06 23.96 -33.91
N ASP C 597 34.22 23.35 -33.69
CA ASP C 597 35.25 23.16 -34.75
C ASP C 597 34.78 22.05 -35.70
N PHE C 598 35.22 22.14 -36.96
CA PHE C 598 35.05 21.10 -38.01
C PHE C 598 36.45 20.74 -38.53
N GLN C 599 36.52 19.87 -39.54
CA GLN C 599 37.80 19.45 -40.17
C GLN C 599 38.42 20.67 -40.85
N ASN C 600 37.65 21.37 -41.69
CA ASN C 600 38.14 22.56 -42.45
C ASN C 600 37.25 23.76 -42.12
N GLY C 601 37.32 24.22 -40.88
CA GLY C 601 36.72 25.51 -40.45
C GLY C 601 36.08 25.46 -39.07
N THR C 602 35.34 26.53 -38.73
CA THR C 602 34.67 26.75 -37.41
C THR C 602 33.36 27.50 -37.67
N ILE C 603 32.31 27.23 -36.88
CA ILE C 603 31.04 28.01 -36.91
C ILE C 603 30.70 28.40 -35.47
N ARG C 604 30.40 29.68 -35.25
CA ARG C 604 29.88 30.20 -33.96
C ARG C 604 28.53 30.88 -34.22
N GLN C 605 27.79 31.16 -33.15
CA GLN C 605 26.55 31.96 -33.17
C GLN C 605 26.57 32.86 -31.93
N VAL C 606 27.32 33.96 -32.04
CA VAL C 606 27.50 34.99 -30.98
C VAL C 606 26.49 36.12 -31.23
N ASN C 607 25.89 36.64 -30.14
CA ASN C 607 24.86 37.71 -30.11
C ASN C 607 23.81 37.45 -31.20
N GLY C 608 23.39 36.19 -31.40
CA GLY C 608 22.29 35.80 -32.32
C GLY C 608 22.74 35.64 -33.77
N ARG C 609 23.99 35.97 -34.09
CA ARG C 609 24.51 36.00 -35.50
C ARG C 609 25.43 34.79 -35.74
N ILE C 610 25.28 34.14 -36.90
CA ILE C 610 26.10 32.96 -37.37
C ILE C 610 27.39 33.49 -37.99
N GLU C 611 28.55 33.09 -37.45
CA GLU C 611 29.89 33.61 -37.79
C GLU C 611 30.73 32.45 -38.36
N GLU C 612 30.67 32.26 -39.67
CA GLU C 612 31.30 31.12 -40.41
C GLU C 612 32.76 31.47 -40.77
N SER C 613 33.70 31.24 -39.86
CA SER C 613 35.16 31.34 -40.16
C SER C 613 35.55 30.11 -40.99
N ARG C 614 35.98 30.28 -42.24
CA ARG C 614 36.13 29.17 -43.22
C ARG C 614 37.59 28.70 -43.29
N SER D 6 -1.36 -8.31 37.69
CA SER D 6 -2.38 -7.40 38.32
C SER D 6 -3.53 -8.24 38.86
N SER D 7 -4.24 -8.98 37.99
CA SER D 7 -5.35 -9.88 38.36
C SER D 7 -4.84 -10.92 39.35
N ASP D 8 -3.66 -11.48 39.06
CA ASP D 8 -2.99 -12.53 39.86
C ASP D 8 -2.52 -11.91 41.20
N ALA D 9 -2.02 -10.68 41.17
CA ALA D 9 -1.40 -9.99 42.35
C ALA D 9 -2.43 -9.83 43.46
N VAL D 10 -3.65 -9.41 43.11
CA VAL D 10 -4.73 -9.11 44.12
C VAL D 10 -5.19 -10.44 44.73
N ILE D 11 -5.52 -11.43 43.89
CA ILE D 11 -5.92 -12.79 44.33
C ILE D 11 -4.82 -13.32 45.27
N GLY D 12 -3.56 -13.08 44.89
CA GLY D 12 -2.36 -13.47 45.65
C GLY D 12 -2.33 -12.85 47.04
N SER D 13 -2.46 -11.52 47.14
CA SER D 13 -2.47 -10.78 48.43
C SER D 13 -3.50 -11.42 49.37
N ILE D 14 -4.69 -11.72 48.83
CA ILE D 14 -5.83 -12.32 49.60
C ILE D 14 -5.41 -13.70 50.11
N ALA D 15 -4.85 -14.55 49.23
CA ALA D 15 -4.40 -15.93 49.56
C ALA D 15 -3.36 -15.88 50.69
N GLN D 16 -2.60 -14.79 50.79
CA GLN D 16 -1.55 -14.62 51.83
C GLN D 16 -2.15 -13.97 53.08
N GLY D 17 -3.49 -13.85 53.13
CA GLY D 17 -4.24 -13.39 54.33
C GLY D 17 -4.34 -11.88 54.43
N VAL D 18 -4.05 -11.14 53.34
CA VAL D 18 -4.23 -9.67 53.25
C VAL D 18 -5.70 -9.39 52.88
N THR D 19 -6.51 -8.90 53.83
CA THR D 19 -7.92 -8.45 53.58
C THR D 19 -8.10 -6.96 53.92
N ASP D 20 -7.50 -6.49 55.03
CA ASP D 20 -7.63 -5.10 55.57
C ASP D 20 -7.63 -4.08 54.42
N GLY D 21 -8.73 -3.35 54.23
CA GLY D 21 -8.86 -2.25 53.26
C GLY D 21 -9.45 -2.66 51.92
N LEU D 22 -9.74 -3.94 51.70
CA LEU D 22 -10.18 -4.46 50.37
C LEU D 22 -11.52 -3.82 49.95
N THR D 23 -12.39 -3.44 50.89
CA THR D 23 -13.78 -2.98 50.64
C THR D 23 -13.98 -1.49 50.94
N ASP D 24 -12.96 -0.79 51.47
CA ASP D 24 -13.07 0.64 51.88
C ASP D 24 -13.54 1.53 50.72
N TYR D 25 -13.19 1.20 49.48
CA TYR D 25 -13.52 2.03 48.28
C TYR D 25 -15.05 2.03 48.06
N LEU D 26 -15.81 1.18 48.75
CA LEU D 26 -17.29 1.08 48.60
C LEU D 26 -18.02 1.70 49.79
N LYS D 27 -17.32 2.04 50.87
CA LYS D 27 -17.92 2.70 52.06
C LYS D 27 -18.59 4.00 51.61
N PRO D 28 -19.92 4.17 51.80
CA PRO D 28 -20.57 5.46 51.56
C PRO D 28 -20.54 6.32 52.84
N ARG D 29 -20.65 7.63 52.67
CA ARG D 29 -20.83 8.62 53.77
C ARG D 29 -22.04 8.21 54.59
N VAL D 30 -21.95 8.32 55.93
CA VAL D 30 -23.11 8.04 56.82
C VAL D 30 -24.02 9.26 56.81
N GLU D 31 -25.04 9.24 55.95
CA GLU D 31 -26.07 10.31 55.82
C GLU D 31 -27.44 9.72 56.14
N GLU D 32 -28.09 10.28 57.15
CA GLU D 32 -29.48 9.95 57.57
C GLU D 32 -30.44 10.57 56.56
N LEU D 33 -31.46 9.83 56.12
CA LEU D 33 -32.51 10.36 55.22
C LEU D 33 -33.23 11.52 55.91
N PRO D 34 -33.69 12.55 55.17
CA PRO D 34 -34.35 13.70 55.79
C PRO D 34 -35.74 13.32 56.32
N ALA D 35 -36.13 13.94 57.44
CA ALA D 35 -37.43 13.77 58.13
C ALA D 35 -38.60 14.13 57.19
N GLY D 36 -39.75 13.47 57.36
CA GLY D 36 -40.92 13.64 56.47
C GLY D 36 -42.24 13.23 57.11
N GLU D 37 -43.35 13.54 56.43
CA GLU D 37 -44.72 13.11 56.80
C GLU D 37 -44.76 11.57 56.73
N VAL D 38 -45.19 10.93 57.82
CA VAL D 38 -45.37 9.45 57.93
C VAL D 38 -46.83 9.10 57.60
N THR D 39 -47.07 8.07 56.80
CA THR D 39 -48.41 7.46 56.59
C THR D 39 -48.30 5.97 56.95
N TYR D 40 -49.42 5.26 57.06
CA TYR D 40 -49.44 3.85 57.56
C TYR D 40 -50.20 2.99 56.58
N PRO D 41 -49.73 2.83 55.33
CA PRO D 41 -50.53 2.22 54.28
C PRO D 41 -50.95 0.80 54.65
N GLU D 42 -52.24 0.49 54.50
CA GLU D 42 -52.75 -0.88 54.76
C GLU D 42 -52.98 -1.54 53.40
N ILE D 43 -52.22 -2.60 53.13
CA ILE D 43 -52.20 -3.29 51.82
C ILE D 43 -52.84 -4.66 52.03
N ALA D 44 -53.92 -4.93 51.30
CA ALA D 44 -54.65 -6.22 51.37
C ALA D 44 -54.02 -7.20 50.38
N GLY D 45 -53.76 -8.43 50.83
CA GLY D 45 -53.33 -9.55 49.97
C GLY D 45 -51.85 -9.85 50.06
N LEU D 46 -51.17 -9.34 51.11
CA LEU D 46 -49.73 -9.63 51.39
C LEU D 46 -49.60 -11.00 52.02
N PRO D 47 -48.42 -11.65 51.98
CA PRO D 47 -48.25 -12.93 52.67
C PRO D 47 -48.27 -12.81 54.20
N ASP D 48 -48.45 -13.94 54.90
CA ASP D 48 -48.61 -13.97 56.39
C ASP D 48 -47.36 -13.41 57.05
N GLY D 49 -47.52 -12.49 58.00
CA GLY D 49 -46.42 -11.84 58.76
C GLY D 49 -45.96 -10.54 58.11
N VAL D 50 -46.25 -10.36 56.81
CA VAL D 50 -45.75 -9.25 55.95
C VAL D 50 -46.76 -8.09 55.96
N ARG D 51 -46.32 -6.92 56.42
CA ARG D 51 -47.10 -5.65 56.28
C ARG D 51 -46.14 -4.45 56.29
N VAL D 52 -46.59 -3.31 55.78
CA VAL D 52 -45.82 -2.03 55.79
C VAL D 52 -46.13 -1.30 57.09
N ILE D 53 -45.20 -1.34 58.05
CA ILE D 53 -45.30 -0.66 59.37
C ILE D 53 -45.63 0.82 59.14
N SER D 54 -44.80 1.53 58.36
CA SER D 54 -44.94 2.99 58.13
C SER D 54 -44.26 3.38 56.81
N ALA D 55 -44.77 4.43 56.15
CA ALA D 55 -44.18 5.06 54.96
C ALA D 55 -43.86 6.52 55.29
N GLU D 56 -42.57 6.85 55.41
CA GLU D 56 -42.10 8.24 55.64
C GLU D 56 -41.78 8.88 54.27
N TRP D 57 -42.24 10.12 54.05
CA TRP D 57 -42.07 10.84 52.77
C TRP D 57 -40.99 11.93 52.93
N ALA D 58 -39.73 11.55 52.74
CA ALA D 58 -38.56 12.46 52.63
C ALA D 58 -38.91 13.62 51.70
N THR D 59 -39.46 13.30 50.52
CA THR D 59 -40.13 14.25 49.59
C THR D 59 -41.39 13.59 49.06
N SER D 60 -42.20 14.30 48.28
CA SER D 60 -43.44 13.76 47.68
C SER D 60 -43.10 12.64 46.67
N LYS D 61 -41.83 12.48 46.27
CA LYS D 61 -41.42 11.51 45.24
C LYS D 61 -40.37 10.50 45.78
N HIS D 62 -39.85 10.74 46.99
CA HIS D 62 -38.91 9.84 47.70
C HIS D 62 -39.53 9.37 49.02
N VAL D 63 -40.12 8.16 49.03
CA VAL D 63 -40.85 7.56 50.19
C VAL D 63 -40.04 6.38 50.76
N ILE D 64 -39.85 6.35 52.08
CA ILE D 64 -39.10 5.27 52.80
C ILE D 64 -40.10 4.33 53.46
N LEU D 65 -40.20 3.08 53.00
CA LEU D 65 -41.04 2.03 53.63
C LEU D 65 -40.26 1.40 54.79
N THR D 66 -40.93 1.17 55.92
CA THR D 66 -40.47 0.30 57.04
C THR D 66 -41.34 -0.96 56.99
N ILE D 67 -40.78 -2.12 56.68
CA ILE D 67 -41.57 -3.37 56.41
C ILE D 67 -41.33 -4.37 57.53
N GLN D 68 -42.41 -5.04 57.97
CA GLN D 68 -42.40 -6.25 58.81
C GLN D 68 -42.23 -7.47 57.89
N SER D 69 -41.05 -8.10 57.92
CA SER D 69 -40.69 -9.28 57.11
C SER D 69 -41.04 -10.55 57.88
N ALA D 70 -41.65 -11.51 57.19
CA ALA D 70 -41.78 -12.93 57.63
C ALA D 70 -40.37 -13.54 57.69
N ALA D 71 -39.69 -13.58 56.54
CA ALA D 71 -38.36 -14.21 56.36
C ALA D 71 -37.32 -13.60 57.31
N MSE D 72 -37.42 -12.30 57.63
CA MSE D 72 -36.44 -11.62 58.50
C MSE D 72 -37.18 -10.80 59.56
O MSE D 72 -37.28 -9.58 59.46
CB MSE D 72 -35.51 -10.74 57.67
CG MSE D 72 -34.16 -11.35 57.34
SE MSE D 72 -33.16 -10.25 56.04
CE MSE D 72 -34.29 -10.29 54.42
H MSE D 72 -38.19 -11.78 57.24
HA MSE D 72 -35.90 -12.30 58.96
HB2 MSE D 72 -35.35 -9.93 58.14
HB3 MSE D 72 -35.93 -10.54 56.84
HG2 MSE D 72 -34.28 -12.25 56.98
HG3 MSE D 72 -33.63 -11.43 58.17
HE1 MSE D 72 -33.87 -9.76 53.72
HE2 MSE D 72 -35.16 -9.90 54.64
HE3 MSE D 72 -34.39 -11.21 54.13
N PRO D 73 -37.73 -11.45 60.60
CA PRO D 73 -38.63 -10.77 61.53
C PRO D 73 -37.97 -9.99 62.68
N GLU D 74 -36.72 -10.33 63.05
CA GLU D 74 -36.03 -9.80 64.27
C GLU D 74 -36.25 -8.29 64.39
N ARG D 75 -35.98 -7.52 63.32
CA ARG D 75 -36.25 -6.05 63.25
C ARG D 75 -36.67 -5.69 61.82
N PRO D 76 -37.26 -4.49 61.59
CA PRO D 76 -37.85 -4.16 60.29
C PRO D 76 -36.80 -3.88 59.20
N ILE D 77 -37.24 -3.84 57.94
CA ILE D 77 -36.40 -3.59 56.74
C ILE D 77 -36.84 -2.27 56.07
N LYS D 78 -35.94 -1.30 55.93
CA LYS D 78 -36.19 -0.03 55.18
C LYS D 78 -35.95 -0.29 53.69
N VAL D 79 -36.82 0.25 52.84
CA VAL D 79 -36.73 0.20 51.35
C VAL D 79 -37.15 1.56 50.80
N GLN D 80 -36.23 2.30 50.17
CA GLN D 80 -36.48 3.60 49.50
C GLN D 80 -37.18 3.37 48.16
N LEU D 81 -38.23 4.13 47.87
CA LEU D 81 -38.84 4.22 46.53
C LEU D 81 -38.60 5.64 45.98
N LEU D 82 -38.17 5.75 44.73
CA LEU D 82 -38.22 7.00 43.95
C LEU D 82 -39.39 6.86 42.99
N LEU D 83 -40.42 7.69 43.18
CA LEU D 83 -41.73 7.53 42.50
C LEU D 83 -41.66 8.21 41.14
N PRO D 84 -42.34 7.65 40.11
CA PRO D 84 -42.28 8.17 38.75
C PRO D 84 -42.74 9.63 38.65
N ARG D 85 -42.25 10.34 37.63
CA ARG D 85 -42.66 11.73 37.29
C ARG D 85 -44.17 11.86 37.45
N ASP D 86 -44.95 11.07 36.69
CA ASP D 86 -46.44 11.19 36.61
C ASP D 86 -47.14 10.48 37.77
N TRP D 87 -46.49 10.27 38.92
CA TRP D 87 -47.12 9.55 40.07
C TRP D 87 -48.48 10.18 40.36
N TYR D 88 -48.52 11.50 40.52
CA TYR D 88 -49.74 12.25 40.94
C TYR D 88 -50.57 12.62 39.71
N SER D 89 -49.94 13.13 38.66
CA SER D 89 -50.60 13.60 37.42
C SER D 89 -51.35 12.45 36.72
N SER D 90 -50.88 11.20 36.84
CA SER D 90 -51.61 9.99 36.38
C SER D 90 -51.82 9.05 37.57
N PRO D 91 -52.88 9.24 38.39
CA PRO D 91 -53.00 8.51 39.65
C PRO D 91 -53.62 7.11 39.51
N ASN D 92 -54.05 6.73 38.30
CA ASN D 92 -54.65 5.40 37.99
C ASN D 92 -53.62 4.53 37.26
N ARG D 93 -52.58 5.16 36.71
CA ARG D 93 -51.51 4.49 35.91
C ARG D 93 -50.70 3.57 36.82
N GLU D 94 -50.17 2.49 36.24
CA GLU D 94 -49.16 1.58 36.86
C GLU D 94 -47.83 1.75 36.11
N PHE D 95 -46.72 1.51 36.80
CA PHE D 95 -45.34 1.75 36.30
C PHE D 95 -44.49 0.50 36.46
N PRO D 96 -43.39 0.37 35.69
CA PRO D 96 -42.40 -0.67 35.94
C PRO D 96 -41.45 -0.34 37.10
N GLU D 97 -40.81 -1.41 37.58
CA GLU D 97 -39.87 -1.41 38.73
C GLU D 97 -38.45 -1.42 38.17
N ILE D 98 -37.58 -0.62 38.77
CA ILE D 98 -36.11 -0.69 38.53
C ILE D 98 -35.46 -0.81 39.90
N TRP D 99 -34.83 -1.94 40.16
CA TRP D 99 -34.25 -2.26 41.49
C TRP D 99 -32.79 -1.83 41.47
N ALA D 100 -32.37 -1.03 42.43
CA ALA D 100 -30.97 -0.57 42.56
C ALA D 100 -30.40 -1.12 43.86
N LEU D 101 -29.63 -2.21 43.74
CA LEU D 101 -29.07 -2.96 44.90
C LEU D 101 -27.70 -2.34 45.24
N ASP D 102 -27.47 -2.10 46.52
CA ASP D 102 -26.27 -1.42 47.06
C ASP D 102 -25.06 -2.35 46.95
N GLY D 103 -23.88 -1.88 47.33
CA GLY D 103 -22.64 -2.67 47.31
C GLY D 103 -22.33 -3.23 48.69
N LEU D 104 -21.22 -3.96 48.78
CA LEU D 104 -20.78 -4.72 49.98
C LEU D 104 -21.00 -3.93 51.27
N ARG D 105 -20.70 -2.63 51.31
CA ARG D 105 -20.62 -1.86 52.59
C ARG D 105 -21.90 -1.07 52.86
N ALA D 106 -23.00 -1.39 52.17
CA ALA D 106 -24.36 -0.87 52.45
C ALA D 106 -24.51 -0.63 53.96
N ILE D 107 -24.92 0.58 54.34
CA ILE D 107 -25.22 0.93 55.76
C ILE D 107 -26.74 0.94 55.95
N GLU D 108 -27.18 0.86 57.22
CA GLU D 108 -28.61 0.77 57.61
C GLU D 108 -29.30 2.12 57.42
N GLU D 109 -28.56 3.23 57.45
CA GLU D 109 -29.07 4.63 57.45
C GLU D 109 -29.72 5.00 56.11
N GLN D 110 -29.23 4.47 54.98
CA GLN D 110 -29.69 4.88 53.62
C GLN D 110 -28.93 4.11 52.53
N SER D 111 -29.59 3.90 51.37
CA SER D 111 -29.00 3.31 50.13
C SER D 111 -27.85 4.19 49.66
N GLY D 112 -26.70 3.58 49.38
CA GLY D 112 -25.50 4.26 48.87
C GLY D 112 -25.81 5.08 47.63
N TRP D 113 -26.62 4.53 46.71
CA TRP D 113 -27.06 5.21 45.46
C TRP D 113 -27.49 6.66 45.75
N THR D 114 -28.41 6.89 46.68
CA THR D 114 -28.96 8.23 46.99
C THR D 114 -27.99 9.02 47.87
N ILE D 115 -27.07 8.38 48.59
CA ILE D 115 -26.03 9.10 49.39
C ILE D 115 -25.00 9.71 48.42
N GLU D 116 -24.54 8.94 47.43
CA GLU D 116 -23.28 9.25 46.72
C GLU D 116 -23.53 9.65 45.27
N THR D 117 -24.76 9.59 44.76
CA THR D 117 -25.04 9.88 43.34
C THR D 117 -26.24 10.79 43.18
N ASN D 118 -26.46 11.27 41.98
CA ASN D 118 -27.60 12.15 41.61
C ASN D 118 -28.73 11.30 40.98
N ILE D 119 -28.92 10.06 41.45
CA ILE D 119 -29.92 9.13 40.85
C ILE D 119 -31.33 9.68 41.12
N GLU D 120 -31.51 10.33 42.27
CA GLU D 120 -32.76 11.04 42.65
C GLU D 120 -33.14 12.02 41.51
N GLN D 121 -32.16 12.82 41.07
CA GLN D 121 -32.36 13.86 40.02
C GLN D 121 -32.55 13.17 38.67
N TYR D 122 -31.79 12.12 38.40
CA TYR D 122 -31.77 11.47 37.05
C TYR D 122 -33.17 10.93 36.73
N TYR D 123 -33.80 10.26 37.70
CA TYR D 123 -35.07 9.50 37.52
C TYR D 123 -36.28 10.40 37.75
N ALA D 124 -36.10 11.60 38.33
CA ALA D 124 -37.16 12.60 38.59
C ALA D 124 -38.08 12.75 37.37
N ASP D 125 -37.54 12.75 36.15
CA ASP D 125 -38.33 13.05 34.91
C ASP D 125 -38.77 11.77 34.21
N LYS D 126 -38.69 10.62 34.87
CA LYS D 126 -38.93 9.29 34.23
C LYS D 126 -40.08 8.55 34.91
N ASN D 127 -40.89 7.82 34.13
CA ASN D 127 -42.08 7.09 34.62
C ASN D 127 -41.70 5.65 34.98
N ALA D 128 -41.00 5.46 36.11
CA ALA D 128 -40.64 4.14 36.65
C ALA D 128 -40.39 4.25 38.17
N ILE D 129 -40.76 3.21 38.91
CA ILE D 129 -40.53 3.14 40.39
C ILE D 129 -39.15 2.56 40.60
N VAL D 130 -38.24 3.36 41.16
CA VAL D 130 -36.87 2.89 41.53
C VAL D 130 -36.93 2.35 42.96
N VAL D 131 -36.57 1.08 43.12
CA VAL D 131 -36.59 0.38 44.44
C VAL D 131 -35.16 0.29 44.95
N LEU D 132 -34.88 0.82 46.13
CA LEU D 132 -33.50 0.85 46.67
C LEU D 132 -33.49 0.28 48.08
N PRO D 133 -33.30 -1.05 48.21
CA PRO D 133 -33.31 -1.71 49.52
C PRO D 133 -32.13 -1.24 50.38
N VAL D 134 -32.38 -0.98 51.66
CA VAL D 134 -31.41 -0.34 52.57
C VAL D 134 -30.77 -1.40 53.44
N GLY D 135 -29.48 -1.22 53.75
CA GLY D 135 -28.72 -2.12 54.64
C GLY D 135 -28.43 -3.48 54.01
N GLY D 136 -28.00 -4.43 54.85
CA GLY D 136 -27.66 -5.80 54.46
C GLY D 136 -26.20 -5.96 54.10
N GLU D 137 -25.30 -5.34 54.87
CA GLU D 137 -23.83 -5.38 54.65
C GLU D 137 -23.41 -6.83 54.38
N SER D 138 -22.78 -7.09 53.22
CA SER D 138 -22.23 -8.41 52.83
C SER D 138 -23.33 -9.41 52.43
N SER D 139 -24.61 -9.08 52.56
CA SER D 139 -25.75 -10.02 52.38
C SER D 139 -25.67 -10.72 51.01
N PHE D 140 -25.05 -10.10 50.00
CA PHE D 140 -25.12 -10.51 48.59
C PHE D 140 -26.60 -10.76 48.21
N TYR D 141 -27.51 -10.14 48.97
CA TYR D 141 -28.98 -10.18 48.78
C TYR D 141 -29.44 -11.63 48.56
N SER D 142 -28.90 -12.56 49.35
CA SER D 142 -29.15 -14.02 49.25
C SER D 142 -29.79 -14.57 50.53
N ASP D 143 -30.29 -15.81 50.45
CA ASP D 143 -30.77 -16.60 51.61
C ASP D 143 -29.57 -17.39 52.16
N TRP D 144 -29.00 -16.91 53.26
CA TRP D 144 -27.84 -17.53 53.94
C TRP D 144 -28.23 -18.92 54.46
N GLU D 145 -27.31 -19.89 54.38
CA GLU D 145 -27.56 -21.27 54.87
C GLU D 145 -27.97 -21.19 56.34
N GLY D 146 -27.30 -20.32 57.12
CA GLY D 146 -27.63 -20.09 58.55
C GLY D 146 -27.30 -18.67 58.99
N PRO D 147 -27.60 -18.31 60.26
CA PRO D 147 -27.22 -17.01 60.81
C PRO D 147 -25.70 -16.87 60.95
N ASN D 148 -25.21 -15.64 61.07
CA ASN D 148 -23.77 -15.31 61.22
C ASN D 148 -23.59 -13.82 61.56
N ASN D 149 -22.65 -13.56 62.47
CA ASN D 149 -22.14 -12.20 62.81
C ASN D 149 -23.31 -11.33 63.30
N GLY D 150 -24.24 -11.93 64.05
CA GLY D 150 -25.37 -11.21 64.67
C GLY D 150 -26.43 -10.81 63.66
N LYS D 151 -26.46 -11.43 62.47
CA LYS D 151 -27.50 -11.18 61.44
C LYS D 151 -28.00 -12.51 60.89
N ASN D 152 -29.24 -12.54 60.41
CA ASN D 152 -29.81 -13.72 59.70
C ASN D 152 -30.40 -13.22 58.39
N TYR D 153 -29.76 -13.52 57.26
CA TYR D 153 -30.09 -12.92 55.95
C TYR D 153 -30.95 -13.88 55.14
N GLN D 154 -32.21 -13.50 54.90
CA GLN D 154 -33.11 -14.18 53.91
C GLN D 154 -33.56 -13.14 52.88
N TRP D 155 -32.60 -12.38 52.35
CA TRP D 155 -32.84 -11.23 51.44
C TRP D 155 -33.50 -11.71 50.15
N GLU D 156 -33.07 -12.82 49.56
CA GLU D 156 -33.64 -13.23 48.24
C GLU D 156 -35.15 -13.47 48.43
N THR D 157 -35.55 -14.15 49.50
CA THR D 157 -36.97 -14.39 49.86
C THR D 157 -37.65 -13.03 50.08
N PHE D 158 -37.06 -12.19 50.94
CA PHE D 158 -37.66 -10.87 51.30
C PHE D 158 -37.97 -10.11 50.00
N LEU D 159 -37.02 -10.10 49.08
CA LEU D 159 -37.12 -9.30 47.83
C LEU D 159 -38.21 -9.91 46.93
N THR D 160 -38.14 -11.21 46.64
CA THR D 160 -38.97 -11.87 45.61
C THR D 160 -40.37 -12.17 46.15
N GLN D 161 -40.49 -12.48 47.45
CA GLN D 161 -41.72 -13.11 48.03
C GLN D 161 -42.53 -12.11 48.87
N GLU D 162 -41.92 -11.01 49.32
CA GLU D 162 -42.54 -10.06 50.28
C GLU D 162 -42.58 -8.65 49.68
N LEU D 163 -41.41 -8.06 49.38
CA LEU D 163 -41.34 -6.71 48.77
C LEU D 163 -42.07 -6.72 47.42
N ALA D 164 -41.83 -7.70 46.54
CA ALA D 164 -42.41 -7.71 45.18
C ALA D 164 -43.93 -7.60 45.23
N PRO D 165 -44.62 -8.43 46.06
CA PRO D 165 -46.05 -8.27 46.27
C PRO D 165 -46.47 -6.89 46.79
N ILE D 166 -45.82 -6.39 47.86
CA ILE D 166 -46.08 -5.04 48.42
C ILE D 166 -46.18 -4.07 47.26
N LEU D 167 -45.16 -3.95 46.41
CA LEU D 167 -45.12 -2.97 45.30
C LEU D 167 -46.27 -3.27 44.34
N ASP D 168 -46.51 -4.55 44.02
CA ASP D 168 -47.54 -4.97 43.04
C ASP D 168 -48.91 -4.51 43.53
N LYS D 169 -49.19 -4.75 44.81
CA LYS D 169 -50.50 -4.44 45.44
C LYS D 169 -50.54 -2.99 45.91
N GLY D 170 -49.68 -2.67 46.88
CA GLY D 170 -49.65 -1.40 47.64
C GLY D 170 -49.20 -0.20 46.82
N PHE D 171 -48.23 -0.35 45.93
CA PHE D 171 -47.82 0.79 45.06
C PHE D 171 -48.41 0.52 43.69
N ARG D 172 -48.16 1.34 42.70
CA ARG D 172 -48.92 1.17 41.45
C ARG D 172 -48.00 0.48 40.47
N SER D 173 -47.51 -0.70 40.79
CA SER D 173 -46.50 -1.38 39.94
C SER D 173 -47.17 -2.38 39.00
N ASN D 174 -46.80 -2.40 37.71
CA ASN D 174 -47.05 -3.58 36.85
C ASN D 174 -45.92 -4.57 37.15
N THR D 175 -46.06 -5.83 36.77
CA THR D 175 -45.07 -6.86 37.14
C THR D 175 -43.71 -6.58 36.48
N ASP D 176 -43.63 -5.68 35.47
CA ASP D 176 -42.42 -5.50 34.62
C ASP D 176 -41.28 -4.92 35.47
N ARG D 177 -40.14 -5.63 35.51
CA ARG D 177 -39.01 -5.30 36.43
C ARG D 177 -37.68 -5.34 35.67
N ALA D 178 -36.81 -4.44 36.08
CA ALA D 178 -35.36 -4.45 35.77
C ALA D 178 -34.62 -4.48 37.10
N ILE D 179 -33.77 -5.49 37.26
CA ILE D 179 -32.98 -5.65 38.50
C ILE D 179 -31.54 -5.35 38.14
N THR D 180 -30.93 -4.46 38.93
CA THR D 180 -29.56 -3.98 38.73
C THR D 180 -28.95 -3.73 40.11
N GLY D 181 -27.65 -3.52 40.11
CA GLY D 181 -26.90 -3.28 41.35
C GLY D 181 -25.43 -3.20 41.06
N ILE D 182 -24.68 -2.69 42.03
CA ILE D 182 -23.21 -2.51 41.97
C ILE D 182 -22.60 -3.40 43.05
N SER D 183 -21.37 -3.89 42.81
CA SER D 183 -20.63 -4.78 43.74
C SER D 183 -21.48 -6.02 44.02
N MSE D 184 -21.68 -6.36 45.29
CA MSE D 184 -22.48 -7.57 45.64
C MSE D 184 -23.85 -7.44 44.98
O MSE D 184 -24.44 -8.47 44.64
CB MSE D 184 -22.59 -7.70 47.16
CG MSE D 184 -23.63 -6.80 47.72
SE MSE D 184 -23.65 -6.97 49.64
CE MSE D 184 -25.10 -5.73 50.14
H MSE D 184 -21.30 -5.79 46.03
HA MSE D 184 -22.01 -8.35 45.27
HB2 MSE D 184 -21.75 -7.49 47.54
HB3 MSE D 184 -22.83 -8.60 47.36
HG2 MSE D 184 -24.50 -7.02 47.35
HG3 MSE D 184 -23.42 -5.87 47.47
HE1 MSE D 184 -25.20 -5.73 51.10
HE2 MSE D 184 -25.92 -6.01 49.72
HE3 MSE D 184 -24.86 -4.83 49.84
N GLY D 185 -24.35 -6.21 44.85
CA GLY D 185 -25.62 -5.94 44.18
C GLY D 185 -25.61 -6.41 42.75
N GLY D 186 -24.47 -6.26 42.07
CA GLY D 186 -24.30 -6.69 40.67
C GLY D 186 -24.37 -8.20 40.57
N THR D 187 -23.64 -8.88 41.46
CA THR D 187 -23.68 -10.35 41.62
C THR D 187 -25.13 -10.75 41.85
N ALA D 188 -25.72 -10.22 42.93
CA ALA D 188 -27.10 -10.51 43.40
C ALA D 188 -28.08 -10.33 42.23
N ALA D 189 -27.96 -9.24 41.49
CA ALA D 189 -28.86 -8.91 40.36
C ALA D 189 -28.93 -10.12 39.43
N VAL D 190 -27.79 -10.73 39.10
CA VAL D 190 -27.74 -11.85 38.12
C VAL D 190 -28.23 -13.12 38.80
N ASN D 191 -27.70 -13.42 40.00
CA ASN D 191 -28.10 -14.61 40.77
C ASN D 191 -29.62 -14.63 40.84
N ILE D 192 -30.21 -13.60 41.46
CA ILE D 192 -31.67 -13.46 41.67
C ILE D 192 -32.41 -13.63 40.33
N ALA D 193 -31.92 -13.06 39.23
CA ALA D 193 -32.60 -13.16 37.92
C ALA D 193 -32.63 -14.61 37.44
N THR D 194 -31.53 -15.38 37.64
CA THR D 194 -31.39 -16.79 37.20
C THR D 194 -32.34 -17.69 38.02
N HIS D 195 -32.58 -17.33 39.28
CA HIS D 195 -33.47 -18.04 40.23
C HIS D 195 -34.95 -17.75 39.91
N HIS D 196 -35.26 -16.59 39.35
CA HIS D 196 -36.66 -16.13 39.09
C HIS D 196 -36.74 -15.49 37.70
N PRO D 197 -36.43 -16.25 36.62
CA PRO D 197 -36.29 -15.66 35.29
C PRO D 197 -37.53 -14.95 34.72
N ASP D 198 -38.70 -15.17 35.30
CA ASP D 198 -39.97 -14.59 34.81
C ASP D 198 -40.21 -13.24 35.50
N MSE D 199 -39.65 -13.04 36.68
CA MSE D 199 -39.87 -11.82 37.49
C MSE D 199 -39.11 -10.63 36.88
O MSE D 199 -39.40 -9.49 37.26
CB MSE D 199 -39.44 -12.03 38.94
CG MSE D 199 -40.28 -13.02 39.73
SE MSE D 199 -39.93 -12.82 41.68
CE MSE D 199 -40.23 -10.92 42.05
H MSE D 199 -39.04 -13.76 37.05
HA MSE D 199 -40.83 -11.60 37.47
HB2 MSE D 199 -39.48 -11.19 39.39
HB3 MSE D 199 -38.54 -12.35 38.94
HG2 MSE D 199 -40.06 -13.94 39.45
HG3 MSE D 199 -41.22 -12.86 39.55
HE1 MSE D 199 -40.08 -10.76 43.00
HE2 MSE D 199 -41.15 -10.69 41.82
HE3 MSE D 199 -39.62 -10.39 41.52
N PHE D 200 -38.16 -10.85 35.98
CA PHE D 200 -37.31 -9.75 35.47
C PHE D 200 -37.24 -9.82 33.94
N LYS D 201 -37.18 -8.64 33.30
CA LYS D 201 -37.09 -8.46 31.82
C LYS D 201 -35.72 -7.88 31.46
N PHE D 202 -34.96 -7.48 32.48
CA PHE D 202 -33.64 -6.79 32.36
C PHE D 202 -32.80 -7.06 33.60
N VAL D 203 -31.50 -7.31 33.37
CA VAL D 203 -30.50 -7.58 34.44
C VAL D 203 -29.28 -6.70 34.20
N GLY D 204 -28.81 -6.02 35.25
CA GLY D 204 -27.72 -5.05 35.17
C GLY D 204 -26.71 -5.24 36.30
N SER D 205 -25.46 -5.51 35.94
CA SER D 205 -24.34 -5.62 36.91
C SER D 205 -23.33 -4.52 36.62
N PHE D 206 -23.21 -3.58 37.55
CA PHE D 206 -22.21 -2.48 37.53
C PHE D 206 -21.09 -2.87 38.50
N SER D 207 -19.94 -3.29 37.96
CA SER D 207 -18.71 -3.57 38.74
C SER D 207 -19.02 -4.63 39.80
N GLY D 208 -19.75 -5.66 39.34
CA GLY D 208 -20.16 -6.84 40.13
C GLY D 208 -19.19 -7.99 39.94
N TYR D 209 -19.32 -9.04 40.75
CA TYR D 209 -18.43 -10.23 40.74
C TYR D 209 -19.23 -11.38 40.15
N LEU D 210 -19.17 -11.55 38.83
CA LEU D 210 -20.05 -12.47 38.07
C LEU D 210 -19.41 -13.86 37.92
N ASP D 211 -18.59 -14.26 38.89
CA ASP D 211 -17.92 -15.58 38.98
C ASP D 211 -17.51 -15.86 40.44
N THR D 212 -18.13 -16.86 41.06
CA THR D 212 -17.99 -17.18 42.49
C THR D 212 -17.31 -18.53 42.69
N THR D 213 -17.28 -19.39 41.66
CA THR D 213 -16.84 -20.80 41.76
C THR D 213 -15.42 -20.97 41.20
N SER D 214 -15.03 -20.23 40.16
CA SER D 214 -13.73 -20.42 39.48
C SER D 214 -12.58 -20.22 40.48
N ALA D 215 -11.50 -20.93 40.20
CA ALA D 215 -10.30 -21.03 41.07
C ALA D 215 -9.99 -19.65 41.64
N GLY D 216 -9.94 -19.54 42.98
CA GLY D 216 -9.50 -18.34 43.71
C GLY D 216 -10.63 -17.38 44.00
N MSE D 217 -11.76 -17.54 43.30
CA MSE D 217 -12.90 -16.61 43.47
C MSE D 217 -13.42 -16.76 44.88
O MSE D 217 -13.49 -15.77 45.60
CB MSE D 217 -13.97 -16.83 42.40
CG MSE D 217 -13.64 -16.20 41.05
SE MSE D 217 -12.65 -14.50 41.20
CE MSE D 217 -13.54 -13.45 42.60
H MSE D 217 -11.84 -18.30 42.65
HA MSE D 217 -12.58 -15.69 43.34
HB2 MSE D 217 -14.79 -16.44 42.70
HB3 MSE D 217 -14.09 -17.77 42.28
HG2 MSE D 217 -14.46 -16.04 40.55
HG3 MSE D 217 -13.09 -16.83 40.53
HE1 MSE D 217 -13.08 -12.61 42.70
HE2 MSE D 217 -13.52 -13.94 43.44
HE3 MSE D 217 -14.46 -13.29 42.34
N PRO D 218 -13.74 -18.00 45.36
CA PRO D 218 -14.21 -18.18 46.73
C PRO D 218 -13.32 -17.52 47.79
N ILE D 219 -12.00 -17.63 47.66
CA ILE D 219 -11.03 -17.11 48.69
C ILE D 219 -11.20 -15.59 48.78
N ALA D 220 -11.57 -14.94 47.67
CA ALA D 220 -11.84 -13.48 47.55
C ALA D 220 -13.19 -13.14 48.17
N ILE D 221 -14.27 -13.82 47.76
CA ILE D 221 -15.63 -13.58 48.29
C ILE D 221 -15.61 -13.71 49.82
N SER D 222 -14.83 -14.64 50.38
CA SER D 222 -14.67 -14.76 51.85
C SER D 222 -13.86 -13.58 52.40
N ALA D 223 -12.77 -13.19 51.73
CA ALA D 223 -11.96 -12.01 52.11
C ALA D 223 -12.84 -10.75 52.09
N ALA D 224 -13.78 -10.68 51.12
CA ALA D 224 -14.74 -9.57 50.98
C ALA D 224 -15.63 -9.52 52.23
N LEU D 225 -16.33 -10.62 52.53
CA LEU D 225 -17.26 -10.69 53.70
C LEU D 225 -16.41 -10.50 54.97
N ALA D 226 -15.14 -10.93 54.95
CA ALA D 226 -14.20 -10.75 56.08
C ALA D 226 -14.04 -9.27 56.38
N ASP D 227 -13.68 -8.48 55.36
CA ASP D 227 -13.37 -7.03 55.53
C ASP D 227 -14.66 -6.25 55.73
N ALA D 228 -15.73 -6.61 55.01
CA ALA D 228 -17.03 -5.89 54.99
C ALA D 228 -17.88 -6.29 56.20
N GLY D 229 -17.36 -6.04 57.41
CA GLY D 229 -18.08 -6.24 58.69
C GLY D 229 -17.68 -7.52 59.42
N GLY D 230 -16.93 -8.44 58.80
CA GLY D 230 -16.38 -9.65 59.47
C GLY D 230 -17.31 -10.86 59.36
N TYR D 231 -17.98 -11.06 58.23
CA TYR D 231 -18.94 -12.16 57.97
C TYR D 231 -18.18 -13.40 57.44
N ASP D 232 -18.75 -14.60 57.61
CA ASP D 232 -18.17 -15.90 57.19
C ASP D 232 -19.00 -16.44 56.00
N ALA D 233 -18.34 -16.60 54.85
CA ALA D 233 -18.95 -17.08 53.59
C ALA D 233 -19.51 -18.49 53.78
N ASN D 234 -18.93 -19.32 54.67
CA ASN D 234 -19.46 -20.68 54.97
C ASN D 234 -20.92 -20.54 55.40
N ALA D 235 -21.18 -19.60 56.33
CA ALA D 235 -22.53 -19.28 56.83
C ALA D 235 -23.46 -18.94 55.64
N MSE D 236 -22.93 -18.33 54.58
CA MSE D 236 -23.75 -17.83 53.46
C MSE D 236 -24.12 -18.97 52.51
O MSE D 236 -25.29 -19.28 52.38
CB MSE D 236 -23.02 -16.70 52.73
CG MSE D 236 -23.74 -16.27 51.46
SE MSE D 236 -23.05 -14.62 50.62
CE MSE D 236 -21.43 -15.17 49.72
H MSE D 236 -21.93 -18.20 54.56
HA MSE D 236 -24.58 -17.46 53.83
HB2 MSE D 236 -22.14 -17.00 52.51
HB3 MSE D 236 -22.97 -15.95 53.31
HG2 MSE D 236 -24.68 -16.13 51.65
HG3 MSE D 236 -23.66 -16.99 50.79
HE1 MSE D 236 -21.04 -14.40 49.28
HE2 MSE D 236 -21.64 -15.85 49.05
HE3 MSE D 236 -20.80 -15.53 50.37
N TRP D 237 -23.14 -19.56 51.83
CA TRP D 237 -23.42 -20.59 50.80
C TRP D 237 -22.82 -21.95 51.19
N GLY D 238 -22.16 -22.05 52.36
CA GLY D 238 -21.67 -23.33 52.93
C GLY D 238 -20.28 -23.70 52.43
N PRO D 239 -19.94 -25.01 52.39
CA PRO D 239 -18.64 -25.48 51.95
C PRO D 239 -18.23 -24.94 50.58
N VAL D 240 -16.94 -24.62 50.41
CA VAL D 240 -16.44 -23.73 49.32
C VAL D 240 -16.67 -24.34 47.92
N GLY D 241 -17.25 -25.54 47.82
CA GLY D 241 -17.58 -26.17 46.53
C GLY D 241 -19.07 -26.46 46.36
N SER D 242 -19.87 -26.26 47.40
CA SER D 242 -21.24 -26.84 47.57
C SER D 242 -22.19 -26.41 46.46
N GLU D 243 -23.36 -27.06 46.39
CA GLU D 243 -24.42 -26.82 45.38
C GLU D 243 -24.95 -25.39 45.53
N ARG D 244 -24.71 -24.74 46.67
CA ARG D 244 -25.13 -23.34 46.93
C ARG D 244 -24.23 -22.38 46.15
N TRP D 245 -22.93 -22.66 46.07
CA TRP D 245 -21.99 -21.81 45.29
C TRP D 245 -22.34 -21.95 43.81
N GLN D 246 -22.59 -23.16 43.31
CA GLN D 246 -22.91 -23.38 41.87
C GLN D 246 -24.23 -22.66 41.55
N GLU D 247 -25.16 -22.64 42.52
CA GLU D 247 -26.50 -21.99 42.41
C GLU D 247 -26.31 -20.46 42.30
N ASN D 248 -25.31 -19.89 42.97
CA ASN D 248 -25.04 -18.42 43.01
C ASN D 248 -23.74 -18.07 42.27
N ASP D 249 -23.54 -18.61 41.06
CA ASP D 249 -22.37 -18.35 40.19
C ASP D 249 -22.85 -17.88 38.82
N PRO D 250 -22.91 -16.55 38.59
CA PRO D 250 -23.50 -16.00 37.37
C PRO D 250 -22.98 -16.60 36.07
N LYS D 251 -21.66 -16.76 35.94
CA LYS D 251 -20.99 -17.28 34.71
C LYS D 251 -21.52 -18.68 34.38
N SER D 252 -21.81 -19.51 35.39
CA SER D 252 -22.40 -20.88 35.22
C SER D 252 -23.84 -20.77 34.72
N ASN D 253 -24.64 -19.88 35.33
CA ASN D 253 -26.12 -19.85 35.22
C ASN D 253 -26.58 -18.97 34.03
N VAL D 254 -25.68 -18.26 33.37
CA VAL D 254 -26.01 -17.26 32.31
C VAL D 254 -27.06 -17.85 31.34
N ASP D 255 -27.01 -19.15 31.03
CA ASP D 255 -27.90 -19.80 30.04
C ASP D 255 -29.38 -19.68 30.45
N LYS D 256 -29.65 -19.47 31.75
CA LYS D 256 -31.03 -19.32 32.31
C LYS D 256 -31.61 -17.91 32.03
N LEU D 257 -30.82 -16.98 31.48
CA LEU D 257 -31.27 -15.58 31.23
C LEU D 257 -31.59 -15.37 29.76
N LYS D 258 -31.51 -16.43 28.95
CA LYS D 258 -31.84 -16.34 27.50
C LYS D 258 -33.14 -15.56 27.35
N GLY D 259 -33.18 -14.62 26.39
CA GLY D 259 -34.36 -13.82 26.05
C GLY D 259 -34.35 -12.44 26.68
N LYS D 260 -33.52 -12.20 27.71
CA LYS D 260 -33.59 -10.99 28.58
C LYS D 260 -32.45 -10.01 28.25
N THR D 261 -32.72 -8.71 28.37
CA THR D 261 -31.73 -7.63 28.19
C THR D 261 -30.76 -7.63 29.39
N ILE D 262 -29.45 -7.73 29.11
CA ILE D 262 -28.41 -7.85 30.16
C ILE D 262 -27.36 -6.75 29.96
N TYR D 263 -27.00 -6.06 31.03
CA TYR D 263 -25.97 -4.98 31.01
C TYR D 263 -24.88 -5.30 32.04
N VAL D 264 -23.65 -5.33 31.55
CA VAL D 264 -22.44 -5.66 32.34
C VAL D 264 -21.41 -4.56 32.13
N SER D 265 -20.99 -3.91 33.23
CA SER D 265 -19.99 -2.82 33.26
C SER D 265 -18.90 -3.20 34.25
N SER D 266 -17.66 -2.80 33.96
CA SER D 266 -16.51 -2.91 34.90
C SER D 266 -15.32 -2.08 34.40
N GLY D 267 -14.37 -1.82 35.30
CA GLY D 267 -13.13 -1.08 34.99
C GLY D 267 -12.73 -0.18 36.14
N ASN D 268 -13.58 0.78 36.52
CA ASN D 268 -13.28 1.93 37.42
C ASN D 268 -14.12 1.83 38.70
N VAL D 289 -8.78 -0.62 44.19
CA VAL D 289 -8.28 -1.15 42.88
C VAL D 289 -8.53 -2.66 42.85
N GLY D 290 -8.09 -3.38 43.89
CA GLY D 290 -8.14 -4.87 43.96
C GLY D 290 -9.47 -5.41 43.47
N LEU D 291 -10.55 -5.09 44.17
CA LEU D 291 -11.90 -5.65 43.92
C LEU D 291 -12.42 -5.24 42.53
N GLU D 292 -12.03 -4.06 42.04
CA GLU D 292 -12.43 -3.60 40.67
C GLU D 292 -11.76 -4.53 39.66
N VAL D 293 -10.50 -4.91 39.92
CA VAL D 293 -9.73 -5.82 39.05
C VAL D 293 -10.46 -7.16 39.01
N ILE D 294 -10.80 -7.71 40.18
CA ILE D 294 -11.53 -9.01 40.29
C ILE D 294 -12.83 -8.90 39.48
N SER D 295 -13.57 -7.80 39.67
CA SER D 295 -14.85 -7.57 38.96
C SER D 295 -14.64 -7.56 37.45
N ARG D 296 -13.59 -6.87 36.99
CA ARG D 296 -13.30 -6.73 35.54
C ARG D 296 -13.02 -8.12 34.98
N MSE D 297 -12.29 -8.94 35.73
CA MSE D 297 -11.93 -10.32 35.33
C MSE D 297 -13.22 -11.13 35.18
O MSE D 297 -13.48 -11.66 34.09
CB MSE D 297 -10.99 -10.92 36.39
CG MSE D 297 -10.29 -12.20 35.96
SE MSE D 297 -9.66 -13.19 37.55
CE MSE D 297 -9.93 -15.12 37.21
H MSE D 297 -11.96 -8.59 36.63
HA MSE D 297 -11.46 -10.28 34.46
HB2 MSE D 297 -11.51 -11.13 37.17
HB3 MSE D 297 -10.33 -10.28 36.60
HG2 MSE D 297 -9.52 -11.97 35.39
HG3 MSE D 297 -10.89 -12.76 35.45
HE1 MSE D 297 -9.62 -15.62 37.98
HE2 MSE D 297 -9.41 -15.37 36.42
HE3 MSE D 297 -10.87 -15.29 37.05
N THR D 298 -13.99 -11.21 36.26
CA THR D 298 -15.17 -12.08 36.39
C THR D 298 -16.19 -11.65 35.35
N SER D 299 -16.32 -10.33 35.13
CA SER D 299 -17.27 -9.75 34.16
C SER D 299 -16.90 -10.22 32.74
N GLN D 300 -15.59 -10.25 32.46
CA GLN D 300 -15.08 -10.76 31.15
C GLN D 300 -15.48 -12.23 31.03
N THR D 301 -15.12 -13.03 32.04
CA THR D 301 -15.51 -14.46 32.15
C THR D 301 -17.00 -14.57 31.82
N PHE D 302 -17.82 -13.70 32.42
CA PHE D 302 -19.30 -13.75 32.34
C PHE D 302 -19.72 -13.50 30.89
N VAL D 303 -19.17 -12.45 30.26
CA VAL D 303 -19.57 -12.09 28.87
C VAL D 303 -19.16 -13.25 27.96
N ASP D 304 -17.96 -13.80 28.20
CA ASP D 304 -17.38 -14.93 27.42
C ASP D 304 -18.35 -16.11 27.49
N ARG D 305 -18.82 -16.46 28.69
CA ARG D 305 -19.70 -17.64 28.91
C ARG D 305 -21.08 -17.38 28.27
N ALA D 306 -21.51 -16.11 28.23
CA ALA D 306 -22.81 -15.69 27.64
C ALA D 306 -22.77 -15.92 26.13
N SER D 307 -21.75 -15.37 25.47
CA SER D 307 -21.52 -15.54 24.02
C SER D 307 -21.55 -17.04 23.69
N GLN D 308 -20.90 -17.87 24.52
CA GLN D 308 -20.89 -19.35 24.36
C GLN D 308 -22.32 -19.88 24.47
N ALA D 309 -23.07 -19.47 25.49
CA ALA D 309 -24.47 -19.88 25.70
C ALA D 309 -25.39 -19.29 24.60
N GLY D 310 -24.90 -18.35 23.79
CA GLY D 310 -25.73 -17.67 22.77
C GLY D 310 -26.72 -16.70 23.40
N VAL D 311 -26.30 -16.07 24.51
CA VAL D 311 -27.09 -15.06 25.26
C VAL D 311 -26.47 -13.68 25.01
N GLU D 312 -27.19 -12.81 24.29
CA GLU D 312 -26.70 -11.46 23.94
C GLU D 312 -26.57 -10.62 25.22
N VAL D 313 -25.44 -9.95 25.39
CA VAL D 313 -25.11 -9.08 26.56
C VAL D 313 -24.50 -7.79 26.02
N VAL D 314 -24.86 -6.66 26.64
CA VAL D 314 -24.23 -5.33 26.40
C VAL D 314 -23.12 -5.17 27.45
N ALA D 315 -21.87 -5.06 26.98
CA ALA D 315 -20.65 -4.95 27.81
C ALA D 315 -20.18 -3.49 27.83
N SER D 316 -19.68 -3.01 28.97
CA SER D 316 -19.03 -1.68 29.06
C SER D 316 -17.75 -1.79 29.90
N PHE D 317 -16.62 -1.93 29.23
CA PHE D 317 -15.27 -1.97 29.84
C PHE D 317 -14.50 -0.70 29.46
N ARG D 318 -15.17 0.22 28.76
CA ARG D 318 -14.61 1.51 28.27
C ARG D 318 -14.05 2.29 29.45
N PRO D 319 -12.97 3.08 29.27
CA PRO D 319 -12.40 3.87 30.36
C PRO D 319 -13.19 5.18 30.57
N SER D 320 -13.06 5.80 31.74
CA SER D 320 -13.74 7.07 32.08
C SER D 320 -12.87 7.88 33.04
N GLY D 321 -13.00 9.22 33.00
CA GLY D 321 -12.27 10.15 33.89
C GLY D 321 -12.93 10.22 35.25
N VAL D 322 -14.07 9.54 35.42
CA VAL D 322 -14.88 9.51 36.66
C VAL D 322 -14.79 8.10 37.25
N HIS D 323 -14.75 8.01 38.57
CA HIS D 323 -14.51 6.76 39.32
C HIS D 323 -15.62 6.51 40.33
N SER D 324 -15.68 5.27 40.84
CA SER D 324 -16.61 4.80 41.90
C SER D 324 -18.02 5.37 41.64
N TRP D 325 -18.60 6.06 42.63
CA TRP D 325 -20.05 6.36 42.68
C TRP D 325 -20.50 7.10 41.42
N GLU D 326 -19.80 8.17 41.05
CA GLU D 326 -20.12 8.99 39.87
C GLU D 326 -20.07 8.09 38.63
N TYR D 327 -19.11 7.16 38.60
CA TYR D 327 -18.91 6.21 37.48
C TYR D 327 -20.12 5.27 37.39
N TRP D 328 -20.54 4.74 38.54
CA TRP D 328 -21.65 3.76 38.64
C TRP D 328 -22.95 4.42 38.15
N GLN D 329 -23.22 5.63 38.62
CA GLN D 329 -24.41 6.40 38.18
C GLN D 329 -24.31 6.65 36.68
N PHE D 330 -23.10 6.94 36.18
CA PHE D 330 -22.86 7.12 34.73
C PHE D 330 -23.33 5.86 33.97
N GLU D 331 -22.90 4.69 34.45
CA GLU D 331 -23.24 3.39 33.82
C GLU D 331 -24.76 3.20 33.91
N MSE D 332 -25.38 3.63 35.01
CA MSE D 332 -26.85 3.55 35.14
C MSE D 332 -27.49 4.27 33.92
O MSE D 332 -28.33 3.65 33.25
CB MSE D 332 -27.34 4.14 36.47
CG MSE D 332 -28.86 4.21 36.63
SE MSE D 332 -29.79 2.48 36.62
CE MSE D 332 -29.46 1.95 38.49
H MSE D 332 -24.84 4.02 35.76
HA MSE D 332 -27.12 2.60 35.13
HB2 MSE D 332 -26.99 5.03 36.55
HB3 MSE D 332 -26.99 3.61 37.18
HG2 MSE D 332 -29.23 4.75 35.91
HG3 MSE D 332 -29.07 4.66 37.48
HE1 MSE D 332 -29.88 1.09 38.65
HE2 MSE D 332 -29.85 2.62 39.08
HE3 MSE D 332 -28.51 1.89 38.64
N THR D 333 -27.04 5.49 33.65
CA THR D 333 -27.61 6.34 32.58
C THR D 333 -27.28 5.72 31.21
N GLN D 334 -26.15 5.02 31.12
CA GLN D 334 -25.74 4.28 29.89
C GLN D 334 -26.71 3.12 29.64
N ALA D 335 -27.13 2.47 30.72
CA ALA D 335 -27.98 1.26 30.71
C ALA D 335 -29.44 1.66 30.48
N PHE D 336 -29.85 2.81 31.01
CA PHE D 336 -31.28 3.19 31.10
C PHE D 336 -31.99 3.01 29.76
N PRO D 337 -31.45 3.50 28.62
CA PRO D 337 -32.14 3.32 27.34
C PRO D 337 -32.48 1.85 27.06
N HIS D 338 -31.62 0.92 27.48
CA HIS D 338 -31.81 -0.55 27.32
C HIS D 338 -32.85 -1.05 28.32
N ILE D 339 -32.85 -0.50 29.54
CA ILE D 339 -33.87 -0.77 30.59
C ILE D 339 -35.23 -0.38 29.97
N ALA D 340 -35.35 0.88 29.54
CA ALA D 340 -36.58 1.44 28.94
C ALA D 340 -37.06 0.54 27.81
N ASN D 341 -36.16 0.06 26.97
CA ASN D 341 -36.49 -0.86 25.85
C ASN D 341 -37.10 -2.14 26.40
N ALA D 342 -36.41 -2.78 27.35
CA ALA D 342 -36.78 -4.08 27.95
C ALA D 342 -38.14 -3.97 28.65
N LEU D 343 -38.43 -2.82 29.27
CA LEU D 343 -39.67 -2.59 30.06
C LEU D 343 -40.77 -1.99 29.16
N GLY D 344 -40.45 -1.70 27.90
CA GLY D 344 -41.39 -1.12 26.91
C GLY D 344 -41.91 0.25 27.30
N MSE D 345 -41.10 1.10 27.94
CA MSE D 345 -41.50 2.49 28.26
C MSE D 345 -41.54 3.32 26.97
O MSE D 345 -40.65 3.15 26.11
CB MSE D 345 -40.53 3.15 29.23
CG MSE D 345 -40.03 2.27 30.34
SE MSE D 345 -39.19 3.48 31.66
CE MSE D 345 -37.88 2.30 32.49
H MSE D 345 -40.18 0.78 28.20
HA MSE D 345 -42.40 2.47 28.66
HB2 MSE D 345 -40.97 3.90 29.65
HB3 MSE D 345 -39.77 3.47 28.74
HG2 MSE D 345 -39.38 1.63 29.96
HG3 MSE D 345 -40.77 1.77 30.72
HE1 MSE D 345 -37.41 2.79 33.17
HE2 MSE D 345 -37.26 1.99 31.82
HE3 MSE D 345 -38.35 1.55 32.90
N SER D 346 -42.51 4.22 26.87
CA SER D 346 -42.69 5.12 25.70
C SER D 346 -41.60 6.20 25.68
N THR D 347 -41.49 6.92 24.57
CA THR D 347 -40.54 8.06 24.40
C THR D 347 -40.84 9.10 25.48
N GLU D 348 -42.12 9.44 25.68
CA GLU D 348 -42.57 10.52 26.60
C GLU D 348 -42.35 10.06 28.04
N ASP D 349 -42.11 8.76 28.26
CA ASP D 349 -41.85 8.18 29.61
C ASP D 349 -40.38 8.35 29.99
N ARG D 350 -39.50 8.43 29.00
CA ARG D 350 -38.04 8.27 29.17
C ARG D 350 -37.40 9.57 29.66
N GLY D 351 -37.98 10.73 29.31
CA GLY D 351 -37.47 12.06 29.66
C GLY D 351 -36.12 12.29 29.02
N VAL D 352 -35.20 12.95 29.73
CA VAL D 352 -33.82 13.21 29.22
C VAL D 352 -32.93 12.03 29.64
N GLU D 353 -32.58 11.17 28.68
CA GLU D 353 -31.86 9.88 28.90
C GLU D 353 -30.40 10.11 29.30
N CYS D 354 -29.75 11.14 28.72
CA CYS D 354 -28.28 11.40 28.84
C CYS D 354 -28.01 12.47 29.92
N ALA D 355 -26.80 12.50 30.49
CA ALA D 355 -26.45 13.36 31.63
C ALA D 355 -24.94 13.58 31.73
N PRO D 356 -24.49 14.85 31.76
CA PRO D 356 -23.07 15.17 31.87
C PRO D 356 -22.51 14.83 33.26
N VAL D 357 -21.24 14.40 33.29
CA VAL D 357 -20.51 14.01 34.52
C VAL D 357 -19.11 14.61 34.49
N GLY D 358 -18.49 14.68 35.67
CA GLY D 358 -17.09 15.08 35.88
C GLY D 358 -16.78 16.44 35.29
N ALA D 359 -15.71 16.52 34.51
CA ALA D 359 -15.08 17.76 34.04
C ALA D 359 -15.99 18.46 33.01
N ILE D 360 -16.56 17.71 32.07
CA ILE D 360 -17.51 18.23 31.03
C ILE D 360 -18.73 18.84 31.73
N ALA D 361 -19.22 18.20 32.79
CA ALA D 361 -20.38 18.67 33.58
C ALA D 361 -20.06 20.03 34.20
N ASP D 362 -18.85 20.20 34.76
CA ASP D 362 -18.40 21.45 35.43
C ASP D 362 -18.30 22.58 34.40
N ALA D 363 -17.81 22.31 33.20
CA ALA D 363 -17.60 23.30 32.12
C ALA D 363 -18.94 23.65 31.45
N VAL D 364 -19.95 22.81 31.60
CA VAL D 364 -21.27 23.01 30.93
C VAL D 364 -22.27 23.65 31.93
N ALA D 365 -21.84 23.88 33.18
CA ALA D 365 -22.64 24.40 34.32
C ALA D 365 -23.34 25.73 33.99
N ASP D 366 -22.71 26.58 33.17
CA ASP D 366 -23.28 27.86 32.64
C ASP D 366 -24.73 27.61 32.20
N GLY D 367 -24.94 26.57 31.41
CA GLY D 367 -26.22 26.22 30.76
C GLY D 367 -26.18 26.59 29.29
N ALA D 368 -25.14 27.32 28.88
CA ALA D 368 -24.90 27.86 27.53
C ALA D 368 -25.09 26.77 26.46
N MSE D 369 -24.62 25.56 26.73
CA MSE D 369 -24.51 24.47 25.73
C MSE D 369 -25.89 23.92 25.36
O MSE D 369 -26.04 23.36 24.28
CB MSE D 369 -23.62 23.36 26.29
CG MSE D 369 -22.24 23.84 26.62
SE MSE D 369 -21.44 24.40 24.95
CE MSE D 369 -21.54 22.94 23.61
H MSE D 369 -24.30 25.39 27.68
HA MSE D 369 -24.10 24.84 24.90
HB2 MSE D 369 -23.56 22.66 25.64
HB3 MSE D 369 -24.03 23.02 27.08
HG2 MSE D 369 -21.73 23.10 27.04
HG3 MSE D 369 -22.29 24.57 27.28
HE1 MSE D 369 -21.14 23.24 22.78
HE2 MSE D 369 -22.47 22.71 23.46
HE3 MSE D 369 -21.05 22.16 23.94
N GLY D 370 -26.84 24.03 26.29
CA GLY D 370 -28.20 23.49 26.14
C GLY D 370 -28.32 22.09 26.71
N THR D 371 -29.44 21.44 26.37
CA THR D 371 -29.80 20.06 26.76
C THR D 371 -28.86 19.09 26.02
N CYS D 372 -28.17 18.20 26.73
CA CYS D 372 -27.24 17.21 26.13
C CYS D 372 -28.02 16.25 25.21
N LEU D 373 -27.44 15.91 24.06
CA LEU D 373 -28.06 15.01 23.04
C LEU D 373 -27.51 13.59 23.22
N THR D 374 -26.35 13.46 23.88
CA THR D 374 -25.58 12.21 24.08
C THR D 374 -24.84 12.28 25.42
N ASN D 375 -24.37 11.14 25.92
CA ASN D 375 -23.44 11.07 27.08
C ASN D 375 -22.01 11.27 26.56
N GLU D 376 -21.05 11.46 27.47
CA GLU D 376 -19.60 11.30 27.18
C GLU D 376 -19.43 10.06 26.29
N TYR D 377 -18.79 10.19 25.13
CA TYR D 377 -18.41 9.04 24.26
C TYR D 377 -16.92 9.17 23.96
N ASP D 378 -16.26 8.04 23.77
CA ASP D 378 -14.79 7.99 23.53
C ASP D 378 -14.48 8.59 22.15
N VAL D 379 -13.54 9.53 22.12
CA VAL D 379 -12.81 10.06 20.94
C VAL D 379 -11.34 9.72 21.15
N THR D 380 -10.39 10.43 20.54
CA THR D 380 -9.05 9.92 20.21
C THR D 380 -8.12 10.09 21.42
N GLY D 381 -8.23 11.17 22.19
CA GLY D 381 -7.30 11.35 23.34
C GLY D 381 -8.02 11.49 24.66
N GLY D 382 -9.35 11.50 24.63
CA GLY D 382 -10.23 11.83 25.77
C GLY D 382 -11.68 11.52 25.42
N LYS D 383 -12.60 12.43 25.77
CA LYS D 383 -14.06 12.23 25.53
C LYS D 383 -14.70 13.47 24.92
N ALA D 384 -15.79 13.27 24.19
CA ALA D 384 -16.63 14.33 23.57
C ALA D 384 -18.10 14.07 23.93
N GLN D 385 -18.87 15.14 24.09
CA GLN D 385 -20.31 15.07 24.44
C GLN D 385 -21.08 16.04 23.53
N ASP D 386 -22.12 15.57 22.83
CA ASP D 386 -22.97 16.43 21.97
C ASP D 386 -24.00 17.19 22.83
N PHE D 387 -24.32 18.43 22.43
CA PHE D 387 -25.36 19.29 23.05
C PHE D 387 -26.14 19.99 21.94
N ALA D 388 -27.24 20.63 22.30
CA ALA D 388 -28.13 21.35 21.37
C ALA D 388 -27.31 22.41 20.63
N ASN D 389 -26.52 23.18 21.38
CA ASN D 389 -25.88 24.44 20.92
C ASN D 389 -24.45 24.19 20.40
N GLY D 390 -23.86 23.03 20.71
CA GLY D 390 -22.52 22.65 20.20
C GLY D 390 -22.02 21.35 20.79
N ARG D 391 -20.69 21.18 20.81
CA ARG D 391 -20.02 19.96 21.35
C ARG D 391 -19.05 20.39 22.46
N ALA D 392 -18.88 19.53 23.46
CA ALA D 392 -17.86 19.69 24.51
C ALA D 392 -16.74 18.69 24.24
N TYR D 393 -15.54 19.02 24.69
CA TYR D 393 -14.33 18.19 24.50
C TYR D 393 -13.56 18.21 25.83
N TRP D 394 -12.91 17.09 26.13
CA TRP D 394 -12.08 16.91 27.35
C TRP D 394 -10.96 15.89 27.11
N SER D 395 -9.78 16.18 27.66
CA SER D 395 -8.63 15.27 27.78
C SER D 395 -7.95 15.54 29.13
N ALA D 396 -7.41 14.50 29.78
CA ALA D 396 -6.76 14.61 31.11
C ALA D 396 -5.79 15.79 31.11
N ASN D 397 -5.08 16.00 29.99
CA ASN D 397 -4.07 17.08 29.78
C ASN D 397 -4.74 18.46 29.75
N THR D 398 -5.67 18.68 28.81
CA THR D 398 -6.23 20.01 28.44
C THR D 398 -7.32 20.46 29.42
N GLY D 399 -8.13 19.52 29.91
CA GLY D 399 -9.39 19.82 30.63
C GLY D 399 -10.58 19.91 29.68
N ALA D 400 -11.71 20.41 30.19
CA ALA D 400 -13.01 20.39 29.50
C ALA D 400 -13.40 21.80 29.05
N PHE D 401 -13.94 21.90 27.83
CA PHE D 401 -14.36 23.17 27.18
C PHE D 401 -15.51 22.88 26.20
N GLY D 402 -16.57 23.70 26.28
CA GLY D 402 -17.70 23.66 25.35
C GLY D 402 -17.46 24.61 24.19
N LEU D 403 -17.53 24.12 22.95
CA LEU D 403 -17.37 24.97 21.74
C LEU D 403 -18.72 25.07 21.04
N VAL D 404 -19.05 26.24 20.49
CA VAL D 404 -20.36 26.48 19.83
C VAL D 404 -20.14 27.10 18.46
N GLY D 405 -21.24 27.17 17.69
CA GLY D 405 -21.35 27.91 16.42
C GLY D 405 -20.34 27.45 15.40
N ARG D 406 -19.87 28.40 14.61
CA ARG D 406 -19.12 28.18 13.35
C ARG D 406 -17.70 27.70 13.67
N ILE D 407 -17.05 28.21 14.71
CA ILE D 407 -15.73 27.69 15.17
C ILE D 407 -15.86 26.18 15.38
N ASN D 408 -16.82 25.76 16.22
CA ASN D 408 -17.05 24.34 16.57
C ASN D 408 -17.38 23.57 15.29
N ALA D 409 -18.21 24.14 14.41
CA ALA D 409 -18.61 23.53 13.12
C ALA D 409 -17.37 23.21 12.29
N ARG D 410 -16.36 24.10 12.30
CA ARG D 410 -15.08 23.90 11.55
C ARG D 410 -14.24 22.86 12.29
N TYR D 411 -14.00 23.04 13.58
CA TYR D 411 -13.19 22.10 14.40
C TYR D 411 -13.68 20.67 14.17
N SER D 412 -15.00 20.47 14.03
CA SER D 412 -15.62 19.16 13.72
C SER D 412 -15.30 18.74 12.28
N GLU D 413 -15.55 19.62 11.31
CA GLU D 413 -15.21 19.39 9.88
C GLU D 413 -13.80 18.80 9.78
N LEU D 414 -12.88 19.22 10.66
CA LEU D 414 -11.45 18.83 10.65
C LEU D 414 -11.24 17.46 11.29
N GLY D 415 -12.15 17.03 12.18
CA GLY D 415 -12.06 15.76 12.92
C GLY D 415 -11.87 15.95 14.42
N GLY D 416 -12.19 17.15 14.93
CA GLY D 416 -12.05 17.48 16.36
C GLY D 416 -10.65 17.11 16.86
N PRO D 417 -10.51 16.46 18.03
CA PRO D 417 -9.18 16.16 18.58
C PRO D 417 -8.36 15.14 17.76
N ALA D 418 -8.98 14.45 16.79
CA ALA D 418 -8.30 13.57 15.81
C ALA D 418 -7.43 14.42 14.88
N SER D 419 -7.91 15.59 14.46
CA SER D 419 -7.17 16.55 13.60
C SER D 419 -5.94 17.09 14.35
N TRP D 420 -5.00 17.65 13.59
CA TRP D 420 -3.66 18.08 14.05
C TRP D 420 -3.74 19.13 15.16
N LEU D 421 -4.90 19.80 15.32
CA LEU D 421 -5.10 20.93 16.27
C LEU D 421 -4.92 20.42 17.72
N GLY D 422 -5.35 19.18 17.98
CA GLY D 422 -5.42 18.59 19.32
C GLY D 422 -6.67 19.04 20.07
N TYR D 423 -6.61 19.09 21.40
CA TYR D 423 -7.79 19.44 22.24
C TYR D 423 -7.88 20.96 22.38
N PRO D 424 -9.11 21.51 22.50
CA PRO D 424 -9.30 22.91 22.85
C PRO D 424 -8.71 23.22 24.23
N THR D 425 -8.06 24.38 24.35
CA THR D 425 -7.38 24.90 25.57
C THR D 425 -8.18 26.10 26.12
N SER D 426 -9.32 26.42 25.50
CA SER D 426 -10.25 27.54 25.85
C SER D 426 -11.66 27.30 25.29
N SER D 427 -12.63 28.08 25.77
CA SER D 427 -13.98 28.27 25.17
C SER D 427 -13.90 29.41 24.13
N GLU D 428 -15.02 29.78 23.49
CA GLU D 428 -15.03 30.81 22.43
C GLU D 428 -14.73 32.17 23.09
N LEU D 429 -13.65 32.83 22.67
CA LEU D 429 -13.19 34.14 23.23
C LEU D 429 -13.41 35.27 22.21
N LYS D 430 -13.54 36.49 22.73
CA LYS D 430 -13.77 37.73 21.93
C LYS D 430 -12.41 38.42 21.73
N THR D 431 -12.18 38.96 20.53
CA THR D 431 -11.02 39.82 20.20
C THR D 431 -11.32 41.25 20.65
N PRO D 432 -10.32 42.07 21.06
CA PRO D 432 -10.59 43.41 21.56
C PRO D 432 -11.25 44.39 20.57
N ASP D 433 -11.20 44.12 19.26
CA ASP D 433 -11.95 44.91 18.24
C ASP D 433 -13.44 44.54 18.25
N GLY D 434 -13.80 43.44 18.91
CA GLY D 434 -15.21 43.05 19.17
C GLY D 434 -15.94 42.60 17.91
N ARG D 435 -15.22 42.32 16.81
CA ARG D 435 -15.84 41.71 15.60
C ARG D 435 -15.37 40.25 15.47
N GLY D 436 -14.25 39.91 16.13
CA GLY D 436 -13.61 38.59 16.03
C GLY D 436 -13.96 37.71 17.21
N ARG D 437 -14.05 36.40 16.97
CA ARG D 437 -14.12 35.32 17.98
C ARG D 437 -13.04 34.29 17.64
N PHE D 438 -12.39 33.72 18.66
CA PHE D 438 -11.37 32.65 18.47
C PHE D 438 -11.41 31.64 19.61
N VAL D 439 -10.99 30.42 19.30
CA VAL D 439 -10.75 29.31 20.26
C VAL D 439 -9.29 28.89 20.10
N THR D 440 -8.62 28.68 21.24
CA THR D 440 -7.22 28.19 21.29
C THR D 440 -7.26 26.67 21.42
N PHE D 441 -6.29 26.01 20.80
CA PHE D 441 -6.09 24.54 20.81
C PHE D 441 -4.62 24.28 21.17
N GLU D 442 -4.29 22.99 21.36
CA GLU D 442 -2.93 22.52 21.73
C GLU D 442 -1.92 22.94 20.65
N HIS D 443 -2.30 22.81 19.36
CA HIS D 443 -1.39 22.94 18.20
C HIS D 443 -1.89 24.00 17.20
N GLY D 444 -2.64 25.00 17.68
CA GLY D 444 -3.09 26.13 16.85
C GLY D 444 -4.22 26.90 17.48
N SER D 445 -4.94 27.66 16.65
CA SER D 445 -6.17 28.43 17.00
C SER D 445 -7.13 28.42 15.80
N ILE D 446 -8.42 28.63 16.07
CA ILE D 446 -9.43 28.94 15.03
C ILE D 446 -9.93 30.36 15.29
N TYR D 447 -9.92 31.21 14.27
CA TYR D 447 -10.43 32.60 14.30
C TYR D 447 -11.66 32.68 13.37
N TRP D 448 -12.64 33.50 13.75
CA TRP D 448 -13.92 33.71 13.03
C TRP D 448 -14.36 35.17 13.11
N THR D 449 -14.86 35.69 11.99
CA THR D 449 -15.70 36.91 11.90
C THR D 449 -16.89 36.58 11.00
N ALA D 450 -17.97 37.36 11.12
CA ALA D 450 -19.20 37.20 10.31
C ALA D 450 -18.82 37.16 8.82
N THR D 451 -17.73 37.85 8.43
CA THR D 451 -17.37 38.11 7.01
C THR D 451 -16.23 37.21 6.54
N THR D 452 -15.26 36.84 7.40
CA THR D 452 -14.11 35.99 6.99
C THR D 452 -14.49 34.51 7.08
N GLY D 453 -15.21 34.11 8.11
CA GLY D 453 -15.55 32.70 8.41
C GLY D 453 -14.61 32.08 9.45
N PRO D 454 -14.78 30.77 9.74
CA PRO D 454 -13.97 30.05 10.71
C PRO D 454 -12.76 29.38 10.03
N TRP D 455 -11.54 29.71 10.47
CA TRP D 455 -10.30 29.18 9.87
C TRP D 455 -9.27 28.88 10.97
N GLU D 456 -8.59 27.74 10.82
CA GLU D 456 -7.56 27.23 11.74
C GLU D 456 -6.17 27.68 11.23
N ILE D 457 -5.38 28.27 12.12
CA ILE D 457 -3.97 28.69 11.86
C ILE D 457 -3.06 27.78 12.68
N PRO D 458 -2.13 27.03 12.05
CA PRO D 458 -1.17 26.22 12.79
C PRO D 458 -0.31 27.08 13.74
N GLY D 459 -0.03 26.57 14.95
CA GLY D 459 0.63 27.28 16.06
C GLY D 459 1.85 28.12 15.66
N ASP D 460 2.75 27.57 14.82
CA ASP D 460 4.00 28.24 14.34
C ASP D 460 3.63 29.45 13.47
N MSE D 461 2.76 29.24 12.47
CA MSE D 461 2.30 30.30 11.55
C MSE D 461 1.56 31.36 12.38
O MSE D 461 1.69 32.56 12.08
CB MSE D 461 1.41 29.69 10.46
CG MSE D 461 2.02 28.50 9.76
SE MSE D 461 0.93 27.88 8.28
CE MSE D 461 0.46 29.46 7.20
H MSE D 461 2.42 28.30 12.36
HA MSE D 461 3.09 30.71 11.12
HB2 MSE D 461 1.23 30.36 9.81
HB3 MSE D 461 0.60 29.41 10.86
HG2 MSE D 461 2.12 27.77 10.40
HG3 MSE D 461 2.91 28.74 9.43
HE1 MSE D 461 -0.09 29.19 6.45
HE2 MSE D 461 1.27 29.88 6.88
HE3 MSE D 461 -0.04 30.09 7.75
N LEU D 462 0.86 30.92 13.42
CA LEU D 462 0.16 31.80 14.38
C LEU D 462 1.15 32.74 15.09
N ALA D 463 2.29 32.24 15.55
CA ALA D 463 3.31 33.06 16.27
C ALA D 463 3.91 34.10 15.31
N ALA D 464 4.06 33.75 14.03
CA ALA D 464 4.59 34.63 12.96
C ALA D 464 3.61 35.77 12.73
N TRP D 465 2.34 35.43 12.49
CA TRP D 465 1.18 36.35 12.41
C TRP D 465 1.17 37.25 13.64
N GLY D 466 1.60 36.72 14.80
CA GLY D 466 1.72 37.45 16.08
C GLY D 466 2.73 38.58 16.01
N THR D 467 3.87 38.38 15.36
CA THR D 467 4.98 39.37 15.25
C THR D 467 4.46 40.68 14.63
N GLN D 468 3.35 40.62 13.88
CA GLN D 468 2.70 41.76 13.18
C GLN D 468 1.43 42.18 13.96
N ASP D 469 1.09 41.45 15.03
CA ASP D 469 0.06 41.70 16.09
C ASP D 469 -1.29 41.10 15.67
N TYR D 470 -1.27 39.93 15.03
CA TYR D 470 -2.42 39.04 14.79
C TYR D 470 -3.49 39.79 14.00
N GLU D 471 -4.69 39.98 14.56
CA GLU D 471 -5.86 40.61 13.91
C GLU D 471 -5.68 42.13 13.94
N LYS D 472 -4.98 42.66 14.96
CA LYS D 472 -4.71 44.11 15.17
C LYS D 472 -3.83 44.68 14.04
N GLY D 473 -2.98 43.88 13.39
CA GLY D 473 -2.12 44.32 12.28
C GLY D 473 -2.80 44.24 10.92
N SER D 474 -2.17 44.82 9.89
CA SER D 474 -2.63 44.88 8.47
C SER D 474 -3.27 43.57 8.01
N LEU D 475 -2.63 42.43 8.32
CA LEU D 475 -2.99 41.06 7.85
C LEU D 475 -4.44 40.71 8.21
N GLY D 476 -4.90 41.16 9.38
CA GLY D 476 -6.27 40.95 9.87
C GLY D 476 -6.55 39.48 10.16
N TYR D 477 -7.66 38.96 9.64
CA TYR D 477 -8.19 37.61 9.95
C TYR D 477 -7.90 36.67 8.79
N PRO D 478 -7.69 35.36 9.08
CA PRO D 478 -7.56 34.36 8.01
C PRO D 478 -8.86 34.26 7.20
N THR D 479 -8.72 34.08 5.89
CA THR D 479 -9.84 34.04 4.91
C THR D 479 -9.90 32.66 4.23
N GLY D 480 -8.95 31.78 4.58
CA GLY D 480 -8.85 30.40 4.06
C GLY D 480 -7.87 29.56 4.89
N ALA D 481 -7.67 28.32 4.49
CA ALA D 481 -6.83 27.34 5.23
C ALA D 481 -5.40 27.38 4.69
N ALA D 482 -4.41 27.04 5.51
CA ALA D 482 -3.02 26.79 5.06
C ALA D 482 -3.08 25.64 4.03
N VAL D 483 -2.60 25.86 2.81
CA VAL D 483 -2.66 24.88 1.68
C VAL D 483 -1.23 24.59 1.19
N GLU D 484 -1.05 23.45 0.49
CA GLU D 484 0.21 23.12 -0.24
C GLU D 484 0.61 24.34 -1.06
N TYR D 485 1.84 24.82 -0.86
CA TYR D 485 2.48 25.88 -1.69
C TYR D 485 3.96 25.52 -1.88
N ASN D 486 4.30 25.02 -3.07
CA ASN D 486 5.71 24.71 -3.48
C ASN D 486 6.48 24.10 -2.31
N GLY D 487 6.05 22.92 -1.82
CA GLY D 487 6.70 22.21 -0.71
C GLY D 487 6.77 23.05 0.56
N GLY D 488 5.74 23.87 0.77
CA GLY D 488 5.52 24.67 1.99
C GLY D 488 4.04 24.95 2.17
N LEU D 489 3.69 25.87 3.07
CA LEU D 489 2.27 26.22 3.31
C LEU D 489 2.07 27.72 3.11
N ARG D 490 0.94 28.08 2.49
CA ARG D 490 0.47 29.49 2.30
C ARG D 490 -1.00 29.59 2.70
N GLN D 491 -1.28 30.31 3.80
CA GLN D 491 -2.65 30.64 4.29
C GLN D 491 -2.95 32.11 3.99
N GLN D 492 -4.04 32.37 3.27
CA GLN D 492 -4.46 33.74 2.91
C GLN D 492 -5.06 34.44 4.14
N PHE D 493 -4.91 35.76 4.20
CA PHE D 493 -5.48 36.63 5.25
C PHE D 493 -6.12 37.83 4.57
N GLU D 494 -6.75 38.70 5.36
CA GLU D 494 -7.34 39.95 4.84
C GLU D 494 -6.22 40.77 4.20
N GLY D 495 -5.13 40.97 4.96
CA GLY D 495 -4.08 41.96 4.68
C GLY D 495 -2.89 41.42 3.92
N GLY D 496 -2.78 40.10 3.76
CA GLY D 496 -1.70 39.46 2.97
C GLY D 496 -1.78 37.94 2.96
N TYR D 497 -0.68 37.28 3.38
CA TYR D 497 -0.50 35.80 3.51
C TYR D 497 0.51 35.47 4.61
N VAL D 498 0.37 34.32 5.27
CA VAL D 498 1.39 33.72 6.18
C VAL D 498 1.89 32.42 5.54
N PHE D 499 3.17 32.09 5.77
CA PHE D 499 3.91 30.98 5.09
C PHE D 499 4.57 30.03 6.09
N ARG D 500 4.66 28.76 5.71
CA ARG D 500 5.57 27.74 6.31
C ARG D 500 6.56 27.34 5.23
N THR D 501 7.85 27.62 5.44
CA THR D 501 8.94 27.47 4.41
C THR D 501 9.33 26.00 4.27
N SER D 502 9.95 25.65 3.15
CA SER D 502 10.59 24.34 2.86
C SER D 502 11.43 23.89 4.05
N ASN D 503 12.08 24.84 4.73
CA ASN D 503 13.01 24.57 5.86
C ASN D 503 12.30 24.88 7.18
N ASN D 504 10.97 24.69 7.19
CA ASN D 504 10.09 24.75 8.38
C ASN D 504 10.34 26.03 9.20
N GLN D 505 10.15 27.19 8.59
CA GLN D 505 10.07 28.49 9.31
C GLN D 505 8.76 29.17 8.92
N SER D 506 8.42 30.23 9.64
CA SER D 506 7.14 30.97 9.45
C SER D 506 7.42 32.47 9.26
N TYR D 507 7.06 32.99 8.09
CA TYR D 507 7.13 34.44 7.77
C TYR D 507 5.86 34.82 7.02
N TRP D 508 5.44 36.08 7.18
CA TRP D 508 4.24 36.67 6.53
C TRP D 508 4.66 37.71 5.49
N VAL D 509 3.74 38.00 4.58
CA VAL D 509 3.95 38.91 3.42
C VAL D 509 2.69 39.78 3.36
N ARG D 510 2.81 41.11 3.22
CA ARG D 510 1.65 42.03 3.35
C ARG D 510 1.62 43.09 2.24
N GLY D 511 0.45 43.70 2.06
CA GLY D 511 0.23 44.88 1.20
C GLY D 511 0.79 44.70 -0.20
N GLU D 512 1.54 45.70 -0.69
CA GLU D 512 1.95 45.82 -2.12
C GLU D 512 3.05 44.79 -2.41
N ILE D 513 3.94 44.52 -1.46
CA ILE D 513 5.01 43.49 -1.61
C ILE D 513 4.31 42.15 -1.84
N SER D 514 3.30 41.85 -1.02
CA SER D 514 2.47 40.61 -1.07
C SER D 514 1.83 40.45 -2.44
N LYS D 515 1.25 41.53 -2.99
CA LYS D 515 0.54 41.48 -4.29
C LYS D 515 1.51 41.00 -5.35
N LYS D 516 2.75 41.52 -5.30
CA LYS D 516 3.87 41.18 -6.21
C LYS D 516 4.26 39.71 -6.01
N TYR D 517 4.70 39.35 -4.81
CA TYR D 517 5.24 38.01 -4.49
C TYR D 517 4.33 36.91 -5.06
N ALA D 518 3.01 37.14 -5.05
CA ALA D 518 1.98 36.17 -5.48
C ALA D 518 1.76 36.22 -6.99
N GLU D 519 2.35 37.20 -7.69
CA GLU D 519 2.14 37.38 -9.14
C GLU D 519 2.82 36.23 -9.88
N ASP D 520 2.29 35.96 -11.08
CA ASP D 520 2.72 34.94 -12.07
C ASP D 520 4.26 34.87 -12.16
N GLY D 521 4.85 33.78 -11.66
CA GLY D 521 6.26 33.44 -11.90
C GLY D 521 7.25 34.07 -10.91
N ILE D 522 6.78 34.89 -9.96
CA ILE D 522 7.67 35.66 -9.04
C ILE D 522 8.32 34.74 -7.99
N PHE D 523 7.58 33.73 -7.50
CA PHE D 523 8.10 32.78 -6.48
C PHE D 523 9.29 32.01 -7.06
N ALA D 524 9.14 31.55 -8.31
CA ALA D 524 10.17 30.87 -9.12
C ALA D 524 11.52 31.59 -8.91
N GLN D 525 11.51 32.92 -8.85
CA GLN D 525 12.74 33.78 -8.85
C GLN D 525 13.30 33.98 -7.43
N LEU D 526 12.46 34.05 -6.40
CA LEU D 526 12.87 34.50 -5.03
C LEU D 526 12.94 33.32 -4.06
N GLY D 527 12.09 32.30 -4.27
CA GLY D 527 11.84 31.22 -3.30
C GLY D 527 11.08 31.74 -2.09
N PHE D 528 11.16 31.04 -0.96
CA PHE D 528 10.43 31.40 0.28
C PHE D 528 11.06 32.64 0.89
N PRO D 529 10.30 33.44 1.65
CA PRO D 529 10.88 34.50 2.47
C PRO D 529 11.89 33.97 3.50
N THR D 530 12.86 34.80 3.86
CA THR D 530 13.90 34.52 4.89
C THR D 530 13.68 35.44 6.10
N GLY D 531 12.66 36.31 6.02
CA GLY D 531 12.27 37.28 7.07
C GLY D 531 10.95 37.95 6.71
N ASN D 532 10.40 38.75 7.63
CA ASN D 532 9.12 39.49 7.41
C ASN D 532 9.45 40.85 6.78
N GLU D 533 8.44 41.60 6.33
CA GLU D 533 8.60 42.96 5.74
C GLU D 533 9.29 43.84 6.78
N LYS D 534 10.22 44.69 6.35
CA LYS D 534 10.93 45.68 7.24
C LYS D 534 10.68 47.08 6.67
N LEU D 535 10.16 47.97 7.51
CA LEU D 535 9.92 49.38 7.13
C LEU D 535 11.26 50.11 7.11
N ILE D 536 11.60 50.74 5.98
CA ILE D 536 12.85 51.52 5.77
C ILE D 536 12.46 52.96 5.42
N ASN D 537 13.35 53.91 5.66
CA ASN D 537 13.19 55.30 5.17
C ASN D 537 12.79 55.24 3.67
N GLY D 538 11.59 55.72 3.32
CA GLY D 538 11.14 55.88 1.92
C GLY D 538 10.15 54.81 1.48
N GLY D 539 10.11 53.67 2.18
CA GLY D 539 9.20 52.55 1.82
C GLY D 539 9.43 51.32 2.69
N ALA D 540 9.55 50.15 2.06
CA ALA D 540 9.81 48.87 2.76
C ALA D 540 10.45 47.88 1.78
N PHE D 541 11.00 46.81 2.34
CA PHE D 541 11.58 45.66 1.60
C PHE D 541 11.43 44.39 2.44
N GLN D 542 11.42 43.26 1.75
CA GLN D 542 11.40 41.90 2.36
C GLN D 542 12.52 41.09 1.70
N GLU D 543 13.15 40.21 2.47
CA GLU D 543 14.27 39.35 2.01
C GLU D 543 13.72 37.97 1.66
N PHE D 544 14.21 37.37 0.58
CA PHE D 544 13.83 36.02 0.12
C PHE D 544 15.11 35.19 -0.08
N GLU D 545 14.93 33.89 -0.34
CA GLU D 545 16.03 32.91 -0.44
C GLU D 545 17.04 33.40 -1.48
N LYS D 546 16.53 33.83 -2.65
CA LYS D 546 17.36 34.11 -3.85
C LYS D 546 17.32 35.59 -4.24
N GLY D 547 16.69 36.46 -3.43
CA GLY D 547 16.60 37.91 -3.73
C GLY D 547 15.81 38.70 -2.71
N ASN D 548 15.48 39.95 -3.07
CA ASN D 548 14.75 40.94 -2.24
C ASN D 548 13.60 41.53 -3.09
N ILE D 549 12.52 41.95 -2.43
CA ILE D 549 11.48 42.83 -3.05
C ILE D 549 11.55 44.18 -2.33
N TYR D 550 11.63 45.25 -3.13
CA TYR D 550 11.67 46.65 -2.66
C TYR D 550 10.38 47.33 -3.14
N TRP D 551 9.77 48.15 -2.27
CA TRP D 551 8.55 48.95 -2.58
C TRP D 551 8.66 50.35 -1.95
N SER D 552 8.22 51.35 -2.70
CA SER D 552 7.96 52.74 -2.25
C SER D 552 6.67 53.23 -2.93
N ALA D 553 6.02 54.23 -2.32
CA ALA D 553 4.83 54.93 -2.86
C ALA D 553 4.99 55.16 -4.37
N SER D 554 6.11 55.77 -4.76
CA SER D 554 6.42 56.27 -6.13
C SER D 554 6.77 55.12 -7.10
N THR D 555 7.66 54.20 -6.70
CA THR D 555 8.31 53.19 -7.59
C THR D 555 7.42 51.97 -7.75
N GLY D 556 6.85 51.48 -6.64
CA GLY D 556 6.07 50.23 -6.58
C GLY D 556 6.92 49.12 -5.98
N ALA D 557 6.41 47.89 -6.02
CA ALA D 557 7.13 46.68 -5.55
C ALA D 557 7.84 46.06 -6.75
N HIS D 558 9.16 45.87 -6.63
CA HIS D 558 10.02 45.33 -7.72
C HIS D 558 11.09 44.40 -7.13
N VAL D 559 11.41 43.35 -7.90
CA VAL D 559 12.33 42.23 -7.54
C VAL D 559 13.75 42.62 -7.95
N ILE D 560 14.70 42.45 -7.02
CA ILE D 560 16.15 42.42 -7.31
C ILE D 560 16.68 41.07 -6.82
N LEU D 561 17.56 40.41 -7.59
CA LEU D 561 18.13 39.09 -7.23
C LEU D 561 19.49 39.31 -6.56
N HIS D 562 19.95 38.33 -5.76
CA HIS D 562 21.33 38.23 -5.25
C HIS D 562 22.28 38.15 -6.45
N GLY D 563 23.45 38.79 -6.39
CA GLY D 563 24.45 38.77 -7.46
C GLY D 563 25.23 40.08 -7.58
N ASP D 564 26.03 40.19 -8.63
CA ASP D 564 26.96 41.33 -8.86
C ASP D 564 26.18 42.64 -8.80
N ILE D 565 25.07 42.75 -9.53
CA ILE D 565 24.23 43.99 -9.64
C ILE D 565 23.82 44.44 -8.23
N PHE D 566 23.41 43.51 -7.37
CA PHE D 566 22.97 43.80 -5.98
C PHE D 566 24.17 44.35 -5.19
N ASP D 567 25.32 43.65 -5.23
CA ASP D 567 26.54 44.01 -4.46
C ASP D 567 26.97 45.44 -4.86
N ALA D 568 26.95 45.73 -6.15
CA ALA D 568 27.33 47.04 -6.75
C ALA D 568 26.40 48.14 -6.21
N TRP D 569 25.07 47.92 -6.34
CA TRP D 569 24.02 48.80 -5.78
C TRP D 569 24.26 48.96 -4.27
N GLY D 570 24.71 47.88 -3.60
CA GLY D 570 25.11 47.87 -2.18
C GLY D 570 26.25 48.83 -1.90
N ALA D 571 27.30 48.78 -2.72
CA ALA D 571 28.50 49.66 -2.62
C ALA D 571 28.08 51.13 -2.59
N LYS D 572 26.91 51.47 -3.15
CA LYS D 572 26.40 52.87 -3.30
C LYS D 572 25.22 53.13 -2.35
N GLY D 573 25.06 52.32 -1.29
CA GLY D 573 24.08 52.53 -0.21
C GLY D 573 22.69 51.99 -0.52
N TRP D 574 22.57 51.08 -1.49
CA TRP D 574 21.30 50.48 -1.98
C TRP D 574 20.28 51.59 -2.21
N GLU D 575 19.06 51.46 -1.66
CA GLU D 575 17.91 52.38 -1.89
C GLU D 575 18.11 53.70 -1.15
N GLN D 576 18.92 53.74 -0.08
CA GLN D 576 19.20 54.95 0.73
C GLN D 576 20.20 55.86 -0.01
N GLY D 577 20.94 55.32 -0.99
CA GLY D 577 22.03 56.04 -1.66
C GLY D 577 21.63 56.58 -3.03
N GLU D 578 22.65 56.90 -3.84
CA GLU D 578 22.57 57.60 -5.15
C GLU D 578 21.38 57.10 -6.00
N TYR D 579 21.24 55.78 -6.14
CA TYR D 579 20.34 55.16 -7.16
C TYR D 579 18.89 55.17 -6.67
N GLY D 580 18.68 54.94 -5.37
CA GLY D 580 17.35 54.89 -4.73
C GLY D 580 16.66 53.54 -4.87
N PHE D 581 15.34 53.54 -5.03
CA PHE D 581 14.50 52.31 -5.11
C PHE D 581 14.51 51.80 -6.55
N PRO D 582 14.43 50.47 -6.75
CA PRO D 582 14.22 49.88 -8.08
C PRO D 582 12.87 50.27 -8.67
N THR D 583 12.84 50.55 -9.97
CA THR D 583 11.66 51.03 -10.73
C THR D 583 11.26 50.01 -11.79
N SER D 584 11.98 48.89 -11.88
CA SER D 584 11.69 47.74 -12.76
C SER D 584 12.24 46.47 -12.10
N ASP D 585 11.76 45.29 -12.55
CA ASP D 585 12.26 43.98 -12.05
C ASP D 585 13.59 43.67 -12.77
N GLN D 586 14.57 43.14 -12.05
CA GLN D 586 15.84 42.63 -12.65
C GLN D 586 15.45 41.61 -13.73
N THR D 587 15.75 41.87 -15.00
CA THR D 587 15.41 40.96 -16.13
C THR D 587 16.67 40.72 -16.99
N ALA D 588 16.67 39.65 -17.78
CA ALA D 588 17.70 39.36 -18.82
C ALA D 588 17.33 40.11 -20.10
N ILE D 589 18.33 40.42 -20.95
CA ILE D 589 18.16 41.16 -22.24
C ILE D 589 18.28 40.18 -23.41
N THR D 590 19.44 40.06 -24.07
CA THR D 590 19.62 39.16 -25.24
C THR D 590 20.30 37.87 -24.77
N ALA D 591 21.60 37.94 -24.45
CA ALA D 591 22.46 36.77 -24.13
C ALA D 591 23.52 37.17 -23.08
N GLY D 592 23.27 36.88 -21.80
CA GLY D 592 24.20 37.10 -20.68
C GLY D 592 24.14 38.50 -20.09
N GLY D 593 23.26 39.35 -20.62
CA GLY D 593 22.94 40.68 -20.08
C GLY D 593 21.88 40.58 -18.99
N GLN D 594 22.01 41.41 -17.96
CA GLN D 594 21.08 41.44 -16.79
C GLN D 594 20.97 42.88 -16.25
N THR D 595 19.83 43.55 -16.46
CA THR D 595 19.61 44.97 -16.10
C THR D 595 18.54 45.11 -15.01
N ILE D 596 18.53 46.27 -14.38
CA ILE D 596 17.46 46.69 -13.43
C ILE D 596 17.51 48.21 -13.29
N ASP D 597 16.40 48.89 -13.61
CA ASP D 597 16.30 50.36 -13.50
C ASP D 597 16.14 50.73 -12.02
N PHE D 598 16.60 51.92 -11.65
CA PHE D 598 16.40 52.55 -10.33
C PHE D 598 15.73 53.92 -10.56
N GLN D 599 15.52 54.68 -9.49
CA GLN D 599 14.94 56.04 -9.57
C GLN D 599 15.91 56.93 -10.35
N ASN D 600 17.19 56.93 -9.95
CA ASN D 600 18.25 57.83 -10.46
C ASN D 600 19.40 56.99 -11.05
N GLY D 601 19.11 56.11 -12.03
CA GLY D 601 20.14 55.37 -12.77
C GLY D 601 19.71 53.98 -13.20
N THR D 602 20.67 53.19 -13.70
CA THR D 602 20.52 51.79 -14.18
C THR D 602 21.81 51.04 -13.84
N ILE D 603 21.71 49.74 -13.53
CA ILE D 603 22.90 48.84 -13.35
C ILE D 603 22.67 47.59 -14.19
N ARG D 604 23.66 47.24 -15.02
CA ARG D 604 23.68 45.99 -15.83
C ARG D 604 24.97 45.22 -15.48
N GLN D 605 25.06 43.99 -15.96
CA GLN D 605 26.22 43.08 -15.77
C GLN D 605 26.30 42.23 -17.04
N VAL D 606 26.95 42.77 -18.09
CA VAL D 606 27.17 42.02 -19.37
C VAL D 606 28.56 41.38 -19.31
N ASN D 607 28.66 40.12 -19.77
CA ASN D 607 29.87 39.26 -19.81
C ASN D 607 30.63 39.38 -18.48
N GLY D 608 29.92 39.40 -17.33
CA GLY D 608 30.50 39.39 -15.98
C GLY D 608 31.04 40.74 -15.51
N ARG D 609 30.85 41.80 -16.30
CA ARG D 609 31.35 43.18 -15.98
C ARG D 609 30.18 44.07 -15.54
N ILE D 610 30.40 44.84 -14.46
CA ILE D 610 29.44 45.77 -13.80
C ILE D 610 29.40 47.08 -14.59
N GLU D 611 28.22 47.47 -15.11
CA GLU D 611 28.05 48.63 -16.01
C GLU D 611 27.07 49.63 -15.38
N GLU D 612 27.59 50.55 -14.57
CA GLU D 612 26.80 51.54 -13.78
C GLU D 612 26.49 52.79 -14.62
N SER D 613 25.45 52.76 -15.44
CA SER D 613 24.93 53.93 -16.20
C SER D 613 24.24 54.87 -15.20
N ARG D 614 24.77 56.09 -15.02
CA ARG D 614 24.42 56.99 -13.89
C ARG D 614 23.65 58.18 -14.46
C ACT E . 45.99 7.07 -21.95
O ACT E . 46.23 7.47 -20.76
OXT ACT E . 46.88 6.78 -22.79
CH3 ACT E . 44.51 6.92 -22.37
H1 ACT E . 44.48 6.61 -23.29
H2 ACT E . 44.07 7.79 -22.31
H3 ACT E . 44.06 6.29 -21.80
C ACT F . 51.23 1.66 -7.09
O ACT F . 51.39 0.75 -7.96
OXT ACT F . 50.24 2.45 -7.05
CH3 ACT F . 52.36 1.82 -6.03
H1 ACT F . 52.13 2.54 -5.42
H2 ACT F . 53.20 2.01 -6.45
H3 ACT F . 52.44 1.00 -5.52
C ACT G . 56.48 26.58 -25.37
O ACT G . 55.72 27.20 -24.56
OXT ACT G . 56.07 25.98 -26.41
CH3 ACT G . 57.99 26.56 -25.09
H1 ACT G . 58.18 27.06 -24.28
H2 ACT G . 58.46 26.97 -25.83
H3 ACT G . 58.29 25.65 -24.98
C ACT H . 47.56 35.22 -34.68
O ACT H . 48.10 35.49 -33.59
OXT ACT H . 48.19 34.82 -35.66
CH3 ACT H . 46.03 35.41 -34.82
H1 ACT H . 45.76 35.16 -35.71
H2 ACT H . 45.80 36.33 -34.65
H3 ACT H . 45.58 34.84 -34.18
C ACT I . 28.18 -7.39 -4.40
O ACT I . 27.40 -7.14 -3.44
OXT ACT I . 29.43 -7.37 -4.32
CH3 ACT I . 27.56 -7.73 -5.77
H1 ACT I . 28.26 -7.90 -6.42
H2 ACT I . 27.02 -6.98 -6.08
H3 ACT I . 27.00 -8.52 -5.70
C ACT J . 34.93 -0.96 7.95
O ACT J . 33.88 -0.27 8.10
OXT ACT J . 35.94 -0.57 7.31
CH3 ACT J . 34.95 -2.36 8.61
H1 ACT J . 34.10 -2.51 9.07
H2 ACT J . 35.67 -2.40 9.26
H3 ACT J . 35.08 -3.03 7.94
C ACT K . 35.89 18.79 -8.93
O ACT K . 34.78 18.23 -9.02
OXT ACT K . 36.63 18.95 -9.90
CH3 ACT K . 36.38 19.31 -7.57
H1 ACT K . 35.71 19.12 -6.88
H2 ACT K . 36.53 20.26 -7.62
H3 ACT K . 37.21 18.87 -7.33
C ACT L . -5.02 46.27 -17.15
O ACT L . -5.45 45.77 -18.22
OXT ACT L . -5.41 47.36 -16.66
CH3 ACT L . -3.92 45.53 -16.38
H1 ACT L . -3.70 44.71 -16.86
H2 ACT L . -4.24 45.31 -15.50
H3 ACT L . -3.13 46.08 -16.32
C ACT M . -19.31 40.19 -23.76
O ACT M . -19.26 40.68 -22.60
OXT ACT M . -18.42 39.44 -24.22
CH3 ACT M . -20.52 40.53 -24.66
H1 ACT M . -21.13 41.12 -24.19
H2 ACT M . -20.98 39.71 -24.91
H3 ACT M . -20.21 40.97 -25.47
C ACT N . 5.26 56.65 -34.39
O ACT N . 5.69 55.57 -34.90
OXT ACT N . 5.65 57.14 -33.27
CH3 ACT N . 4.19 57.47 -35.15
H1 ACT N . 3.96 58.26 -34.64
H2 ACT N . 3.40 56.92 -35.27
H3 ACT N . 4.54 57.73 -36.01
C ACT O . 20.17 56.76 -31.50
O ACT O . 20.20 56.23 -32.63
OXT ACT O . 19.93 57.96 -31.32
CH3 ACT O . 20.41 55.87 -30.28
H1 ACT O . 20.57 54.94 -30.56
H2 ACT O . 19.63 55.89 -29.69
H3 ACT O . 21.18 56.18 -29.79
C ACT P . 1.16 30.13 -28.01
O ACT P . 1.72 29.60 -27.03
OXT ACT P . 0.86 29.55 -29.08
CH3 ACT P . 0.83 31.60 -27.87
H1 ACT P . 1.12 31.92 -27.00
H2 ACT P . -0.13 31.72 -27.95
H3 ACT P . 1.27 32.10 -28.56
C ACT Q . 18.33 -15.45 -34.41
O ACT Q . 18.35 -15.10 -33.20
OXT ACT Q . 19.35 -15.78 -35.04
CH3 ACT Q . 16.99 -15.49 -35.17
H1 ACT Q . 17.14 -15.78 -36.09
H2 ACT Q . 16.59 -14.60 -35.17
H3 ACT Q . 16.38 -16.11 -34.74
C ACT R . 22.84 -23.54 -20.95
O ACT R . 22.98 -24.50 -21.76
OXT ACT R . 21.81 -22.78 -20.89
CH3 ACT R . 24.01 -23.27 -19.97
H1 ACT R . 23.80 -22.51 -19.40
H2 ACT R . 24.83 -23.08 -20.48
H3 ACT R . 24.17 -24.06 -19.42
C ACT S . 30.99 3.43 -34.79
O ACT S . 30.31 4.17 -34.04
OXT ACT S . 30.56 2.91 -35.84
CH3 ACT S . 32.46 3.15 -34.43
H1 ACT S . 32.69 3.61 -33.60
H2 ACT S . 33.04 3.46 -35.14
H3 ACT S . 32.59 2.20 -34.30
C ACT T . 22.76 14.10 -42.89
O ACT T . 22.36 12.94 -43.04
OXT ACT T . 23.94 14.44 -43.12
CH3 ACT T . 21.76 15.14 -42.39
H1 ACT T . 22.19 16.01 -42.31
H2 ACT T . 21.41 14.87 -41.52
H3 ACT T . 21.02 15.21 -43.01
C ACT U . -1.08 -30.69 -18.73
O ACT U . -1.81 -30.78 -17.70
OXT ACT U . 0.18 -30.63 -18.72
CH3 ACT U . -1.79 -30.71 -20.12
H1 ACT U . -2.75 -30.78 -19.99
H2 ACT U . -1.48 -31.47 -20.64
H3 ACT U . -1.59 -29.89 -20.60
C ACT V . 8.55 -5.18 -20.58
O ACT V . 7.42 -5.42 -21.04
OXT ACT V . 9.58 -5.23 -21.24
CH3 ACT V . 8.70 -4.77 -19.12
H1 ACT V . 7.83 -4.72 -18.70
H2 ACT V . 9.12 -3.89 -19.07
H3 ACT V . 9.25 -5.41 -18.65
C ACT W . -5.11 38.28 20.62
O ACT W . -5.56 37.63 19.64
OXT ACT W . -5.39 39.49 20.84
CH3 ACT W . -4.17 37.59 21.61
H1 ACT W . -3.90 38.21 22.31
H2 ACT W . -3.38 37.27 21.14
H3 ACT W . -4.63 36.83 22.01
C ACT X . -19.45 31.65 16.23
O ACT X . -19.72 32.35 17.25
OXT ACT X . -18.38 30.96 16.11
CH3 ACT X . -20.48 31.69 15.07
H1 ACT X . -21.22 32.27 15.31
H2 ACT X . -20.81 30.79 14.91
H3 ACT X . -20.06 32.02 14.27
C ACT Y . 3.51 47.56 1.89
O ACT Y . 4.02 46.51 1.40
OXT ACT Y . 3.73 47.97 3.06
CH3 ACT Y . 2.59 48.45 1.02
H1 ACT Y . 2.50 48.06 0.13
H2 ACT Y . 2.97 49.33 0.95
H3 ACT Y . 1.72 48.51 1.44
C ACT Z . 18.92 47.34 3.06
O ACT Z . 19.04 46.66 2.02
OXT ACT Z . 18.34 48.45 3.08
CH3 ACT Z . 19.54 46.81 4.37
H1 ACT Z . 19.95 45.95 4.20
H2 ACT Z . 18.84 46.70 5.03
H3 ACT Z . 20.20 47.43 4.70
C ACT AA . -14.55 13.48 32.39
O ACT AA . -14.82 12.25 32.32
OXT ACT AA . -15.12 14.38 31.73
CH3 ACT AA . -13.45 13.91 33.37
H1 ACT AA . -13.09 13.13 33.83
H2 ACT AA . -13.82 14.52 34.03
H3 ACT AA . -12.74 14.36 32.89
C ACT BA . -19.21 27.02 27.91
O ACT BA . -20.11 26.33 28.45
OXT ACT BA . -19.42 28.14 27.38
CH3 ACT BA . -17.76 26.46 27.88
H1 ACT BA . -17.74 25.59 28.32
H2 ACT BA . -17.17 27.07 28.36
H3 ACT BA . -17.46 26.37 26.97
C ACT CA . -0.08 21.48 9.96
O ACT CA . 0.23 20.36 9.54
OXT ACT CA . -0.71 22.34 9.27
CH3 ACT CA . 0.32 21.84 11.40
H1 ACT CA . 0.80 21.09 11.80
H2 ACT CA . -0.47 22.04 11.92
H3 ACT CA . 0.91 22.61 11.39
#